data_5TW7
#
_entry.id   5TW7
#
_cell.length_a   108.390
_cell.length_b   109.350
_cell.length_c   109.910
_cell.angle_alpha   115.33
_cell.angle_beta   100.00
_cell.angle_gamma   108.06
#
_symmetry.space_group_name_H-M   'P 1'
#
loop_
_entity.id
_entity.type
_entity.pdbx_description
1 polymer 'GMP synthase [glutamine-hydrolyzing]'
2 non-polymer 'MAGNESIUM ION'
3 water water
#
_entity_poly.entity_id   1
_entity_poly.type   'polypeptide(L)'
_entity_poly.pdbx_seq_one_letter_code
;MAHHHHHHMTQDKILILDFGSQVTRLIARRVREAHVYCELHSFDMPLDEIKAFNPKGIILSGGPNSVYESDYQADTGIFD
LGIPVLGICYGMQFMAHHLGGEVQPGNQREFGYAQVKTIDSGLTRGIQDDAPNTLDVWMSHGDKVSKLPDGFAVIGDTPS
CPIAMMENTEKQFYGIQFHPEVTHTKQGRALLNRFVLDICGAQPGWTMPNYIEEAVAKIREQVGSDEVILGLSGGVDSSV
AAALIHRAIGDQLTCVFVDHGLLRLNEGKMVMDMFARNLGVKVIHVDAEGQFMAKLAGVTDPEKKRKIIGAEFIEVFDAE
EKKLTNAKWLAQGTIYPDVIESAGAKTKKAHAIKSHHNVGGLPENMKLKLLEPLRDLFKDEVRELGVALGLPREMVYRHP
FPGPGLGVRILGEVKKEYADLLRQADDIFIQELRNTTDENGTSWYDLTSQAFAVFLPVKSVGVMGDGRTYDYVVALRAVI
TSDFMTAHWAELPYSLLGRVSNRIINEVKGINRVVYDVSGKPPATIEWE
;
_entity_poly.pdbx_strand_id   A,B,C,D,E,F
#
# COMPACT_ATOMS: atom_id res chain seq x y z
N GLN A 11 47.17 61.25 37.19
CA GLN A 11 47.29 60.78 35.83
C GLN A 11 47.73 61.89 34.86
N ASP A 12 48.71 61.57 34.03
CA ASP A 12 48.98 62.35 32.83
C ASP A 12 47.84 62.13 31.84
N LYS A 13 47.36 63.21 31.24
CA LYS A 13 46.22 63.11 30.34
C LYS A 13 46.49 63.87 29.05
N ILE A 14 45.90 63.34 27.97
CA ILE A 14 45.94 63.95 26.66
C ILE A 14 44.57 64.51 26.34
N LEU A 15 44.55 65.72 25.80
CA LEU A 15 43.33 66.37 25.34
C LEU A 15 43.21 66.21 23.84
N ILE A 16 42.06 65.72 23.38
CA ILE A 16 41.78 65.58 21.95
C ILE A 16 40.67 66.55 21.60
N LEU A 17 40.96 67.48 20.71
CA LEU A 17 39.95 68.44 20.27
C LEU A 17 39.35 67.95 18.96
N ASP A 18 38.02 67.87 18.93
CA ASP A 18 37.28 67.27 17.82
C ASP A 18 36.86 68.37 16.84
N PHE A 19 37.42 68.33 15.64
CA PHE A 19 37.04 69.25 14.59
C PHE A 19 36.00 68.66 13.64
N GLY A 20 35.37 67.54 14.03
CA GLY A 20 34.22 67.03 13.31
C GLY A 20 34.46 65.77 12.49
N SER A 21 35.70 65.29 12.41
CA SER A 21 36.00 64.11 11.61
C SER A 21 35.21 62.89 12.08
N GLN A 22 34.90 62.01 11.11
CA GLN A 22 34.15 60.80 11.42
C GLN A 22 34.97 59.78 12.20
N VAL A 23 36.29 59.90 12.25
CA VAL A 23 37.15 58.92 12.91
C VAL A 23 37.83 59.49 14.16
N THR A 24 37.36 60.62 14.68
CA THR A 24 38.04 61.27 15.80
C THR A 24 38.10 60.36 17.03
N ARG A 25 37.05 59.57 17.27
CA ARG A 25 37.06 58.67 18.42
C ARG A 25 38.23 57.69 18.36
N LEU A 26 38.65 57.30 17.16
CA LEU A 26 39.76 56.36 17.06
C LEU A 26 41.04 56.95 17.64
N ILE A 27 41.20 58.27 17.57
CA ILE A 27 42.34 58.91 18.22
C ILE A 27 42.32 58.60 19.72
N ALA A 28 41.14 58.76 20.34
CA ALA A 28 40.99 58.48 21.76
C ALA A 28 41.27 57.02 22.06
N ARG A 29 40.76 56.10 21.23
CA ARG A 29 40.99 54.67 21.43
C ARG A 29 42.47 54.36 21.35
N ARG A 30 43.20 54.94 20.38
CA ARG A 30 44.62 54.66 20.27
C ARG A 30 45.35 55.16 21.51
N VAL A 31 45.00 56.36 21.97
CA VAL A 31 45.70 56.90 23.13
C VAL A 31 45.45 56.05 24.37
N ARG A 32 44.19 55.65 24.59
CA ARG A 32 43.88 54.73 25.69
C ARG A 32 44.61 53.41 25.51
N GLU A 33 44.77 52.94 24.26
CA GLU A 33 45.49 51.69 24.02
C GLU A 33 46.98 51.82 24.35
N ALA A 34 47.50 53.04 24.37
CA ALA A 34 48.85 53.26 24.86
C ALA A 34 48.91 53.38 26.38
N HIS A 35 47.78 53.19 27.06
CA HIS A 35 47.68 53.24 28.52
C HIS A 35 47.92 54.65 29.07
N VAL A 36 47.45 55.65 28.33
CA VAL A 36 47.45 57.03 28.77
C VAL A 36 46.01 57.52 28.78
N TYR A 37 45.61 58.18 29.86
CA TYR A 37 44.25 58.71 29.94
C TYR A 37 44.06 59.85 28.94
N CYS A 38 42.84 59.96 28.40
CA CYS A 38 42.55 61.06 27.49
C CYS A 38 41.05 61.30 27.42
N GLU A 39 40.70 62.51 27.00
CA GLU A 39 39.31 62.87 26.82
C GLU A 39 39.09 63.57 25.50
N LEU A 40 37.91 63.34 24.95
CA LEU A 40 37.43 63.91 23.69
C LEU A 40 36.52 65.10 23.99
N HIS A 41 36.89 66.28 23.49
CA HIS A 41 36.07 67.47 23.66
C HIS A 41 35.94 68.18 22.30
N SER A 42 34.85 68.94 22.14
CA SER A 42 34.64 69.65 20.90
C SER A 42 35.69 70.77 20.75
N PHE A 43 35.97 71.11 19.49
CA PHE A 43 37.04 72.06 19.18
C PHE A 43 36.90 73.39 19.92
N ASP A 44 35.67 73.77 20.30
CA ASP A 44 35.45 75.08 20.90
C ASP A 44 35.48 75.08 22.43
N MET A 45 36.05 74.04 23.04
CA MET A 45 36.28 74.01 24.48
C MET A 45 36.94 75.29 24.95
N PRO A 46 36.33 76.04 25.88
CA PRO A 46 36.92 77.33 26.30
C PRO A 46 38.31 77.13 26.88
N LEU A 47 39.17 78.12 26.64
CA LEU A 47 40.57 78.03 27.05
C LEU A 47 40.68 77.81 28.55
N ASP A 48 39.74 78.36 29.33
CA ASP A 48 39.79 78.15 30.78
C ASP A 48 39.62 76.69 31.14
N GLU A 49 38.72 75.98 30.46
CA GLU A 49 38.54 74.57 30.75
C GLU A 49 39.73 73.75 30.30
N ILE A 50 40.35 74.16 29.18
CA ILE A 50 41.56 73.49 28.70
C ILE A 50 42.69 73.61 29.73
N LYS A 51 42.93 74.82 30.22
CA LYS A 51 43.98 75.01 31.22
C LYS A 51 43.68 74.22 32.48
N ALA A 52 42.40 74.21 32.88
CA ALA A 52 41.99 73.45 34.05
C ALA A 52 42.19 71.95 33.82
N PHE A 53 41.91 71.48 32.61
CA PHE A 53 42.20 70.09 32.24
C PHE A 53 43.70 69.78 32.35
N ASN A 54 44.56 70.78 32.09
CA ASN A 54 46.00 70.66 32.31
C ASN A 54 46.59 69.48 31.53
N PRO A 55 46.41 69.45 30.21
CA PRO A 55 46.88 68.29 29.45
C PRO A 55 48.39 68.25 29.33
N LYS A 56 48.90 67.02 29.22
CA LYS A 56 50.31 66.85 28.89
C LYS A 56 50.59 67.10 27.42
N GLY A 57 49.55 67.06 26.59
CA GLY A 57 49.62 67.38 25.18
C GLY A 57 48.24 67.49 24.60
N ILE A 58 48.15 68.13 23.44
CA ILE A 58 46.87 68.30 22.77
C ILE A 58 46.96 67.68 21.38
N ILE A 59 45.90 66.95 20.98
CA ILE A 59 45.76 66.46 19.61
C ILE A 59 44.56 67.13 18.99
N LEU A 60 44.76 67.74 17.82
CA LEU A 60 43.71 68.36 17.01
C LEU A 60 43.29 67.41 15.89
N SER A 61 42.02 66.99 15.91
CA SER A 61 41.61 65.97 14.95
C SER A 61 41.44 66.56 13.57
N GLY A 62 41.13 65.68 12.62
CA GLY A 62 40.68 66.10 11.32
C GLY A 62 39.21 66.53 11.36
N GLY A 63 38.69 66.83 10.17
CA GLY A 63 37.32 67.26 10.05
C GLY A 63 36.97 67.55 8.61
N PRO A 64 35.68 67.67 8.32
CA PRO A 64 35.25 67.84 6.92
C PRO A 64 35.30 69.26 6.40
N ASN A 65 35.52 70.25 7.27
CA ASN A 65 35.42 71.66 6.91
C ASN A 65 36.77 72.20 6.43
N SER A 66 36.79 73.48 6.03
CA SER A 66 37.99 74.12 5.53
C SER A 66 38.34 75.31 6.42
N VAL A 67 39.60 75.34 6.88
CA VAL A 67 39.98 76.25 7.95
C VAL A 67 39.91 77.71 7.51
N TYR A 68 40.01 77.98 6.22
CA TYR A 68 39.96 79.35 5.70
C TYR A 68 38.54 79.88 5.59
N GLU A 69 37.52 79.01 5.64
CA GLU A 69 36.12 79.43 5.47
C GLU A 69 35.18 78.83 6.51
N SER A 70 35.68 78.43 7.67
CA SER A 70 34.85 77.72 8.64
C SER A 70 34.84 78.43 9.98
N ASP A 71 33.75 78.26 10.73
CA ASP A 71 33.71 78.64 12.13
C ASP A 71 34.35 77.60 13.04
N TYR A 72 34.88 76.50 12.47
CA TYR A 72 35.53 75.45 13.25
C TYR A 72 36.94 75.92 13.63
N GLN A 73 37.00 76.80 14.62
CA GLN A 73 38.26 77.38 15.08
C GLN A 73 38.38 77.17 16.58
N ALA A 74 39.39 76.43 17.01
CA ALA A 74 39.69 76.35 18.43
C ALA A 74 40.37 77.64 18.87
N ASP A 75 40.38 77.87 20.17
CA ASP A 75 41.04 79.04 20.75
C ASP A 75 42.53 78.98 20.47
N THR A 76 43.07 79.96 19.74
CA THR A 76 44.48 79.88 19.37
C THR A 76 45.43 80.01 20.55
N GLY A 77 44.91 80.31 21.74
CA GLY A 77 45.73 80.25 22.94
C GLY A 77 46.31 78.87 23.23
N ILE A 78 45.82 77.81 22.58
CA ILE A 78 46.39 76.48 22.80
C ILE A 78 47.86 76.44 22.40
N PHE A 79 48.28 77.32 21.49
CA PHE A 79 49.68 77.38 21.06
C PHE A 79 50.58 78.15 22.01
N ASP A 80 50.04 78.70 23.11
CA ASP A 80 50.82 79.42 24.10
C ASP A 80 50.90 78.66 25.43
N LEU A 81 50.42 77.42 25.48
CA LEU A 81 50.39 76.66 26.73
C LEU A 81 51.74 76.04 27.09
N GLY A 82 52.70 76.00 26.17
CA GLY A 82 53.95 75.35 26.43
C GLY A 82 53.92 73.84 26.40
N ILE A 83 52.91 73.23 25.79
CA ILE A 83 52.84 71.77 25.70
C ILE A 83 52.82 71.39 24.23
N PRO A 84 53.24 70.18 23.92
CA PRO A 84 53.23 69.75 22.52
C PRO A 84 51.81 69.68 21.96
N VAL A 85 51.70 69.95 20.67
CA VAL A 85 50.44 69.89 19.94
C VAL A 85 50.66 69.07 18.67
N LEU A 86 49.74 68.14 18.40
CA LEU A 86 49.71 67.37 17.14
C LEU A 86 48.42 67.68 16.39
N GLY A 87 48.56 68.13 15.15
CA GLY A 87 47.43 68.42 14.29
C GLY A 87 47.33 67.35 13.22
N ILE A 88 46.12 66.83 13.03
CA ILE A 88 45.85 65.77 12.07
C ILE A 88 44.93 66.35 11.00
N CYS A 89 45.39 66.35 9.75
CA CYS A 89 44.63 66.84 8.61
C CYS A 89 44.12 68.27 8.86
N TYR A 90 42.81 68.45 9.06
CA TYR A 90 42.29 69.76 9.40
C TYR A 90 43.08 70.41 10.54
N GLY A 91 43.45 69.62 11.55
CA GLY A 91 44.25 70.14 12.66
C GLY A 91 45.59 70.67 12.21
N MET A 92 46.21 70.01 11.23
CA MET A 92 47.45 70.52 10.66
C MET A 92 47.19 71.80 9.87
N GLN A 93 46.10 71.82 9.12
CA GLN A 93 45.74 73.00 8.34
C GLN A 93 45.42 74.17 9.25
N PHE A 94 44.68 73.92 10.34
CA PHE A 94 44.41 74.92 11.36
C PHE A 94 45.71 75.43 11.98
N MET A 95 46.60 74.52 12.33
CA MET A 95 47.90 74.91 12.86
C MET A 95 48.64 75.81 11.88
N ALA A 96 48.62 75.45 10.60
CA ALA A 96 49.32 76.25 9.60
C ALA A 96 48.64 77.58 9.36
N HIS A 97 47.31 77.59 9.40
CA HIS A 97 46.57 78.82 9.11
C HIS A 97 46.83 79.89 10.16
N HIS A 98 47.01 79.48 11.42
CA HIS A 98 47.12 80.45 12.51
C HIS A 98 48.56 80.73 12.96
N LEU A 99 49.56 80.00 12.47
CA LEU A 99 50.94 80.25 12.87
C LEU A 99 51.82 80.75 11.71
N GLY A 100 51.23 81.46 10.75
CA GLY A 100 51.99 82.15 9.73
C GLY A 100 52.23 81.41 8.44
N GLY A 101 51.59 80.27 8.25
CA GLY A 101 51.68 79.52 7.02
C GLY A 101 50.49 79.79 6.11
N GLU A 102 50.30 78.89 5.14
CA GLU A 102 49.22 79.03 4.19
C GLU A 102 48.66 77.65 3.85
N VAL A 103 47.35 77.62 3.58
CA VAL A 103 46.62 76.42 3.18
C VAL A 103 46.04 76.66 1.80
N GLN A 104 46.23 75.66 0.90
CA GLN A 104 45.73 75.62 -0.47
C GLN A 104 44.48 74.75 -0.54
N PRO A 105 43.38 75.26 -1.09
CA PRO A 105 42.11 74.51 -1.06
C PRO A 105 42.14 73.24 -1.90
N GLY A 106 41.38 72.23 -1.41
CA GLY A 106 41.13 70.98 -2.11
C GLY A 106 39.81 70.37 -1.67
N ASN A 107 39.56 69.10 -2.04
CA ASN A 107 38.31 68.44 -1.72
C ASN A 107 38.48 67.61 -0.43
N GLN A 108 38.01 68.16 0.68
CA GLN A 108 38.18 67.57 2.00
C GLN A 108 37.52 66.20 2.15
N ARG A 109 36.74 65.75 1.17
CA ARG A 109 36.10 64.44 1.21
C ARG A 109 36.98 63.33 0.62
N GLU A 110 38.11 63.67 -0.02
CA GLU A 110 38.91 62.71 -0.77
C GLU A 110 40.03 62.11 0.08
N PHE A 111 40.11 60.77 0.09
CA PHE A 111 41.15 60.04 0.81
C PHE A 111 41.62 58.87 -0.04
N GLY A 112 42.82 58.39 0.29
CA GLY A 112 43.40 57.26 -0.40
C GLY A 112 44.80 56.99 0.13
N TYR A 113 45.38 55.90 -0.37
CA TYR A 113 46.72 55.47 0.04
C TYR A 113 47.79 56.38 -0.56
N ALA A 114 48.86 56.58 0.22
CA ALA A 114 50.04 57.27 -0.28
C ALA A 114 51.27 56.81 0.48
N GLN A 115 52.42 56.98 -0.17
CA GLN A 115 53.71 56.72 0.42
C GLN A 115 54.39 58.03 0.79
N VAL A 116 54.68 58.21 2.07
CA VAL A 116 55.31 59.41 2.59
C VAL A 116 56.79 59.12 2.86
N LYS A 117 57.66 59.98 2.37
CA LYS A 117 59.07 59.95 2.75
C LYS A 117 59.32 61.00 3.84
N THR A 118 60.08 60.60 4.84
CA THR A 118 60.36 61.43 6.00
C THR A 118 61.84 61.73 6.07
N ILE A 119 62.19 62.74 6.85
CA ILE A 119 63.56 62.91 7.30
C ILE A 119 63.58 62.66 8.81
N ASP A 120 64.78 62.63 9.38
CA ASP A 120 64.89 62.37 10.81
C ASP A 120 64.30 63.49 11.63
N SER A 121 63.44 63.13 12.58
CA SER A 121 62.89 64.06 13.54
C SER A 121 62.45 63.27 14.77
N GLY A 122 62.03 64.01 15.81
CA GLY A 122 61.55 63.36 17.04
C GLY A 122 60.33 62.49 16.81
N LEU A 123 59.45 62.91 15.89
CA LEU A 123 58.24 62.15 15.58
C LEU A 123 58.53 60.97 14.67
N THR A 124 59.54 61.07 13.79
CA THR A 124 59.70 60.09 12.72
C THR A 124 60.84 59.10 12.92
N ARG A 125 61.78 59.38 13.83
CA ARG A 125 62.96 58.54 13.94
C ARG A 125 62.58 57.10 14.29
N GLY A 126 63.14 56.15 13.53
CA GLY A 126 62.97 54.73 13.85
C GLY A 126 61.59 54.18 13.58
N ILE A 127 60.74 54.93 12.89
CA ILE A 127 59.40 54.52 12.52
C ILE A 127 59.37 54.38 11.01
N GLN A 128 59.00 53.21 10.51
CA GLN A 128 59.16 52.92 9.10
C GLN A 128 58.26 51.75 8.75
N ASP A 129 57.99 51.61 7.45
CA ASP A 129 57.34 50.41 6.95
C ASP A 129 58.42 49.58 6.27
N ASP A 130 58.40 49.45 4.94
CA ASP A 130 59.29 48.45 4.34
C ASP A 130 60.70 48.97 4.09
N ALA A 131 60.92 50.27 4.15
CA ALA A 131 62.24 50.83 3.99
C ALA A 131 62.38 51.97 4.97
N PRO A 132 63.59 52.29 5.41
CA PRO A 132 63.76 53.41 6.35
C PRO A 132 63.12 54.68 5.80
N ASN A 133 62.53 55.47 6.72
CA ASN A 133 62.03 56.81 6.41
C ASN A 133 60.96 56.78 5.30
N THR A 134 60.16 55.72 5.32
CA THR A 134 59.08 55.53 4.37
C THR A 134 57.86 55.09 5.19
N LEU A 135 56.72 55.75 4.99
CA LEU A 135 55.46 55.39 5.65
C LEU A 135 54.38 55.23 4.58
N ASP A 136 53.62 54.12 4.65
CA ASP A 136 52.42 53.91 3.84
C ASP A 136 51.21 54.32 4.67
N VAL A 137 50.50 55.34 4.21
CA VAL A 137 49.52 56.01 5.06
C VAL A 137 48.15 56.06 4.39
N TRP A 138 47.12 56.32 5.20
CA TRP A 138 45.79 56.65 4.69
C TRP A 138 45.72 58.17 4.62
N MET A 139 45.86 58.69 3.41
CA MET A 139 46.22 60.07 3.16
C MET A 139 44.98 60.91 2.87
N SER A 140 44.96 62.13 3.40
CA SER A 140 43.96 63.12 3.01
C SER A 140 44.43 63.86 1.74
N HIS A 141 43.61 63.82 0.68
CA HIS A 141 43.89 64.50 -0.57
C HIS A 141 43.13 65.81 -0.73
N GLY A 142 42.83 66.50 0.36
CA GLY A 142 42.02 67.71 0.25
C GLY A 142 42.80 69.01 0.34
N ASP A 143 42.37 69.87 1.26
CA ASP A 143 43.15 71.04 1.63
C ASP A 143 44.51 70.59 2.11
N LYS A 144 45.56 71.34 1.75
CA LYS A 144 46.88 70.98 2.22
C LYS A 144 47.68 72.23 2.55
N VAL A 145 48.67 72.03 3.41
CA VAL A 145 49.60 73.10 3.77
C VAL A 145 50.49 73.37 2.57
N SER A 146 50.46 74.60 2.07
CA SER A 146 51.26 75.00 0.92
C SER A 146 52.46 75.84 1.30
N LYS A 147 52.46 76.44 2.48
CA LYS A 147 53.58 77.25 2.94
C LYS A 147 53.77 76.98 4.42
N LEU A 148 55.02 76.66 4.80
CA LEU A 148 55.35 76.34 6.18
C LEU A 148 54.99 77.50 7.11
N PRO A 149 54.44 77.23 8.28
CA PRO A 149 54.31 78.28 9.30
C PRO A 149 55.66 78.58 9.91
N ASP A 150 55.69 79.65 10.71
CA ASP A 150 56.93 80.20 11.22
C ASP A 150 57.60 79.21 12.18
N GLY A 151 58.91 79.01 12.01
CA GLY A 151 59.65 78.10 12.84
C GLY A 151 59.47 76.63 12.51
N PHE A 152 58.73 76.30 11.45
CA PHE A 152 58.47 74.91 11.10
C PHE A 152 59.44 74.40 10.04
N ALA A 153 59.54 73.08 9.97
CA ALA A 153 60.29 72.36 8.96
C ALA A 153 59.41 71.28 8.33
N VAL A 154 59.68 70.95 7.07
CA VAL A 154 59.08 69.77 6.46
C VAL A 154 59.77 68.54 7.02
N ILE A 155 58.98 67.59 7.54
CA ILE A 155 59.55 66.30 7.96
C ILE A 155 58.97 65.11 7.21
N GLY A 156 57.98 65.31 6.34
CA GLY A 156 57.44 64.23 5.53
C GLY A 156 56.85 64.79 4.23
N ASP A 157 56.97 64.08 3.11
CA ASP A 157 56.48 64.59 1.82
C ASP A 157 56.07 63.42 0.94
N THR A 158 55.17 63.71 0.00
CA THR A 158 54.81 62.82 -1.11
C THR A 158 54.85 63.63 -2.37
N PRO A 159 54.85 62.98 -3.54
CA PRO A 159 54.82 63.76 -4.79
C PRO A 159 53.65 64.71 -4.88
N SER A 160 52.46 64.31 -4.45
CA SER A 160 51.29 65.18 -4.56
C SER A 160 51.07 66.08 -3.34
N CYS A 161 51.81 65.86 -2.26
CA CYS A 161 51.66 66.67 -1.05
C CYS A 161 53.04 67.02 -0.50
N PRO A 162 53.64 68.11 -0.99
CA PRO A 162 55.01 68.43 -0.59
C PRO A 162 55.19 68.65 0.90
N ILE A 163 54.15 69.08 1.61
CA ILE A 163 54.27 69.24 3.05
C ILE A 163 53.27 68.30 3.70
N ALA A 164 53.62 67.01 3.73
CA ALA A 164 52.74 65.99 4.29
C ALA A 164 52.92 65.84 5.79
N MET A 165 54.08 66.25 6.32
CA MET A 165 54.34 66.27 7.75
C MET A 165 55.23 67.47 8.06
N MET A 166 54.92 68.16 9.15
CA MET A 166 55.70 69.34 9.51
C MET A 166 55.90 69.35 11.02
N GLU A 167 56.99 69.99 11.44
CA GLU A 167 57.39 70.07 12.84
C GLU A 167 57.90 71.48 13.14
N ASN A 168 57.51 72.04 14.28
CA ASN A 168 58.17 73.18 14.89
C ASN A 168 58.93 72.61 16.09
N THR A 169 60.25 72.44 15.94
CA THR A 169 61.04 71.78 16.97
C THR A 169 61.03 72.57 18.27
N GLU A 170 61.10 73.90 18.19
CA GLU A 170 61.17 74.74 19.39
C GLU A 170 59.95 74.54 20.27
N LYS A 171 58.76 74.52 19.66
CA LYS A 171 57.52 74.44 20.42
C LYS A 171 56.99 73.03 20.52
N GLN A 172 57.63 72.06 19.86
CA GLN A 172 57.12 70.70 19.75
C GLN A 172 55.70 70.69 19.17
N PHE A 173 55.47 71.48 18.11
CA PHE A 173 54.24 71.42 17.33
C PHE A 173 54.47 70.52 16.12
N TYR A 174 53.54 69.59 15.88
CA TYR A 174 53.62 68.66 14.76
C TYR A 174 52.31 68.64 13.99
N GLY A 175 52.41 68.57 12.68
CA GLY A 175 51.23 68.45 11.82
C GLY A 175 51.44 67.34 10.80
N ILE A 176 50.39 66.56 10.59
CA ILE A 176 50.42 65.49 9.58
C ILE A 176 49.14 65.51 8.76
N GLN A 177 49.29 65.29 7.47
CA GLN A 177 48.22 65.37 6.47
C GLN A 177 47.52 64.02 6.26
N PHE A 178 47.80 63.02 7.10
CA PHE A 178 47.15 61.73 7.01
C PHE A 178 46.60 61.37 8.38
N HIS A 179 45.77 60.33 8.44
CA HIS A 179 45.13 59.90 9.69
C HIS A 179 45.92 58.75 10.31
N PRO A 180 46.68 58.98 11.39
CA PRO A 180 47.38 57.86 12.05
C PRO A 180 46.46 56.97 12.90
N GLU A 181 45.23 57.39 13.19
CA GLU A 181 44.33 56.63 14.06
C GLU A 181 43.59 55.52 13.33
N VAL A 182 43.66 55.44 12.00
CA VAL A 182 43.05 54.33 11.26
C VAL A 182 44.15 53.35 10.93
N THR A 183 43.87 52.06 11.08
CA THR A 183 44.89 51.03 10.91
C THR A 183 45.40 50.91 9.50
N HIS A 184 44.71 51.50 8.51
CA HIS A 184 45.22 51.51 7.14
C HIS A 184 46.56 52.26 7.02
N THR A 185 46.86 53.16 7.97
CA THR A 185 48.20 53.74 8.16
C THR A 185 48.95 52.79 9.08
N LYS A 186 49.84 51.98 8.49
CA LYS A 186 50.43 50.87 9.25
C LYS A 186 51.16 51.34 10.50
N GLN A 187 51.89 52.45 10.39
CA GLN A 187 52.65 52.99 11.50
C GLN A 187 51.89 54.06 12.28
N GLY A 188 50.59 54.19 12.04
CA GLY A 188 49.86 55.26 12.69
C GLY A 188 49.85 55.13 14.19
N ARG A 189 49.68 53.90 14.68
CA ARG A 189 49.73 53.69 16.12
C ARG A 189 51.10 54.08 16.67
N ALA A 190 52.18 53.64 15.99
CA ALA A 190 53.54 53.98 16.42
C ALA A 190 53.76 55.49 16.44
N LEU A 191 53.17 56.23 15.50
CA LEU A 191 53.32 57.69 15.47
C LEU A 191 52.58 58.34 16.64
N LEU A 192 51.34 57.92 16.88
CA LEU A 192 50.56 58.43 18.01
C LEU A 192 51.23 58.08 19.34
N ASN A 193 51.74 56.85 19.46
CA ASN A 193 52.47 56.49 20.68
C ASN A 193 53.68 57.37 20.86
N ARG A 194 54.42 57.60 19.77
CA ARG A 194 55.60 58.43 19.84
C ARG A 194 55.23 59.85 20.32
N PHE A 195 54.11 60.39 19.83
CA PHE A 195 53.72 61.72 20.28
C PHE A 195 53.32 61.73 21.75
N VAL A 196 52.50 60.76 22.18
CA VAL A 196 51.94 60.75 23.54
C VAL A 196 52.96 60.31 24.57
N LEU A 197 53.69 59.21 24.31
CA LEU A 197 54.56 58.64 25.32
C LEU A 197 55.91 59.34 25.41
N ASP A 198 56.44 59.78 24.26
CA ASP A 198 57.82 60.26 24.21
C ASP A 198 57.91 61.76 24.08
N ILE A 199 57.17 62.36 23.13
CA ILE A 199 57.23 63.80 22.94
C ILE A 199 56.51 64.52 24.08
N CYS A 200 55.30 64.08 24.40
CA CYS A 200 54.59 64.62 25.56
C CYS A 200 55.11 64.06 26.89
N GLY A 201 55.75 62.89 26.88
CA GLY A 201 56.21 62.29 28.12
C GLY A 201 55.10 61.86 29.05
N ALA A 202 53.93 61.52 28.52
CA ALA A 202 52.80 61.08 29.35
C ALA A 202 53.07 59.69 29.94
N GLN A 203 52.90 59.56 31.24
CA GLN A 203 53.18 58.28 31.91
C GLN A 203 52.09 57.25 31.57
N PRO A 204 52.44 56.08 31.06
CA PRO A 204 51.41 55.10 30.68
C PRO A 204 50.82 54.37 31.89
N GLY A 205 50.19 55.13 32.78
CA GLY A 205 49.64 54.58 34.00
C GLY A 205 48.17 54.24 33.96
N TRP A 206 47.50 54.48 32.84
CA TRP A 206 46.07 54.22 32.77
C TRP A 206 45.90 52.74 32.45
N THR A 207 45.78 51.95 33.51
CA THR A 207 45.53 50.51 33.44
C THR A 207 44.33 50.22 34.33
N MET A 208 43.65 49.12 34.04
CA MET A 208 42.46 48.80 34.81
C MET A 208 42.77 48.35 36.23
N PRO A 209 43.85 47.61 36.51
CA PRO A 209 44.21 47.41 37.93
C PRO A 209 44.47 48.73 38.67
N ASN A 210 45.03 49.75 37.99
CA ASN A 210 45.25 51.03 38.64
C ASN A 210 43.96 51.79 38.87
N TYR A 211 42.92 51.48 38.12
CA TYR A 211 41.70 52.25 38.09
C TYR A 211 40.73 51.86 39.18
N ILE A 212 40.81 50.60 39.64
CA ILE A 212 39.80 50.02 40.52
C ILE A 212 39.67 50.84 41.81
N GLU A 213 40.80 51.14 42.45
CA GLU A 213 40.78 51.79 43.76
C GLU A 213 40.23 53.21 43.67
N GLU A 214 40.61 53.94 42.62
CA GLU A 214 40.05 55.28 42.43
C GLU A 214 38.54 55.20 42.15
N ALA A 215 38.12 54.25 41.32
CA ALA A 215 36.69 54.14 40.99
C ALA A 215 35.89 53.68 42.19
N VAL A 216 36.42 52.73 42.95
CA VAL A 216 35.76 52.27 44.16
C VAL A 216 35.62 53.43 45.16
N ALA A 217 36.67 54.24 45.32
CA ALA A 217 36.58 55.36 46.24
C ALA A 217 35.57 56.40 45.78
N LYS A 218 35.51 56.68 44.47
CA LYS A 218 34.55 57.65 43.97
C LYS A 218 33.11 57.17 44.17
N ILE A 219 32.86 55.86 43.99
CA ILE A 219 31.53 55.33 44.24
C ILE A 219 31.15 55.45 45.70
N ARG A 220 32.06 55.11 46.61
CA ARG A 220 31.77 55.23 48.04
C ARG A 220 31.46 56.66 48.45
N GLU A 221 32.21 57.63 47.92
CA GLU A 221 31.94 59.03 48.24
C GLU A 221 30.59 59.47 47.71
N GLN A 222 30.21 58.93 46.54
CA GLN A 222 28.99 59.31 45.85
C GLN A 222 27.76 58.68 46.52
N VAL A 223 27.88 57.46 47.03
CA VAL A 223 26.75 56.67 47.49
C VAL A 223 26.65 56.64 49.01
N GLY A 224 27.79 56.60 49.70
CA GLY A 224 27.75 56.54 51.16
C GLY A 224 27.11 55.26 51.63
N SER A 225 26.04 55.38 52.41
CA SER A 225 25.33 54.23 52.91
C SER A 225 24.07 53.93 52.11
N ASP A 226 23.82 54.68 51.04
CA ASP A 226 22.62 54.48 50.22
C ASP A 226 22.62 53.10 49.56
N GLU A 227 21.42 52.67 49.21
CA GLU A 227 21.23 51.40 48.53
C GLU A 227 21.07 51.65 47.04
N VAL A 228 21.57 50.69 46.26
CA VAL A 228 21.69 50.82 44.82
C VAL A 228 21.01 49.63 44.18
N ILE A 229 20.24 49.88 43.12
CA ILE A 229 19.71 48.83 42.28
C ILE A 229 20.37 48.93 40.90
N LEU A 230 20.54 47.78 40.27
CA LEU A 230 21.21 47.67 38.98
C LEU A 230 20.54 46.56 38.18
N GLY A 231 20.19 46.86 36.93
CA GLY A 231 19.68 45.83 36.03
C GLY A 231 20.82 45.04 35.38
N LEU A 232 20.78 43.71 35.55
CA LEU A 232 21.70 42.79 34.85
C LEU A 232 21.02 42.25 33.61
N SER A 233 21.46 42.71 32.44
CA SER A 233 20.95 42.18 31.18
C SER A 233 21.57 40.85 30.78
N GLY A 234 22.75 40.53 31.32
CA GLY A 234 23.61 39.50 30.78
C GLY A 234 24.74 40.07 29.95
N GLY A 235 24.60 41.31 29.49
CA GLY A 235 25.67 41.96 28.77
C GLY A 235 26.84 42.32 29.67
N VAL A 236 27.97 42.60 29.03
CA VAL A 236 29.21 42.74 29.79
C VAL A 236 29.22 44.02 30.61
N ASP A 237 28.74 45.12 30.05
CA ASP A 237 28.88 46.41 30.73
C ASP A 237 28.20 46.37 32.10
N SER A 238 26.95 45.92 32.15
CA SER A 238 26.24 45.91 33.43
C SER A 238 26.87 44.91 34.38
N SER A 239 27.39 43.80 33.86
CA SER A 239 28.11 42.85 34.70
C SER A 239 29.33 43.50 35.36
N VAL A 240 30.11 44.23 34.58
CA VAL A 240 31.30 44.86 35.11
C VAL A 240 30.92 45.99 36.08
N ALA A 241 29.91 46.77 35.73
CA ALA A 241 29.37 47.73 36.68
C ALA A 241 28.98 47.05 38.00
N ALA A 242 28.34 45.89 37.93
CA ALA A 242 27.93 45.18 39.14
C ALA A 242 29.14 44.78 39.98
N ALA A 243 30.13 44.15 39.35
CA ALA A 243 31.32 43.73 40.09
C ALA A 243 31.99 44.92 40.74
N LEU A 244 32.06 46.06 40.04
CA LEU A 244 32.75 47.23 40.55
C LEU A 244 32.00 47.83 41.74
N ILE A 245 30.67 47.98 41.59
CA ILE A 245 29.89 48.62 42.65
C ILE A 245 29.82 47.71 43.86
N HIS A 246 29.68 46.40 43.65
CA HIS A 246 29.67 45.47 44.78
C HIS A 246 30.98 45.52 45.55
N ARG A 247 32.11 45.62 44.83
CA ARG A 247 33.40 45.78 45.49
C ARG A 247 33.43 47.05 46.32
N ALA A 248 32.68 48.07 45.89
CA ALA A 248 32.67 49.33 46.62
C ALA A 248 31.74 49.29 47.82
N ILE A 249 30.52 48.78 47.67
CA ILE A 249 29.47 48.97 48.68
C ILE A 249 28.78 47.68 49.10
N GLY A 250 29.23 46.52 48.63
CA GLY A 250 28.72 45.26 49.16
C GLY A 250 27.20 45.17 49.15
N ASP A 251 26.62 44.79 50.30
CA ASP A 251 25.19 44.52 50.44
C ASP A 251 24.29 45.74 50.19
N GLN A 252 24.88 46.91 49.97
CA GLN A 252 24.07 48.05 49.54
C GLN A 252 23.58 47.93 48.11
N LEU A 253 24.14 47.02 47.33
CA LEU A 253 23.74 46.81 45.94
C LEU A 253 22.76 45.66 45.85
N THR A 254 21.69 45.87 45.09
CA THR A 254 20.81 44.78 44.67
C THR A 254 20.76 44.77 43.16
N CYS A 255 21.00 43.62 42.55
CA CYS A 255 20.88 43.45 41.12
C CYS A 255 19.57 42.73 40.78
N VAL A 256 19.05 43.00 39.58
CA VAL A 256 17.88 42.35 39.04
C VAL A 256 18.28 41.68 37.72
N PHE A 257 18.12 40.37 37.64
CA PHE A 257 18.41 39.63 36.42
C PHE A 257 17.10 39.07 35.86
N VAL A 258 16.80 39.42 34.61
CA VAL A 258 15.60 38.97 33.91
C VAL A 258 16.02 38.01 32.81
N ASP A 259 15.57 36.77 32.93
CA ASP A 259 15.70 35.80 31.85
C ASP A 259 14.40 35.83 31.07
N HIS A 260 14.43 36.42 29.88
CA HIS A 260 13.23 36.52 29.05
C HIS A 260 13.05 35.30 28.14
N GLY A 261 13.80 34.22 28.37
CA GLY A 261 13.70 33.02 27.56
C GLY A 261 14.40 33.12 26.21
N LEU A 262 15.07 34.23 25.92
CA LEU A 262 15.73 34.44 24.64
C LEU A 262 17.24 34.60 24.80
N LEU A 263 17.79 34.01 25.84
CA LEU A 263 19.22 34.03 26.09
C LEU A 263 19.86 32.76 25.54
N ARG A 264 21.20 32.79 25.43
CA ARG A 264 21.93 31.60 25.02
C ARG A 264 21.86 30.54 26.11
N LEU A 265 22.41 29.38 25.78
CA LEU A 265 22.28 28.21 26.64
C LEU A 265 22.92 28.45 28.03
N ASN A 266 22.14 28.18 29.07
CA ASN A 266 22.62 28.23 30.45
C ASN A 266 23.01 29.63 30.91
N GLU A 267 22.57 30.68 30.21
CA GLU A 267 23.09 32.01 30.53
C GLU A 267 22.65 32.46 31.92
N GLY A 268 21.40 32.18 32.27
CA GLY A 268 20.90 32.54 33.59
C GLY A 268 21.67 31.85 34.70
N LYS A 269 21.96 30.55 34.54
CA LYS A 269 22.75 29.84 35.54
C LYS A 269 24.14 30.45 35.66
N MET A 270 24.75 30.81 34.53
CA MET A 270 26.12 31.34 34.60
C MET A 270 26.15 32.70 35.27
N VAL A 271 25.12 33.52 35.03
CA VAL A 271 25.05 34.83 35.68
C VAL A 271 24.88 34.66 37.19
N MET A 272 23.93 33.82 37.60
CA MET A 272 23.69 33.59 39.02
C MET A 272 24.92 32.98 39.68
N ASP A 273 25.57 32.04 39.00
CA ASP A 273 26.77 31.45 39.60
C ASP A 273 27.87 32.49 39.81
N MET A 274 28.15 33.36 38.81
CA MET A 274 29.25 34.30 39.00
C MET A 274 28.89 35.42 39.96
N PHE A 275 27.61 35.81 40.06
CA PHE A 275 27.24 36.91 40.96
C PHE A 275 26.70 36.41 42.29
N ALA A 276 25.62 35.64 42.29
CA ALA A 276 25.01 35.27 43.57
C ALA A 276 25.87 34.25 44.32
N ARG A 277 26.37 33.22 43.63
CA ARG A 277 27.09 32.14 44.32
C ARG A 277 28.53 32.53 44.63
N ASN A 278 29.27 33.00 43.63
CA ASN A 278 30.69 33.24 43.82
C ASN A 278 30.96 34.50 44.63
N LEU A 279 30.21 35.57 44.40
CA LEU A 279 30.50 36.87 45.02
C LEU A 279 29.54 37.20 46.16
N GLY A 280 28.43 36.49 46.29
CA GLY A 280 27.46 36.84 47.31
C GLY A 280 26.71 38.12 47.04
N VAL A 281 26.68 38.56 45.77
CA VAL A 281 25.86 39.70 45.38
C VAL A 281 24.40 39.30 45.53
N LYS A 282 23.60 40.20 46.08
CA LYS A 282 22.16 39.97 46.14
C LYS A 282 21.59 40.16 44.73
N VAL A 283 21.02 39.09 44.16
CA VAL A 283 20.51 39.12 42.80
C VAL A 283 19.07 38.63 42.82
N ILE A 284 18.14 39.49 42.42
CA ILE A 284 16.76 39.06 42.23
C ILE A 284 16.63 38.45 40.84
N HIS A 285 16.30 37.16 40.81
CA HIS A 285 16.23 36.38 39.59
C HIS A 285 14.77 36.30 39.16
N VAL A 286 14.46 36.84 37.99
CA VAL A 286 13.10 36.77 37.46
C VAL A 286 13.12 35.83 36.27
N ASP A 287 12.31 34.79 36.35
CA ASP A 287 12.12 33.82 35.27
C ASP A 287 10.89 34.26 34.51
N ALA A 288 11.10 34.94 33.37
CA ALA A 288 9.99 35.48 32.59
C ALA A 288 9.85 34.83 31.23
N GLU A 289 10.41 33.62 31.06
CA GLU A 289 10.36 32.94 29.76
C GLU A 289 8.93 32.83 29.25
N GLY A 290 8.05 32.24 30.07
CA GLY A 290 6.68 32.03 29.65
C GLY A 290 5.96 33.33 29.36
N GLN A 291 6.23 34.36 30.14
CA GLN A 291 5.56 35.64 29.93
C GLN A 291 5.98 36.26 28.58
N PHE A 292 7.28 36.22 28.25
CA PHE A 292 7.73 36.75 26.97
C PHE A 292 7.25 35.89 25.79
N MET A 293 7.31 34.56 25.92
CA MET A 293 6.82 33.70 24.84
C MET A 293 5.34 33.97 24.56
N ALA A 294 4.55 34.23 25.63
CA ALA A 294 3.14 34.53 25.43
C ALA A 294 2.96 35.83 24.64
N LYS A 295 3.76 36.85 24.94
CA LYS A 295 3.69 38.10 24.19
C LYS A 295 4.16 37.94 22.75
N LEU A 296 5.04 36.98 22.48
CA LEU A 296 5.55 36.81 21.12
C LEU A 296 4.69 35.86 20.29
N ALA A 297 3.75 35.17 20.92
CA ALA A 297 2.95 34.19 20.21
C ALA A 297 2.22 34.83 19.03
N GLY A 298 2.36 34.21 17.85
CA GLY A 298 1.73 34.65 16.63
C GLY A 298 2.33 35.88 15.98
N VAL A 299 3.47 36.38 16.47
CA VAL A 299 4.09 37.60 15.96
C VAL A 299 5.21 37.24 14.99
N THR A 300 5.09 37.67 13.74
CA THR A 300 6.11 37.37 12.73
C THR A 300 6.91 38.58 12.30
N ASP A 301 6.36 39.77 12.40
CA ASP A 301 7.04 40.99 12.01
C ASP A 301 8.27 41.23 12.89
N PRO A 302 9.47 41.32 12.33
CA PRO A 302 10.66 41.49 13.17
C PRO A 302 10.65 42.79 13.95
N GLU A 303 10.11 43.87 13.37
CA GLU A 303 10.07 45.14 14.06
C GLU A 303 9.13 45.09 15.25
N LYS A 304 7.95 44.46 15.09
CA LYS A 304 7.04 44.31 16.22
C LYS A 304 7.67 43.45 17.30
N LYS A 305 8.40 42.39 16.88
CA LYS A 305 9.10 41.53 17.82
C LYS A 305 10.08 42.33 18.65
N ARG A 306 10.83 43.24 18.02
CA ARG A 306 11.79 44.05 18.77
C ARG A 306 11.09 44.99 19.75
N LYS A 307 9.99 45.60 19.32
CA LYS A 307 9.25 46.53 20.19
C LYS A 307 8.64 45.80 21.39
N ILE A 308 8.03 44.65 21.14
CA ILE A 308 7.39 43.88 22.21
C ILE A 308 8.41 43.47 23.26
N ILE A 309 9.55 42.91 22.82
CA ILE A 309 10.54 42.38 23.75
C ILE A 309 11.14 43.51 24.59
N GLY A 310 11.48 44.63 23.93
CA GLY A 310 12.07 45.74 24.65
C GLY A 310 11.10 46.33 25.67
N ALA A 311 9.84 46.52 25.27
CA ALA A 311 8.84 47.08 26.18
C ALA A 311 8.52 46.13 27.34
N GLU A 312 8.44 44.83 27.06
CA GLU A 312 8.14 43.90 28.13
C GLU A 312 9.28 43.83 29.13
N PHE A 313 10.52 43.92 28.64
CA PHE A 313 11.67 43.89 29.54
C PHE A 313 11.65 45.08 30.48
N ILE A 314 11.34 46.27 29.96
CA ILE A 314 11.20 47.44 30.83
C ILE A 314 10.11 47.22 31.86
N GLU A 315 9.00 46.59 31.47
CA GLU A 315 7.90 46.33 32.40
C GLU A 315 8.33 45.42 33.54
N VAL A 316 9.01 44.31 33.22
CA VAL A 316 9.43 43.38 34.25
C VAL A 316 10.46 44.04 35.17
N PHE A 317 11.41 44.79 34.60
CA PHE A 317 12.39 45.46 35.44
C PHE A 317 11.73 46.55 36.29
N ASP A 318 10.79 47.31 35.72
CA ASP A 318 10.18 48.39 36.48
C ASP A 318 9.44 47.87 37.71
N ALA A 319 8.75 46.73 37.56
CA ALA A 319 8.03 46.17 38.71
C ALA A 319 9.00 45.70 39.80
N GLU A 320 10.20 45.25 39.44
CA GLU A 320 11.16 44.86 40.47
C GLU A 320 11.76 46.08 41.17
N GLU A 321 11.96 47.17 40.42
CA GLU A 321 12.44 48.41 40.99
C GLU A 321 11.48 48.97 42.02
N LYS A 322 10.17 48.93 41.71
CA LYS A 322 9.18 49.47 42.63
C LYS A 322 9.22 48.77 43.99
N LYS A 323 9.48 47.46 44.00
CA LYS A 323 9.52 46.72 45.25
C LYS A 323 10.74 47.04 46.10
N LEU A 324 11.83 47.57 45.51
CA LEU A 324 13.03 47.92 46.27
C LEU A 324 12.86 49.37 46.72
N THR A 325 12.01 49.56 47.74
CA THR A 325 11.54 50.91 48.08
C THR A 325 12.60 51.76 48.75
N ASN A 326 13.56 51.14 49.44
CA ASN A 326 14.61 51.92 50.10
C ASN A 326 15.85 52.10 49.24
N ALA A 327 15.70 52.15 47.91
CA ALA A 327 16.82 52.38 47.01
C ALA A 327 16.82 53.84 46.55
N LYS A 328 18.02 54.42 46.43
CA LYS A 328 18.19 55.80 46.00
C LYS A 328 18.97 55.96 44.72
N TRP A 329 19.69 54.93 44.27
CA TRP A 329 20.50 55.01 43.06
C TRP A 329 20.09 53.90 42.10
N LEU A 330 19.93 54.26 40.82
CA LEU A 330 19.88 53.31 39.71
C LEU A 330 21.26 53.28 39.05
N ALA A 331 21.96 52.17 39.18
CA ALA A 331 23.24 52.03 38.50
C ALA A 331 23.01 51.57 37.07
N GLN A 332 23.84 52.06 36.16
CA GLN A 332 23.74 51.72 34.74
C GLN A 332 25.14 51.46 34.17
N GLY A 333 25.19 50.65 33.13
CA GLY A 333 26.46 50.33 32.51
C GLY A 333 26.88 51.24 31.38
N THR A 334 26.44 52.49 31.44
CA THR A 334 26.84 53.55 30.53
C THR A 334 28.37 53.62 30.39
N ILE A 335 28.84 53.63 29.14
CA ILE A 335 30.26 53.67 28.83
C ILE A 335 30.58 54.96 28.07
N TYR A 336 31.88 55.20 27.85
CA TYR A 336 32.32 56.46 27.25
C TYR A 336 31.70 56.75 25.89
N PRO A 337 31.61 55.80 24.95
CA PRO A 337 30.92 56.13 23.68
C PRO A 337 29.49 56.63 23.89
N ASP A 338 28.80 56.24 24.99
CA ASP A 338 27.46 56.75 25.22
C ASP A 338 27.46 58.23 25.61
N VAL A 339 28.50 58.68 26.31
CA VAL A 339 28.53 60.06 26.78
C VAL A 339 29.23 61.00 25.78
N ILE A 340 29.98 60.47 24.82
CA ILE A 340 30.60 61.33 23.79
C ILE A 340 29.51 61.77 22.81
N LYS A 367 13.12 59.39 39.73
CA LYS A 367 13.58 60.09 40.94
C LYS A 367 14.92 59.54 41.41
N LEU A 368 15.23 58.31 41.01
CA LEU A 368 16.48 57.68 41.42
C LEU A 368 17.67 58.38 40.78
N LYS A 369 18.74 58.56 41.55
CA LYS A 369 19.94 59.17 41.01
C LYS A 369 20.70 58.14 40.18
N LEU A 370 21.35 58.63 39.12
CA LEU A 370 22.11 57.77 38.20
C LEU A 370 23.52 57.52 38.72
N LEU A 371 23.90 56.25 38.81
CA LEU A 371 25.26 55.86 39.17
C LEU A 371 25.89 55.13 37.97
N GLU A 372 26.86 55.77 37.32
CA GLU A 372 27.46 55.28 36.08
C GLU A 372 28.98 55.24 36.18
N PRO A 373 29.55 54.25 36.86
CA PRO A 373 31.01 54.28 37.12
C PRO A 373 31.87 53.97 35.90
N LEU A 374 31.30 53.51 34.78
CA LEU A 374 32.05 53.15 33.58
C LEU A 374 32.01 54.23 32.51
N ARG A 375 31.62 55.46 32.87
CA ARG A 375 31.38 56.54 31.92
C ARG A 375 32.65 56.98 31.19
N ASP A 376 33.82 56.74 31.77
N ASP A 376 33.81 56.73 31.79
CA ASP A 376 35.07 57.18 31.13
CA ASP A 376 35.10 57.14 31.24
C ASP A 376 35.74 56.08 30.30
C ASP A 376 35.82 56.02 30.48
N LEU A 377 35.17 54.89 30.21
CA LEU A 377 35.84 53.74 29.60
C LEU A 377 35.26 53.34 28.25
N PHE A 378 36.15 52.89 27.36
CA PHE A 378 35.72 52.19 26.15
C PHE A 378 35.50 50.72 26.48
N LYS A 379 34.84 50.02 25.54
CA LYS A 379 34.46 48.63 25.75
C LYS A 379 35.65 47.75 26.09
N ASP A 380 36.79 47.94 25.40
CA ASP A 380 37.96 47.11 25.65
CA ASP A 380 37.96 47.12 25.65
C ASP A 380 38.47 47.30 27.08
N GLU A 381 38.47 48.53 27.58
CA GLU A 381 38.83 48.77 28.98
C GLU A 381 37.82 48.13 29.91
N VAL A 382 36.52 48.16 29.57
CA VAL A 382 35.51 47.54 30.40
C VAL A 382 35.78 46.04 30.52
N ARG A 383 36.19 45.42 29.40
CA ARG A 383 36.51 44.01 29.41
C ARG A 383 37.71 43.71 30.31
N GLU A 384 38.79 44.47 30.15
CA GLU A 384 39.94 44.28 31.04
C GLU A 384 39.57 44.48 32.50
N LEU A 385 38.74 45.50 32.79
CA LEU A 385 38.33 45.76 34.17
C LEU A 385 37.54 44.59 34.76
N GLY A 386 36.67 43.98 33.95
CA GLY A 386 35.92 42.82 34.42
C GLY A 386 36.82 41.67 34.83
N VAL A 387 37.85 41.38 34.02
CA VAL A 387 38.82 40.37 34.42
C VAL A 387 39.58 40.81 35.67
N ALA A 388 40.05 42.06 35.68
CA ALA A 388 40.76 42.58 36.84
C ALA A 388 39.94 42.42 38.11
N LEU A 389 38.62 42.65 38.01
CA LEU A 389 37.78 42.53 39.18
C LEU A 389 37.55 41.09 39.62
N GLY A 390 37.87 40.11 38.77
CA GLY A 390 37.67 38.73 39.12
C GLY A 390 36.49 38.04 38.47
N LEU A 391 35.84 38.67 37.49
CA LEU A 391 34.79 38.00 36.74
C LEU A 391 35.39 36.96 35.78
N PRO A 392 34.68 35.87 35.51
CA PRO A 392 35.23 34.86 34.58
C PRO A 392 35.35 35.41 33.17
N ARG A 393 36.52 35.15 32.54
CA ARG A 393 36.79 35.62 31.18
C ARG A 393 35.69 35.18 30.21
N GLU A 394 35.14 33.98 30.42
CA GLU A 394 34.07 33.49 29.55
C GLU A 394 32.85 34.42 29.58
N MET A 395 32.58 35.06 30.71
CA MET A 395 31.45 35.98 30.80
C MET A 395 31.81 37.41 30.44
N VAL A 396 33.09 37.77 30.41
CA VAL A 396 33.50 39.14 30.19
C VAL A 396 33.95 39.38 28.75
N TYR A 397 34.67 38.42 28.18
CA TYR A 397 35.10 38.49 26.79
C TYR A 397 34.18 37.64 25.92
N ARG A 398 32.97 38.13 25.72
CA ARG A 398 32.05 37.41 24.85
C ARG A 398 31.49 38.35 23.80
N HIS A 399 31.10 37.77 22.68
CA HIS A 399 30.53 38.56 21.60
C HIS A 399 29.32 39.30 22.13
N PRO A 400 29.13 40.55 21.74
CA PRO A 400 27.94 41.28 22.19
C PRO A 400 26.67 40.52 21.83
N PHE A 401 25.64 40.70 22.64
CA PHE A 401 24.41 39.95 22.51
C PHE A 401 23.28 40.94 22.41
N PRO A 402 22.40 40.82 21.42
CA PRO A 402 21.39 41.86 21.24
C PRO A 402 20.39 41.87 22.39
N GLY A 403 19.84 43.06 22.63
CA GLY A 403 18.78 43.24 23.60
C GLY A 403 17.68 42.22 23.42
N PRO A 404 17.10 42.13 22.21
CA PRO A 404 16.03 41.14 21.97
C PRO A 404 16.52 39.71 21.88
N GLY A 405 17.83 39.47 22.05
CA GLY A 405 18.34 38.13 22.18
C GLY A 405 18.02 37.25 20.98
N LEU A 406 17.72 35.98 21.27
CA LEU A 406 17.35 35.03 20.23
C LEU A 406 16.09 35.46 19.48
N GLY A 407 15.36 36.45 19.99
CA GLY A 407 14.18 36.93 19.31
C GLY A 407 14.40 37.42 17.90
N VAL A 408 15.59 37.95 17.59
CA VAL A 408 15.93 38.36 16.24
C VAL A 408 16.79 37.31 15.54
N ARG A 409 16.97 36.14 16.13
CA ARG A 409 17.68 35.05 15.49
C ARG A 409 16.78 33.86 15.21
N ILE A 410 15.48 33.99 15.48
CA ILE A 410 14.48 32.99 15.12
C ILE A 410 13.56 33.68 14.12
N LEU A 411 13.72 33.38 12.84
CA LEU A 411 12.96 34.13 11.84
C LEU A 411 11.48 33.85 11.96
N GLY A 412 10.68 34.92 11.91
CA GLY A 412 9.25 34.74 12.07
C GLY A 412 8.89 34.45 13.51
N GLU A 413 7.91 33.56 13.70
CA GLU A 413 7.30 33.40 15.01
C GLU A 413 8.24 32.71 15.99
N VAL A 414 8.38 33.32 17.17
CA VAL A 414 9.24 32.83 18.24
C VAL A 414 8.45 31.88 19.12
N LYS A 415 9.00 30.70 19.36
CA LYS A 415 8.41 29.69 20.25
C LYS A 415 9.51 29.08 21.08
N LYS A 416 9.13 28.58 22.25
CA LYS A 416 10.12 27.93 23.10
C LYS A 416 10.74 26.77 22.37
N GLU A 417 9.92 26.02 21.61
CA GLU A 417 10.43 24.90 20.81
C GLU A 417 11.60 25.32 19.92
N TYR A 418 11.46 26.45 19.22
CA TYR A 418 12.53 26.90 18.32
C TYR A 418 13.72 27.46 19.10
N ALA A 419 13.45 28.22 20.15
CA ALA A 419 14.53 28.76 20.97
C ALA A 419 15.37 27.64 21.57
N ASP A 420 14.73 26.53 21.96
CA ASP A 420 15.49 25.41 22.54
C ASP A 420 16.37 24.72 21.50
N LEU A 421 15.84 24.53 20.29
CA LEU A 421 16.67 23.98 19.22
C LEU A 421 17.85 24.88 18.94
N LEU A 422 17.59 26.19 18.82
CA LEU A 422 18.61 27.15 18.43
C LEU A 422 19.72 27.22 19.49
N ARG A 423 19.35 27.18 20.77
CA ARG A 423 20.36 27.23 21.82
C ARG A 423 21.31 26.05 21.69
N GLN A 424 20.78 24.88 21.31
CA GLN A 424 21.65 23.73 21.15
C GLN A 424 22.56 23.91 19.95
N ALA A 425 22.00 24.33 18.81
CA ALA A 425 22.81 24.55 17.62
C ALA A 425 23.84 25.65 17.84
N ASP A 426 23.39 26.74 18.45
CA ASP A 426 24.29 27.85 18.74
C ASP A 426 25.44 27.42 19.62
N ASP A 427 25.14 26.62 20.63
CA ASP A 427 26.17 26.20 21.58
C ASP A 427 27.22 25.31 20.91
N ILE A 428 26.80 24.42 20.00
CA ILE A 428 27.74 23.58 19.26
C ILE A 428 28.67 24.43 18.40
N PHE A 429 28.10 25.41 17.69
CA PHE A 429 28.89 26.32 16.88
C PHE A 429 29.94 27.03 17.73
N ILE A 430 29.53 27.56 18.88
CA ILE A 430 30.45 28.31 19.73
C ILE A 430 31.50 27.39 20.35
N GLN A 431 31.11 26.18 20.78
CA GLN A 431 32.08 25.22 21.27
C GLN A 431 33.22 25.05 20.27
N GLU A 432 32.87 24.84 19.00
CA GLU A 432 33.90 24.59 17.99
C GLU A 432 34.73 25.84 17.71
N LEU A 433 34.11 27.02 17.74
CA LEU A 433 34.87 28.27 17.59
C LEU A 433 35.85 28.46 18.74
N ARG A 434 35.48 28.05 19.95
CA ARG A 434 36.36 28.24 21.09
C ARG A 434 37.51 27.26 21.10
N ASN A 435 37.31 26.05 20.56
CA ASN A 435 38.28 24.96 20.63
C ASN A 435 39.12 24.80 19.36
N THR A 436 38.92 25.63 18.35
CA THR A 436 39.69 25.57 17.11
C THR A 436 40.54 26.83 17.03
N THR A 437 41.83 26.67 16.79
CA THR A 437 42.73 27.80 16.80
C THR A 437 43.41 27.98 15.44
N ASP A 438 43.83 29.21 15.17
CA ASP A 438 44.58 29.52 13.97
C ASP A 438 46.05 29.18 14.22
N GLU A 439 46.93 29.60 13.29
CA GLU A 439 48.33 29.24 13.38
C GLU A 439 49.04 29.88 14.57
N ASN A 440 48.52 30.99 15.08
CA ASN A 440 49.11 31.66 16.23
C ASN A 440 48.57 31.14 17.55
N GLY A 441 47.68 30.15 17.52
CA GLY A 441 47.06 29.66 18.75
C GLY A 441 45.86 30.45 19.20
N THR A 442 45.39 31.39 18.40
CA THR A 442 44.22 32.19 18.72
C THR A 442 42.97 31.46 18.26
N SER A 443 41.98 31.38 19.14
CA SER A 443 40.74 30.69 18.83
C SER A 443 39.91 31.48 17.81
N TRP A 444 39.11 30.75 17.04
CA TRP A 444 38.23 31.41 16.08
C TRP A 444 37.10 32.16 16.77
N TYR A 445 36.76 31.77 18.00
CA TYR A 445 35.88 32.62 18.79
C TYR A 445 36.50 34.00 18.96
N ASP A 446 37.77 34.06 19.35
CA ASP A 446 38.41 35.35 19.60
C ASP A 446 38.71 36.10 18.31
N LEU A 447 38.86 35.39 17.20
CA LEU A 447 39.17 36.06 15.93
C LEU A 447 37.95 36.78 15.36
N THR A 448 36.74 36.35 15.71
CA THR A 448 35.52 36.95 15.17
C THR A 448 34.93 37.97 16.15
N SER A 449 34.25 38.98 15.59
CA SER A 449 33.56 39.97 16.40
C SER A 449 32.22 39.44 16.90
N GLN A 450 31.53 38.67 16.07
CA GLN A 450 30.20 38.18 16.42
C GLN A 450 29.95 36.87 15.69
N ALA A 451 29.44 35.88 16.42
CA ALA A 451 29.20 34.55 15.88
C ALA A 451 27.98 33.97 16.59
N PHE A 452 27.07 33.39 15.82
CA PHE A 452 25.82 32.87 16.37
C PHE A 452 25.10 32.05 15.30
N ALA A 453 24.15 31.24 15.75
CA ALA A 453 23.29 30.49 14.86
C ALA A 453 21.94 31.20 14.69
N VAL A 454 21.30 30.93 13.56
CA VAL A 454 20.01 31.49 13.21
C VAL A 454 19.07 30.35 12.85
N PHE A 455 17.85 30.39 13.41
CA PHE A 455 16.87 29.33 13.15
C PHE A 455 15.98 29.74 11.97
N LEU A 456 15.95 28.90 10.94
CA LEU A 456 15.13 29.18 9.75
C LEU A 456 13.91 28.29 9.80
N PRO A 457 12.69 28.82 9.81
CA PRO A 457 11.48 27.98 9.85
C PRO A 457 11.09 27.42 8.48
N VAL A 458 12.06 26.85 7.78
CA VAL A 458 11.82 26.09 6.56
C VAL A 458 12.42 24.71 6.75
N LYS A 459 11.86 23.74 6.06
CA LYS A 459 12.26 22.36 6.23
C LYS A 459 12.98 21.83 5.00
N SER A 460 13.98 20.98 5.24
CA SER A 460 14.76 20.33 4.20
C SER A 460 14.72 18.82 4.38
N VAL A 461 14.90 18.10 3.29
CA VAL A 461 14.87 16.64 3.31
C VAL A 461 16.27 16.13 3.67
N GLY A 462 16.32 14.93 4.24
CA GLY A 462 17.57 14.31 4.63
C GLY A 462 17.40 12.81 4.75
N VAL A 463 18.50 12.14 5.07
CA VAL A 463 18.45 10.68 5.25
C VAL A 463 18.65 10.33 6.72
N GLY A 467 15.84 5.43 4.99
CA GLY A 467 15.17 6.28 5.96
C GLY A 467 15.23 7.77 5.64
N ARG A 468 14.06 8.40 5.50
CA ARG A 468 13.94 9.79 5.06
C ARG A 468 13.54 10.68 6.24
N THR A 469 14.13 11.88 6.32
CA THR A 469 13.83 12.85 7.37
C THR A 469 13.44 14.19 6.76
N TYR A 470 12.80 15.04 7.57
CA TYR A 470 12.27 16.31 7.07
C TYR A 470 12.24 17.31 8.23
N ASP A 471 13.30 18.14 8.35
CA ASP A 471 13.51 18.98 9.52
C ASP A 471 13.94 20.39 9.12
N TYR A 472 14.19 21.21 10.15
CA TYR A 472 14.47 22.63 9.98
C TYR A 472 15.94 22.90 9.64
N VAL A 473 16.20 24.14 9.24
CA VAL A 473 17.49 24.57 8.75
C VAL A 473 18.07 25.59 9.72
N VAL A 474 19.36 25.47 10.02
CA VAL A 474 20.12 26.40 10.85
C VAL A 474 21.15 27.12 9.96
N ALA A 475 21.26 28.44 10.15
CA ALA A 475 22.30 29.25 9.50
C ALA A 475 23.37 29.65 10.52
N LEU A 476 24.64 29.48 10.14
CA LEU A 476 25.74 29.96 10.95
C LEU A 476 26.16 31.35 10.47
N ARG A 477 26.35 32.26 11.41
CA ARG A 477 26.72 33.63 11.12
C ARG A 477 27.96 33.96 11.95
N ALA A 478 29.00 34.45 11.28
CA ALA A 478 30.22 34.87 11.94
C ALA A 478 30.78 36.05 11.17
N VAL A 479 31.06 37.16 11.85
CA VAL A 479 31.57 38.34 11.17
C VAL A 479 32.77 38.92 11.91
N ILE A 480 33.55 39.71 11.19
CA ILE A 480 34.65 40.49 11.73
C ILE A 480 34.31 41.94 11.38
N THR A 481 34.11 42.76 12.41
CA THR A 481 33.72 44.15 12.20
C THR A 481 34.94 45.06 12.15
N SER A 482 34.86 46.06 11.29
CA SER A 482 35.93 47.03 11.16
C SER A 482 35.66 48.18 12.14
N ASP A 483 36.49 49.21 12.08
CA ASP A 483 36.34 50.43 12.86
C ASP A 483 35.30 51.40 12.28
N PHE A 484 34.59 51.03 11.21
CA PHE A 484 33.76 51.97 10.46
C PHE A 484 32.36 51.45 10.22
N MET A 485 31.84 50.63 11.14
CA MET A 485 30.48 50.10 11.05
C MET A 485 30.28 49.24 9.80
N THR A 486 31.33 48.60 9.29
CA THR A 486 31.21 47.54 8.29
C THR A 486 31.69 46.22 8.89
N ALA A 487 31.43 45.12 8.19
CA ALA A 487 31.80 43.81 8.69
C ALA A 487 31.93 42.86 7.51
N HIS A 488 32.98 42.07 7.50
CA HIS A 488 33.08 41.00 6.51
C HIS A 488 32.81 39.67 7.19
N TRP A 489 32.26 38.73 6.43
CA TRP A 489 32.04 37.42 7.01
C TRP A 489 33.36 36.68 7.14
N ALA A 490 33.49 35.91 8.22
CA ALA A 490 34.76 35.28 8.56
C ALA A 490 35.04 34.11 7.62
N GLU A 491 36.28 34.05 7.14
CA GLU A 491 36.74 32.94 6.31
C GLU A 491 37.11 31.77 7.23
N LEU A 492 36.07 31.27 7.91
CA LEU A 492 36.23 30.16 8.83
C LEU A 492 36.82 28.96 8.08
N PRO A 493 37.72 28.19 8.71
CA PRO A 493 38.27 27.00 8.03
C PRO A 493 37.17 26.05 7.62
N TYR A 494 37.33 25.46 6.42
CA TYR A 494 36.34 24.54 5.88
C TYR A 494 36.07 23.39 6.85
N SER A 495 37.13 22.83 7.43
CA SER A 495 36.95 21.72 8.36
C SER A 495 36.19 22.15 9.62
N LEU A 496 36.36 23.41 10.05
CA LEU A 496 35.55 23.92 11.15
CA LEU A 496 35.54 23.90 11.16
C LEU A 496 34.08 23.96 10.75
N LEU A 497 33.78 24.54 9.59
CA LEU A 497 32.40 24.56 9.09
C LEU A 497 31.85 23.15 8.94
N GLY A 498 32.64 22.23 8.37
CA GLY A 498 32.15 20.89 8.16
C GLY A 498 31.87 20.16 9.47
N ARG A 499 32.74 20.34 10.46
CA ARG A 499 32.54 19.67 11.73
C ARG A 499 31.32 20.23 12.47
N VAL A 500 31.13 21.55 12.40
CA VAL A 500 29.95 22.14 13.04
C VAL A 500 28.69 21.63 12.38
N SER A 501 28.69 21.58 11.04
CA SER A 501 27.57 21.05 10.27
C SER A 501 27.24 19.61 10.68
N ASN A 502 28.25 18.74 10.67
CA ASN A 502 28.01 17.35 11.06
C ASN A 502 27.43 17.26 12.48
N ARG A 503 27.99 18.00 13.43
CA ARG A 503 27.57 17.87 14.83
C ARG A 503 26.14 18.38 15.02
N ILE A 504 25.78 19.50 14.41
CA ILE A 504 24.42 20.03 14.58
C ILE A 504 23.40 19.06 13.99
N ILE A 505 23.67 18.54 12.79
CA ILE A 505 22.70 17.67 12.14
C ILE A 505 22.50 16.38 12.93
N ASN A 506 23.60 15.80 13.46
CA ASN A 506 23.53 14.53 14.15
C ASN A 506 23.04 14.66 15.59
N GLU A 507 23.45 15.73 16.28
CA GLU A 507 23.18 15.87 17.71
C GLU A 507 21.90 16.61 18.02
N VAL A 508 21.38 17.43 17.10
CA VAL A 508 20.19 18.24 17.37
C VAL A 508 19.01 17.61 16.64
N LYS A 509 18.17 16.91 17.39
CA LYS A 509 16.92 16.37 16.85
C LYS A 509 15.98 17.52 16.47
N GLY A 510 15.68 17.65 15.18
CA GLY A 510 14.84 18.71 14.66
C GLY A 510 15.53 19.58 13.63
N ILE A 511 16.86 19.49 13.51
CA ILE A 511 17.65 20.18 12.51
C ILE A 511 18.33 19.15 11.62
N ASN A 512 18.21 19.30 10.30
CA ASN A 512 18.96 18.39 9.43
C ASN A 512 19.68 19.13 8.29
N ARG A 513 19.85 20.43 8.38
CA ARG A 513 20.56 21.15 7.34
C ARG A 513 21.19 22.40 7.96
N VAL A 514 22.46 22.65 7.60
CA VAL A 514 23.23 23.77 8.11
C VAL A 514 23.82 24.56 6.97
N VAL A 515 23.61 25.88 6.98
CA VAL A 515 24.21 26.76 5.98
C VAL A 515 25.06 27.80 6.69
N TYR A 516 25.96 28.42 5.93
CA TYR A 516 26.80 29.49 6.44
C TYR A 516 26.51 30.77 5.65
N ASP A 517 26.25 31.83 6.39
CA ASP A 517 25.94 33.13 5.81
C ASP A 517 27.20 33.72 5.17
N VAL A 518 27.15 33.99 3.87
CA VAL A 518 28.32 34.55 3.18
C VAL A 518 28.02 35.95 2.67
N SER A 519 27.16 36.66 3.39
CA SER A 519 26.80 38.03 3.07
C SER A 519 27.54 38.97 4.01
N GLY A 520 28.28 39.90 3.44
CA GLY A 520 28.97 40.90 4.23
C GLY A 520 28.10 42.12 4.48
N LYS A 521 28.61 43.01 5.32
CA LYS A 521 27.95 44.28 5.64
C LYS A 521 28.85 45.42 5.20
N PRO A 522 28.45 46.27 4.23
CA PRO A 522 27.24 46.16 3.40
C PRO A 522 27.47 45.04 2.37
N PRO A 523 26.42 44.57 1.67
CA PRO A 523 25.02 45.05 1.60
C PRO A 523 24.05 44.43 2.58
N ALA A 524 24.49 43.46 3.38
CA ALA A 524 23.60 42.85 4.34
C ALA A 524 23.83 43.46 5.73
N THR A 525 22.96 43.10 6.67
CA THR A 525 23.18 43.39 8.07
C THR A 525 23.80 42.18 8.74
N ILE A 526 24.32 42.39 9.96
CA ILE A 526 24.93 41.30 10.71
C ILE A 526 23.85 40.35 11.21
N GLU A 527 22.86 40.89 11.92
CA GLU A 527 21.70 40.11 12.35
C GLU A 527 20.73 39.93 11.18
N TRP A 528 19.96 38.85 11.22
CA TRP A 528 19.01 38.58 10.15
C TRP A 528 17.71 39.36 10.31
N GLU A 529 17.41 39.83 11.51
CA GLU A 529 16.18 40.55 11.77
C GLU A 529 16.49 41.76 12.66
N THR B 10 -28.58 54.55 20.84
CA THR B 10 -28.43 55.15 19.51
C THR B 10 -29.49 54.68 18.51
N GLN B 11 -30.10 53.53 18.77
CA GLN B 11 -30.99 52.87 17.82
C GLN B 11 -32.43 52.93 18.31
N ASP B 12 -33.35 53.20 17.38
CA ASP B 12 -34.74 52.87 17.62
C ASP B 12 -34.87 51.35 17.72
N LYS B 13 -35.65 50.89 18.70
CA LYS B 13 -35.72 49.46 19.03
C LYS B 13 -37.16 49.00 19.04
N ILE B 14 -37.39 47.77 18.58
CA ILE B 14 -38.70 47.15 18.67
C ILE B 14 -38.59 46.01 19.67
N LEU B 15 -39.57 45.91 20.57
CA LEU B 15 -39.60 44.82 21.54
C LEU B 15 -40.58 43.75 21.07
N ILE B 16 -40.12 42.50 21.04
CA ILE B 16 -40.98 41.38 20.65
C ILE B 16 -41.17 40.47 21.85
N LEU B 17 -42.41 40.33 22.29
CA LEU B 17 -42.74 39.45 23.42
C LEU B 17 -43.22 38.09 22.92
N ASP B 18 -42.60 37.02 23.44
CA ASP B 18 -42.79 35.67 22.97
C ASP B 18 -43.85 34.96 23.81
N PHE B 19 -44.96 34.62 23.19
CA PHE B 19 -46.03 33.86 23.83
C PHE B 19 -45.96 32.37 23.49
N GLY B 20 -44.84 31.90 22.93
CA GLY B 20 -44.60 30.46 22.82
C GLY B 20 -44.69 29.89 21.42
N SER B 21 -45.06 30.68 20.42
CA SER B 21 -45.17 30.18 19.07
C SER B 21 -43.84 29.67 18.54
N GLN B 22 -43.91 28.65 17.68
CA GLN B 22 -42.69 28.08 17.11
C GLN B 22 -42.00 29.01 16.11
N VAL B 23 -42.68 30.03 15.61
CA VAL B 23 -42.11 30.90 14.59
C VAL B 23 -41.86 32.31 15.13
N THR B 24 -41.83 32.50 16.46
CA THR B 24 -41.64 33.85 17.00
C THR B 24 -40.31 34.45 16.56
N ARG B 25 -39.25 33.63 16.50
CA ARG B 25 -37.95 34.12 16.05
C ARG B 25 -38.00 34.75 14.65
N LEU B 26 -38.92 34.27 13.80
CA LEU B 26 -39.04 34.89 12.48
C LEU B 26 -39.53 36.32 12.59
N ILE B 27 -40.30 36.65 13.62
CA ILE B 27 -40.67 38.05 13.79
C ILE B 27 -39.41 38.90 13.94
N ALA B 28 -38.48 38.45 14.78
CA ALA B 28 -37.22 39.20 14.97
C ALA B 28 -36.41 39.30 13.68
N ARG B 29 -36.34 38.21 12.89
CA ARG B 29 -35.61 38.30 11.63
C ARG B 29 -36.25 39.32 10.69
N ARG B 30 -37.57 39.38 10.63
CA ARG B 30 -38.21 40.32 9.72
C ARG B 30 -37.88 41.73 10.11
N VAL B 31 -37.93 42.04 11.41
CA VAL B 31 -37.64 43.41 11.83
C VAL B 31 -36.18 43.76 11.54
N ARG B 32 -35.25 42.83 11.83
CA ARG B 32 -33.85 43.07 11.48
C ARG B 32 -33.70 43.27 9.99
N GLU B 33 -34.46 42.51 9.17
CA GLU B 33 -34.41 42.68 7.74
C GLU B 33 -34.95 44.04 7.30
N ALA B 34 -35.79 44.67 8.11
CA ALA B 34 -36.19 46.05 7.88
C ALA B 34 -35.14 47.06 8.40
N HIS B 35 -33.98 46.60 8.86
CA HIS B 35 -32.88 47.46 9.31
C HIS B 35 -33.25 48.22 10.58
N VAL B 36 -34.01 47.56 11.45
CA VAL B 36 -34.38 48.09 12.76
C VAL B 36 -33.96 47.09 13.83
N TYR B 37 -33.31 47.58 14.88
CA TYR B 37 -32.91 46.70 15.96
C TYR B 37 -34.14 46.21 16.72
N CYS B 38 -34.07 44.98 17.20
CA CYS B 38 -35.16 44.42 17.98
C CYS B 38 -34.62 43.31 18.89
N GLU B 39 -35.38 43.00 19.93
CA GLU B 39 -35.01 41.88 20.80
C GLU B 39 -36.26 41.04 21.08
N LEU B 40 -36.02 39.75 21.23
CA LEU B 40 -37.04 38.76 21.56
C LEU B 40 -36.97 38.49 23.06
N HIS B 41 -38.06 38.72 23.78
CA HIS B 41 -38.08 38.41 25.21
C HIS B 41 -39.35 37.65 25.54
N SER B 42 -39.26 36.91 26.64
CA SER B 42 -40.40 36.14 27.12
C SER B 42 -41.54 37.08 27.52
N PHE B 43 -42.78 36.59 27.39
CA PHE B 43 -43.96 37.43 27.64
C PHE B 43 -43.97 38.02 29.05
N ASP B 44 -43.31 37.38 30.02
CA ASP B 44 -43.38 37.87 31.39
C ASP B 44 -42.25 38.84 31.74
N MET B 45 -41.57 39.42 30.74
CA MET B 45 -40.60 40.48 30.96
C MET B 45 -41.22 41.54 31.87
N PRO B 46 -40.62 41.82 33.02
CA PRO B 46 -41.25 42.76 33.96
C PRO B 46 -41.38 44.13 33.31
N LEU B 47 -42.47 44.83 33.66
CA LEU B 47 -42.78 46.10 33.03
C LEU B 47 -41.65 47.12 33.21
N ASP B 48 -40.94 47.10 34.34
CA ASP B 48 -39.86 48.07 34.50
C ASP B 48 -38.69 47.80 33.55
N GLU B 49 -38.43 46.53 33.22
CA GLU B 49 -37.41 46.21 32.23
C GLU B 49 -37.88 46.57 30.81
N ILE B 50 -39.17 46.41 30.53
CA ILE B 50 -39.75 46.83 29.24
C ILE B 50 -39.58 48.34 29.07
N LYS B 51 -39.86 49.11 30.12
CA LYS B 51 -39.68 50.55 30.07
C LYS B 51 -38.21 50.91 29.88
N ALA B 52 -37.30 50.20 30.55
CA ALA B 52 -35.87 50.50 30.41
C ALA B 52 -35.37 50.21 28.99
N PHE B 53 -35.90 49.15 28.35
CA PHE B 53 -35.61 48.90 26.95
C PHE B 53 -36.09 50.04 26.07
N ASN B 54 -37.15 50.73 26.48
CA ASN B 54 -37.64 51.92 25.81
C ASN B 54 -37.99 51.66 24.35
N PRO B 55 -38.88 50.73 24.05
CA PRO B 55 -39.13 50.42 22.64
C PRO B 55 -39.98 51.50 21.98
N LYS B 56 -39.73 51.67 20.71
CA LYS B 56 -40.61 52.45 19.86
C LYS B 56 -41.88 51.68 19.50
N GLY B 57 -41.90 50.36 19.74
CA GLY B 57 -43.11 49.58 19.52
C GLY B 57 -42.96 48.19 20.08
N ILE B 58 -44.10 47.55 20.36
CA ILE B 58 -44.09 46.21 20.90
C ILE B 58 -44.87 45.31 19.95
N ILE B 59 -44.33 44.10 19.70
CA ILE B 59 -45.01 43.05 18.97
C ILE B 59 -45.25 41.86 19.92
N LEU B 60 -46.52 41.44 20.03
CA LEU B 60 -46.88 40.27 20.82
C LEU B 60 -47.04 39.10 19.87
N SER B 61 -46.23 38.07 20.04
CA SER B 61 -46.22 36.95 19.11
C SER B 61 -47.43 36.04 19.30
N GLY B 62 -47.53 35.05 18.43
CA GLY B 62 -48.51 34.00 18.62
C GLY B 62 -48.07 33.02 19.68
N GLY B 63 -48.89 31.99 19.86
CA GLY B 63 -48.62 30.98 20.85
C GLY B 63 -49.72 29.94 20.87
N PRO B 64 -49.43 28.79 21.49
CA PRO B 64 -50.33 27.65 21.44
C PRO B 64 -51.44 27.64 22.47
N ASN B 65 -51.44 28.58 23.41
CA ASN B 65 -52.37 28.54 24.53
C ASN B 65 -53.66 29.32 24.27
N SER B 66 -54.58 29.28 25.23
CA SER B 66 -55.87 29.95 25.14
C SER B 66 -55.95 31.01 26.23
N VAL B 67 -56.37 32.22 25.85
CA VAL B 67 -56.22 33.37 26.72
C VAL B 67 -57.00 33.24 28.02
N TYR B 68 -58.10 32.45 28.02
CA TYR B 68 -58.91 32.29 29.23
C TYR B 68 -58.35 31.24 30.19
N GLU B 69 -57.41 30.40 29.77
CA GLU B 69 -56.94 29.33 30.62
C GLU B 69 -55.47 29.43 30.97
N SER B 70 -54.70 30.15 30.16
CA SER B 70 -53.26 30.20 30.30
C SER B 70 -52.82 31.25 31.31
N ASP B 71 -51.68 30.96 31.93
CA ASP B 71 -50.88 31.94 32.67
C ASP B 71 -49.99 32.76 31.73
N TYR B 72 -50.10 32.53 30.42
CA TYR B 72 -49.35 33.28 29.43
C TYR B 72 -50.00 34.67 29.35
N GLN B 73 -49.71 35.48 30.37
CA GLN B 73 -50.26 36.83 30.48
C GLN B 73 -49.09 37.78 30.68
N ALA B 74 -48.87 38.67 29.73
CA ALA B 74 -47.90 39.74 29.90
C ALA B 74 -48.49 40.79 30.83
N ASP B 75 -47.62 41.63 31.37
CA ASP B 75 -48.11 42.72 32.20
C ASP B 75 -48.97 43.65 31.35
N THR B 76 -50.25 43.79 31.74
CA THR B 76 -51.16 44.61 30.94
C THR B 76 -50.83 46.10 30.97
N GLY B 77 -49.89 46.53 31.82
CA GLY B 77 -49.39 47.89 31.72
C GLY B 77 -48.74 48.22 30.38
N ILE B 78 -48.40 47.22 29.54
CA ILE B 78 -47.83 47.56 28.23
C ILE B 78 -48.80 48.38 27.40
N PHE B 79 -50.11 48.26 27.66
CA PHE B 79 -51.15 49.00 26.96
C PHE B 79 -51.32 50.43 27.48
N ASP B 80 -50.52 50.85 28.47
CA ASP B 80 -50.54 52.22 28.96
C ASP B 80 -49.26 52.98 28.65
N LEU B 81 -48.34 52.40 27.88
CA LEU B 81 -47.05 53.03 27.68
C LEU B 81 -47.05 54.16 26.65
N GLY B 82 -48.09 54.30 25.86
CA GLY B 82 -48.08 55.30 24.79
C GLY B 82 -47.28 54.93 23.57
N ILE B 83 -46.99 53.65 23.36
CA ILE B 83 -46.28 53.24 22.14
C ILE B 83 -47.18 52.27 21.37
N PRO B 84 -47.03 52.17 20.05
CA PRO B 84 -47.85 51.21 19.29
C PRO B 84 -47.57 49.76 19.69
N VAL B 85 -48.61 48.95 19.62
CA VAL B 85 -48.55 47.53 19.91
C VAL B 85 -49.24 46.79 18.79
N LEU B 86 -48.61 45.73 18.28
CA LEU B 86 -49.17 44.79 17.31
C LEU B 86 -49.23 43.40 17.94
N GLY B 87 -50.42 42.80 17.94
CA GLY B 87 -50.65 41.46 18.45
C GLY B 87 -50.90 40.51 17.29
N ILE B 88 -50.22 39.38 17.31
CA ILE B 88 -50.29 38.34 16.28
C ILE B 88 -50.90 37.11 16.91
N CYS B 89 -52.02 36.63 16.34
CA CYS B 89 -52.76 35.45 16.79
C CYS B 89 -53.00 35.50 18.31
N TYR B 90 -52.35 34.64 19.11
CA TYR B 90 -52.52 34.72 20.56
C TYR B 90 -52.34 36.15 21.08
N GLY B 91 -51.33 36.86 20.58
CA GLY B 91 -51.11 38.26 20.98
C GLY B 91 -52.31 39.13 20.67
N MET B 92 -52.98 38.84 19.55
CA MET B 92 -54.21 39.55 19.23
C MET B 92 -55.34 39.19 20.21
N GLN B 93 -55.46 37.90 20.55
CA GLN B 93 -56.50 37.49 21.49
C GLN B 93 -56.26 38.07 22.88
N PHE B 94 -54.99 38.08 23.31
CA PHE B 94 -54.59 38.70 24.57
C PHE B 94 -54.98 40.17 24.58
N MET B 95 -54.64 40.90 23.52
CA MET B 95 -55.02 42.30 23.38
C MET B 95 -56.53 42.47 23.51
N ALA B 96 -57.31 41.63 22.83
CA ALA B 96 -58.75 41.81 22.86
C ALA B 96 -59.34 41.48 24.23
N HIS B 97 -58.82 40.44 24.89
CA HIS B 97 -59.39 40.08 26.19
C HIS B 97 -59.18 41.18 27.23
N HIS B 98 -58.01 41.83 27.23
CA HIS B 98 -57.69 42.76 28.30
C HIS B 98 -58.10 44.20 28.01
N LEU B 99 -58.59 44.48 26.82
CA LEU B 99 -59.04 45.82 26.45
C LEU B 99 -60.53 45.80 26.16
N GLY B 100 -61.26 44.85 26.78
CA GLY B 100 -62.71 44.86 26.78
C GLY B 100 -63.41 44.10 25.67
N GLY B 101 -62.69 43.32 24.87
CA GLY B 101 -63.31 42.49 23.85
C GLY B 101 -63.54 41.08 24.33
N GLU B 102 -63.79 40.17 23.38
CA GLU B 102 -64.13 38.78 23.68
C GLU B 102 -63.47 37.84 22.67
N VAL B 103 -63.14 36.64 23.15
CA VAL B 103 -62.52 35.59 22.35
C VAL B 103 -63.37 34.33 22.35
N GLN B 104 -63.52 33.72 21.16
CA GLN B 104 -64.17 32.42 21.06
C GLN B 104 -63.08 31.35 20.97
N PRO B 105 -62.96 30.43 21.92
CA PRO B 105 -61.89 29.44 21.84
C PRO B 105 -62.14 28.42 20.73
N GLY B 106 -61.05 27.92 20.16
CA GLY B 106 -61.00 26.90 19.12
C GLY B 106 -59.70 26.11 19.22
N ASN B 107 -59.29 25.44 18.16
CA ASN B 107 -58.08 24.60 18.17
C ASN B 107 -56.85 25.38 17.69
N GLN B 108 -56.02 25.80 18.66
CA GLN B 108 -54.83 26.63 18.41
C GLN B 108 -53.78 25.92 17.57
N ARG B 109 -53.94 24.63 17.29
CA ARG B 109 -52.99 23.94 16.44
C ARG B 109 -53.33 24.06 14.97
N GLU B 110 -54.49 24.65 14.64
CA GLU B 110 -54.99 24.69 13.27
C GLU B 110 -54.52 25.94 12.54
N PHE B 111 -53.92 25.73 11.37
CA PHE B 111 -53.47 26.80 10.50
C PHE B 111 -53.76 26.39 9.06
N GLY B 112 -53.85 27.39 8.18
CA GLY B 112 -54.06 27.11 6.78
C GLY B 112 -54.17 28.41 6.01
N TYR B 113 -54.24 28.28 4.69
CA TYR B 113 -54.33 29.43 3.80
C TYR B 113 -55.72 30.06 3.81
N ALA B 114 -55.76 31.39 3.74
CA ALA B 114 -57.02 32.11 3.61
C ALA B 114 -56.77 33.46 2.93
N GLN B 115 -57.85 33.98 2.35
CA GLN B 115 -57.88 35.29 1.71
C GLN B 115 -58.54 36.28 2.66
N VAL B 116 -57.81 37.32 3.04
CA VAL B 116 -58.33 38.34 3.93
C VAL B 116 -58.75 39.55 3.12
N LYS B 117 -59.94 40.04 3.35
CA LYS B 117 -60.36 41.29 2.75
C LYS B 117 -60.22 42.41 3.78
N THR B 118 -59.66 43.53 3.35
CA THR B 118 -59.34 44.65 4.24
C THR B 118 -60.13 45.89 3.84
N ILE B 119 -60.21 46.82 4.78
CA ILE B 119 -60.58 48.20 4.48
C ILE B 119 -59.38 49.10 4.76
N ASP B 120 -59.48 50.35 4.34
CA ASP B 120 -58.37 51.27 4.48
C ASP B 120 -58.09 51.60 5.95
N SER B 121 -56.83 51.49 6.34
CA SER B 121 -56.36 51.86 7.68
C SER B 121 -54.87 52.14 7.55
N GLY B 122 -54.26 52.57 8.68
CA GLY B 122 -52.84 52.84 8.67
C GLY B 122 -52.03 51.59 8.35
N LEU B 123 -52.48 50.45 8.85
CA LEU B 123 -51.77 49.20 8.65
C LEU B 123 -52.02 48.61 7.27
N THR B 124 -53.21 48.78 6.68
CA THR B 124 -53.55 48.03 5.46
C THR B 124 -53.42 48.84 4.17
N ARG B 125 -53.35 50.16 4.25
CA ARG B 125 -53.39 51.00 3.04
C ARG B 125 -52.25 50.68 2.09
N GLY B 126 -52.60 50.42 0.83
CA GLY B 126 -51.61 50.22 -0.21
C GLY B 126 -50.91 48.90 -0.16
N ILE B 127 -51.36 47.98 0.67
CA ILE B 127 -50.75 46.66 0.78
C ILE B 127 -51.78 45.65 0.27
N GLN B 128 -51.45 44.97 -0.81
CA GLN B 128 -52.40 44.08 -1.47
CA GLN B 128 -52.39 44.04 -1.41
C GLN B 128 -51.63 42.91 -2.09
N ASP B 129 -52.37 41.88 -2.48
CA ASP B 129 -51.80 40.86 -3.36
C ASP B 129 -52.35 41.11 -4.76
N ASP B 130 -53.19 40.21 -5.28
CA ASP B 130 -53.54 40.29 -6.70
C ASP B 130 -54.69 41.24 -7.01
N ALA B 131 -55.44 41.68 -6.01
CA ALA B 131 -56.51 42.66 -6.13
C ALA B 131 -56.42 43.61 -4.94
N PRO B 132 -56.89 44.85 -5.09
CA PRO B 132 -56.84 45.80 -3.97
C PRO B 132 -57.57 45.28 -2.73
N ASN B 133 -57.01 45.60 -1.56
CA ASN B 133 -57.62 45.28 -0.26
C ASN B 133 -57.85 43.77 -0.12
N THR B 134 -56.89 42.99 -0.61
CA THR B 134 -56.93 41.54 -0.54
C THR B 134 -55.55 41.07 -0.10
N LEU B 135 -55.52 40.18 0.89
CA LEU B 135 -54.27 39.58 1.37
C LEU B 135 -54.42 38.06 1.36
N ASP B 136 -53.41 37.36 0.85
CA ASP B 136 -53.33 35.90 0.96
C ASP B 136 -52.42 35.56 2.14
N VAL B 137 -52.99 34.96 3.19
CA VAL B 137 -52.24 34.86 4.43
C VAL B 137 -52.16 33.41 4.90
N TRP B 138 -51.22 33.17 5.81
CA TRP B 138 -51.13 31.93 6.58
C TRP B 138 -51.90 32.14 7.88
N MET B 139 -53.14 31.62 7.91
CA MET B 139 -54.17 31.99 8.88
C MET B 139 -54.22 31.03 10.05
N SER B 140 -54.43 31.57 11.25
CA SER B 140 -54.76 30.76 12.41
C SER B 140 -56.27 30.51 12.48
N HIS B 141 -56.66 29.23 12.44
CA HIS B 141 -58.06 28.82 12.55
C HIS B 141 -58.40 28.35 13.96
N GLY B 142 -57.74 28.91 14.98
CA GLY B 142 -57.99 28.43 16.33
C GLY B 142 -58.93 29.34 17.09
N ASP B 143 -58.51 29.78 18.28
CA ASP B 143 -59.20 30.84 19.00
C ASP B 143 -59.26 32.09 18.14
N LYS B 144 -60.36 32.82 18.22
CA LYS B 144 -60.44 34.06 17.45
C LYS B 144 -61.19 35.13 18.24
N VAL B 145 -60.96 36.38 17.85
CA VAL B 145 -61.66 37.50 18.46
C VAL B 145 -63.12 37.50 18.01
N SER B 146 -64.04 37.42 18.97
CA SER B 146 -65.45 37.37 18.64
C SER B 146 -66.17 38.69 18.85
N LYS B 147 -65.63 39.60 19.66
CA LYS B 147 -66.20 40.93 19.89
C LYS B 147 -65.07 41.94 20.02
N LEU B 148 -65.21 43.06 19.32
CA LEU B 148 -64.19 44.10 19.29
C LEU B 148 -63.92 44.67 20.69
N PRO B 149 -62.66 44.91 21.04
CA PRO B 149 -62.36 45.67 22.26
C PRO B 149 -62.68 47.15 22.09
N ASP B 150 -62.54 47.87 23.19
CA ASP B 150 -62.99 49.26 23.28
C ASP B 150 -62.18 50.14 22.34
N GLY B 151 -62.88 50.94 21.53
CA GLY B 151 -62.20 51.81 20.58
C GLY B 151 -61.62 51.11 19.36
N PHE B 152 -61.88 49.82 19.19
CA PHE B 152 -61.29 49.13 18.06
C PHE B 152 -62.26 49.06 16.88
N ALA B 153 -61.69 48.85 15.72
CA ALA B 153 -62.47 48.63 14.51
C ALA B 153 -61.96 47.39 13.80
N VAL B 154 -62.86 46.74 13.05
CA VAL B 154 -62.47 45.70 12.11
C VAL B 154 -61.82 46.33 10.89
N ILE B 155 -60.61 45.88 10.56
CA ILE B 155 -59.97 46.29 9.32
C ILE B 155 -59.69 45.13 8.37
N GLY B 156 -59.93 43.88 8.79
CA GLY B 156 -59.76 42.74 7.90
C GLY B 156 -60.65 41.58 8.28
N ASP B 157 -61.16 40.84 7.29
CA ASP B 157 -62.09 39.75 7.58
C ASP B 157 -61.96 38.65 6.53
N THR B 158 -62.39 37.45 6.89
CA THR B 158 -62.61 36.31 6.00
C THR B 158 -63.98 35.74 6.32
N PRO B 159 -64.51 34.87 5.45
CA PRO B 159 -65.77 34.20 5.78
C PRO B 159 -65.75 33.47 7.11
N SER B 160 -64.64 32.81 7.46
CA SER B 160 -64.57 32.02 8.70
C SER B 160 -64.10 32.81 9.91
N CYS B 161 -63.57 34.01 9.73
CA CYS B 161 -63.01 34.79 10.84
C CYS B 161 -63.44 36.23 10.67
N PRO B 162 -64.60 36.61 11.20
CA PRO B 162 -65.10 37.97 10.99
C PRO B 162 -64.16 39.04 11.52
N ILE B 163 -63.35 38.73 12.52
CA ILE B 163 -62.41 39.73 13.02
C ILE B 163 -61.01 39.19 12.81
N ALA B 164 -60.52 39.30 11.58
CA ALA B 164 -59.20 38.80 11.24
C ALA B 164 -58.11 39.85 11.48
N MET B 165 -58.47 41.13 11.44
CA MET B 165 -57.55 42.23 11.74
C MET B 165 -58.34 43.33 12.40
N MET B 166 -57.72 43.97 13.40
CA MET B 166 -58.42 45.02 14.12
C MET B 166 -57.44 46.14 14.44
N GLU B 167 -57.97 47.34 14.54
CA GLU B 167 -57.17 48.53 14.80
C GLU B 167 -57.88 49.38 15.83
N ASN B 168 -57.12 49.88 16.80
CA ASN B 168 -57.56 51.00 17.63
C ASN B 168 -56.74 52.21 17.16
N THR B 169 -57.37 53.08 16.36
CA THR B 169 -56.64 54.20 15.76
C THR B 169 -56.14 55.21 16.80
N GLU B 170 -56.94 55.46 17.85
CA GLU B 170 -56.51 56.42 18.86
C GLU B 170 -55.22 55.97 19.54
N LYS B 171 -55.12 54.69 19.86
CA LYS B 171 -53.96 54.18 20.59
C LYS B 171 -52.91 53.55 19.69
N GLN B 172 -53.20 53.38 18.40
CA GLN B 172 -52.31 52.66 17.48
C GLN B 172 -52.02 51.25 17.97
N PHE B 173 -53.05 50.55 18.42
CA PHE B 173 -52.99 49.12 18.70
C PHE B 173 -53.53 48.36 17.48
N TYR B 174 -52.86 47.28 17.11
CA TYR B 174 -53.25 46.47 15.97
C TYR B 174 -53.23 45.01 16.36
N GLY B 175 -54.18 44.25 15.84
CA GLY B 175 -54.21 42.81 16.03
C GLY B 175 -54.50 42.10 14.74
N ILE B 176 -53.74 41.03 14.47
CA ILE B 176 -53.97 40.23 13.28
C ILE B 176 -53.97 38.76 13.66
N GLN B 177 -54.87 38.02 13.03
CA GLN B 177 -55.17 36.63 13.31
C GLN B 177 -54.35 35.68 12.45
N PHE B 178 -53.40 36.20 11.69
CA PHE B 178 -52.54 35.39 10.87
C PHE B 178 -51.08 35.75 11.17
N HIS B 179 -50.17 34.92 10.70
CA HIS B 179 -48.75 35.09 10.95
C HIS B 179 -48.10 35.85 9.81
N PRO B 180 -47.78 37.14 9.98
CA PRO B 180 -47.06 37.86 8.92
C PRO B 180 -45.59 37.48 8.83
N GLU B 181 -45.04 36.76 9.79
CA GLU B 181 -43.63 36.47 9.78
C GLU B 181 -43.27 35.25 8.95
N VAL B 182 -44.23 34.48 8.46
CA VAL B 182 -43.93 33.36 7.56
C VAL B 182 -44.18 33.83 6.14
N THR B 183 -43.31 33.41 5.21
CA THR B 183 -43.38 33.90 3.84
C THR B 183 -44.63 33.42 3.11
N HIS B 184 -45.34 32.44 3.65
CA HIS B 184 -46.62 32.01 3.10
C HIS B 184 -47.65 33.13 3.14
N THR B 185 -47.49 34.09 4.05
CA THR B 185 -48.24 35.36 4.00
C THR B 185 -47.43 36.29 3.10
N LYS B 186 -47.84 36.43 1.83
CA LYS B 186 -46.98 37.10 0.84
C LYS B 186 -46.66 38.53 1.25
N GLN B 187 -47.63 39.24 1.79
CA GLN B 187 -47.50 40.62 2.24
C GLN B 187 -47.14 40.71 3.70
N GLY B 188 -46.71 39.61 4.31
CA GLY B 188 -46.43 39.65 5.74
C GLY B 188 -45.27 40.57 6.07
N ARG B 189 -44.21 40.51 5.26
CA ARG B 189 -43.09 41.40 5.43
C ARG B 189 -43.52 42.84 5.26
N ALA B 190 -44.32 43.12 4.23
CA ALA B 190 -44.80 44.47 4.00
C ALA B 190 -45.63 44.96 5.19
N LEU B 191 -46.45 44.08 5.79
CA LEU B 191 -47.25 44.48 6.96
C LEU B 191 -46.36 44.77 8.17
N LEU B 192 -45.39 43.90 8.43
CA LEU B 192 -44.45 44.14 9.52
C LEU B 192 -43.64 45.41 9.28
N ASN B 193 -43.19 45.66 8.04
CA ASN B 193 -42.47 46.90 7.76
C ASN B 193 -43.35 48.12 8.04
N ARG B 194 -44.61 48.05 7.64
CA ARG B 194 -45.53 49.17 7.86
C ARG B 194 -45.71 49.46 9.35
N PHE B 195 -45.82 48.42 10.18
CA PHE B 195 -45.96 48.68 11.61
C PHE B 195 -44.67 49.26 12.19
N VAL B 196 -43.52 48.69 11.84
CA VAL B 196 -42.24 49.07 12.44
C VAL B 196 -41.73 50.42 11.91
N LEU B 197 -41.75 50.63 10.58
CA LEU B 197 -41.15 51.82 9.95
C LEU B 197 -42.10 53.02 9.94
N ASP B 198 -43.40 52.79 9.76
CA ASP B 198 -44.34 53.90 9.55
C ASP B 198 -45.22 54.16 10.76
N ILE B 199 -45.88 53.15 11.32
CA ILE B 199 -46.71 53.37 12.49
C ILE B 199 -45.86 53.66 13.73
N CYS B 200 -44.84 52.83 13.98
CA CYS B 200 -43.92 53.13 15.08
C CYS B 200 -42.92 54.21 14.71
N GLY B 201 -42.66 54.42 13.43
CA GLY B 201 -41.68 55.42 13.03
C GLY B 201 -40.26 55.06 13.43
N ALA B 202 -39.94 53.77 13.52
CA ALA B 202 -38.56 53.39 13.85
C ALA B 202 -37.61 53.71 12.69
N GLN B 203 -36.53 54.40 13.00
CA GLN B 203 -35.53 54.80 12.00
C GLN B 203 -34.74 53.58 11.55
N PRO B 204 -34.68 53.29 10.26
CA PRO B 204 -34.00 52.06 9.80
C PRO B 204 -32.47 52.22 9.81
N GLY B 205 -31.93 52.45 11.00
CA GLY B 205 -30.51 52.71 11.16
C GLY B 205 -29.67 51.50 11.52
N TRP B 206 -30.28 50.34 11.68
CA TRP B 206 -29.56 49.14 12.06
C TRP B 206 -28.93 48.49 10.81
N THR B 207 -27.71 48.90 10.52
CA THR B 207 -26.89 48.35 9.44
C THR B 207 -25.52 48.02 10.04
N MET B 208 -24.82 47.12 9.40
CA MET B 208 -23.53 46.68 9.91
C MET B 208 -22.44 47.75 9.80
N PRO B 209 -22.40 48.61 8.77
CA PRO B 209 -21.51 49.78 8.86
C PRO B 209 -21.83 50.68 10.05
N ASN B 210 -23.11 50.83 10.43
CA ASN B 210 -23.48 51.60 11.61
C ASN B 210 -23.11 50.91 12.91
N TYR B 211 -22.95 49.60 12.89
CA TYR B 211 -22.80 48.80 14.10
C TYR B 211 -21.35 48.74 14.56
N ILE B 212 -20.40 48.89 13.62
CA ILE B 212 -18.99 48.69 13.93
C ILE B 212 -18.54 49.63 15.04
N GLU B 213 -18.84 50.93 14.91
CA GLU B 213 -18.33 51.91 15.85
C GLU B 213 -18.88 51.68 17.26
N GLU B 214 -20.18 51.37 17.36
CA GLU B 214 -20.77 51.04 18.64
C GLU B 214 -20.20 49.74 19.19
N ALA B 215 -20.03 48.74 18.34
CA ALA B 215 -19.50 47.48 18.81
C ALA B 215 -18.04 47.62 19.25
N VAL B 216 -17.25 48.40 18.50
CA VAL B 216 -15.85 48.63 18.88
C VAL B 216 -15.76 49.34 20.23
N ALA B 217 -16.57 50.41 20.43
CA ALA B 217 -16.53 51.15 21.69
C ALA B 217 -16.95 50.27 22.86
N LYS B 218 -17.94 49.41 22.62
CA LYS B 218 -18.39 48.50 23.67
C LYS B 218 -17.30 47.50 24.06
N ILE B 219 -16.52 47.00 23.08
CA ILE B 219 -15.45 46.06 23.42
C ILE B 219 -14.36 46.78 24.20
N ARG B 220 -13.97 47.98 23.73
CA ARG B 220 -12.89 48.71 24.41
C ARG B 220 -13.25 49.05 25.85
N GLU B 221 -14.50 49.46 26.11
CA GLU B 221 -14.87 49.72 27.49
C GLU B 221 -14.88 48.42 28.30
N GLN B 222 -15.23 47.31 27.66
CA GLN B 222 -15.34 46.04 28.38
C GLN B 222 -13.97 45.45 28.70
N VAL B 223 -13.00 45.61 27.80
CA VAL B 223 -11.73 44.88 27.87
C VAL B 223 -10.65 45.82 28.43
N GLY B 224 -10.77 47.11 28.14
CA GLY B 224 -9.75 48.03 28.59
C GLY B 224 -8.42 47.65 27.95
N SER B 225 -7.40 47.39 28.77
CA SER B 225 -6.09 47.00 28.25
C SER B 225 -5.84 45.50 28.36
N ASP B 226 -6.83 44.74 28.82
CA ASP B 226 -6.74 43.30 29.03
C ASP B 226 -6.47 42.57 27.70
N GLU B 227 -5.93 41.37 27.83
CA GLU B 227 -5.62 40.56 26.67
C GLU B 227 -6.72 39.52 26.47
N VAL B 228 -6.96 39.21 25.21
CA VAL B 228 -8.06 38.34 24.78
C VAL B 228 -7.49 37.23 23.90
N ILE B 229 -7.97 36.00 24.12
CA ILE B 229 -7.65 34.90 23.22
C ILE B 229 -8.92 34.43 22.50
N LEU B 230 -8.75 33.96 21.27
CA LEU B 230 -9.89 33.54 20.47
C LEU B 230 -9.52 32.33 19.63
N GLY B 231 -10.33 31.29 19.65
CA GLY B 231 -10.11 30.15 18.77
C GLY B 231 -10.70 30.42 17.38
N LEU B 232 -9.86 30.31 16.35
CA LEU B 232 -10.32 30.42 14.96
C LEU B 232 -10.56 29.02 14.43
N SER B 233 -11.82 28.67 14.20
CA SER B 233 -12.12 27.37 13.60
C SER B 233 -11.97 27.35 12.09
N GLY B 234 -12.02 28.51 11.44
CA GLY B 234 -12.25 28.62 10.01
C GLY B 234 -13.69 28.98 9.67
N GLY B 235 -14.62 28.77 10.62
CA GLY B 235 -16.00 29.18 10.41
C GLY B 235 -16.16 30.69 10.46
N VAL B 236 -17.31 31.14 9.97
CA VAL B 236 -17.53 32.56 9.75
C VAL B 236 -17.64 33.32 11.08
N ASP B 237 -18.36 32.74 12.04
CA ASP B 237 -18.66 33.46 13.27
C ASP B 237 -17.38 33.86 13.99
N SER B 238 -16.47 32.91 14.16
CA SER B 238 -15.25 33.21 14.90
C SER B 238 -14.34 34.15 14.11
N SER B 239 -14.32 34.00 12.77
CA SER B 239 -13.53 34.89 11.93
C SER B 239 -14.03 36.33 12.04
N VAL B 240 -15.33 36.52 12.01
CA VAL B 240 -15.88 37.87 12.13
C VAL B 240 -15.64 38.42 13.53
N ALA B 241 -15.82 37.59 14.57
CA ALA B 241 -15.46 38.00 15.92
C ALA B 241 -14.01 38.48 16.01
N ALA B 242 -13.09 37.72 15.40
CA ALA B 242 -11.68 38.12 15.43
C ALA B 242 -11.47 39.47 14.74
N ALA B 243 -12.03 39.64 13.54
CA ALA B 243 -11.86 40.92 12.84
C ALA B 243 -12.43 42.07 13.66
N LEU B 244 -13.61 41.88 14.27
CA LEU B 244 -14.22 42.95 15.05
C LEU B 244 -13.38 43.27 16.29
N ILE B 245 -12.92 42.25 17.01
CA ILE B 245 -12.14 42.48 18.22
C ILE B 245 -10.79 43.11 17.87
N HIS B 246 -10.17 42.62 16.80
CA HIS B 246 -8.87 43.19 16.39
C HIS B 246 -9.01 44.67 16.05
N ARG B 247 -10.12 45.05 15.41
CA ARG B 247 -10.37 46.46 15.12
C ARG B 247 -10.51 47.25 16.41
N ALA B 248 -11.03 46.63 17.46
CA ALA B 248 -11.22 47.39 18.69
C ALA B 248 -9.92 47.50 19.50
N ILE B 249 -9.18 46.41 19.66
CA ILE B 249 -8.08 46.37 20.63
C ILE B 249 -6.75 45.85 20.05
N GLY B 250 -6.69 45.62 18.74
CA GLY B 250 -5.42 45.31 18.09
C GLY B 250 -4.69 44.12 18.70
N ASP B 251 -3.40 44.32 19.02
CA ASP B 251 -2.51 43.29 19.54
C ASP B 251 -2.85 42.81 20.94
N GLN B 252 -3.86 43.35 21.59
CA GLN B 252 -4.34 42.70 22.79
C GLN B 252 -5.05 41.37 22.48
N LEU B 253 -5.34 41.09 21.22
CA LEU B 253 -5.98 39.85 20.78
C LEU B 253 -4.92 38.86 20.32
N THR B 254 -5.03 37.61 20.76
CA THR B 254 -4.29 36.50 20.16
C THR B 254 -5.26 35.41 19.70
N CYS B 255 -5.13 35.00 18.45
CA CYS B 255 -5.98 33.95 17.92
C CYS B 255 -5.22 32.63 17.85
N VAL B 256 -5.97 31.54 17.99
CA VAL B 256 -5.41 30.20 17.90
C VAL B 256 -6.16 29.49 16.77
N PHE B 257 -5.43 29.07 15.76
CA PHE B 257 -6.02 28.33 14.66
C PHE B 257 -5.45 26.91 14.64
N VAL B 258 -6.33 25.92 14.74
CA VAL B 258 -5.94 24.52 14.75
C VAL B 258 -6.38 23.88 13.43
N ASP B 259 -5.42 23.39 12.67
CA ASP B 259 -5.71 22.60 11.48
C ASP B 259 -5.67 21.14 11.90
N HIS B 260 -6.83 20.50 12.01
CA HIS B 260 -6.88 19.10 12.41
C HIS B 260 -6.78 18.12 11.23
N GLY B 261 -6.42 18.62 10.03
CA GLY B 261 -6.29 17.75 8.89
C GLY B 261 -7.61 17.32 8.30
N LEU B 262 -8.72 17.82 8.82
CA LEU B 262 -10.06 17.47 8.33
C LEU B 262 -10.77 18.70 7.79
N LEU B 263 -10.01 19.69 7.32
CA LEU B 263 -10.57 20.89 6.71
C LEU B 263 -10.65 20.72 5.20
N ARG B 264 -11.37 21.66 4.54
CA ARG B 264 -11.44 21.69 3.09
CA ARG B 264 -11.45 21.71 3.09
C ARG B 264 -10.10 22.14 2.51
N LEU B 265 -9.96 21.96 1.21
CA LEU B 265 -8.71 22.27 0.53
C LEU B 265 -8.21 23.68 0.83
N ASN B 266 -6.98 23.78 1.29
CA ASN B 266 -6.28 25.06 1.46
C ASN B 266 -6.93 25.96 2.52
N GLU B 267 -7.78 25.42 3.39
CA GLU B 267 -8.50 26.29 4.31
C GLU B 267 -7.54 26.97 5.29
N GLY B 268 -6.52 26.23 5.74
CA GLY B 268 -5.52 26.81 6.62
C GLY B 268 -4.78 27.96 5.99
N LYS B 269 -4.35 27.79 4.73
CA LYS B 269 -3.67 28.87 4.04
C LYS B 269 -4.59 30.08 3.88
N MET B 270 -5.87 29.86 3.58
CA MET B 270 -6.78 30.99 3.37
C MET B 270 -7.03 31.74 4.68
N VAL B 271 -7.10 31.03 5.79
CA VAL B 271 -7.32 31.64 7.09
C VAL B 271 -6.11 32.49 7.50
N MET B 272 -4.90 31.91 7.41
CA MET B 272 -3.69 32.66 7.73
C MET B 272 -3.50 33.85 6.80
N ASP B 273 -3.86 33.67 5.52
CA ASP B 273 -3.72 34.76 4.57
C ASP B 273 -4.62 35.93 4.94
N MET B 274 -5.87 35.67 5.31
CA MET B 274 -6.76 36.80 5.52
C MET B 274 -6.45 37.51 6.83
N PHE B 275 -5.96 36.76 7.83
CA PHE B 275 -5.73 37.29 9.18
C PHE B 275 -4.27 37.66 9.43
N ALA B 276 -3.37 36.68 9.37
CA ALA B 276 -2.00 36.97 9.75
C ALA B 276 -1.34 37.86 8.70
N ARG B 277 -1.58 37.61 7.41
CA ARG B 277 -0.87 38.37 6.40
C ARG B 277 -1.56 39.71 6.09
N ASN B 278 -2.86 39.70 5.78
CA ASN B 278 -3.53 40.93 5.34
C ASN B 278 -3.78 41.92 6.47
N LEU B 279 -4.16 41.41 7.65
CA LEU B 279 -4.57 42.26 8.77
C LEU B 279 -3.52 42.39 9.84
N GLY B 280 -2.52 41.51 9.86
CA GLY B 280 -1.57 41.52 10.95
C GLY B 280 -2.10 41.02 12.29
N VAL B 281 -3.21 40.29 12.30
CA VAL B 281 -3.65 39.65 13.54
C VAL B 281 -2.65 38.59 13.96
N LYS B 282 -2.36 38.53 15.25
CA LYS B 282 -1.52 37.48 15.79
C LYS B 282 -2.29 36.17 15.79
N VAL B 283 -1.78 35.20 15.03
CA VAL B 283 -2.44 33.90 14.90
C VAL B 283 -1.43 32.81 15.22
N ILE B 284 -1.73 32.03 16.25
CA ILE B 284 -0.96 30.82 16.54
C ILE B 284 -1.50 29.72 15.65
N HIS B 285 -0.67 29.21 14.77
CA HIS B 285 -1.05 28.21 13.79
C HIS B 285 -0.63 26.86 14.34
N VAL B 286 -1.59 25.97 14.58
CA VAL B 286 -1.26 24.63 15.05
C VAL B 286 -1.56 23.65 13.93
N ASP B 287 -0.53 22.89 13.52
CA ASP B 287 -0.64 21.86 12.50
C ASP B 287 -0.83 20.54 13.22
N ALA B 288 -2.08 20.08 13.33
CA ALA B 288 -2.34 18.90 14.14
C ALA B 288 -2.81 17.73 13.30
N GLU B 289 -2.60 17.77 11.98
CA GLU B 289 -3.11 16.73 11.09
C GLU B 289 -2.66 15.34 11.54
N GLY B 290 -1.36 15.13 11.72
CA GLY B 290 -0.87 13.81 12.09
C GLY B 290 -1.45 13.30 13.39
N GLN B 291 -1.60 14.18 14.37
CA GLN B 291 -2.12 13.79 15.67
C GLN B 291 -3.59 13.34 15.58
N PHE B 292 -4.41 14.04 14.80
CA PHE B 292 -5.80 13.65 14.63
C PHE B 292 -5.92 12.36 13.83
N MET B 293 -5.11 12.21 12.77
CA MET B 293 -5.14 10.97 12.01
C MET B 293 -4.78 9.78 12.89
N ALA B 294 -3.82 9.98 13.80
CA ALA B 294 -3.43 8.91 14.70
C ALA B 294 -4.56 8.53 15.65
N LYS B 295 -5.28 9.51 16.18
CA LYS B 295 -6.40 9.19 17.08
C LYS B 295 -7.56 8.53 16.36
N LEU B 296 -7.74 8.80 15.07
CA LEU B 296 -8.84 8.20 14.33
C LEU B 296 -8.47 6.85 13.70
N ALA B 297 -7.20 6.48 13.75
CA ALA B 297 -6.78 5.25 13.08
C ALA B 297 -7.57 4.08 13.65
N GLY B 298 -8.17 3.29 12.76
CA GLY B 298 -8.95 2.11 13.12
C GLY B 298 -10.32 2.36 13.72
N VAL B 299 -10.84 3.58 13.67
CA VAL B 299 -12.14 3.89 14.25
C VAL B 299 -13.19 3.95 13.13
N THR B 300 -14.23 3.12 13.24
CA THR B 300 -15.30 3.13 12.23
C THR B 300 -16.62 3.69 12.74
N ASP B 301 -16.92 3.55 14.03
CA ASP B 301 -18.18 4.06 14.59
C ASP B 301 -18.26 5.57 14.46
N PRO B 302 -19.28 6.10 13.78
CA PRO B 302 -19.36 7.56 13.57
C PRO B 302 -19.49 8.37 14.85
N GLU B 303 -20.16 7.84 15.87
CA GLU B 303 -20.29 8.57 17.12
C GLU B 303 -18.95 8.68 17.86
N LYS B 304 -18.15 7.61 17.85
CA LYS B 304 -16.82 7.67 18.44
C LYS B 304 -15.91 8.62 17.67
N LYS B 305 -16.02 8.62 16.33
CA LYS B 305 -15.25 9.57 15.54
C LYS B 305 -15.54 11.01 15.99
N ARG B 306 -16.83 11.33 16.22
CA ARG B 306 -17.21 12.66 16.69
C ARG B 306 -16.64 12.95 18.07
N LYS B 307 -16.67 11.96 18.97
CA LYS B 307 -16.11 12.15 20.30
C LYS B 307 -14.59 12.33 20.26
N ILE B 308 -13.92 11.49 19.48
CA ILE B 308 -12.46 11.55 19.39
C ILE B 308 -12.03 12.90 18.86
N ILE B 309 -12.64 13.35 17.76
CA ILE B 309 -12.25 14.61 17.14
C ILE B 309 -12.59 15.77 18.07
N GLY B 310 -13.76 15.74 18.70
CA GLY B 310 -14.16 16.82 19.57
C GLY B 310 -13.27 16.95 20.78
N ALA B 311 -12.94 15.82 21.40
CA ALA B 311 -12.07 15.83 22.58
C ALA B 311 -10.63 16.24 22.23
N GLU B 312 -10.11 15.78 21.10
CA GLU B 312 -8.73 16.12 20.74
C GLU B 312 -8.61 17.60 20.43
N PHE B 313 -9.63 18.16 19.80
CA PHE B 313 -9.61 19.59 19.49
C PHE B 313 -9.57 20.42 20.77
N ILE B 314 -10.40 20.05 21.75
CA ILE B 314 -10.41 20.76 23.01
C ILE B 314 -9.03 20.66 23.68
N GLU B 315 -8.39 19.50 23.59
CA GLU B 315 -7.08 19.30 24.21
C GLU B 315 -5.99 20.13 23.52
N VAL B 316 -6.01 20.18 22.19
CA VAL B 316 -5.02 20.97 21.47
C VAL B 316 -5.21 22.46 21.74
N PHE B 317 -6.47 22.91 21.77
CA PHE B 317 -6.71 24.32 22.05
C PHE B 317 -6.33 24.68 23.49
N ASP B 318 -6.65 23.80 24.44
CA ASP B 318 -6.37 24.11 25.83
C ASP B 318 -4.86 24.26 26.06
N ALA B 319 -4.04 23.46 25.36
CA ALA B 319 -2.60 23.60 25.58
C ALA B 319 -2.07 24.94 25.06
N GLU B 320 -2.66 25.49 24.00
CA GLU B 320 -2.24 26.83 23.58
C GLU B 320 -2.80 27.88 24.53
N GLU B 321 -4.02 27.69 25.02
CA GLU B 321 -4.58 28.64 25.97
C GLU B 321 -3.72 28.70 27.23
N LYS B 322 -3.28 27.53 27.71
CA LYS B 322 -2.50 27.49 28.94
C LYS B 322 -1.20 28.28 28.81
N LYS B 323 -0.58 28.30 27.63
CA LYS B 323 0.65 29.07 27.44
C LYS B 323 0.42 30.58 27.43
N LEU B 324 -0.81 31.04 27.19
CA LEU B 324 -1.09 32.48 27.12
C LEU B 324 -1.51 32.95 28.52
N THR B 325 -0.49 33.10 29.36
CA THR B 325 -0.67 33.25 30.80
C THR B 325 -1.23 34.60 31.21
N ASN B 326 -1.03 35.66 30.43
CA ASN B 326 -1.63 36.94 30.79
C ASN B 326 -2.95 37.19 30.06
N ALA B 327 -3.71 36.15 29.75
CA ALA B 327 -5.01 36.31 29.11
C ALA B 327 -6.09 36.44 30.18
N LYS B 328 -7.05 37.33 29.94
CA LYS B 328 -8.14 37.52 30.88
C LYS B 328 -9.50 37.25 30.28
N TRP B 329 -9.62 37.25 28.95
CA TRP B 329 -10.86 37.04 28.24
C TRP B 329 -10.70 35.90 27.24
N LEU B 330 -11.67 35.01 27.21
CA LEU B 330 -11.85 34.09 26.11
C LEU B 330 -12.98 34.65 25.23
N ALA B 331 -12.64 35.06 24.02
CA ALA B 331 -13.65 35.50 23.07
C ALA B 331 -14.24 34.29 22.34
N GLN B 332 -15.53 34.38 22.02
CA GLN B 332 -16.25 33.35 21.29
C GLN B 332 -17.12 34.02 20.25
N GLY B 333 -17.46 33.25 19.20
CA GLY B 333 -18.33 33.75 18.14
C GLY B 333 -19.81 33.48 18.39
N THR B 334 -20.23 33.43 19.66
CA THR B 334 -21.65 33.29 20.00
C THR B 334 -22.53 34.32 19.26
N ILE B 335 -23.63 33.85 18.66
CA ILE B 335 -24.59 34.69 17.92
C ILE B 335 -25.96 34.65 18.61
N TYR B 336 -26.88 35.49 18.09
CA TYR B 336 -28.19 35.67 18.73
C TYR B 336 -29.02 34.40 18.84
N PRO B 337 -29.15 33.54 17.81
CA PRO B 337 -29.88 32.28 18.02
C PRO B 337 -29.38 31.46 19.20
N ASP B 338 -28.07 31.50 19.50
CA ASP B 338 -27.57 30.74 20.64
C ASP B 338 -28.06 31.33 21.96
N VAL B 339 -28.30 32.64 22.00
CA VAL B 339 -28.63 33.31 23.25
C VAL B 339 -30.13 33.32 23.54
N ILE B 340 -30.98 33.17 22.52
CA ILE B 340 -32.43 33.19 22.74
C ILE B 340 -32.91 31.91 23.38
N LYS B 367 -12.54 30.17 34.05
CA LYS B 367 -11.81 31.17 34.84
C LYS B 367 -11.65 32.46 34.03
N LEU B 368 -11.48 32.33 32.71
CA LEU B 368 -11.43 33.48 31.82
C LEU B 368 -12.81 34.09 31.63
N LYS B 369 -12.87 35.42 31.53
CA LYS B 369 -14.14 36.08 31.27
C LYS B 369 -14.54 35.93 29.79
N LEU B 370 -15.85 35.81 29.55
CA LEU B 370 -16.38 35.64 28.20
C LEU B 370 -16.55 36.97 27.49
N LEU B 371 -16.04 37.07 26.27
CA LEU B 371 -16.25 38.23 25.42
C LEU B 371 -17.00 37.75 24.17
N GLU B 372 -18.25 38.17 24.02
CA GLU B 372 -19.13 37.66 22.98
C GLU B 372 -19.71 38.84 22.22
N PRO B 373 -18.93 39.45 21.33
CA PRO B 373 -19.39 40.69 20.69
C PRO B 373 -20.45 40.48 19.62
N LEU B 374 -20.73 39.24 19.21
CA LEU B 374 -21.74 38.95 18.19
C LEU B 374 -23.04 38.41 18.78
N ARG B 375 -23.21 38.49 20.09
CA ARG B 375 -24.36 37.81 20.71
C ARG B 375 -25.70 38.42 20.30
N ASP B 376 -25.71 39.62 19.71
CA ASP B 376 -26.95 40.27 19.35
CA ASP B 376 -26.94 40.30 19.34
C ASP B 376 -27.28 40.20 17.86
N LEU B 377 -26.54 39.41 17.08
CA LEU B 377 -26.66 39.35 15.63
C LEU B 377 -27.17 37.98 15.14
N PHE B 378 -27.96 38.01 14.06
CA PHE B 378 -28.24 36.80 13.30
C PHE B 378 -27.12 36.54 12.30
N LYS B 379 -27.10 35.31 11.79
CA LYS B 379 -26.00 34.87 10.91
C LYS B 379 -25.86 35.76 9.70
N ASP B 380 -26.97 36.19 9.09
CA ASP B 380 -26.86 37.04 7.92
CA ASP B 380 -26.84 37.03 7.92
C ASP B 380 -26.26 38.40 8.27
N GLU B 381 -26.57 38.92 9.46
CA GLU B 381 -25.93 40.17 9.89
C GLU B 381 -24.43 39.97 10.10
N VAL B 382 -24.04 38.80 10.65
CA VAL B 382 -22.63 38.45 10.85
C VAL B 382 -21.88 38.47 9.53
N ARG B 383 -22.48 37.89 8.49
CA ARG B 383 -21.85 37.86 7.18
C ARG B 383 -21.66 39.27 6.62
N GLU B 384 -22.71 40.09 6.69
CA GLU B 384 -22.56 41.46 6.25
C GLU B 384 -21.50 42.19 7.07
N LEU B 385 -21.47 41.94 8.39
CA LEU B 385 -20.45 42.57 9.23
C LEU B 385 -19.05 42.15 8.81
N GLY B 386 -18.84 40.88 8.44
CA GLY B 386 -17.52 40.46 8.01
C GLY B 386 -17.05 41.20 6.76
N VAL B 387 -17.95 41.34 5.79
CA VAL B 387 -17.64 42.15 4.61
C VAL B 387 -17.41 43.60 5.02
N ALA B 388 -18.29 44.15 5.88
CA ALA B 388 -18.13 45.54 6.32
C ALA B 388 -16.74 45.78 6.88
N LEU B 389 -16.22 44.82 7.66
CA LEU B 389 -14.91 44.91 8.30
C LEU B 389 -13.76 44.69 7.35
N GLY B 390 -14.01 44.21 6.13
CA GLY B 390 -12.96 44.02 5.16
C GLY B 390 -12.49 42.59 4.94
N LEU B 391 -13.18 41.61 5.52
CA LEU B 391 -12.83 40.23 5.25
C LEU B 391 -13.24 39.90 3.81
N PRO B 392 -12.49 39.01 3.14
CA PRO B 392 -12.88 38.62 1.77
C PRO B 392 -14.21 37.87 1.77
N ARG B 393 -15.07 38.24 0.81
CA ARG B 393 -16.40 37.65 0.72
C ARG B 393 -16.36 36.13 0.64
N GLU B 394 -15.37 35.57 -0.07
CA GLU B 394 -15.33 34.11 -0.20
C GLU B 394 -15.18 33.45 1.17
N MET B 395 -14.50 34.09 2.12
CA MET B 395 -14.37 33.46 3.43
C MET B 395 -15.57 33.71 4.33
N VAL B 396 -16.41 34.70 4.02
CA VAL B 396 -17.48 35.09 4.91
C VAL B 396 -18.83 34.54 4.46
N TYR B 397 -19.06 34.50 3.15
CA TYR B 397 -20.26 33.91 2.59
C TYR B 397 -19.93 32.48 2.16
N ARG B 398 -19.76 31.65 3.17
CA ARG B 398 -19.36 30.26 3.06
C ARG B 398 -20.40 29.37 3.71
N HIS B 399 -20.57 28.19 3.14
CA HIS B 399 -21.47 27.23 3.75
C HIS B 399 -20.95 26.86 5.13
N PRO B 400 -21.83 26.64 6.10
CA PRO B 400 -21.36 26.18 7.42
C PRO B 400 -20.62 24.85 7.25
N PHE B 401 -19.68 24.63 8.14
CA PHE B 401 -18.81 23.49 8.08
C PHE B 401 -18.84 22.85 9.47
N PRO B 402 -19.03 21.54 9.57
CA PRO B 402 -19.17 20.92 10.90
C PRO B 402 -17.85 20.91 11.67
N GLY B 403 -17.97 20.93 13.00
CA GLY B 403 -16.83 20.80 13.88
C GLY B 403 -15.90 19.67 13.53
N PRO B 404 -16.44 18.46 13.41
CA PRO B 404 -15.60 17.32 13.01
C PRO B 404 -15.19 17.35 11.54
N GLY B 405 -15.59 18.35 10.76
CA GLY B 405 -15.05 18.53 9.42
C GLY B 405 -15.28 17.31 8.53
N LEU B 406 -14.29 17.03 7.68
CA LEU B 406 -14.37 15.88 6.79
C LEU B 406 -14.44 14.56 7.56
N GLY B 407 -14.20 14.58 8.87
CA GLY B 407 -14.33 13.38 9.68
C GLY B 407 -15.72 12.77 9.61
N VAL B 408 -16.76 13.56 9.36
CA VAL B 408 -18.10 13.02 9.20
C VAL B 408 -18.53 12.99 7.74
N ARG B 409 -17.62 13.22 6.81
CA ARG B 409 -17.91 13.09 5.39
C ARG B 409 -17.10 11.99 4.74
N ILE B 410 -16.34 11.24 5.53
CA ILE B 410 -15.60 10.07 5.09
C ILE B 410 -16.19 8.89 5.83
N LEU B 411 -17.00 8.08 5.16
CA LEU B 411 -17.70 7.01 5.86
C LEU B 411 -16.70 5.96 6.35
N GLY B 412 -16.92 5.50 7.58
CA GLY B 412 -16.00 4.52 8.15
C GLY B 412 -14.69 5.17 8.58
N GLU B 413 -13.61 4.44 8.39
CA GLU B 413 -12.31 4.83 8.93
C GLU B 413 -11.74 6.01 8.16
N VAL B 414 -11.31 7.04 8.91
CA VAL B 414 -10.73 8.23 8.32
C VAL B 414 -9.23 8.05 8.15
N LYS B 415 -8.75 8.29 6.94
CA LYS B 415 -7.33 8.20 6.60
C LYS B 415 -7.00 9.40 5.72
N LYS B 416 -5.75 9.86 5.80
CA LYS B 416 -5.35 11.02 5.03
C LYS B 416 -5.55 10.76 3.54
N GLU B 417 -5.29 9.51 3.11
CA GLU B 417 -5.50 9.12 1.73
C GLU B 417 -6.91 9.48 1.25
N TYR B 418 -7.93 9.16 2.06
CA TYR B 418 -9.30 9.47 1.68
C TYR B 418 -9.58 10.95 1.82
N ALA B 419 -9.05 11.57 2.87
CA ALA B 419 -9.25 13.01 3.05
C ALA B 419 -8.69 13.80 1.87
N ASP B 420 -7.55 13.37 1.31
CA ASP B 420 -6.97 14.07 0.17
C ASP B 420 -7.79 13.89 -1.09
N LEU B 421 -8.29 12.67 -1.32
CA LEU B 421 -9.20 12.42 -2.45
C LEU B 421 -10.45 13.27 -2.32
N LEU B 422 -11.06 13.24 -1.14
CA LEU B 422 -12.32 13.96 -0.95
C LEU B 422 -12.12 15.46 -1.13
N ARG B 423 -11.00 16.02 -0.61
CA ARG B 423 -10.76 17.45 -0.75
C ARG B 423 -10.68 17.85 -2.22
N GLN B 424 -10.12 16.99 -3.05
CA GLN B 424 -10.09 17.30 -4.48
C GLN B 424 -11.48 17.23 -5.07
N ALA B 425 -12.23 16.16 -4.78
CA ALA B 425 -13.59 16.04 -5.29
C ALA B 425 -14.49 17.14 -4.76
N ASP B 426 -14.36 17.46 -3.47
CA ASP B 426 -15.17 18.53 -2.91
C ASP B 426 -14.88 19.85 -3.62
N ASP B 427 -13.61 20.12 -3.88
CA ASP B 427 -13.25 21.39 -4.51
C ASP B 427 -13.80 21.51 -5.92
N ILE B 428 -13.78 20.41 -6.69
CA ILE B 428 -14.34 20.39 -8.04
C ILE B 428 -15.84 20.69 -8.02
N PHE B 429 -16.57 20.06 -7.09
CA PHE B 429 -18.00 20.32 -6.93
C PHE B 429 -18.29 21.80 -6.66
N ILE B 430 -17.54 22.39 -5.71
CA ILE B 430 -17.79 23.78 -5.31
C ILE B 430 -17.47 24.74 -6.44
N GLN B 431 -16.35 24.53 -7.14
CA GLN B 431 -16.01 25.35 -8.30
C GLN B 431 -17.20 25.44 -9.25
N GLU B 432 -17.80 24.28 -9.58
CA GLU B 432 -18.89 24.28 -10.55
C GLU B 432 -20.13 24.96 -9.98
N LEU B 433 -20.37 24.78 -8.69
CA LEU B 433 -21.47 25.51 -8.05
C LEU B 433 -21.21 27.02 -8.08
N ARG B 434 -19.95 27.44 -7.89
CA ARG B 434 -19.66 28.88 -7.90
C ARG B 434 -19.73 29.47 -9.30
N ASN B 435 -19.39 28.71 -10.34
CA ASN B 435 -19.26 29.24 -11.68
C ASN B 435 -20.49 29.04 -12.54
N THR B 436 -21.52 28.38 -12.03
CA THR B 436 -22.75 28.15 -12.76
C THR B 436 -23.86 28.96 -12.11
N THR B 437 -24.60 29.71 -12.92
CA THR B 437 -25.62 30.61 -12.41
C THR B 437 -26.99 30.21 -12.96
N ASP B 438 -28.02 30.61 -12.22
CA ASP B 438 -29.39 30.47 -12.66
C ASP B 438 -29.73 31.65 -13.57
N GLU B 439 -31.01 31.82 -13.90
CA GLU B 439 -31.43 32.85 -14.86
C GLU B 439 -31.26 34.27 -14.32
N ASN B 440 -31.19 34.45 -13.01
CA ASN B 440 -31.00 35.78 -12.43
C ASN B 440 -29.54 36.14 -12.24
N GLY B 441 -28.61 35.29 -12.66
CA GLY B 441 -27.20 35.56 -12.42
C GLY B 441 -26.70 35.15 -11.05
N THR B 442 -27.52 34.44 -10.26
CA THR B 442 -27.14 33.94 -8.94
C THR B 442 -26.48 32.57 -9.08
N SER B 443 -25.35 32.39 -8.43
CA SER B 443 -24.65 31.12 -8.50
C SER B 443 -25.38 30.06 -7.68
N TRP B 444 -25.22 28.80 -8.12
CA TRP B 444 -25.79 27.69 -7.36
C TRP B 444 -25.08 27.48 -6.05
N TYR B 445 -23.82 27.91 -5.92
CA TYR B 445 -23.22 27.99 -4.59
C TYR B 445 -24.06 28.88 -3.69
N ASP B 446 -24.44 30.06 -4.19
CA ASP B 446 -25.22 30.99 -3.36
C ASP B 446 -26.65 30.53 -3.19
N LEU B 447 -27.19 29.75 -4.14
CA LEU B 447 -28.57 29.28 -4.05
C LEU B 447 -28.77 28.18 -3.03
N THR B 448 -27.73 27.42 -2.70
CA THR B 448 -27.85 26.32 -1.76
C THR B 448 -27.44 26.76 -0.35
N SER B 449 -27.99 26.09 0.65
CA SER B 449 -27.56 26.33 2.03
C SER B 449 -26.27 25.57 2.37
N GLN B 450 -26.11 24.38 1.83
CA GLN B 450 -24.98 23.54 2.19
C GLN B 450 -24.69 22.62 1.02
N ALA B 451 -23.42 22.49 0.66
CA ALA B 451 -23.03 21.66 -0.46
C ALA B 451 -21.67 21.05 -0.17
N PHE B 452 -21.53 19.76 -0.42
CA PHE B 452 -20.25 19.11 -0.15
C PHE B 452 -20.24 17.73 -0.80
N ALA B 453 -19.04 17.16 -0.91
CA ALA B 453 -18.86 15.80 -1.37
C ALA B 453 -18.67 14.88 -0.15
N VAL B 454 -19.05 13.62 -0.33
CA VAL B 454 -18.92 12.61 0.71
C VAL B 454 -18.16 11.43 0.11
N PHE B 455 -17.19 10.91 0.85
CA PHE B 455 -16.40 9.79 0.37
C PHE B 455 -17.03 8.49 0.85
N LEU B 456 -17.35 7.61 -0.11
CA LEU B 456 -17.90 6.29 0.20
C LEU B 456 -16.82 5.26 -0.02
N PRO B 457 -16.44 4.46 0.99
CA PRO B 457 -15.40 3.45 0.84
C PRO B 457 -15.90 2.15 0.21
N VAL B 458 -16.62 2.25 -0.90
CA VAL B 458 -17.01 1.11 -1.70
C VAL B 458 -16.45 1.31 -3.10
N LYS B 459 -16.12 0.21 -3.76
CA LYS B 459 -15.52 0.27 -5.07
C LYS B 459 -16.51 -0.18 -6.14
N SER B 460 -16.49 0.52 -7.26
CA SER B 460 -17.31 0.21 -8.42
C SER B 460 -16.40 0.02 -9.64
N VAL B 461 -16.91 -0.72 -10.64
CA VAL B 461 -16.15 -1.04 -11.84
C VAL B 461 -16.28 0.11 -12.85
N GLY B 462 -15.29 0.24 -13.72
CA GLY B 462 -15.25 1.29 -14.72
C GLY B 462 -14.40 0.89 -15.92
N VAL B 463 -14.34 1.80 -16.89
CA VAL B 463 -13.57 1.56 -18.11
C VAL B 463 -12.32 2.45 -18.13
N ARG B 468 -10.47 -0.62 -18.09
CA ARG B 468 -10.92 -1.37 -16.92
C ARG B 468 -10.38 -0.77 -15.61
N THR B 469 -11.26 -0.19 -14.80
CA THR B 469 -10.88 0.44 -13.54
C THR B 469 -11.78 -0.04 -12.40
N TYR B 470 -11.30 0.18 -11.17
CA TYR B 470 -11.98 -0.29 -9.95
C TYR B 470 -11.58 0.65 -8.82
N ASP B 471 -12.42 1.66 -8.56
CA ASP B 471 -12.05 2.79 -7.69
C ASP B 471 -13.21 3.13 -6.75
N TYR B 472 -13.01 4.16 -5.93
CA TYR B 472 -13.99 4.52 -4.92
C TYR B 472 -15.09 5.42 -5.50
N VAL B 473 -16.12 5.63 -4.69
CA VAL B 473 -17.33 6.37 -5.07
C VAL B 473 -17.45 7.64 -4.23
N VAL B 474 -17.83 8.75 -4.87
CA VAL B 474 -18.12 10.03 -4.23
C VAL B 474 -19.61 10.32 -4.34
N ALA B 475 -20.19 10.79 -3.24
CA ALA B 475 -21.56 11.29 -3.23
C ALA B 475 -21.55 12.82 -3.10
N LEU B 476 -22.35 13.48 -3.93
CA LEU B 476 -22.54 14.92 -3.82
C LEU B 476 -23.76 15.19 -2.97
N ARG B 477 -23.64 16.14 -2.07
CA ARG B 477 -24.74 16.52 -1.20
C ARG B 477 -24.98 18.01 -1.35
N ALA B 478 -26.23 18.40 -1.65
CA ALA B 478 -26.59 19.81 -1.73
C ALA B 478 -28.01 19.98 -1.21
N VAL B 479 -28.20 20.87 -0.23
CA VAL B 479 -29.51 21.08 0.36
C VAL B 479 -29.81 22.56 0.48
N ILE B 480 -31.11 22.86 0.57
CA ILE B 480 -31.61 24.20 0.81
C ILE B 480 -32.48 24.15 2.06
N THR B 481 -32.08 24.88 3.11
CA THR B 481 -32.79 24.81 4.38
C THR B 481 -33.93 25.83 4.41
N SER B 482 -35.00 25.43 5.10
CA SER B 482 -36.17 26.26 5.25
C SER B 482 -36.07 27.08 6.54
N ASP B 483 -37.14 27.81 6.85
CA ASP B 483 -37.22 28.52 8.12
C ASP B 483 -37.67 27.64 9.27
N PHE B 484 -37.78 26.32 9.06
CA PHE B 484 -38.40 25.41 10.02
C PHE B 484 -37.54 24.17 10.29
N MET B 485 -36.22 24.32 10.18
CA MET B 485 -35.24 23.26 10.49
C MET B 485 -35.46 22.00 9.64
N THR B 486 -36.02 22.15 8.45
CA THR B 486 -36.03 21.10 7.44
C THR B 486 -35.22 21.57 6.23
N ALA B 487 -34.94 20.64 5.32
CA ALA B 487 -34.13 20.96 4.15
C ALA B 487 -34.49 20.01 3.02
N HIS B 488 -34.65 20.56 1.82
CA HIS B 488 -34.84 19.73 0.65
C HIS B 488 -33.56 19.70 -0.17
N TRP B 489 -33.35 18.60 -0.89
CA TRP B 489 -32.16 18.54 -1.71
C TRP B 489 -32.31 19.45 -2.93
N ALA B 490 -31.21 20.05 -3.35
CA ALA B 490 -31.28 21.08 -4.39
C ALA B 490 -31.54 20.46 -5.77
N GLU B 491 -32.47 21.05 -6.49
CA GLU B 491 -32.77 20.61 -7.86
C GLU B 491 -31.74 21.21 -8.81
N LEU B 492 -30.50 20.80 -8.59
CA LEU B 492 -29.38 21.26 -9.41
C LEU B 492 -29.61 20.91 -10.87
N PRO B 493 -29.20 21.77 -11.80
CA PRO B 493 -29.34 21.46 -13.24
C PRO B 493 -28.63 20.16 -13.59
N TYR B 494 -29.26 19.37 -14.47
CA TYR B 494 -28.69 18.09 -14.89
C TYR B 494 -27.30 18.26 -15.49
N SER B 495 -27.11 19.29 -16.32
CA SER B 495 -25.81 19.51 -16.95
C SER B 495 -24.75 19.84 -15.92
N LEU B 496 -25.13 20.48 -14.81
CA LEU B 496 -24.16 20.76 -13.76
CA LEU B 496 -24.14 20.75 -13.77
C LEU B 496 -23.75 19.47 -13.05
N LEU B 497 -24.74 18.63 -12.72
CA LEU B 497 -24.43 17.31 -12.17
C LEU B 497 -23.56 16.51 -13.13
N GLY B 498 -23.86 16.56 -14.43
CA GLY B 498 -23.08 15.78 -15.39
C GLY B 498 -21.65 16.27 -15.52
N ARG B 499 -21.45 17.57 -15.54
CA ARG B 499 -20.11 18.12 -15.65
C ARG B 499 -19.31 17.85 -14.37
N VAL B 500 -19.94 17.94 -13.20
CA VAL B 500 -19.22 17.64 -11.97
C VAL B 500 -18.83 16.16 -11.94
N SER B 501 -19.78 15.29 -12.33
CA SER B 501 -19.50 13.86 -12.40
C SER B 501 -18.32 13.57 -13.33
N ASN B 502 -18.40 14.07 -14.57
CA ASN B 502 -17.30 13.85 -15.51
C ASN B 502 -15.97 14.32 -14.94
N ARG B 503 -15.92 15.54 -14.37
CA ARG B 503 -14.64 16.07 -13.90
C ARG B 503 -14.07 15.25 -12.74
N ILE B 504 -14.90 14.86 -11.78
CA ILE B 504 -14.39 14.13 -10.62
C ILE B 504 -13.82 12.79 -11.04
N ILE B 505 -14.59 12.03 -11.83
CA ILE B 505 -14.12 10.72 -12.26
C ILE B 505 -12.85 10.86 -13.09
N ASN B 506 -12.79 11.88 -13.95
CA ASN B 506 -11.66 12.05 -14.86
C ASN B 506 -10.45 12.65 -14.16
N GLU B 507 -10.64 13.62 -13.25
CA GLU B 507 -9.52 14.34 -12.67
C GLU B 507 -9.02 13.75 -11.36
N VAL B 508 -9.85 13.01 -10.63
CA VAL B 508 -9.49 12.50 -9.32
C VAL B 508 -9.09 11.04 -9.48
N LYS B 509 -7.78 10.80 -9.50
CA LYS B 509 -7.22 9.45 -9.54
C LYS B 509 -7.58 8.75 -8.23
N GLY B 510 -8.45 7.74 -8.33
CA GLY B 510 -8.96 7.01 -7.18
C GLY B 510 -10.48 6.98 -7.09
N ILE B 511 -11.17 7.83 -7.85
CA ILE B 511 -12.64 7.85 -7.94
C ILE B 511 -13.04 7.48 -9.37
N ASN B 512 -14.02 6.57 -9.48
CA ASN B 512 -14.58 6.23 -10.79
C ASN B 512 -16.11 6.24 -10.81
N ARG B 513 -16.77 6.81 -9.80
CA ARG B 513 -18.23 6.89 -9.91
C ARG B 513 -18.73 7.99 -8.97
N VAL B 514 -19.72 8.75 -9.42
CA VAL B 514 -20.27 9.87 -8.69
C VAL B 514 -21.79 9.73 -8.58
N VAL B 515 -22.32 9.89 -7.38
CA VAL B 515 -23.76 9.88 -7.15
C VAL B 515 -24.16 11.20 -6.52
N TYR B 516 -25.46 11.49 -6.59
CA TYR B 516 -26.04 12.69 -6.01
C TYR B 516 -27.05 12.27 -4.95
N ASP B 517 -26.96 12.86 -3.75
CA ASP B 517 -27.87 12.52 -2.66
C ASP B 517 -29.27 13.09 -2.96
N VAL B 518 -30.29 12.24 -3.03
CA VAL B 518 -31.62 12.77 -3.28
C VAL B 518 -32.53 12.53 -2.09
N SER B 519 -31.95 12.56 -0.89
CA SER B 519 -32.67 12.37 0.35
C SER B 519 -32.90 13.72 1.03
N GLY B 520 -34.17 14.05 1.29
CA GLY B 520 -34.51 15.28 1.96
C GLY B 520 -34.52 15.14 3.47
N LYS B 521 -34.62 16.29 4.14
CA LYS B 521 -34.72 16.38 5.59
C LYS B 521 -36.02 17.03 6.00
N PRO B 522 -36.95 16.31 6.67
CA PRO B 522 -36.92 14.87 6.93
C PRO B 522 -37.22 14.07 5.66
N PRO B 523 -36.99 12.74 5.65
CA PRO B 523 -36.67 11.78 6.71
C PRO B 523 -35.18 11.52 6.92
N ALA B 524 -34.32 12.16 6.12
CA ALA B 524 -32.87 12.00 6.25
C ALA B 524 -32.28 13.20 6.98
N THR B 525 -30.99 13.08 7.32
CA THR B 525 -30.21 14.20 7.82
C THR B 525 -29.36 14.77 6.70
N ILE B 526 -28.81 15.97 6.95
CA ILE B 526 -27.98 16.62 5.95
C ILE B 526 -26.62 15.94 5.82
N GLU B 527 -25.90 15.80 6.93
CA GLU B 527 -24.67 15.04 6.92
C GLU B 527 -25.00 13.55 6.90
N TRP B 528 -24.06 12.75 6.37
CA TRP B 528 -24.20 11.30 6.35
C TRP B 528 -23.76 10.63 7.64
N GLU B 529 -22.98 11.31 8.48
CA GLU B 529 -22.52 10.74 9.75
C GLU B 529 -22.63 11.78 10.87
N MET C 9 -5.33 -13.43 50.10
CA MET C 9 -4.98 -12.10 49.58
C MET C 9 -4.00 -12.21 48.42
N THR C 10 -3.05 -13.13 48.56
CA THR C 10 -2.01 -13.34 47.56
C THR C 10 -1.86 -14.84 47.34
N GLN C 11 -1.38 -15.22 46.16
CA GLN C 11 -1.32 -16.64 45.79
C GLN C 11 -0.34 -17.40 46.67
N ASP C 12 -0.74 -18.62 47.08
CA ASP C 12 0.26 -19.59 47.53
C ASP C 12 1.17 -19.93 46.35
N LYS C 13 2.47 -19.94 46.60
CA LYS C 13 3.46 -20.10 45.55
C LYS C 13 4.42 -21.24 45.90
N ILE C 14 4.86 -21.95 44.86
CA ILE C 14 5.90 -22.96 44.96
C ILE C 14 7.13 -22.40 44.26
N LEU C 15 8.28 -22.54 44.89
CA LEU C 15 9.55 -22.12 44.29
C LEU C 15 10.26 -23.34 43.71
N ILE C 16 10.65 -23.25 42.44
CA ILE C 16 11.42 -24.31 41.78
C ILE C 16 12.82 -23.77 41.51
N LEU C 17 13.83 -24.39 42.12
CA LEU C 17 15.21 -24.01 41.89
C LEU C 17 15.80 -24.96 40.84
N ASP C 18 16.38 -24.37 39.80
CA ASP C 18 16.81 -25.11 38.62
C ASP C 18 18.29 -25.47 38.77
N PHE C 19 18.56 -26.77 38.81
CA PHE C 19 19.93 -27.26 38.86
C PHE C 19 20.46 -27.68 37.51
N GLY C 20 19.75 -27.38 36.43
CA GLY C 20 20.30 -27.48 35.08
C GLY C 20 19.76 -28.59 34.19
N SER C 21 18.94 -29.49 34.70
CA SER C 21 18.34 -30.52 33.84
C SER C 21 17.50 -29.87 32.73
N GLN C 22 17.42 -30.55 31.59
CA GLN C 22 16.68 -30.04 30.45
C GLN C 22 15.16 -30.08 30.64
N VAL C 23 14.67 -30.77 31.65
CA VAL C 23 13.24 -30.92 31.85
C VAL C 23 12.76 -30.16 33.08
N THR C 24 13.58 -29.26 33.62
CA THR C 24 13.19 -28.52 34.82
C THR C 24 11.91 -27.73 34.59
N ARG C 25 11.76 -27.16 33.38
CA ARG C 25 10.54 -26.46 33.01
C ARG C 25 9.29 -27.34 33.14
N LEU C 26 9.42 -28.67 32.92
CA LEU C 26 8.26 -29.52 33.03
C LEU C 26 7.72 -29.52 34.45
N ILE C 27 8.61 -29.37 35.45
CA ILE C 27 8.16 -29.27 36.84
C ILE C 27 7.24 -28.07 37.00
N ALA C 28 7.63 -26.94 36.43
CA ALA C 28 6.79 -25.74 36.51
C ALA C 28 5.45 -25.99 35.82
N ARG C 29 5.48 -26.66 34.66
CA ARG C 29 4.22 -26.94 33.98
C ARG C 29 3.29 -27.80 34.83
N ARG C 30 3.83 -28.83 35.49
CA ARG C 30 2.99 -29.70 36.31
C ARG C 30 2.38 -28.94 37.45
N VAL C 31 3.17 -28.11 38.13
CA VAL C 31 2.65 -27.34 39.25
C VAL C 31 1.56 -26.37 38.79
N ARG C 32 1.77 -25.67 37.66
CA ARG C 32 0.72 -24.82 37.12
C ARG C 32 -0.53 -25.62 36.76
N GLU C 33 -0.35 -26.82 36.21
CA GLU C 33 -1.47 -27.69 35.88
C GLU C 33 -2.22 -28.18 37.11
N ALA C 34 -1.58 -28.16 38.27
CA ALA C 34 -2.29 -28.34 39.53
C ALA C 34 -2.94 -27.05 40.03
N HIS C 35 -2.87 -25.97 39.24
CA HIS C 35 -3.53 -24.69 39.51
C HIS C 35 -2.92 -23.99 40.72
N VAL C 36 -1.62 -24.16 40.89
CA VAL C 36 -0.85 -23.49 41.92
C VAL C 36 0.20 -22.65 41.21
N TYR C 37 0.34 -21.39 41.60
CA TYR C 37 1.34 -20.53 40.98
C TYR C 37 2.75 -20.98 41.38
N CYS C 38 3.69 -20.78 40.45
CA CYS C 38 5.07 -21.16 40.74
C CYS C 38 6.02 -20.43 39.82
N GLU C 39 7.28 -20.36 40.24
CA GLU C 39 8.30 -19.74 39.42
C GLU C 39 9.56 -20.58 39.39
N LEU C 40 10.24 -20.50 38.26
CA LEU C 40 11.50 -21.17 38.01
C LEU C 40 12.63 -20.18 38.26
N HIS C 41 13.53 -20.51 39.19
CA HIS C 41 14.70 -19.65 39.42
C HIS C 41 15.95 -20.53 39.47
N SER C 42 17.07 -19.92 39.12
CA SER C 42 18.32 -20.66 39.15
C SER C 42 18.69 -21.02 40.58
N PHE C 43 19.44 -22.11 40.72
CA PHE C 43 19.81 -22.66 42.03
C PHE C 43 20.49 -21.64 42.95
N ASP C 44 21.13 -20.61 42.40
CA ASP C 44 21.88 -19.66 43.22
C ASP C 44 21.06 -18.43 43.61
N MET C 45 19.74 -18.50 43.49
CA MET C 45 18.86 -17.47 43.99
C MET C 45 19.22 -17.11 45.44
N PRO C 46 19.52 -15.84 45.74
CA PRO C 46 19.96 -15.50 47.11
C PRO C 46 18.89 -15.80 48.15
N LEU C 47 19.34 -16.23 49.33
CA LEU C 47 18.43 -16.71 50.37
C LEU C 47 17.40 -15.65 50.76
N ASP C 48 17.79 -14.38 50.77
CA ASP C 48 16.85 -13.33 51.13
C ASP C 48 15.75 -13.16 50.08
N GLU C 49 16.05 -13.38 48.80
CA GLU C 49 14.96 -13.33 47.81
C GLU C 49 14.06 -14.55 47.95
N ILE C 50 14.62 -15.70 48.31
CA ILE C 50 13.80 -16.88 48.55
C ILE C 50 12.82 -16.62 49.68
N LYS C 51 13.31 -16.03 50.79
CA LYS C 51 12.41 -15.72 51.90
C LYS C 51 11.34 -14.72 51.49
N ALA C 52 11.73 -13.69 50.72
CA ALA C 52 10.75 -12.69 50.29
C ALA C 52 9.70 -13.29 49.36
N PHE C 53 10.10 -14.25 48.52
CA PHE C 53 9.15 -14.99 47.70
C PHE C 53 8.15 -15.74 48.56
N ASN C 54 8.57 -16.18 49.75
CA ASN C 54 7.73 -16.80 50.76
C ASN C 54 6.99 -18.03 50.21
N PRO C 55 7.70 -19.01 49.66
CA PRO C 55 7.01 -20.15 49.05
C PRO C 55 6.38 -21.05 50.10
N LYS C 56 5.32 -21.75 49.70
CA LYS C 56 4.81 -22.82 50.54
C LYS C 56 5.64 -24.09 50.43
N GLY C 57 6.48 -24.21 49.40
CA GLY C 57 7.36 -25.35 49.27
C GLY C 57 8.40 -25.04 48.22
N ILE C 58 9.49 -25.79 48.27
CA ILE C 58 10.59 -25.64 47.32
C ILE C 58 10.78 -26.99 46.64
N ILE C 59 10.96 -26.96 45.32
CA ILE C 59 11.32 -28.13 44.56
C ILE C 59 12.71 -27.89 43.98
N LEU C 60 13.63 -28.82 44.25
CA LEU C 60 14.98 -28.80 43.70
C LEU C 60 15.01 -29.73 42.50
N SER C 61 15.28 -29.18 41.32
CA SER C 61 15.20 -29.93 40.09
C SER C 61 16.40 -30.86 39.98
N GLY C 62 16.40 -31.69 38.93
CA GLY C 62 17.58 -32.43 38.57
C GLY C 62 18.61 -31.57 37.85
N GLY C 63 19.69 -32.22 37.43
CA GLY C 63 20.75 -31.53 36.73
C GLY C 63 21.87 -32.47 36.34
N PRO C 64 22.73 -32.02 35.43
CA PRO C 64 23.74 -32.92 34.86
C PRO C 64 24.99 -33.07 35.69
N ASN C 65 25.19 -32.24 36.72
CA ASN C 65 26.43 -32.23 37.46
C ASN C 65 26.40 -33.20 38.64
N SER C 66 27.52 -33.27 39.35
CA SER C 66 27.68 -34.14 40.50
C SER C 66 27.90 -33.25 41.71
N VAL C 67 27.12 -33.46 42.77
CA VAL C 67 27.08 -32.52 43.87
C VAL C 67 28.41 -32.49 44.60
N TYR C 68 29.19 -33.58 44.52
CA TYR C 68 30.48 -33.67 45.21
C TYR C 68 31.61 -32.94 44.50
N GLU C 69 31.47 -32.57 43.22
CA GLU C 69 32.54 -31.90 42.49
C GLU C 69 32.05 -30.69 41.69
N SER C 70 30.93 -30.08 42.09
CA SER C 70 30.34 -29.00 41.32
C SER C 70 30.16 -27.76 42.19
N ASP C 71 30.20 -26.59 41.52
CA ASP C 71 29.80 -25.32 42.12
C ASP C 71 28.29 -25.09 42.10
N TYR C 72 27.52 -26.04 41.58
CA TYR C 72 26.05 -25.98 41.54
C TYR C 72 25.52 -26.25 42.92
N GLN C 73 25.52 -25.22 43.77
CA GLN C 73 25.09 -25.34 45.16
C GLN C 73 24.06 -24.26 45.49
N ALA C 74 22.86 -24.67 45.88
CA ALA C 74 21.96 -23.69 46.46
C ALA C 74 22.37 -23.35 47.89
N ASP C 75 21.88 -22.21 48.37
CA ASP C 75 22.13 -21.81 49.76
C ASP C 75 21.48 -22.82 50.71
N THR C 76 22.29 -23.46 51.55
CA THR C 76 21.79 -24.54 52.40
C THR C 76 20.81 -24.04 53.46
N GLY C 77 20.63 -22.72 53.59
CA GLY C 77 19.62 -22.15 54.46
C GLY C 77 18.19 -22.49 54.07
N ILE C 78 17.95 -22.98 52.86
CA ILE C 78 16.60 -23.40 52.47
C ILE C 78 16.09 -24.52 53.38
N PHE C 79 16.98 -25.30 53.98
CA PHE C 79 16.56 -26.39 54.87
C PHE C 79 16.22 -25.93 56.27
N ASP C 80 16.39 -24.64 56.56
CA ASP C 80 16.06 -24.03 57.83
C ASP C 80 14.83 -23.12 57.76
N LEU C 81 14.12 -23.13 56.62
CA LEU C 81 12.97 -22.25 56.42
C LEU C 81 11.67 -22.75 57.06
N GLY C 82 11.61 -24.03 57.46
CA GLY C 82 10.39 -24.57 58.03
C GLY C 82 9.31 -24.91 57.04
N ILE C 83 9.65 -25.02 55.76
CA ILE C 83 8.70 -25.42 54.74
C ILE C 83 9.19 -26.71 54.09
N PRO C 84 8.28 -27.49 53.50
CA PRO C 84 8.69 -28.73 52.82
C PRO C 84 9.58 -28.43 51.62
N VAL C 85 10.48 -29.37 51.34
CA VAL C 85 11.41 -29.34 50.21
C VAL C 85 11.37 -30.69 49.51
N LEU C 86 11.24 -30.69 48.18
CA LEU C 86 11.29 -31.89 47.36
C LEU C 86 12.50 -31.78 46.45
N GLY C 87 13.38 -32.78 46.50
CA GLY C 87 14.55 -32.83 45.65
C GLY C 87 14.42 -33.94 44.63
N ILE C 88 14.69 -33.60 43.38
CA ILE C 88 14.57 -34.51 42.24
C ILE C 88 15.95 -34.78 41.70
N CYS C 89 16.36 -36.05 41.72
CA CYS C 89 17.66 -36.51 41.22
C CYS C 89 18.80 -35.72 41.84
N TYR C 90 19.47 -34.85 41.06
CA TYR C 90 20.50 -33.99 41.64
C TYR C 90 20.01 -33.29 42.90
N GLY C 91 18.76 -32.82 42.89
CA GLY C 91 18.21 -32.20 44.08
C GLY C 91 18.21 -33.14 45.27
N MET C 92 17.92 -34.42 45.02
CA MET C 92 17.96 -35.41 46.10
C MET C 92 19.39 -35.62 46.58
N GLN C 93 20.33 -35.69 45.64
CA GLN C 93 21.72 -35.87 45.99
C GLN C 93 22.23 -34.65 46.77
N PHE C 94 21.85 -33.47 46.35
CA PHE C 94 22.22 -32.26 47.06
C PHE C 94 21.70 -32.31 48.49
N MET C 95 20.44 -32.70 48.64
CA MET C 95 19.83 -32.84 49.95
C MET C 95 20.62 -33.82 50.83
N ALA C 96 21.00 -34.97 50.27
CA ALA C 96 21.75 -35.94 51.07
C ALA C 96 23.15 -35.44 51.38
N HIS C 97 23.77 -34.76 50.41
CA HIS C 97 25.14 -34.31 50.57
C HIS C 97 25.27 -33.31 51.70
N HIS C 98 24.28 -32.42 51.87
CA HIS C 98 24.40 -31.36 52.85
C HIS C 98 23.71 -31.65 54.18
N LEU C 99 22.96 -32.74 54.31
CA LEU C 99 22.28 -33.03 55.57
C LEU C 99 22.82 -34.29 56.25
N GLY C 100 24.10 -34.60 56.01
CA GLY C 100 24.78 -35.67 56.72
C GLY C 100 24.74 -37.02 56.06
N GLY C 101 24.29 -37.11 54.81
CA GLY C 101 24.25 -38.34 54.06
C GLY C 101 25.45 -38.50 53.16
N GLU C 102 25.32 -39.40 52.18
CA GLU C 102 26.43 -39.70 51.30
C GLU C 102 25.93 -39.97 49.89
N VAL C 103 26.69 -39.53 48.90
CA VAL C 103 26.38 -39.72 47.49
C VAL C 103 27.48 -40.54 46.87
N GLN C 104 27.08 -41.59 46.12
CA GLN C 104 27.94 -42.52 45.38
C GLN C 104 27.99 -42.12 43.92
N PRO C 105 29.18 -41.90 43.38
CA PRO C 105 29.30 -41.39 42.01
C PRO C 105 28.85 -42.40 40.95
N GLY C 106 28.24 -41.86 39.89
CA GLY C 106 27.81 -42.60 38.72
C GLY C 106 27.75 -41.74 37.48
N ASN C 107 27.07 -42.21 36.43
CA ASN C 107 26.97 -41.49 35.15
C ASN C 107 25.67 -40.70 35.11
N GLN C 108 25.76 -39.39 35.39
CA GLN C 108 24.58 -38.53 35.46
C GLN C 108 23.85 -38.35 34.12
N ARG C 109 24.38 -38.87 33.02
CA ARG C 109 23.70 -38.85 31.73
C ARG C 109 22.81 -40.08 31.51
N GLU C 110 22.85 -41.07 32.41
CA GLU C 110 22.18 -42.36 32.24
C GLU C 110 20.76 -42.36 32.82
N PHE C 111 19.78 -42.73 31.99
CA PHE C 111 18.38 -42.81 32.41
C PHE C 111 17.69 -44.00 31.76
N GLY C 112 16.58 -44.41 32.36
CA GLY C 112 15.79 -45.51 31.83
C GLY C 112 14.62 -45.83 32.73
N TYR C 113 13.80 -46.78 32.27
CA TYR C 113 12.63 -47.23 33.03
C TYR C 113 13.07 -48.11 34.19
N ALA C 114 12.37 -47.99 35.32
CA ALA C 114 12.56 -48.87 36.45
C ALA C 114 11.27 -48.93 37.27
N GLN C 115 11.13 -50.03 38.02
CA GLN C 115 10.00 -50.21 38.93
C GLN C 115 10.47 -50.00 40.37
N VAL C 116 9.88 -49.02 41.05
CA VAL C 116 10.22 -48.67 42.42
C VAL C 116 9.16 -49.29 43.34
N LYS C 117 9.62 -49.95 44.41
CA LYS C 117 8.73 -50.38 45.48
C LYS C 117 8.77 -49.36 46.62
N THR C 118 7.61 -49.02 47.17
CA THR C 118 7.55 -48.01 48.19
C THR C 118 7.00 -48.59 49.48
N ILE C 119 7.20 -47.88 50.58
CA ILE C 119 6.43 -48.12 51.79
C ILE C 119 5.55 -46.90 52.03
N ASP C 120 4.66 -47.01 53.02
CA ASP C 120 3.73 -45.94 53.29
C ASP C 120 4.44 -44.71 53.87
N SER C 121 4.14 -43.56 53.28
CA SER C 121 4.61 -42.28 53.78
C SER C 121 3.62 -41.23 53.29
N GLY C 122 3.81 -39.98 53.73
CA GLY C 122 2.91 -38.93 53.29
C GLY C 122 2.95 -38.73 51.78
N LEU C 123 4.13 -38.94 51.18
CA LEU C 123 4.32 -38.79 49.75
C LEU C 123 3.87 -40.02 48.96
N THR C 124 3.96 -41.23 49.50
CA THR C 124 3.70 -42.44 48.71
C THR C 124 2.31 -43.03 48.94
N ARG C 125 1.61 -42.65 50.02
CA ARG C 125 0.35 -43.29 50.37
C ARG C 125 -0.70 -43.13 49.28
N GLY C 126 -1.30 -44.25 48.88
CA GLY C 126 -2.40 -44.25 47.92
C GLY C 126 -2.00 -43.98 46.49
N ILE C 127 -0.71 -43.95 46.18
CA ILE C 127 -0.22 -43.71 44.83
C ILE C 127 0.45 -45.00 44.36
N GLN C 128 -0.01 -45.53 43.23
CA GLN C 128 0.41 -46.85 42.79
C GLN C 128 0.15 -46.98 41.30
N ASP C 129 0.86 -47.91 40.66
CA ASP C 129 0.53 -48.27 39.29
C ASP C 129 -0.31 -49.55 39.31
N ASP C 130 0.25 -50.69 38.87
CA ASP C 130 -0.58 -51.89 38.68
C ASP C 130 -0.78 -52.71 39.96
N ALA C 131 0.00 -52.46 40.99
CA ALA C 131 -0.10 -53.12 42.30
C ALA C 131 0.17 -52.08 43.37
N PRO C 132 -0.35 -52.30 44.59
CA PRO C 132 -0.08 -51.37 45.67
C PRO C 132 1.42 -51.15 45.89
N ASN C 133 1.78 -49.92 46.26
CA ASN C 133 3.14 -49.57 46.65
C ASN C 133 4.15 -49.94 45.57
N THR C 134 3.76 -49.73 44.31
CA THR C 134 4.61 -49.99 43.16
C THR C 134 4.49 -48.79 42.21
N LEU C 135 5.63 -48.25 41.78
CA LEU C 135 5.65 -47.14 40.83
C LEU C 135 6.53 -47.49 39.62
N ASP C 136 6.02 -47.21 38.42
CA ASP C 136 6.81 -47.30 37.19
C ASP C 136 7.35 -45.93 36.83
N VAL C 137 8.69 -45.77 36.84
CA VAL C 137 9.27 -44.44 36.81
C VAL C 137 10.30 -44.32 35.69
N TRP C 138 10.61 -43.08 35.34
CA TRP C 138 11.75 -42.72 34.49
C TRP C 138 12.89 -42.38 35.42
N MET C 139 13.82 -43.33 35.57
CA MET C 139 14.79 -43.37 36.66
C MET C 139 16.14 -42.81 36.21
N SER C 140 16.79 -42.05 37.11
CA SER C 140 18.19 -41.67 36.90
C SER C 140 19.10 -42.79 37.41
N HIS C 141 19.97 -43.31 36.53
CA HIS C 141 20.93 -44.35 36.87
C HIS C 141 22.33 -43.80 37.12
N GLY C 142 22.45 -42.57 37.60
CA GLY C 142 23.76 -41.97 37.77
C GLY C 142 24.26 -41.96 39.20
N ASP C 143 24.64 -40.77 39.67
CA ASP C 143 24.90 -40.58 41.08
C ASP C 143 23.66 -40.97 41.86
N LYS C 144 23.86 -41.62 43.00
CA LYS C 144 22.74 -42.02 43.84
C LYS C 144 23.11 -41.88 45.31
N VAL C 145 22.09 -41.70 46.14
CA VAL C 145 22.28 -41.62 47.57
C VAL C 145 22.65 -42.99 48.12
N SER C 146 23.80 -43.07 48.78
CA SER C 146 24.32 -44.32 49.33
C SER C 146 24.18 -44.43 50.85
N LYS C 147 23.97 -43.31 51.54
CA LYS C 147 23.82 -43.28 52.99
C LYS C 147 22.77 -42.24 53.35
N LEU C 148 21.77 -42.64 54.14
CA LEU C 148 20.69 -41.74 54.52
C LEU C 148 21.23 -40.56 55.31
N PRO C 149 20.76 -39.34 55.04
CA PRO C 149 21.09 -38.22 55.92
C PRO C 149 20.28 -38.32 57.20
N ASP C 150 20.65 -37.47 58.15
CA ASP C 150 20.12 -37.53 59.50
C ASP C 150 18.62 -37.29 59.51
N GLY C 151 17.90 -38.13 60.24
CA GLY C 151 16.46 -38.02 60.35
C GLY C 151 15.68 -38.51 59.15
N PHE C 152 16.34 -39.05 58.12
CA PHE C 152 15.67 -39.51 56.92
C PHE C 152 15.40 -41.01 57.01
N ALA C 153 14.42 -41.46 56.22
CA ALA C 153 14.08 -42.87 56.04
C ALA C 153 13.97 -43.21 54.56
N VAL C 154 14.25 -44.47 54.23
CA VAL C 154 13.95 -44.99 52.89
C VAL C 154 12.45 -45.18 52.76
N ILE C 155 11.86 -44.61 51.71
CA ILE C 155 10.46 -44.87 51.39
C ILE C 155 10.26 -45.48 50.02
N GLY C 156 11.32 -45.60 49.20
CA GLY C 156 11.23 -46.23 47.90
C GLY C 156 12.57 -46.80 47.49
N ASP C 157 12.57 -47.94 46.80
CA ASP C 157 13.78 -48.64 46.41
C ASP C 157 13.53 -49.43 45.14
N THR C 158 14.62 -49.73 44.43
CA THR C 158 14.68 -50.69 43.34
C THR C 158 15.88 -51.58 43.63
N PRO C 159 15.98 -52.76 43.00
CA PRO C 159 17.17 -53.59 43.21
C PRO C 159 18.48 -52.86 42.90
N SER C 160 18.51 -52.01 41.89
CA SER C 160 19.78 -51.35 41.58
C SER C 160 20.00 -50.05 42.33
N CYS C 161 18.98 -49.51 43.00
CA CYS C 161 19.08 -48.22 43.70
C CYS C 161 18.39 -48.33 45.06
N PRO C 162 19.11 -48.77 46.08
CA PRO C 162 18.46 -49.01 47.40
C PRO C 162 17.81 -47.76 48.00
N ILE C 163 18.31 -46.57 47.70
CA ILE C 163 17.64 -45.40 48.25
C ILE C 163 17.13 -44.57 47.08
N ALA C 164 16.01 -45.02 46.51
CA ALA C 164 15.40 -44.36 45.37
C ALA C 164 14.45 -43.24 45.77
N MET C 165 13.93 -43.31 46.99
CA MET C 165 13.08 -42.26 47.54
C MET C 165 13.35 -42.20 49.04
N MET C 166 13.39 -40.98 49.58
CA MET C 166 13.68 -40.82 51.00
C MET C 166 12.83 -39.68 51.59
N GLU C 167 12.57 -39.77 52.88
CA GLU C 167 11.75 -38.79 53.56
C GLU C 167 12.37 -38.46 54.90
N ASN C 168 12.36 -37.17 55.25
CA ASN C 168 12.56 -36.72 56.63
C ASN C 168 11.19 -36.27 57.13
N THR C 169 10.53 -37.11 57.94
CA THR C 169 9.17 -36.81 58.34
C THR C 169 9.09 -35.55 59.21
N GLU C 170 10.07 -35.34 60.10
CA GLU C 170 10.01 -34.18 60.99
C GLU C 170 10.03 -32.87 60.20
N LYS C 171 10.92 -32.76 59.23
CA LYS C 171 11.13 -31.55 58.44
C LYS C 171 10.32 -31.56 57.15
N GLN C 172 9.63 -32.66 56.83
CA GLN C 172 8.92 -32.83 55.55
C GLN C 172 9.85 -32.61 54.35
N PHE C 173 11.04 -33.21 54.42
CA PHE C 173 11.96 -33.23 53.29
C PHE C 173 11.78 -34.52 52.50
N TYR C 174 11.70 -34.40 51.18
CA TYR C 174 11.55 -35.58 50.34
C TYR C 174 12.57 -35.53 49.21
N GLY C 175 13.12 -36.69 48.89
CA GLY C 175 14.02 -36.84 47.77
C GLY C 175 13.64 -38.06 46.96
N ILE C 176 13.63 -37.90 45.64
CA ILE C 176 13.35 -38.99 44.73
C ILE C 176 14.41 -38.98 43.61
N GLN C 177 14.81 -40.17 43.20
CA GLN C 177 15.86 -40.44 42.23
C GLN C 177 15.30 -40.57 40.80
N PHE C 178 14.02 -40.29 40.59
CA PHE C 178 13.46 -40.34 39.25
C PHE C 178 12.76 -39.02 38.96
N HIS C 179 12.42 -38.81 37.70
CA HIS C 179 11.79 -37.57 37.28
C HIS C 179 10.26 -37.72 37.28
N PRO C 180 9.55 -37.15 38.26
CA PRO C 180 8.09 -37.20 38.23
C PRO C 180 7.48 -36.26 37.22
N GLU C 181 8.25 -35.31 36.67
CA GLU C 181 7.71 -34.30 35.77
C GLU C 181 7.59 -34.79 34.33
N VAL C 182 8.18 -35.95 33.99
CA VAL C 182 8.00 -36.54 32.68
C VAL C 182 6.89 -37.59 32.77
N THR C 183 6.02 -37.60 31.76
CA THR C 183 4.88 -38.51 31.75
C THR C 183 5.30 -39.96 31.64
N HIS C 184 6.55 -40.24 31.32
CA HIS C 184 7.04 -41.62 31.36
C HIS C 184 6.96 -42.20 32.77
N THR C 185 6.94 -41.35 33.79
CA THR C 185 6.59 -41.75 35.16
C THR C 185 5.08 -41.61 35.31
N LYS C 186 4.35 -42.73 35.22
CA LYS C 186 2.89 -42.67 35.11
C LYS C 186 2.26 -41.91 36.28
N GLN C 187 2.74 -42.14 37.49
CA GLN C 187 2.24 -41.46 38.67
C GLN C 187 3.00 -40.19 39.00
N GLY C 188 3.81 -39.68 38.06
CA GLY C 188 4.63 -38.52 38.37
C GLY C 188 3.81 -37.29 38.72
N ARG C 189 2.76 -37.05 37.96
CA ARG C 189 1.87 -35.94 38.26
C ARG C 189 1.24 -36.12 39.64
N ALA C 190 0.78 -37.34 39.95
CA ALA C 190 0.19 -37.59 41.25
C ALA C 190 1.17 -37.32 42.38
N LEU C 191 2.46 -37.63 42.18
CA LEU C 191 3.46 -37.37 43.22
C LEU C 191 3.69 -35.86 43.39
N LEU C 192 3.83 -35.13 42.28
CA LEU C 192 4.01 -33.70 42.37
C LEU C 192 2.79 -33.02 43.00
N ASN C 193 1.59 -33.45 42.61
CA ASN C 193 0.39 -32.91 43.22
C ASN C 193 0.34 -33.20 44.71
N ARG C 194 0.67 -34.43 45.10
CA ARG C 194 0.65 -34.76 46.52
C ARG C 194 1.59 -33.85 47.29
N PHE C 195 2.77 -33.57 46.72
CA PHE C 195 3.71 -32.69 47.41
C PHE C 195 3.18 -31.25 47.49
N VAL C 196 2.68 -30.71 46.37
CA VAL C 196 2.32 -29.30 46.29
C VAL C 196 0.99 -29.02 47.00
N LEU C 197 -0.03 -29.84 46.74
CA LEU C 197 -1.38 -29.59 47.28
C LEU C 197 -1.55 -30.09 48.72
N ASP C 198 -0.93 -31.20 49.09
CA ASP C 198 -1.25 -31.82 50.36
C ASP C 198 -0.15 -31.63 51.39
N ILE C 199 1.10 -31.92 51.02
CA ILE C 199 2.22 -31.76 51.92
C ILE C 199 2.55 -30.27 52.12
N CYS C 200 2.62 -29.52 51.03
CA CYS C 200 2.80 -28.07 51.18
C CYS C 200 1.49 -27.35 51.52
N GLY C 201 0.34 -27.95 51.24
CA GLY C 201 -0.95 -27.30 51.48
C GLY C 201 -1.20 -26.04 50.65
N ALA C 202 -0.61 -25.94 49.46
CA ALA C 202 -0.85 -24.76 48.62
C ALA C 202 -2.27 -24.77 48.10
N GLN C 203 -2.97 -23.65 48.24
CA GLN C 203 -4.34 -23.57 47.77
C GLN C 203 -4.34 -23.49 46.24
N PRO C 204 -5.05 -24.34 45.55
CA PRO C 204 -4.99 -24.30 44.08
C PRO C 204 -5.82 -23.13 43.54
N GLY C 205 -5.38 -21.91 43.83
CA GLY C 205 -6.10 -20.73 43.42
C GLY C 205 -5.66 -20.11 42.10
N TRP C 206 -4.66 -20.68 41.44
CA TRP C 206 -4.12 -20.09 40.22
C TRP C 206 -4.99 -20.51 39.03
N THR C 207 -5.97 -19.65 38.70
CA THR C 207 -6.86 -19.81 37.55
C THR C 207 -6.89 -18.52 36.76
N MET C 208 -7.24 -18.66 35.49
CA MET C 208 -7.25 -17.49 34.62
C MET C 208 -8.39 -16.52 34.90
N PRO C 209 -9.59 -16.98 35.28
CA PRO C 209 -10.56 -16.01 35.80
C PRO C 209 -10.05 -15.23 37.01
N ASN C 210 -9.28 -15.89 37.91
CA ASN C 210 -8.66 -15.22 39.05
C ASN C 210 -7.53 -14.28 38.67
N TYR C 211 -6.97 -14.42 37.47
CA TYR C 211 -5.79 -13.68 37.09
C TYR C 211 -6.12 -12.32 36.46
N ILE C 212 -7.30 -12.22 35.83
CA ILE C 212 -7.65 -11.07 35.00
C ILE C 212 -7.57 -9.76 35.79
N GLU C 213 -8.18 -9.70 36.98
CA GLU C 213 -8.26 -8.42 37.67
C GLU C 213 -6.88 -7.91 38.10
N GLU C 214 -6.02 -8.80 38.60
CA GLU C 214 -4.66 -8.38 38.97
C GLU C 214 -3.87 -7.95 37.73
N ALA C 215 -3.98 -8.72 36.65
CA ALA C 215 -3.24 -8.41 35.43
C ALA C 215 -3.73 -7.11 34.82
N VAL C 216 -5.06 -6.90 34.82
CA VAL C 216 -5.61 -5.63 34.37
C VAL C 216 -5.08 -4.49 35.23
N ALA C 217 -5.07 -4.68 36.55
CA ALA C 217 -4.60 -3.64 37.45
C ALA C 217 -3.12 -3.35 37.22
N LYS C 218 -2.33 -4.39 36.95
CA LYS C 218 -0.92 -4.15 36.70
C LYS C 218 -0.72 -3.31 35.43
N ILE C 219 -1.50 -3.59 34.39
CA ILE C 219 -1.36 -2.85 33.15
C ILE C 219 -1.73 -1.39 33.36
N ARG C 220 -2.84 -1.14 34.06
CA ARG C 220 -3.29 0.22 34.30
C ARG C 220 -2.28 1.03 35.09
N GLU C 221 -1.72 0.46 36.15
CA GLU C 221 -0.73 1.19 36.92
C GLU C 221 0.53 1.44 36.11
N GLN C 222 0.86 0.51 35.20
CA GLN C 222 2.06 0.63 34.38
C GLN C 222 1.91 1.68 33.29
N VAL C 223 0.71 1.78 32.69
CA VAL C 223 0.48 2.55 31.47
C VAL C 223 -0.19 3.87 31.80
N GLY C 224 -1.05 3.89 32.82
CA GLY C 224 -1.77 5.11 33.14
C GLY C 224 -2.66 5.54 31.98
N SER C 225 -2.44 6.76 31.48
CA SER C 225 -3.16 7.29 30.34
C SER C 225 -2.34 7.22 29.05
N ASP C 226 -1.15 6.62 29.10
CA ASP C 226 -0.29 6.46 27.94
C ASP C 226 -0.95 5.58 26.87
N GLU C 227 -0.44 5.70 25.65
CA GLU C 227 -0.95 4.95 24.52
C GLU C 227 -0.04 3.76 24.20
N VAL C 228 -0.65 2.70 23.72
CA VAL C 228 0.02 1.43 23.47
C VAL C 228 -0.29 0.96 22.05
N ILE C 229 0.72 0.48 21.35
CA ILE C 229 0.52 -0.18 20.06
C ILE C 229 0.91 -1.65 20.17
N LEU C 230 0.22 -2.48 19.39
CA LEU C 230 0.43 -3.92 19.42
C LEU C 230 0.29 -4.49 18.03
N GLY C 231 1.24 -5.34 17.63
CA GLY C 231 1.11 -6.08 16.39
C GLY C 231 0.27 -7.34 16.55
N LEU C 232 -0.78 -7.46 15.76
CA LEU C 232 -1.62 -8.66 15.69
C LEU C 232 -1.13 -9.50 14.52
N SER C 233 -0.49 -10.63 14.80
CA SER C 233 -0.10 -11.56 13.75
C SER C 233 -1.24 -12.48 13.31
N GLY C 234 -2.26 -12.64 14.16
CA GLY C 234 -3.21 -13.73 14.05
C GLY C 234 -2.96 -14.85 15.05
N GLY C 235 -1.74 -14.93 15.61
CA GLY C 235 -1.45 -15.95 16.61
C GLY C 235 -2.11 -15.66 17.95
N VAL C 236 -2.19 -16.72 18.78
CA VAL C 236 -3.01 -16.62 19.97
C VAL C 236 -2.40 -15.63 20.97
N ASP C 237 -1.08 -15.63 21.14
CA ASP C 237 -0.46 -14.82 22.19
C ASP C 237 -0.76 -13.34 21.98
N SER C 238 -0.53 -12.83 20.78
CA SER C 238 -0.77 -11.43 20.56
C SER C 238 -2.26 -11.12 20.63
N SER C 239 -3.10 -12.06 20.19
CA SER C 239 -4.55 -11.88 20.32
C SER C 239 -4.99 -11.79 21.78
N VAL C 240 -4.47 -12.67 22.63
CA VAL C 240 -4.82 -12.62 24.04
C VAL C 240 -4.26 -11.36 24.70
N ALA C 241 -3.02 -11.00 24.36
CA ALA C 241 -2.45 -9.75 24.83
C ALA C 241 -3.35 -8.57 24.46
N ALA C 242 -3.86 -8.52 23.24
CA ALA C 242 -4.74 -7.43 22.83
C ALA C 242 -6.02 -7.42 23.66
N ALA C 243 -6.67 -8.58 23.79
CA ALA C 243 -7.92 -8.62 24.54
C ALA C 243 -7.71 -8.18 25.98
N LEU C 244 -6.60 -8.61 26.59
CA LEU C 244 -6.34 -8.26 27.99
C LEU C 244 -6.03 -6.76 28.12
N ILE C 245 -5.17 -6.24 27.25
CA ILE C 245 -4.80 -4.84 27.35
C ILE C 245 -6.00 -3.95 27.03
N HIS C 246 -6.81 -4.33 26.05
CA HIS C 246 -8.01 -3.55 25.73
C HIS C 246 -8.97 -3.53 26.90
N ARG C 247 -9.12 -4.67 27.59
CA ARG C 247 -9.95 -4.70 28.79
C ARG C 247 -9.39 -3.75 29.84
N ALA C 248 -8.07 -3.59 29.88
CA ALA C 248 -7.45 -2.75 30.90
C ALA C 248 -7.50 -1.28 30.53
N ILE C 249 -7.21 -0.90 29.28
CA ILE C 249 -7.00 0.50 28.94
C ILE C 249 -7.81 0.96 27.73
N GLY C 250 -8.65 0.12 27.17
CA GLY C 250 -9.57 0.52 26.10
C GLY C 250 -8.91 1.19 24.91
N ASP C 251 -9.50 2.29 24.45
CA ASP C 251 -9.02 2.99 23.26
C ASP C 251 -7.65 3.64 23.45
N GLN C 252 -7.00 3.46 24.60
CA GLN C 252 -5.58 3.80 24.67
C GLN C 252 -4.70 2.84 23.86
N LEU C 253 -5.26 1.70 23.42
CA LEU C 253 -4.55 0.69 22.63
C LEU C 253 -4.91 0.81 21.15
N THR C 254 -3.90 0.74 20.30
CA THR C 254 -4.11 0.58 18.86
C THR C 254 -3.36 -0.64 18.34
N CYS C 255 -4.06 -1.49 17.63
CA CYS C 255 -3.48 -2.69 17.05
C CYS C 255 -3.17 -2.51 15.57
N VAL C 256 -2.15 -3.22 15.11
CA VAL C 256 -1.77 -3.23 13.70
C VAL C 256 -1.86 -4.67 13.22
N PHE C 257 -2.69 -4.92 12.22
CA PHE C 257 -2.82 -6.25 11.63
C PHE C 257 -2.32 -6.19 10.20
N VAL C 258 -1.34 -7.02 9.88
CA VAL C 258 -0.76 -7.06 8.55
C VAL C 258 -1.13 -8.40 7.91
N ASP C 259 -1.83 -8.33 6.79
CA ASP C 259 -2.09 -9.50 5.97
C ASP C 259 -1.04 -9.51 4.86
N HIS C 260 -0.08 -10.41 4.97
CA HIS C 260 0.99 -10.55 3.99
C HIS C 260 0.62 -11.51 2.86
N GLY C 261 -0.65 -11.90 2.74
CA GLY C 261 -1.10 -12.82 1.69
C GLY C 261 -0.73 -14.26 1.93
N LEU C 262 -0.10 -14.57 3.05
CA LEU C 262 0.38 -15.91 3.36
C LEU C 262 -0.29 -16.47 4.61
N LEU C 263 -1.51 -16.03 4.89
CA LEU C 263 -2.29 -16.54 6.00
C LEU C 263 -3.23 -17.64 5.49
N ARG C 264 -3.85 -18.34 6.45
CA ARG C 264 -4.86 -19.32 6.10
C ARG C 264 -6.12 -18.64 5.60
N LEU C 265 -7.10 -19.45 5.23
CA LEU C 265 -8.31 -18.94 4.60
C LEU C 265 -9.07 -18.00 5.54
N ASN C 266 -9.37 -16.80 5.04
CA ASN C 266 -10.23 -15.82 5.72
C ASN C 266 -9.65 -15.38 7.06
N GLU C 267 -8.33 -15.45 7.20
CA GLU C 267 -7.71 -15.10 8.48
C GLU C 267 -7.98 -13.65 8.84
N GLY C 268 -7.73 -12.75 7.87
CA GLY C 268 -7.94 -11.34 8.10
C GLY C 268 -9.37 -11.00 8.50
N LYS C 269 -10.35 -11.60 7.81
CA LYS C 269 -11.73 -11.35 8.20
C LYS C 269 -12.01 -11.84 9.62
N MET C 270 -11.51 -13.02 9.99
CA MET C 270 -11.77 -13.54 11.32
C MET C 270 -11.09 -12.70 12.39
N VAL C 271 -9.89 -12.17 12.10
CA VAL C 271 -9.22 -11.32 13.08
C VAL C 271 -10.00 -10.01 13.26
N MET C 272 -10.33 -9.34 12.15
CA MET C 272 -11.09 -8.10 12.22
C MET C 272 -12.47 -8.33 12.85
N ASP C 273 -13.11 -9.45 12.54
CA ASP C 273 -14.42 -9.70 13.13
C ASP C 273 -14.34 -9.83 14.64
N MET C 274 -13.35 -10.58 15.15
CA MET C 274 -13.26 -10.79 16.59
C MET C 274 -12.81 -9.53 17.33
N PHE C 275 -12.00 -8.67 16.71
CA PHE C 275 -11.48 -7.50 17.40
C PHE C 275 -12.26 -6.23 17.05
N ALA C 276 -12.30 -5.87 15.77
CA ALA C 276 -12.90 -4.58 15.42
C ALA C 276 -14.41 -4.59 15.60
N ARG C 277 -15.09 -5.67 15.19
CA ARG C 277 -16.55 -5.68 15.24
C ARG C 277 -17.07 -6.12 16.61
N ASN C 278 -16.57 -7.24 17.16
CA ASN C 278 -17.16 -7.74 18.39
C ASN C 278 -16.75 -6.88 19.60
N LEU C 279 -15.50 -6.43 19.64
CA LEU C 279 -14.95 -5.72 20.80
C LEU C 279 -14.78 -4.22 20.60
N GLY C 280 -14.83 -3.72 19.37
CA GLY C 280 -14.56 -2.32 19.15
C GLY C 280 -13.12 -1.91 19.35
N VAL C 281 -12.18 -2.87 19.33
CA VAL C 281 -10.76 -2.55 19.36
C VAL C 281 -10.39 -1.82 18.08
N LYS C 282 -9.58 -0.77 18.21
CA LYS C 282 -9.09 -0.05 17.05
C LYS C 282 -8.03 -0.89 16.35
N VAL C 283 -8.29 -1.28 15.10
CA VAL C 283 -7.36 -2.13 14.38
C VAL C 283 -7.02 -1.50 13.05
N ILE C 284 -5.74 -1.23 12.82
CA ILE C 284 -5.25 -0.78 11.52
C ILE C 284 -5.03 -2.03 10.68
N HIS C 285 -5.77 -2.15 9.57
CA HIS C 285 -5.73 -3.32 8.70
C HIS C 285 -4.85 -3.02 7.50
N VAL C 286 -3.76 -3.75 7.33
CA VAL C 286 -2.87 -3.52 6.18
C VAL C 286 -2.96 -4.71 5.24
N ASP C 287 -3.34 -4.43 3.97
CA ASP C 287 -3.37 -5.43 2.91
C ASP C 287 -2.07 -5.31 2.13
N ALA C 288 -1.12 -6.19 2.44
CA ALA C 288 0.19 -6.14 1.82
C ALA C 288 0.45 -7.38 0.95
N GLU C 289 -0.62 -8.08 0.56
CA GLU C 289 -0.49 -9.31 -0.22
C GLU C 289 0.35 -9.09 -1.47
N GLY C 290 -0.05 -8.15 -2.33
CA GLY C 290 0.68 -7.94 -3.57
C GLY C 290 2.14 -7.58 -3.35
N GLN C 291 2.39 -6.77 -2.32
CA GLN C 291 3.75 -6.31 -2.01
C GLN C 291 4.66 -7.48 -1.59
N PHE C 292 4.14 -8.42 -0.78
CA PHE C 292 4.94 -9.59 -0.41
C PHE C 292 5.18 -10.51 -1.60
N MET C 293 4.16 -10.72 -2.45
CA MET C 293 4.32 -11.59 -3.61
C MET C 293 5.40 -11.08 -4.56
N ALA C 294 5.43 -9.76 -4.79
CA ALA C 294 6.42 -9.20 -5.72
C ALA C 294 7.83 -9.36 -5.17
N LYS C 295 8.00 -9.21 -3.85
CA LYS C 295 9.31 -9.41 -3.24
C LYS C 295 9.71 -10.89 -3.22
N LEU C 296 8.73 -11.80 -3.27
CA LEU C 296 8.98 -13.24 -3.30
C LEU C 296 9.11 -13.80 -4.70
N ALA C 297 8.88 -13.00 -5.74
CA ALA C 297 8.91 -13.50 -7.11
C ALA C 297 10.24 -14.17 -7.42
N GLY C 298 10.17 -15.39 -7.98
CA GLY C 298 11.36 -16.09 -8.42
C GLY C 298 12.30 -16.60 -7.33
N VAL C 299 11.90 -16.54 -6.06
CA VAL C 299 12.76 -16.95 -4.96
C VAL C 299 12.41 -18.36 -4.53
N THR C 300 13.36 -19.29 -4.63
CA THR C 300 13.12 -20.67 -4.27
C THR C 300 13.85 -21.14 -3.03
N ASP C 301 15.00 -20.56 -2.71
CA ASP C 301 15.75 -20.96 -1.51
C ASP C 301 14.90 -20.68 -0.28
N PRO C 302 14.60 -21.69 0.54
CA PRO C 302 13.73 -21.44 1.70
C PRO C 302 14.32 -20.45 2.69
N GLU C 303 15.64 -20.39 2.83
CA GLU C 303 16.23 -19.43 3.76
C GLU C 303 16.04 -17.99 3.27
N LYS C 304 16.22 -17.77 1.98
CA LYS C 304 15.97 -16.44 1.43
C LYS C 304 14.49 -16.09 1.56
N LYS C 305 13.61 -17.07 1.34
CA LYS C 305 12.17 -16.84 1.49
C LYS C 305 11.85 -16.38 2.91
N ARG C 306 12.42 -17.06 3.91
CA ARG C 306 12.16 -16.68 5.31
C ARG C 306 12.71 -15.30 5.64
N LYS C 307 13.92 -14.98 5.18
CA LYS C 307 14.51 -13.68 5.45
C LYS C 307 13.71 -12.56 4.77
N ILE C 308 13.28 -12.78 3.53
CA ILE C 308 12.54 -11.77 2.80
C ILE C 308 11.24 -11.44 3.52
N ILE C 309 10.50 -12.47 3.93
CA ILE C 309 9.20 -12.24 4.54
C ILE C 309 9.35 -11.52 5.87
N GLY C 310 10.31 -11.96 6.69
CA GLY C 310 10.50 -11.35 7.99
C GLY C 310 10.89 -9.89 7.89
N ALA C 311 11.80 -9.56 6.98
CA ALA C 311 12.24 -8.16 6.81
C ALA C 311 11.11 -7.29 6.27
N GLU C 312 10.35 -7.78 5.30
CA GLU C 312 9.26 -6.98 4.73
C GLU C 312 8.15 -6.74 5.74
N PHE C 313 7.89 -7.72 6.60
CA PHE C 313 6.89 -7.54 7.65
C PHE C 313 7.32 -6.44 8.60
N ILE C 314 8.58 -6.44 8.99
CA ILE C 314 9.12 -5.41 9.86
C ILE C 314 8.98 -4.04 9.21
N GLU C 315 9.20 -3.95 7.90
CA GLU C 315 9.07 -2.68 7.21
C GLU C 315 7.61 -2.21 7.13
N VAL C 316 6.67 -3.11 6.86
CA VAL C 316 5.27 -2.71 6.81
C VAL C 316 4.79 -2.28 8.19
N PHE C 317 5.17 -3.02 9.23
CA PHE C 317 4.74 -2.67 10.59
C PHE C 317 5.38 -1.36 11.05
N ASP C 318 6.68 -1.18 10.78
CA ASP C 318 7.36 0.02 11.25
C ASP C 318 6.74 1.28 10.68
N ALA C 319 6.30 1.23 9.41
CA ALA C 319 5.68 2.40 8.80
C ALA C 319 4.34 2.74 9.46
N GLU C 320 3.57 1.74 9.90
CA GLU C 320 2.33 2.07 10.63
C GLU C 320 2.65 2.60 12.02
N GLU C 321 3.66 2.03 12.68
CA GLU C 321 4.05 2.49 14.00
C GLU C 321 4.49 3.95 13.96
N LYS C 322 5.28 4.32 12.94
CA LYS C 322 5.80 5.69 12.83
C LYS C 322 4.67 6.71 12.76
N LYS C 323 3.53 6.34 12.16
CA LYS C 323 2.37 7.23 12.10
C LYS C 323 1.66 7.41 13.45
N LEU C 324 1.85 6.49 14.41
CA LEU C 324 1.18 6.60 15.71
C LEU C 324 2.13 7.37 16.66
N THR C 325 2.12 8.68 16.47
CA THR C 325 3.14 9.56 17.05
C THR C 325 2.96 9.73 18.55
N ASN C 326 1.74 9.58 19.06
CA ASN C 326 1.53 9.70 20.50
C ASN C 326 1.56 8.33 21.19
N ALA C 327 2.31 7.37 20.67
CA ALA C 327 2.41 6.07 21.32
C ALA C 327 3.64 6.05 22.21
N LYS C 328 3.51 5.43 23.38
CA LYS C 328 4.62 5.30 24.31
C LYS C 328 5.00 3.87 24.63
N TRP C 329 4.12 2.89 24.36
CA TRP C 329 4.37 1.48 24.67
C TRP C 329 4.18 0.62 23.43
N LEU C 330 5.13 -0.29 23.22
CA LEU C 330 4.97 -1.40 22.29
C LEU C 330 4.61 -2.64 23.10
N ALA C 331 3.39 -3.16 22.91
CA ALA C 331 2.95 -4.37 23.59
C ALA C 331 3.37 -5.61 22.80
N GLN C 332 3.74 -6.66 23.52
CA GLN C 332 4.18 -7.91 22.92
C GLN C 332 3.57 -9.09 23.67
N GLY C 333 3.41 -10.21 22.96
CA GLY C 333 2.84 -11.41 23.52
C GLY C 333 3.84 -12.39 24.10
N THR C 334 4.97 -11.88 24.60
CA THR C 334 5.96 -12.68 25.32
C THR C 334 5.32 -13.53 26.43
N ILE C 335 5.68 -14.81 26.47
CA ILE C 335 5.17 -15.75 27.46
C ILE C 335 6.31 -16.27 28.34
N TYR C 336 5.96 -17.09 29.35
CA TYR C 336 6.96 -17.53 30.34
C TYR C 336 8.17 -18.23 29.74
N PRO C 337 8.03 -19.19 28.80
CA PRO C 337 9.24 -19.79 28.20
C PRO C 337 10.22 -18.79 27.58
N ASP C 338 9.72 -17.68 27.02
CA ASP C 338 10.63 -16.69 26.46
C ASP C 338 11.38 -15.96 27.56
N VAL C 339 10.79 -15.85 28.75
CA VAL C 339 11.36 -15.06 29.82
C VAL C 339 12.39 -15.87 30.60
N ILE C 340 12.33 -17.20 30.51
CA ILE C 340 13.35 -18.02 31.16
C ILE C 340 14.67 -17.99 30.37
N GLU C 341 14.63 -17.61 29.09
CA GLU C 341 15.83 -17.44 28.27
C GLU C 341 16.10 -15.98 27.90
N LYS C 367 12.75 3.55 21.28
CA LYS C 367 12.22 4.52 22.23
C LYS C 367 10.92 4.05 22.93
N LEU C 368 10.21 3.06 22.39
CA LEU C 368 8.97 2.61 23.02
C LEU C 368 9.26 1.57 24.09
N LYS C 369 8.63 1.74 25.24
CA LYS C 369 8.80 0.81 26.34
C LYS C 369 7.97 -0.45 26.11
N LEU C 370 8.47 -1.57 26.63
CA LEU C 370 7.83 -2.87 26.45
C LEU C 370 6.74 -3.15 27.50
N LEU C 371 5.56 -3.54 27.01
CA LEU C 371 4.44 -4.00 27.83
C LEU C 371 4.16 -5.47 27.50
N GLU C 372 4.46 -6.36 28.45
CA GLU C 372 4.41 -7.81 28.23
C GLU C 372 3.60 -8.46 29.35
N PRO C 373 2.27 -8.35 29.30
CA PRO C 373 1.44 -8.83 30.43
C PRO C 373 1.30 -10.34 30.52
N LEU C 374 1.75 -11.11 29.53
CA LEU C 374 1.64 -12.57 29.53
C LEU C 374 2.92 -13.26 29.90
N ARG C 375 3.90 -12.53 30.45
CA ARG C 375 5.22 -13.11 30.64
C ARG C 375 5.31 -14.11 31.79
N ASP C 376 4.29 -14.22 32.65
CA ASP C 376 4.27 -15.21 33.73
CA ASP C 376 4.32 -15.23 33.70
C ASP C 376 3.46 -16.46 33.38
N LEU C 377 2.92 -16.56 32.16
CA LEU C 377 2.02 -17.63 31.76
C LEU C 377 2.67 -18.58 30.75
N PHE C 378 2.33 -19.87 30.85
CA PHE C 378 2.58 -20.83 29.78
C PHE C 378 1.48 -20.75 28.72
N LYS C 379 1.77 -21.35 27.56
CA LYS C 379 0.86 -21.24 26.41
C LYS C 379 -0.55 -21.77 26.71
N ASP C 380 -0.64 -22.88 27.47
CA ASP C 380 -1.95 -23.41 27.86
C ASP C 380 -2.75 -22.40 28.66
N GLU C 381 -2.09 -21.71 29.59
CA GLU C 381 -2.75 -20.69 30.40
C GLU C 381 -3.18 -19.52 29.54
N VAL C 382 -2.34 -19.16 28.56
CA VAL C 382 -2.70 -18.08 27.65
C VAL C 382 -4.01 -18.40 26.95
N ARG C 383 -4.16 -19.65 26.50
CA ARG C 383 -5.37 -20.05 25.80
C ARG C 383 -6.59 -19.95 26.69
N GLU C 384 -6.51 -20.47 27.93
CA GLU C 384 -7.62 -20.34 28.85
C GLU C 384 -7.95 -18.89 29.12
N LEU C 385 -6.92 -18.05 29.30
CA LEU C 385 -7.13 -16.63 29.51
C LEU C 385 -7.84 -15.98 28.31
N GLY C 386 -7.54 -16.42 27.08
CA GLY C 386 -8.24 -15.88 25.92
C GLY C 386 -9.74 -16.16 25.96
N VAL C 387 -10.10 -17.40 26.29
CA VAL C 387 -11.50 -17.77 26.46
C VAL C 387 -12.11 -17.01 27.64
N ALA C 388 -11.38 -16.93 28.76
CA ALA C 388 -11.90 -16.23 29.93
C ALA C 388 -12.32 -14.80 29.58
N LEU C 389 -11.53 -14.13 28.75
CA LEU C 389 -11.74 -12.75 28.32
C LEU C 389 -12.84 -12.62 27.26
N GLY C 390 -13.28 -13.73 26.67
CA GLY C 390 -14.36 -13.70 25.70
C GLY C 390 -13.96 -13.83 24.24
N LEU C 391 -12.71 -14.13 23.94
CA LEU C 391 -12.35 -14.39 22.57
C LEU C 391 -12.98 -15.71 22.12
N PRO C 392 -13.32 -15.83 20.83
CA PRO C 392 -13.90 -17.10 20.35
C PRO C 392 -12.89 -18.23 20.50
N ARG C 393 -13.39 -19.36 21.01
CA ARG C 393 -12.53 -20.53 21.19
C ARG C 393 -11.84 -20.94 19.89
N GLU C 394 -12.55 -20.85 18.75
CA GLU C 394 -11.95 -21.29 17.50
C GLU C 394 -10.70 -20.48 17.16
N MET C 395 -10.67 -19.19 17.54
CA MET C 395 -9.49 -18.36 17.31
C MET C 395 -8.44 -18.50 18.41
N VAL C 396 -8.76 -19.07 19.57
CA VAL C 396 -7.84 -19.13 20.68
C VAL C 396 -7.16 -20.49 20.78
N TYR C 397 -7.92 -21.56 20.54
CA TYR C 397 -7.39 -22.94 20.54
C TYR C 397 -7.08 -23.34 19.10
N ARG C 398 -6.00 -22.77 18.60
CA ARG C 398 -5.55 -22.93 17.23
C ARG C 398 -4.13 -23.48 17.21
N HIS C 399 -3.86 -24.30 16.22
CA HIS C 399 -2.51 -24.80 16.02
C HIS C 399 -1.58 -23.61 15.78
N PRO C 400 -0.37 -23.63 16.31
CA PRO C 400 0.55 -22.53 16.02
C PRO C 400 0.78 -22.41 14.53
N PHE C 401 1.05 -21.18 14.09
CA PHE C 401 1.18 -20.85 12.70
C PHE C 401 2.51 -20.13 12.56
N PRO C 402 3.36 -20.53 11.62
CA PRO C 402 4.70 -19.94 11.55
C PRO C 402 4.65 -18.48 11.15
N GLY C 403 5.67 -17.75 11.59
CA GLY C 403 5.87 -16.38 11.21
C GLY C 403 5.77 -16.17 9.70
N PRO C 404 6.58 -16.91 8.94
CA PRO C 404 6.49 -16.79 7.47
C PRO C 404 5.23 -17.41 6.87
N GLY C 405 4.34 -17.99 7.67
CA GLY C 405 3.05 -18.45 7.18
C GLY C 405 3.16 -19.50 6.08
N LEU C 406 2.24 -19.44 5.11
CA LEU C 406 2.26 -20.35 3.97
C LEU C 406 3.55 -20.25 3.16
N GLY C 407 4.36 -19.20 3.39
CA GLY C 407 5.60 -19.06 2.66
C GLY C 407 6.53 -20.24 2.79
N VAL C 408 6.45 -20.96 3.91
CA VAL C 408 7.25 -22.15 4.11
C VAL C 408 6.42 -23.42 3.90
N ARG C 409 5.18 -23.27 3.43
CA ARG C 409 4.33 -24.40 3.10
C ARG C 409 4.04 -24.49 1.61
N ILE C 410 4.65 -23.62 0.81
CA ILE C 410 4.62 -23.69 -0.63
C ILE C 410 6.06 -23.92 -1.07
N LEU C 411 6.39 -25.15 -1.48
CA LEU C 411 7.77 -25.45 -1.82
C LEU C 411 8.18 -24.74 -3.11
N GLY C 412 9.41 -24.23 -3.12
CA GLY C 412 9.83 -23.48 -4.29
C GLY C 412 9.19 -22.11 -4.32
N GLU C 413 8.83 -21.65 -5.52
CA GLU C 413 8.39 -20.27 -5.69
C GLU C 413 7.00 -20.02 -5.11
N VAL C 414 6.87 -18.96 -4.33
CA VAL C 414 5.60 -18.60 -3.75
C VAL C 414 4.90 -17.64 -4.70
N LYS C 415 3.65 -17.95 -5.03
CA LYS C 415 2.82 -17.13 -5.89
C LYS C 415 1.41 -17.12 -5.33
N LYS C 416 0.66 -16.06 -5.65
CA LYS C 416 -0.73 -15.99 -5.23
C LYS C 416 -1.52 -17.19 -5.73
N GLU C 417 -1.26 -17.61 -6.97
CA GLU C 417 -1.94 -18.77 -7.55
C GLU C 417 -1.83 -19.99 -6.64
N TYR C 418 -0.62 -20.28 -6.15
CA TYR C 418 -0.41 -21.45 -5.31
C TYR C 418 -1.01 -21.24 -3.92
N ALA C 419 -0.84 -20.04 -3.36
CA ALA C 419 -1.39 -19.74 -2.04
C ALA C 419 -2.91 -19.89 -2.03
N ASP C 420 -3.56 -19.52 -3.13
CA ASP C 420 -5.00 -19.69 -3.22
C ASP C 420 -5.36 -21.18 -3.27
N LEU C 421 -4.58 -21.98 -4.02
CA LEU C 421 -4.79 -23.42 -4.04
C LEU C 421 -4.58 -24.01 -2.65
N LEU C 422 -3.45 -23.66 -2.01
CA LEU C 422 -3.13 -24.26 -0.71
C LEU C 422 -4.15 -23.90 0.36
N ARG C 423 -4.62 -22.65 0.38
CA ARG C 423 -5.60 -22.27 1.39
C ARG C 423 -6.86 -23.12 1.29
N GLN C 424 -7.28 -23.45 0.07
CA GLN C 424 -8.50 -24.23 -0.09
C GLN C 424 -8.30 -25.65 0.40
N ALA C 425 -7.22 -26.31 -0.03
CA ALA C 425 -6.95 -27.67 0.41
C ALA C 425 -6.71 -27.72 1.93
N ASP C 426 -5.97 -26.73 2.45
CA ASP C 426 -5.71 -26.68 3.88
C ASP C 426 -7.01 -26.59 4.68
N ASP C 427 -7.94 -25.74 4.22
CA ASP C 427 -9.21 -25.58 4.91
C ASP C 427 -10.04 -26.85 4.85
N ILE C 428 -10.03 -27.56 3.72
CA ILE C 428 -10.73 -28.84 3.63
C ILE C 428 -10.15 -29.81 4.65
N PHE C 429 -8.82 -29.89 4.73
CA PHE C 429 -8.19 -30.75 5.73
C PHE C 429 -8.66 -30.42 7.14
N ILE C 430 -8.62 -29.13 7.51
CA ILE C 430 -8.98 -28.69 8.86
C ILE C 430 -10.46 -28.92 9.12
N GLN C 431 -11.33 -28.58 8.16
CA GLN C 431 -12.75 -28.88 8.31
C GLN C 431 -12.95 -30.32 8.75
N GLU C 432 -12.31 -31.26 8.05
CA GLU C 432 -12.53 -32.66 8.34
C GLU C 432 -11.89 -33.06 9.68
N LEU C 433 -10.74 -32.48 10.00
CA LEU C 433 -10.14 -32.74 11.31
C LEU C 433 -11.04 -32.24 12.44
N ARG C 434 -11.74 -31.13 12.22
CA ARG C 434 -12.64 -30.60 13.24
C ARG C 434 -13.93 -31.40 13.32
N ASN C 435 -14.39 -31.99 12.21
CA ASN C 435 -15.69 -32.63 12.19
C ASN C 435 -15.63 -34.12 12.48
N THR C 436 -14.44 -34.69 12.66
CA THR C 436 -14.29 -36.11 12.93
C THR C 436 -13.72 -36.30 14.34
N THR C 437 -14.36 -37.15 15.14
CA THR C 437 -13.94 -37.35 16.52
C THR C 437 -13.58 -38.81 16.76
N ASP C 438 -12.74 -39.01 17.78
CA ASP C 438 -12.38 -40.33 18.28
C ASP C 438 -13.47 -40.85 19.23
N GLU C 439 -13.22 -41.98 19.91
CA GLU C 439 -14.27 -42.64 20.69
C GLU C 439 -14.72 -41.84 21.91
N ASN C 440 -13.89 -40.91 22.39
CA ASN C 440 -14.25 -40.03 23.51
C ASN C 440 -14.91 -38.73 23.09
N GLY C 441 -15.16 -38.53 21.79
CA GLY C 441 -15.74 -37.30 21.33
C GLY C 441 -14.76 -36.18 21.09
N THR C 442 -13.46 -36.46 21.19
CA THR C 442 -12.44 -35.46 20.95
C THR C 442 -12.14 -35.42 19.46
N SER C 443 -12.14 -34.21 18.89
CA SER C 443 -11.88 -34.06 17.47
C SER C 443 -10.41 -34.31 17.15
N TRP C 444 -10.14 -34.74 15.91
CA TRP C 444 -8.76 -34.91 15.49
C TRP C 444 -8.04 -33.58 15.35
N TYR C 445 -8.78 -32.48 15.15
CA TYR C 445 -8.16 -31.17 15.28
C TYR C 445 -7.54 -31.01 16.67
N ASP C 446 -8.31 -31.36 17.71
CA ASP C 446 -7.83 -31.21 19.08
C ASP C 446 -6.78 -32.27 19.45
N LEU C 447 -6.81 -33.43 18.80
CA LEU C 447 -5.86 -34.47 19.13
C LEU C 447 -4.46 -34.17 18.59
N THR C 448 -4.34 -33.34 17.55
CA THR C 448 -3.04 -33.02 17.00
C THR C 448 -2.52 -31.67 17.53
N SER C 449 -1.19 -31.56 17.61
CA SER C 449 -0.53 -30.31 17.95
C SER C 449 -0.50 -29.38 16.76
N GLN C 450 -0.32 -29.93 15.56
CA GLN C 450 -0.17 -29.13 14.37
C GLN C 450 -0.67 -29.94 13.18
N ALA C 451 -1.46 -29.30 12.31
CA ALA C 451 -2.03 -29.94 11.14
C ALA C 451 -2.17 -28.89 10.05
N PHE C 452 -1.71 -29.22 8.84
CA PHE C 452 -1.71 -28.25 7.75
C PHE C 452 -1.41 -28.97 6.44
N ALA C 453 -1.71 -28.30 5.34
CA ALA C 453 -1.41 -28.82 4.02
C ALA C 453 -0.16 -28.14 3.46
N VAL C 454 0.53 -28.84 2.56
CA VAL C 454 1.74 -28.32 1.94
C VAL C 454 1.58 -28.42 0.42
N PHE C 455 1.95 -27.36 -0.29
CA PHE C 455 1.84 -27.33 -1.75
C PHE C 455 3.15 -27.81 -2.38
N LEU C 456 3.06 -28.82 -3.24
CA LEU C 456 4.21 -29.35 -3.95
C LEU C 456 4.16 -28.91 -5.41
N PRO C 457 5.16 -28.19 -5.92
CA PRO C 457 5.14 -27.76 -7.32
C PRO C 457 5.60 -28.87 -8.29
N VAL C 458 5.06 -30.06 -8.12
CA VAL C 458 5.24 -31.15 -9.07
C VAL C 458 3.87 -31.56 -9.54
N LYS C 459 3.81 -32.01 -10.79
CA LYS C 459 2.55 -32.33 -11.43
C LYS C 459 2.41 -33.85 -11.53
N SER C 460 1.19 -34.32 -11.32
CA SER C 460 0.84 -35.72 -11.43
C SER C 460 -0.31 -35.87 -12.43
N VAL C 461 -0.40 -37.06 -13.06
CA VAL C 461 -1.44 -37.32 -14.04
C VAL C 461 -2.67 -37.84 -13.32
N GLY C 462 -3.83 -37.59 -13.94
CA GLY C 462 -5.09 -38.12 -13.45
C GLY C 462 -6.11 -38.15 -14.57
N VAL C 463 -7.13 -38.98 -14.39
CA VAL C 463 -8.19 -39.10 -15.38
C VAL C 463 -9.50 -38.60 -14.83
N ARG C 468 -8.51 -36.97 -18.63
CA ARG C 468 -7.07 -36.78 -18.47
C ARG C 468 -6.71 -35.36 -18.03
N THR C 469 -5.77 -35.25 -17.07
CA THR C 469 -5.35 -33.97 -16.51
C THR C 469 -3.95 -34.14 -15.92
N TYR C 470 -3.31 -33.00 -15.62
CA TYR C 470 -1.92 -32.98 -15.16
C TYR C 470 -1.75 -31.76 -14.23
N ASP C 471 -1.85 -31.99 -12.92
CA ASP C 471 -2.00 -30.94 -11.91
C ASP C 471 -1.06 -31.16 -10.73
N TYR C 472 -1.16 -30.25 -9.75
CA TYR C 472 -0.25 -30.20 -8.61
C TYR C 472 -0.64 -31.21 -7.53
N VAL C 473 0.27 -31.37 -6.57
CA VAL C 473 0.18 -32.37 -5.50
C VAL C 473 0.13 -31.67 -4.15
N VAL C 474 -0.73 -32.13 -3.25
CA VAL C 474 -0.83 -31.61 -1.89
C VAL C 474 -0.41 -32.71 -0.91
N ALA C 475 0.41 -32.31 0.07
CA ALA C 475 0.79 -33.17 1.17
C ALA C 475 0.05 -32.73 2.44
N LEU C 476 -0.53 -33.69 3.15
CA LEU C 476 -1.14 -33.44 4.45
C LEU C 476 -0.11 -33.70 5.52
N ARG C 477 0.01 -32.78 6.48
CA ARG C 477 0.96 -32.90 7.56
C ARG C 477 0.20 -32.79 8.88
N ALA C 478 0.39 -33.79 9.75
CA ALA C 478 -0.21 -33.76 11.08
C ALA C 478 0.72 -34.44 12.06
N VAL C 479 1.04 -33.74 13.14
CA VAL C 479 1.96 -34.29 14.12
C VAL C 479 1.39 -34.12 15.51
N ILE C 480 1.90 -34.93 16.42
CA ILE C 480 1.65 -34.80 17.85
C ILE C 480 3.02 -34.58 18.47
N THR C 481 3.20 -33.44 19.12
CA THR C 481 4.49 -33.09 19.68
C THR C 481 4.59 -33.62 21.12
N SER C 482 5.79 -34.04 21.49
CA SER C 482 6.02 -34.50 22.86
C SER C 482 6.56 -33.32 23.68
N ASP C 483 6.93 -33.61 24.93
CA ASP C 483 7.54 -32.65 25.86
C ASP C 483 9.04 -32.44 25.61
N PHE C 484 9.60 -33.03 24.55
CA PHE C 484 11.05 -33.10 24.37
C PHE C 484 11.46 -32.68 22.98
N MET C 485 10.68 -31.80 22.35
CA MET C 485 11.01 -31.25 21.04
C MET C 485 11.15 -32.35 19.98
N THR C 486 10.43 -33.45 20.18
CA THR C 486 10.22 -34.48 19.17
C THR C 486 8.75 -34.52 18.80
N ALA C 487 8.42 -35.22 17.72
CA ALA C 487 7.04 -35.25 17.25
C ALA C 487 6.83 -36.49 16.39
N HIS C 488 5.73 -37.19 16.62
CA HIS C 488 5.36 -38.28 15.73
C HIS C 488 4.14 -37.88 14.90
N TRP C 489 4.04 -38.44 13.70
CA TRP C 489 2.90 -38.14 12.85
C TRP C 489 1.63 -38.83 13.34
N ALA C 490 0.51 -38.14 13.19
CA ALA C 490 -0.74 -38.62 13.76
C ALA C 490 -1.25 -39.80 12.97
N GLU C 491 -1.69 -40.83 13.68
CA GLU C 491 -2.30 -42.00 13.05
C GLU C 491 -3.76 -41.66 12.73
N LEU C 492 -3.92 -40.73 11.80
CA LEU C 492 -5.25 -40.33 11.38
C LEU C 492 -6.03 -41.53 10.86
N PRO C 493 -7.33 -41.61 11.17
CA PRO C 493 -8.12 -42.72 10.65
C PRO C 493 -8.08 -42.79 9.12
N TYR C 494 -8.03 -44.01 8.60
CA TYR C 494 -7.96 -44.18 7.15
C TYR C 494 -9.14 -43.49 6.45
N SER C 495 -10.34 -43.63 7.01
CA SER C 495 -11.50 -43.01 6.39
C SER C 495 -11.41 -41.48 6.39
N LEU C 496 -10.70 -40.89 7.37
CA LEU C 496 -10.52 -39.45 7.33
C LEU C 496 -9.55 -39.06 6.21
N LEU C 497 -8.40 -39.73 6.14
CA LEU C 497 -7.48 -39.48 5.04
C LEU C 497 -8.15 -39.66 3.69
N GLY C 498 -8.96 -40.72 3.56
CA GLY C 498 -9.62 -40.99 2.29
C GLY C 498 -10.62 -39.92 1.89
N ARG C 499 -11.41 -39.45 2.85
CA ARG C 499 -12.42 -38.43 2.56
C ARG C 499 -11.76 -37.08 2.24
N VAL C 500 -10.69 -36.73 2.96
CA VAL C 500 -9.98 -35.48 2.69
C VAL C 500 -9.35 -35.52 1.30
N SER C 501 -8.72 -36.64 0.97
CA SER C 501 -8.13 -36.84 -0.34
C SER C 501 -9.16 -36.67 -1.46
N ASN C 502 -10.29 -37.38 -1.38
CA ASN C 502 -11.34 -37.23 -2.39
C ASN C 502 -11.80 -35.78 -2.50
N ARG C 503 -12.04 -35.12 -1.36
CA ARG C 503 -12.60 -33.78 -1.41
C ARG C 503 -11.60 -32.80 -2.04
N ILE C 504 -10.32 -32.91 -1.68
CA ILE C 504 -9.34 -31.99 -2.22
C ILE C 504 -9.20 -32.18 -3.74
N ILE C 505 -9.12 -33.43 -4.19
CA ILE C 505 -8.94 -33.65 -5.61
C ILE C 505 -10.16 -33.16 -6.39
N ASN C 506 -11.37 -33.42 -5.87
CA ASN C 506 -12.60 -33.10 -6.59
C ASN C 506 -12.95 -31.62 -6.49
N GLU C 507 -12.71 -31.00 -5.34
CA GLU C 507 -13.17 -29.63 -5.14
C GLU C 507 -12.11 -28.59 -5.51
N VAL C 508 -10.84 -28.94 -5.52
CA VAL C 508 -9.77 -27.96 -5.72
C VAL C 508 -9.30 -28.09 -7.15
N LYS C 509 -9.75 -27.18 -8.00
CA LYS C 509 -9.29 -27.10 -9.39
C LYS C 509 -7.83 -26.71 -9.37
N GLY C 510 -6.96 -27.63 -9.80
CA GLY C 510 -5.52 -27.43 -9.80
C GLY C 510 -4.77 -28.47 -8.99
N ILE C 511 -5.45 -29.20 -8.13
CA ILE C 511 -4.83 -30.31 -7.39
C ILE C 511 -5.50 -31.59 -7.87
N ASN C 512 -4.69 -32.60 -8.21
CA ASN C 512 -5.27 -33.90 -8.54
C ASN C 512 -4.59 -35.04 -7.79
N ARG C 513 -3.82 -34.76 -6.73
CA ARG C 513 -3.17 -35.84 -5.99
C ARG C 513 -2.89 -35.40 -4.57
N VAL C 514 -3.17 -36.30 -3.62
CA VAL C 514 -3.01 -36.02 -2.20
C VAL C 514 -2.19 -37.12 -1.55
N VAL C 515 -1.17 -36.72 -0.80
CA VAL C 515 -0.32 -37.62 -0.04
C VAL C 515 -0.33 -37.20 1.42
N TYR C 516 0.06 -38.13 2.28
CA TYR C 516 0.14 -37.89 3.71
C TYR C 516 1.58 -38.06 4.17
N ASP C 517 2.09 -37.07 4.91
CA ASP C 517 3.47 -37.11 5.41
C ASP C 517 3.56 -38.13 6.52
N VAL C 518 4.42 -39.14 6.36
CA VAL C 518 4.57 -40.17 7.39
C VAL C 518 5.97 -40.15 7.97
N SER C 519 6.56 -38.96 8.02
CA SER C 519 7.91 -38.76 8.56
C SER C 519 7.80 -38.16 9.96
N GLY C 520 8.41 -38.85 10.95
CA GLY C 520 8.45 -38.34 12.30
C GLY C 520 9.63 -37.42 12.56
N LYS C 521 9.61 -36.77 13.73
CA LYS C 521 10.68 -35.89 14.18
C LYS C 521 11.27 -36.43 15.47
N PRO C 522 12.53 -36.86 15.53
CA PRO C 522 13.45 -37.01 14.39
C PRO C 522 12.97 -38.22 13.57
N PRO C 523 13.48 -38.42 12.34
CA PRO C 523 14.59 -37.72 11.69
C PRO C 523 14.22 -36.53 10.81
N ALA C 524 12.94 -36.25 10.60
CA ALA C 524 12.50 -35.12 9.79
C ALA C 524 12.07 -33.95 10.67
N THR C 525 11.83 -32.81 10.03
CA THR C 525 11.28 -31.65 10.72
C THR C 525 9.77 -31.60 10.51
N ILE C 526 9.09 -30.77 11.32
CA ILE C 526 7.65 -30.67 11.21
C ILE C 526 7.24 -29.93 9.94
N GLU C 527 7.72 -28.70 9.77
CA GLU C 527 7.50 -27.99 8.52
C GLU C 527 8.45 -28.56 7.47
N TRP C 528 8.08 -28.37 6.20
CA TRP C 528 8.92 -28.87 5.11
C TRP C 528 10.05 -27.93 4.73
N GLU C 529 9.97 -26.65 5.09
CA GLU C 529 11.01 -25.67 4.74
C GLU C 529 11.34 -24.74 5.89
N THR D 10 36.05 -4.25 -35.23
CA THR D 10 35.37 -4.28 -33.93
C THR D 10 36.40 -4.19 -32.78
N GLN D 11 35.99 -4.53 -31.57
CA GLN D 11 36.76 -4.16 -30.39
C GLN D 11 37.30 -5.38 -29.66
N ASP D 12 38.55 -5.29 -29.22
CA ASP D 12 38.99 -6.19 -28.18
C ASP D 12 38.14 -5.92 -26.93
N LYS D 13 37.71 -6.98 -26.28
CA LYS D 13 36.72 -6.86 -25.22
C LYS D 13 37.20 -7.53 -23.96
N ILE D 14 36.88 -6.91 -22.82
CA ILE D 14 37.14 -7.47 -21.49
C ILE D 14 35.81 -7.83 -20.83
N LEU D 15 35.73 -9.03 -20.26
CA LEU D 15 34.55 -9.49 -19.55
C LEU D 15 34.77 -9.35 -18.05
N ILE D 16 33.81 -8.73 -17.38
CA ILE D 16 33.85 -8.60 -15.93
C ILE D 16 32.68 -9.37 -15.33
N LEU D 17 33.00 -10.39 -14.54
CA LEU D 17 31.99 -11.19 -13.87
C LEU D 17 31.79 -10.67 -12.46
N ASP D 18 30.54 -10.39 -12.12
CA ASP D 18 30.16 -9.71 -10.89
C ASP D 18 29.80 -10.72 -9.81
N PHE D 19 30.60 -10.75 -8.74
CA PHE D 19 30.29 -11.62 -7.60
C PHE D 19 29.59 -10.89 -6.48
N GLY D 20 29.10 -9.67 -6.73
CA GLY D 20 28.22 -9.01 -5.79
C GLY D 20 28.85 -7.87 -5.04
N SER D 21 30.13 -7.61 -5.21
CA SER D 21 30.75 -6.49 -4.51
C SER D 21 30.05 -5.18 -4.87
N GLN D 22 30.01 -4.28 -3.89
CA GLN D 22 29.36 -3.00 -4.11
C GLN D 22 30.13 -2.10 -5.06
N VAL D 23 31.40 -2.41 -5.35
CA VAL D 23 32.24 -1.56 -6.21
C VAL D 23 32.56 -2.24 -7.55
N THR D 24 31.82 -3.28 -7.95
CA THR D 24 32.17 -3.98 -9.20
C THR D 24 32.11 -3.04 -10.39
N ARG D 25 31.14 -2.12 -10.42
CA ARG D 25 31.05 -1.14 -11.49
C ARG D 25 32.33 -0.33 -11.69
N LEU D 26 33.10 -0.09 -10.62
CA LEU D 26 34.33 0.67 -10.74
C LEU D 26 35.35 -0.07 -11.60
N ILE D 27 35.32 -1.41 -11.57
CA ILE D 27 36.21 -2.18 -12.45
C ILE D 27 35.90 -1.84 -13.89
N ALA D 28 34.61 -1.82 -14.26
CA ALA D 28 34.19 -1.49 -15.61
C ALA D 28 34.60 -0.08 -16.01
N ARG D 29 34.44 0.90 -15.10
CA ARG D 29 34.86 2.26 -15.41
C ARG D 29 36.36 2.33 -15.64
N ARG D 30 37.15 1.60 -14.84
CA ARG D 30 38.60 1.65 -15.03
C ARG D 30 38.95 1.10 -16.40
N VAL D 31 38.32 -0.02 -16.77
CA VAL D 31 38.62 -0.61 -18.06
C VAL D 31 38.19 0.33 -19.18
N ARG D 32 37.00 0.91 -19.09
CA ARG D 32 36.59 1.89 -20.09
C ARG D 32 37.55 3.09 -20.12
N GLU D 33 38.04 3.54 -18.96
CA GLU D 33 38.96 4.67 -18.90
C GLU D 33 40.32 4.37 -19.54
N ALA D 34 40.70 3.10 -19.66
CA ALA D 34 41.85 2.67 -20.46
C ALA D 34 41.51 2.51 -21.95
N HIS D 35 40.29 2.85 -22.37
CA HIS D 35 39.87 2.84 -23.79
C HIS D 35 39.78 1.42 -24.35
N VAL D 36 39.33 0.51 -23.50
CA VAL D 36 39.04 -0.86 -23.88
C VAL D 36 37.58 -1.14 -23.56
N TYR D 37 36.86 -1.70 -24.52
CA TYR D 37 35.47 -2.01 -24.28
C TYR D 37 35.34 -3.13 -23.25
N CYS D 38 34.27 -3.08 -22.47
CA CYS D 38 34.03 -4.12 -21.47
C CYS D 38 32.56 -4.14 -21.12
N GLU D 39 32.11 -5.27 -20.59
CA GLU D 39 30.75 -5.42 -20.11
C GLU D 39 30.76 -6.12 -18.75
N LEU D 40 29.76 -5.77 -17.95
CA LEU D 40 29.54 -6.33 -16.62
C LEU D 40 28.41 -7.36 -16.68
N HIS D 41 28.71 -8.59 -16.25
CA HIS D 41 27.69 -9.62 -16.22
C HIS D 41 27.74 -10.34 -14.87
N SER D 42 26.62 -10.90 -14.46
CA SER D 42 26.64 -11.63 -13.20
C SER D 42 27.49 -12.89 -13.34
N PHE D 43 28.01 -13.34 -12.20
CA PHE D 43 28.93 -14.47 -12.15
C PHE D 43 28.39 -15.70 -12.86
N ASP D 44 27.06 -15.85 -12.96
CA ASP D 44 26.48 -17.07 -13.51
C ASP D 44 26.16 -16.96 -15.00
N MET D 45 26.74 -15.98 -15.70
CA MET D 45 26.68 -15.90 -17.15
C MET D 45 27.09 -17.25 -17.74
N PRO D 46 26.22 -17.89 -18.53
CA PRO D 46 26.52 -19.24 -19.03
C PRO D 46 27.78 -19.27 -19.89
N LEU D 47 28.48 -20.41 -19.82
CA LEU D 47 29.78 -20.54 -20.46
C LEU D 47 29.71 -20.27 -21.96
N ASP D 48 28.61 -20.67 -22.59
CA ASP D 48 28.51 -20.45 -24.03
C ASP D 48 28.30 -18.97 -24.36
N GLU D 49 27.64 -18.20 -23.50
CA GLU D 49 27.59 -16.76 -23.75
C GLU D 49 28.95 -16.10 -23.49
N ILE D 50 29.72 -16.61 -22.52
CA ILE D 50 31.06 -16.12 -22.28
C ILE D 50 31.93 -16.32 -23.53
N LYS D 51 31.85 -17.49 -24.15
CA LYS D 51 32.62 -17.77 -25.35
C LYS D 51 32.16 -16.89 -26.51
N ALA D 52 30.84 -16.72 -26.64
CA ALA D 52 30.27 -15.90 -27.69
C ALA D 52 30.68 -14.43 -27.53
N PHE D 53 30.84 -13.97 -26.29
CA PHE D 53 31.39 -12.64 -26.06
C PHE D 53 32.84 -12.54 -26.53
N ASN D 54 33.60 -13.65 -26.49
CA ASN D 54 34.97 -13.74 -27.00
C ASN D 54 35.88 -12.71 -26.32
N PRO D 55 36.01 -12.73 -25.00
CA PRO D 55 36.83 -11.72 -24.33
C PRO D 55 38.32 -12.00 -24.50
N LYS D 56 39.09 -10.92 -24.49
CA LYS D 56 40.53 -11.08 -24.40
C LYS D 56 41.02 -11.37 -22.97
N GLY D 57 40.18 -11.15 -21.98
CA GLY D 57 40.51 -11.48 -20.61
C GLY D 57 39.26 -11.37 -19.77
N ILE D 58 39.30 -12.01 -18.61
CA ILE D 58 38.17 -12.03 -17.69
C ILE D 58 38.64 -11.47 -16.36
N ILE D 59 37.81 -10.63 -15.75
CA ILE D 59 38.02 -10.15 -14.40
C ILE D 59 36.90 -10.67 -13.52
N LEU D 60 37.25 -11.33 -12.42
CA LEU D 60 36.29 -11.80 -11.42
C LEU D 60 36.26 -10.80 -10.26
N SER D 61 35.10 -10.20 -10.02
CA SER D 61 35.01 -9.12 -9.04
C SER D 61 35.09 -9.70 -7.64
N GLY D 62 35.13 -8.80 -6.66
CA GLY D 62 35.00 -9.18 -5.27
C GLY D 62 33.56 -9.44 -4.91
N GLY D 63 33.33 -9.71 -3.63
CA GLY D 63 31.98 -9.98 -3.16
C GLY D 63 31.92 -10.27 -1.68
N PRO D 64 30.72 -10.19 -1.10
CA PRO D 64 30.58 -10.34 0.35
C PRO D 64 30.45 -11.78 0.80
N ASN D 65 30.28 -12.73 -0.11
CA ASN D 65 30.01 -14.10 0.26
C ASN D 65 31.32 -14.85 0.44
N SER D 66 31.23 -16.11 0.91
CA SER D 66 32.40 -16.94 1.19
C SER D 66 32.37 -18.16 0.28
N VAL D 67 33.48 -18.37 -0.44
CA VAL D 67 33.50 -19.28 -1.59
C VAL D 67 33.24 -20.73 -1.20
N TYR D 68 33.51 -21.11 0.05
CA TYR D 68 33.30 -22.46 0.55
C TYR D 68 31.86 -22.72 0.99
N GLU D 69 31.04 -21.69 1.17
CA GLU D 69 29.67 -21.89 1.66
C GLU D 69 28.64 -21.11 0.82
N SER D 70 28.98 -20.81 -0.44
CA SER D 70 28.11 -20.00 -1.28
C SER D 70 27.78 -20.74 -2.57
N ASP D 71 26.59 -20.44 -3.13
CA ASP D 71 26.28 -20.82 -4.50
C ASP D 71 26.79 -19.79 -5.52
N TYR D 72 27.51 -18.77 -5.08
CA TYR D 72 28.10 -17.77 -5.98
C TYR D 72 29.28 -18.44 -6.68
N GLN D 73 28.97 -19.26 -7.68
CA GLN D 73 29.98 -20.04 -8.37
C GLN D 73 29.87 -19.76 -9.87
N ALA D 74 30.92 -19.21 -10.45
CA ALA D 74 30.95 -19.11 -11.89
C ALA D 74 31.23 -20.50 -12.47
N ASP D 75 30.92 -20.65 -13.75
CA ASP D 75 31.23 -21.89 -14.43
C ASP D 75 32.75 -22.06 -14.45
N THR D 76 33.27 -23.13 -13.82
CA THR D 76 34.72 -23.29 -13.72
C THR D 76 35.38 -23.57 -15.06
N GLY D 77 34.60 -23.81 -16.12
CA GLY D 77 35.15 -23.88 -17.46
C GLY D 77 35.82 -22.59 -17.94
N ILE D 78 35.62 -21.46 -17.24
CA ILE D 78 36.35 -20.26 -17.62
C ILE D 78 37.85 -20.43 -17.50
N PHE D 79 38.31 -21.37 -16.66
CA PHE D 79 39.74 -21.61 -16.50
C PHE D 79 40.32 -22.51 -17.60
N ASP D 80 39.51 -22.93 -18.56
CA ASP D 80 39.98 -23.70 -19.70
C ASP D 80 39.90 -22.91 -21.01
N LEU D 81 39.59 -21.60 -20.96
CA LEU D 81 39.38 -20.87 -22.21
C LEU D 81 40.67 -20.42 -22.89
N GLY D 82 41.81 -20.46 -22.20
CA GLY D 82 43.03 -19.97 -22.79
C GLY D 82 43.13 -18.48 -22.80
N ILE D 83 42.35 -17.80 -21.97
CA ILE D 83 42.51 -16.34 -21.89
C ILE D 83 42.91 -15.98 -20.47
N PRO D 84 43.60 -14.85 -20.27
CA PRO D 84 43.98 -14.47 -18.90
C PRO D 84 42.75 -14.20 -18.04
N VAL D 85 42.89 -14.48 -16.75
CA VAL D 85 41.85 -14.22 -15.77
C VAL D 85 42.49 -13.53 -14.59
N LEU D 86 41.87 -12.45 -14.11
CA LEU D 86 42.27 -11.75 -12.90
C LEU D 86 41.12 -11.85 -11.89
N GLY D 87 41.42 -12.36 -10.70
CA GLY D 87 40.42 -12.48 -9.65
C GLY D 87 40.72 -11.46 -8.54
N ILE D 88 39.68 -10.74 -8.13
CA ILE D 88 39.81 -9.69 -7.13
C ILE D 88 39.07 -10.14 -5.88
N CYS D 89 39.81 -10.26 -4.77
CA CYS D 89 39.27 -10.67 -3.48
C CYS D 89 38.51 -11.99 -3.60
N TYR D 90 37.18 -11.95 -3.48
CA TYR D 90 36.38 -13.15 -3.72
C TYR D 90 36.79 -13.86 -5.00
N GLY D 91 37.03 -13.10 -6.08
CA GLY D 91 37.48 -13.70 -7.33
C GLY D 91 38.79 -14.45 -7.19
N MET D 92 39.73 -13.91 -6.40
CA MET D 92 40.96 -14.63 -6.10
C MET D 92 40.69 -15.87 -5.26
N GLN D 93 39.86 -15.74 -4.24
CA GLN D 93 39.52 -16.89 -3.41
C GLN D 93 38.82 -17.95 -4.24
N PHE D 94 37.90 -17.52 -5.09
CA PHE D 94 37.22 -18.46 -5.99
C PHE D 94 38.22 -19.19 -6.86
N MET D 95 39.17 -18.45 -7.43
CA MET D 95 40.24 -19.04 -8.23
C MET D 95 41.02 -20.07 -7.43
N ALA D 96 41.38 -19.77 -6.18
CA ALA D 96 42.16 -20.70 -5.38
C ALA D 96 41.35 -21.93 -4.99
N HIS D 97 40.07 -21.72 -4.70
CA HIS D 97 39.21 -22.81 -4.24
C HIS D 97 39.07 -23.91 -5.31
N HIS D 98 39.01 -23.53 -6.59
CA HIS D 98 38.72 -24.49 -7.65
C HIS D 98 39.92 -24.99 -8.44
N LEU D 99 41.11 -24.43 -8.21
CA LEU D 99 42.33 -24.82 -8.93
C LEU D 99 43.35 -25.45 -7.98
N GLY D 100 42.88 -26.08 -6.89
CA GLY D 100 43.72 -26.88 -6.03
C GLY D 100 44.32 -26.18 -4.83
N GLY D 101 43.91 -24.95 -4.54
CA GLY D 101 44.36 -24.23 -3.37
C GLY D 101 43.36 -24.33 -2.24
N GLU D 102 43.50 -23.43 -1.27
CA GLU D 102 42.63 -23.44 -0.10
C GLU D 102 42.36 -22.01 0.36
N VAL D 103 41.17 -21.80 0.92
CA VAL D 103 40.74 -20.52 1.45
C VAL D 103 40.49 -20.68 2.94
N GLN D 104 41.05 -19.75 3.73
CA GLN D 104 40.88 -19.71 5.18
C GLN D 104 39.80 -18.71 5.54
N PRO D 105 38.79 -19.10 6.31
CA PRO D 105 37.66 -18.20 6.58
C PRO D 105 38.05 -17.00 7.41
N GLY D 106 37.39 -15.87 7.10
CA GLY D 106 37.51 -14.62 7.84
C GLY D 106 36.26 -13.78 7.70
N ASN D 107 36.33 -12.50 8.04
CA ASN D 107 35.18 -11.60 7.98
C ASN D 107 35.21 -10.80 6.67
N GLN D 108 34.41 -11.23 5.69
CA GLN D 108 34.39 -10.59 4.36
C GLN D 108 33.93 -9.13 4.41
N ARG D 109 33.51 -8.62 5.57
CA ARG D 109 33.10 -7.23 5.71
C ARG D 109 34.25 -6.32 6.11
N GLU D 110 35.43 -6.87 6.39
CA GLU D 110 36.57 -6.12 6.91
C GLU D 110 37.46 -5.63 5.77
N PHE D 111 37.74 -4.32 5.77
CA PHE D 111 38.62 -3.68 4.80
C PHE D 111 39.44 -2.61 5.52
N GLY D 112 40.58 -2.26 4.92
CA GLY D 112 41.43 -1.22 5.46
C GLY D 112 42.72 -1.11 4.67
N TYR D 113 43.53 -0.11 5.03
CA TYR D 113 44.80 0.10 4.37
C TYR D 113 45.85 -0.94 4.76
N ALA D 114 46.68 -1.31 3.78
CA ALA D 114 47.80 -2.19 4.01
C ALA D 114 48.90 -1.90 2.99
N GLN D 115 50.12 -2.23 3.37
CA GLN D 115 51.28 -2.13 2.49
C GLN D 115 51.63 -3.52 1.99
N VAL D 116 51.56 -3.72 0.67
CA VAL D 116 51.85 -5.02 0.07
C VAL D 116 53.26 -4.98 -0.47
N LYS D 117 54.08 -5.96 -0.12
CA LYS D 117 55.40 -6.10 -0.72
C LYS D 117 55.31 -7.15 -1.82
N THR D 118 55.95 -6.85 -2.95
CA THR D 118 55.85 -7.70 -4.12
C THR D 118 57.23 -8.21 -4.53
N ILE D 119 57.21 -9.26 -5.36
CA ILE D 119 58.36 -9.66 -6.15
C ILE D 119 58.04 -9.40 -7.62
N ASP D 120 59.04 -9.55 -8.47
CA ASP D 120 58.87 -9.26 -9.88
C ASP D 120 57.97 -10.29 -10.55
N SER D 121 57.00 -9.82 -11.31
CA SER D 121 56.15 -10.68 -12.11
C SER D 121 55.58 -9.82 -13.22
N GLY D 122 54.85 -10.48 -14.13
CA GLY D 122 54.27 -9.75 -15.25
C GLY D 122 53.32 -8.67 -14.77
N LEU D 123 52.59 -8.97 -13.71
CA LEU D 123 51.62 -8.05 -13.16
C LEU D 123 52.28 -6.93 -12.35
N THR D 124 53.41 -7.20 -11.70
CA THR D 124 53.96 -6.26 -10.72
C THR D 124 55.15 -5.45 -11.21
N ARG D 125 55.81 -5.86 -12.30
CA ARG D 125 57.03 -5.18 -12.73
C ARG D 125 56.79 -3.71 -13.02
N GLY D 126 57.62 -2.85 -12.44
CA GLY D 126 57.59 -1.44 -12.72
C GLY D 126 56.44 -0.68 -12.11
N ILE D 127 55.69 -1.32 -11.23
CA ILE D 127 54.57 -0.68 -10.55
C ILE D 127 54.97 -0.57 -9.08
N GLN D 128 54.90 0.64 -8.54
CA GLN D 128 55.36 0.85 -7.17
C GLN D 128 54.77 2.15 -6.67
N ASP D 129 54.75 2.31 -5.35
CA ASP D 129 54.46 3.61 -4.79
C ASP D 129 55.77 4.23 -4.34
N ASP D 130 55.98 4.38 -3.03
CA ASP D 130 57.10 5.21 -2.58
C ASP D 130 58.43 4.47 -2.53
N ALA D 131 58.43 3.15 -2.60
CA ALA D 131 59.64 2.36 -2.69
C ALA D 131 59.40 1.27 -3.72
N PRO D 132 60.45 0.78 -4.38
CA PRO D 132 60.27 -0.31 -5.33
C PRO D 132 59.58 -1.50 -4.68
N ASN D 133 58.72 -2.17 -5.46
CA ASN D 133 58.09 -3.43 -5.04
C ASN D 133 57.28 -3.24 -3.75
N THR D 134 56.64 -2.07 -3.65
CA THR D 134 55.78 -1.71 -2.52
C THR D 134 54.51 -1.10 -3.07
N LEU D 135 53.38 -1.58 -2.60
CA LEU D 135 52.08 -1.05 -2.98
C LEU D 135 51.29 -0.70 -1.73
N ASP D 136 50.67 0.47 -1.74
CA ASP D 136 49.72 0.90 -0.72
C ASP D 136 48.31 0.64 -1.22
N VAL D 137 47.60 -0.27 -0.58
CA VAL D 137 46.37 -0.80 -1.15
C VAL D 137 45.23 -0.71 -0.16
N TRP D 138 44.02 -0.82 -0.71
CA TRP D 138 42.78 -0.99 0.04
C TRP D 138 42.52 -2.49 0.16
N MET D 139 42.83 -3.04 1.31
CA MET D 139 42.98 -4.47 1.50
C MET D 139 41.70 -5.09 2.04
N SER D 140 41.37 -6.28 1.52
CA SER D 140 40.32 -7.11 2.12
C SER D 140 40.92 -7.94 3.25
N HIS D 141 40.39 -7.78 4.46
CA HIS D 141 40.83 -8.55 5.62
C HIS D 141 39.89 -9.70 5.94
N GLY D 142 39.26 -10.28 4.92
CA GLY D 142 38.27 -11.30 5.17
C GLY D 142 38.80 -12.71 4.96
N ASP D 143 38.09 -13.47 4.13
CA ASP D 143 38.63 -14.74 3.65
C ASP D 143 39.90 -14.47 2.86
N LYS D 144 40.89 -15.35 2.99
CA LYS D 144 42.15 -15.18 2.28
C LYS D 144 42.69 -16.54 1.81
N VAL D 145 43.58 -16.50 0.81
CA VAL D 145 44.19 -17.73 0.32
C VAL D 145 45.21 -18.25 1.31
N SER D 146 45.01 -19.48 1.79
CA SER D 146 45.93 -20.09 2.75
C SER D 146 46.88 -21.09 2.13
N LYS D 147 46.57 -21.62 0.94
CA LYS D 147 47.46 -22.53 0.23
C LYS D 147 47.38 -22.22 -1.26
N LEU D 148 48.54 -22.05 -1.90
CA LEU D 148 48.60 -21.72 -3.31
C LEU D 148 47.90 -22.79 -4.15
N PRO D 149 47.15 -22.39 -5.18
CA PRO D 149 46.66 -23.37 -6.16
C PRO D 149 47.81 -23.85 -7.04
N ASP D 150 47.51 -24.87 -7.85
CA ASP D 150 48.53 -25.62 -8.56
C ASP D 150 49.22 -24.78 -9.62
N GLY D 151 50.55 -24.79 -9.62
CA GLY D 151 51.28 -23.97 -10.57
C GLY D 151 51.30 -22.49 -10.25
N PHE D 152 50.76 -22.06 -9.11
CA PHE D 152 50.76 -20.64 -8.75
C PHE D 152 51.95 -20.30 -7.86
N ALA D 153 52.32 -19.02 -7.85
CA ALA D 153 53.34 -18.51 -6.94
C ALA D 153 52.81 -17.26 -6.25
N VAL D 154 53.33 -17.03 -5.04
CA VAL D 154 53.09 -15.77 -4.33
C VAL D 154 53.88 -14.67 -5.03
N ILE D 155 53.19 -13.58 -5.38
CA ILE D 155 53.87 -12.40 -5.91
C ILE D 155 53.65 -11.17 -5.04
N GLY D 156 52.80 -11.27 -4.01
CA GLY D 156 52.59 -10.19 -3.07
C GLY D 156 52.15 -10.65 -1.70
N ASP D 157 52.61 -9.96 -0.65
CA ASP D 157 52.31 -10.37 0.72
C ASP D 157 52.31 -9.14 1.61
N THR D 158 51.65 -9.29 2.76
CA THR D 158 51.69 -8.36 3.88
C THR D 158 51.98 -9.18 5.12
N PRO D 159 52.31 -8.52 6.24
CA PRO D 159 52.52 -9.29 7.47
C PRO D 159 51.33 -10.16 7.85
N SER D 160 50.10 -9.66 7.68
CA SER D 160 48.91 -10.41 8.07
C SER D 160 48.30 -11.24 6.94
N CYS D 161 48.75 -11.09 5.70
CA CYS D 161 48.16 -11.82 4.57
C CYS D 161 49.27 -12.40 3.73
N PRO D 162 49.75 -13.60 4.07
CA PRO D 162 50.91 -14.17 3.38
C PRO D 162 50.72 -14.36 1.89
N ILE D 163 49.50 -14.57 1.42
CA ILE D 163 49.23 -14.70 0.00
C ILE D 163 48.30 -13.58 -0.41
N ALA D 164 48.86 -12.38 -0.61
CA ALA D 164 48.07 -11.22 -0.98
C ALA D 164 47.94 -11.07 -2.48
N MET D 165 48.90 -11.62 -3.24
CA MET D 165 48.84 -11.63 -4.69
C MET D 165 49.48 -12.94 -5.13
N MET D 166 48.89 -13.57 -6.14
CA MET D 166 49.39 -14.84 -6.67
C MET D 166 49.27 -14.82 -8.18
N GLU D 167 50.17 -15.56 -8.83
CA GLU D 167 50.27 -15.65 -10.28
C GLU D 167 50.50 -17.09 -10.67
N ASN D 168 49.78 -17.54 -11.70
CA ASN D 168 50.13 -18.74 -12.44
C ASN D 168 50.68 -18.27 -13.78
N THR D 169 52.00 -18.27 -13.92
CA THR D 169 52.62 -17.73 -15.13
C THR D 169 52.26 -18.54 -16.38
N GLU D 170 52.17 -19.86 -16.27
CA GLU D 170 51.84 -20.68 -17.45
C GLU D 170 50.45 -20.31 -18.00
N LYS D 171 49.47 -20.13 -17.11
CA LYS D 171 48.11 -19.91 -17.56
C LYS D 171 47.71 -18.44 -17.63
N GLN D 172 48.55 -17.52 -17.16
CA GLN D 172 48.22 -16.11 -17.04
C GLN D 172 46.95 -15.90 -16.18
N PHE D 173 46.89 -16.60 -15.06
CA PHE D 173 45.91 -16.36 -14.02
C PHE D 173 46.54 -15.50 -12.92
N TYR D 174 45.80 -14.51 -12.48
CA TYR D 174 46.27 -13.59 -11.44
C TYR D 174 45.17 -13.44 -10.40
N GLY D 175 45.57 -13.40 -9.14
CA GLY D 175 44.65 -13.16 -8.05
C GLY D 175 45.21 -12.17 -7.06
N ILE D 176 44.40 -11.21 -6.62
CA ILE D 176 44.86 -10.21 -5.66
C ILE D 176 43.81 -10.05 -4.59
N GLN D 177 44.28 -9.84 -3.36
CA GLN D 177 43.45 -9.78 -2.17
C GLN D 177 42.99 -8.35 -1.86
N PHE D 178 43.25 -7.40 -2.73
CA PHE D 178 42.82 -6.02 -2.52
C PHE D 178 42.05 -5.53 -3.75
N HIS D 179 41.40 -4.38 -3.60
CA HIS D 179 40.56 -3.81 -4.65
C HIS D 179 41.34 -2.80 -5.47
N PRO D 180 41.77 -3.14 -6.69
CA PRO D 180 42.45 -2.15 -7.54
C PRO D 180 41.50 -1.13 -8.16
N GLU D 181 40.18 -1.33 -8.10
CA GLU D 181 39.26 -0.42 -8.76
C GLU D 181 38.91 0.80 -7.90
N VAL D 182 39.31 0.84 -6.64
CA VAL D 182 39.11 2.04 -5.82
C VAL D 182 40.40 2.85 -5.81
N THR D 183 40.25 4.18 -5.87
CA THR D 183 41.40 5.07 -5.92
C THR D 183 42.23 5.02 -4.66
N HIS D 184 41.71 4.45 -3.57
CA HIS D 184 42.50 4.29 -2.34
C HIS D 184 43.72 3.38 -2.56
N THR D 185 43.65 2.48 -3.55
CA THR D 185 44.82 1.74 -4.03
C THR D 185 45.49 2.60 -5.09
N LYS D 186 46.60 3.25 -4.73
CA LYS D 186 47.19 4.28 -5.59
C LYS D 186 47.57 3.72 -6.96
N GLN D 187 48.14 2.52 -7.00
CA GLN D 187 48.52 1.86 -8.24
C GLN D 187 47.45 0.92 -8.77
N GLY D 188 46.22 1.02 -8.26
CA GLY D 188 45.19 0.09 -8.69
C GLY D 188 44.87 0.23 -10.17
N ARG D 189 44.83 1.47 -10.66
CA ARG D 189 44.64 1.70 -12.09
C ARG D 189 45.82 1.15 -12.90
N ALA D 190 47.05 1.38 -12.44
CA ALA D 190 48.22 0.84 -13.16
C ALA D 190 48.16 -0.68 -13.23
N LEU D 191 47.69 -1.33 -12.17
CA LEU D 191 47.58 -2.78 -12.14
C LEU D 191 46.50 -3.26 -13.11
N LEU D 192 45.34 -2.61 -13.11
CA LEU D 192 44.28 -2.98 -14.03
C LEU D 192 44.73 -2.76 -15.48
N ASN D 193 45.33 -1.60 -15.76
CA ASN D 193 45.84 -1.35 -17.10
C ASN D 193 46.86 -2.40 -17.50
N ARG D 194 47.77 -2.77 -16.59
CA ARG D 194 48.78 -3.77 -16.91
C ARG D 194 48.13 -5.08 -17.30
N PHE D 195 47.09 -5.50 -16.58
CA PHE D 195 46.41 -6.74 -16.91
C PHE D 195 45.69 -6.63 -18.25
N VAL D 196 44.97 -5.53 -18.47
CA VAL D 196 44.12 -5.38 -19.66
C VAL D 196 44.96 -5.10 -20.90
N LEU D 197 45.90 -4.16 -20.81
CA LEU D 197 46.64 -3.66 -21.98
C LEU D 197 47.84 -4.54 -22.34
N ASP D 198 48.52 -5.11 -21.35
CA ASP D 198 49.78 -5.81 -21.59
C ASP D 198 49.64 -7.33 -21.49
N ILE D 199 49.04 -7.82 -20.40
CA ILE D 199 48.89 -9.27 -20.24
C ILE D 199 47.81 -9.80 -21.18
N CYS D 200 46.64 -9.17 -21.20
CA CYS D 200 45.61 -9.54 -22.15
C CYS D 200 45.86 -9.01 -23.56
N GLY D 201 46.67 -7.96 -23.70
CA GLY D 201 46.92 -7.39 -25.02
C GLY D 201 45.70 -6.76 -25.69
N ALA D 202 44.73 -6.28 -24.91
CA ALA D 202 43.56 -5.66 -25.52
C ALA D 202 43.93 -4.32 -26.15
N GLN D 203 43.49 -4.11 -27.38
CA GLN D 203 43.80 -2.91 -28.12
C GLN D 203 42.99 -1.72 -27.62
N PRO D 204 43.61 -0.64 -27.23
CA PRO D 204 42.86 0.52 -26.71
C PRO D 204 42.18 1.33 -27.81
N GLY D 205 41.26 0.68 -28.54
CA GLY D 205 40.54 1.29 -29.64
C GLY D 205 39.17 1.84 -29.31
N TRP D 206 38.72 1.72 -28.07
CA TRP D 206 37.39 2.15 -27.64
C TRP D 206 37.43 3.66 -27.38
N THR D 207 37.12 4.42 -28.42
CA THR D 207 37.05 5.87 -28.38
C THR D 207 35.71 6.25 -28.98
N MET D 208 35.24 7.45 -28.65
CA MET D 208 33.95 7.89 -29.15
C MET D 208 34.00 8.23 -30.63
N PRO D 209 35.08 8.80 -31.16
CA PRO D 209 35.19 8.88 -32.63
C PRO D 209 35.18 7.52 -33.30
N ASN D 210 35.75 6.48 -32.66
CA ASN D 210 35.70 5.14 -33.22
C ASN D 210 34.30 4.55 -33.12
N TYR D 211 33.44 5.08 -32.26
CA TYR D 211 32.14 4.50 -31.96
C TYR D 211 31.05 4.99 -32.88
N ILE D 212 31.19 6.21 -33.42
CA ILE D 212 30.11 6.86 -34.16
C ILE D 212 29.65 6.00 -35.33
N GLU D 213 30.59 5.56 -36.17
CA GLU D 213 30.19 4.89 -37.41
C GLU D 213 29.47 3.58 -37.12
N GLU D 214 29.95 2.83 -36.12
CA GLU D 214 29.26 1.60 -35.74
C GLU D 214 27.89 1.90 -35.16
N ALA D 215 27.79 2.94 -34.31
CA ALA D 215 26.50 3.26 -33.70
C ALA D 215 25.48 3.74 -34.75
N VAL D 216 25.94 4.55 -35.70
CA VAL D 216 25.07 4.98 -36.78
C VAL D 216 24.55 3.78 -37.58
N ALA D 217 25.43 2.82 -37.90
CA ALA D 217 25.01 1.66 -38.70
C ALA D 217 24.00 0.79 -37.94
N LYS D 218 24.22 0.57 -36.65
CA LYS D 218 23.28 -0.25 -35.87
C LYS D 218 21.91 0.43 -35.80
N ILE D 219 21.89 1.75 -35.66
CA ILE D 219 20.62 2.47 -35.62
C ILE D 219 19.93 2.36 -36.98
N ARG D 220 20.68 2.54 -38.07
CA ARG D 220 20.10 2.43 -39.39
C ARG D 220 19.56 1.02 -39.64
N GLU D 221 20.31 -0.01 -39.22
CA GLU D 221 19.84 -1.39 -39.37
C GLU D 221 18.62 -1.65 -38.50
N GLN D 222 18.52 -0.98 -37.35
CA GLN D 222 17.42 -1.22 -36.42
C GLN D 222 16.14 -0.54 -36.87
N VAL D 223 16.23 0.65 -37.45
CA VAL D 223 15.07 1.50 -37.70
C VAL D 223 14.68 1.56 -39.18
N GLY D 224 15.65 1.52 -40.10
CA GLY D 224 15.35 1.62 -41.52
C GLY D 224 14.74 2.96 -41.89
N SER D 225 13.55 2.93 -42.47
CA SER D 225 12.85 4.14 -42.88
C SER D 225 11.76 4.56 -41.91
N ASP D 226 11.62 3.86 -40.78
CA ASP D 226 10.63 4.17 -39.76
C ASP D 226 10.86 5.54 -39.15
N GLU D 227 9.83 6.08 -38.51
CA GLU D 227 9.94 7.36 -37.83
C GLU D 227 10.09 7.17 -36.32
N VAL D 228 10.86 8.09 -35.71
CA VAL D 228 11.26 8.01 -34.32
C VAL D 228 10.89 9.30 -33.60
N ILE D 229 10.38 9.16 -32.39
CA ILE D 229 10.16 10.30 -31.50
C ILE D 229 11.09 10.17 -30.30
N LEU D 230 11.54 11.31 -29.80
CA LEU D 230 12.49 11.37 -28.70
C LEU D 230 12.16 12.56 -27.82
N GLY D 231 12.13 12.34 -26.51
CA GLY D 231 11.97 13.43 -25.56
C GLY D 231 13.29 14.11 -25.26
N LEU D 232 13.35 15.42 -25.47
CA LEU D 232 14.48 16.26 -25.10
C LEU D 232 14.18 16.90 -23.75
N SER D 233 14.87 16.45 -22.70
CA SER D 233 14.73 17.08 -21.40
C SER D 233 15.58 18.34 -21.27
N GLY D 234 16.61 18.49 -22.11
CA GLY D 234 17.67 19.44 -21.88
C GLY D 234 18.92 18.81 -21.30
N GLY D 235 18.79 17.61 -20.73
CA GLY D 235 19.93 16.90 -20.20
C GLY D 235 20.82 16.36 -21.31
N VAL D 236 22.03 15.98 -20.92
CA VAL D 236 23.03 15.59 -21.91
C VAL D 236 22.64 14.28 -22.60
N ASP D 237 22.09 13.33 -21.84
CA ASP D 237 21.79 12.01 -22.40
C ASP D 237 20.81 12.09 -23.58
N SER D 238 19.68 12.74 -23.36
CA SER D 238 18.70 12.79 -24.43
C SER D 238 19.19 13.66 -25.58
N SER D 239 19.97 14.70 -25.27
CA SER D 239 20.54 15.56 -26.32
C SER D 239 21.52 14.79 -27.20
N VAL D 240 22.41 14.00 -26.60
CA VAL D 240 23.39 13.24 -27.36
C VAL D 240 22.69 12.17 -28.19
N ALA D 241 21.71 11.48 -27.61
CA ALA D 241 20.89 10.54 -28.36
C ALA D 241 20.26 11.21 -29.57
N ALA D 242 19.73 12.42 -29.39
CA ALA D 242 19.13 13.13 -30.50
C ALA D 242 20.15 13.38 -31.59
N ALA D 243 21.33 13.89 -31.22
CA ALA D 243 22.37 14.18 -32.20
C ALA D 243 22.78 12.91 -32.94
N LEU D 244 22.92 11.79 -32.23
CA LEU D 244 23.37 10.55 -32.86
C LEU D 244 22.29 10.00 -33.77
N ILE D 245 21.03 9.96 -33.29
CA ILE D 245 19.96 9.42 -34.12
C ILE D 245 19.72 10.31 -35.33
N HIS D 246 19.82 11.64 -35.14
CA HIS D 246 19.71 12.55 -36.28
C HIS D 246 20.81 12.27 -37.30
N ARG D 247 22.01 11.97 -36.81
CA ARG D 247 23.10 11.59 -37.69
C ARG D 247 22.79 10.31 -38.48
N ALA D 248 22.03 9.40 -37.88
CA ALA D 248 21.73 8.13 -38.56
C ALA D 248 20.56 8.25 -39.53
N ILE D 249 19.46 8.91 -39.13
CA ILE D 249 18.20 8.82 -39.88
C ILE D 249 17.60 10.17 -40.22
N GLY D 250 18.26 11.28 -39.89
CA GLY D 250 17.80 12.58 -40.38
C GLY D 250 16.35 12.86 -40.07
N ASP D 251 15.59 13.22 -41.13
CA ASP D 251 14.20 13.65 -41.05
C ASP D 251 13.25 12.59 -40.51
N GLN D 252 13.72 11.36 -40.30
CA GLN D 252 12.92 10.32 -39.67
C GLN D 252 12.75 10.54 -38.17
N LEU D 253 13.53 11.44 -37.57
CA LEU D 253 13.47 11.74 -36.15
C LEU D 253 12.65 13.00 -35.89
N THR D 254 11.74 12.93 -34.92
CA THR D 254 11.07 14.12 -34.39
C THR D 254 11.33 14.20 -32.89
N CYS D 255 11.81 15.34 -32.44
CA CYS D 255 12.04 15.53 -31.01
C CYS D 255 10.90 16.34 -30.43
N VAL D 256 10.62 16.09 -29.16
CA VAL D 256 9.60 16.82 -28.40
C VAL D 256 10.28 17.42 -27.19
N PHE D 257 10.24 18.75 -27.08
CA PHE D 257 10.80 19.47 -25.94
C PHE D 257 9.66 20.13 -25.18
N VAL D 258 9.55 19.82 -23.90
CA VAL D 258 8.52 20.37 -23.01
C VAL D 258 9.22 21.30 -22.04
N ASP D 259 8.83 22.59 -22.05
CA ASP D 259 9.29 23.54 -21.03
C ASP D 259 8.20 23.68 -19.96
N HIS D 260 8.46 23.11 -18.78
CA HIS D 260 7.49 23.16 -17.70
C HIS D 260 7.65 24.38 -16.80
N GLY D 261 8.45 25.37 -17.20
CA GLY D 261 8.64 26.56 -16.39
C GLY D 261 9.56 26.40 -15.20
N LEU D 262 10.16 25.22 -15.04
CA LEU D 262 11.03 24.94 -13.91
C LEU D 262 12.45 24.62 -14.38
N LEU D 263 12.84 25.16 -15.53
CA LEU D 263 14.17 25.00 -16.07
C LEU D 263 15.03 26.20 -15.71
N ARG D 264 16.33 26.06 -15.95
CA ARG D 264 17.26 27.15 -15.70
CA ARG D 264 17.28 27.13 -15.73
C ARG D 264 17.08 28.24 -16.76
N LEU D 265 17.79 29.35 -16.56
CA LEU D 265 17.66 30.51 -17.43
C LEU D 265 17.97 30.15 -18.88
N ASN D 266 17.06 30.52 -19.78
CA ASN D 266 17.25 30.39 -21.23
C ASN D 266 17.45 28.95 -21.70
N GLU D 267 17.00 27.98 -20.90
CA GLU D 267 17.23 26.58 -21.24
C GLU D 267 16.51 26.19 -22.52
N GLY D 268 15.24 26.60 -22.65
CA GLY D 268 14.50 26.34 -23.86
C GLY D 268 15.13 26.97 -25.10
N LYS D 269 15.60 28.20 -24.99
CA LYS D 269 16.26 28.85 -26.13
C LYS D 269 17.50 28.10 -26.55
N MET D 270 18.32 27.67 -25.58
CA MET D 270 19.57 26.99 -25.91
C MET D 270 19.31 25.62 -26.54
N VAL D 271 18.26 24.92 -26.09
CA VAL D 271 17.92 23.64 -26.66
C VAL D 271 17.40 23.81 -28.09
N MET D 272 16.51 24.77 -28.31
CA MET D 272 16.02 25.00 -29.67
C MET D 272 17.14 25.46 -30.59
N ASP D 273 18.02 26.34 -30.10
CA ASP D 273 19.08 26.88 -30.95
C ASP D 273 20.03 25.79 -31.43
N MET D 274 20.44 24.91 -30.52
CA MET D 274 21.43 23.89 -30.89
C MET D 274 20.83 22.82 -31.80
N PHE D 275 19.54 22.53 -31.66
CA PHE D 275 18.91 21.44 -32.40
C PHE D 275 18.13 21.93 -33.62
N ALA D 276 17.14 22.79 -33.41
CA ALA D 276 16.27 23.23 -34.50
C ALA D 276 17.00 24.16 -35.46
N ARG D 277 17.83 25.08 -34.94
CA ARG D 277 18.51 26.05 -35.78
C ARG D 277 19.81 25.52 -36.39
N ASN D 278 20.71 24.99 -35.55
CA ASN D 278 22.02 24.57 -36.04
C ASN D 278 21.96 23.26 -36.83
N LEU D 279 21.14 22.29 -36.38
CA LEU D 279 21.12 20.97 -36.97
C LEU D 279 19.91 20.71 -37.87
N GLY D 280 18.87 21.53 -37.79
CA GLY D 280 17.66 21.29 -38.56
C GLY D 280 16.82 20.13 -38.09
N VAL D 281 16.98 19.70 -36.84
CA VAL D 281 16.12 18.65 -36.29
C VAL D 281 14.70 19.18 -36.11
N LYS D 282 13.71 18.34 -36.43
CA LYS D 282 12.32 18.67 -36.17
C LYS D 282 12.04 18.59 -34.68
N VAL D 283 11.66 19.71 -34.06
CA VAL D 283 11.45 19.79 -32.62
C VAL D 283 10.07 20.37 -32.33
N ILE D 284 9.23 19.60 -31.64
CA ILE D 284 7.96 20.13 -31.14
C ILE D 284 8.21 20.82 -29.79
N HIS D 285 7.98 22.12 -29.74
CA HIS D 285 8.22 22.93 -28.57
C HIS D 285 6.91 23.22 -27.85
N VAL D 286 6.78 22.75 -26.62
CA VAL D 286 5.61 23.01 -25.79
C VAL D 286 6.01 23.95 -24.67
N ASP D 287 5.32 25.09 -24.58
CA ASP D 287 5.48 26.04 -23.50
C ASP D 287 4.37 25.76 -22.49
N ALA D 288 4.70 24.99 -21.45
CA ALA D 288 3.70 24.57 -20.48
C ALA D 288 3.88 25.23 -19.12
N GLU D 289 4.62 26.35 -19.08
CA GLU D 289 4.92 27.02 -17.83
C GLU D 289 3.66 27.32 -17.04
N GLY D 290 2.71 28.03 -17.66
CA GLY D 290 1.50 28.42 -16.94
C GLY D 290 0.72 27.23 -16.41
N GLN D 291 0.67 26.15 -17.20
CA GLN D 291 -0.09 24.96 -16.81
C GLN D 291 0.51 24.26 -15.60
N PHE D 292 1.85 24.15 -15.54
CA PHE D 292 2.49 23.54 -14.38
C PHE D 292 2.33 24.42 -13.13
N MET D 293 2.51 25.72 -13.29
CA MET D 293 2.38 26.62 -12.14
C MET D 293 0.98 26.55 -11.56
N ALA D 294 -0.04 26.44 -12.43
CA ALA D 294 -1.42 26.38 -11.96
C ALA D 294 -1.68 25.11 -11.14
N LYS D 295 -1.09 23.99 -11.58
CA LYS D 295 -1.23 22.72 -10.87
C LYS D 295 -0.45 22.67 -9.56
N LEU D 296 0.61 23.47 -9.43
CA LEU D 296 1.41 23.48 -8.21
C LEU D 296 0.92 24.50 -7.18
N ALA D 297 -0.03 25.36 -7.54
CA ALA D 297 -0.49 26.41 -6.64
C ALA D 297 -0.95 25.84 -5.31
N GLY D 298 -0.43 26.42 -4.23
CA GLY D 298 -0.78 26.06 -2.87
C GLY D 298 -0.23 24.75 -2.36
N VAL D 299 0.66 24.10 -3.10
CA VAL D 299 1.22 22.81 -2.73
C VAL D 299 2.58 23.04 -2.11
N THR D 300 2.73 22.65 -0.83
CA THR D 300 3.98 22.83 -0.10
C THR D 300 4.69 21.52 0.22
N ASP D 301 3.97 20.40 0.31
CA ASP D 301 4.59 19.12 0.59
C ASP D 301 5.53 18.76 -0.55
N PRO D 302 6.84 18.58 -0.29
CA PRO D 302 7.76 18.30 -1.38
C PRO D 302 7.48 16.98 -2.09
N GLU D 303 6.96 15.99 -1.37
CA GLU D 303 6.66 14.73 -2.03
C GLU D 303 5.50 14.89 -3.00
N LYS D 304 4.47 15.64 -2.61
CA LYS D 304 3.39 15.91 -3.55
C LYS D 304 3.86 16.74 -4.74
N LYS D 305 4.76 17.71 -4.51
CA LYS D 305 5.31 18.49 -5.62
C LYS D 305 5.99 17.60 -6.66
N ARG D 306 6.80 16.65 -6.20
CA ARG D 306 7.45 15.74 -7.16
C ARG D 306 6.41 14.91 -7.91
N LYS D 307 5.36 14.45 -7.20
CA LYS D 307 4.32 13.66 -7.83
C LYS D 307 3.55 14.47 -8.86
N ILE D 308 3.21 15.71 -8.54
CA ILE D 308 2.47 16.54 -9.48
C ILE D 308 3.31 16.80 -10.72
N ILE D 309 4.57 17.18 -10.54
CA ILE D 309 5.40 17.55 -11.68
C ILE D 309 5.65 16.35 -12.59
N GLY D 310 5.94 15.19 -12.01
CA GLY D 310 6.20 14.01 -12.83
C GLY D 310 4.97 13.56 -13.61
N ALA D 311 3.82 13.49 -12.95
CA ALA D 311 2.60 13.06 -13.62
C ALA D 311 2.16 14.07 -14.69
N GLU D 312 2.29 15.36 -14.40
CA GLU D 312 1.87 16.36 -15.38
C GLU D 312 2.78 16.36 -16.61
N PHE D 313 4.08 16.12 -16.43
CA PHE D 313 4.99 16.06 -17.57
C PHE D 313 4.67 14.88 -18.48
N ILE D 314 4.38 13.72 -17.88
CA ILE D 314 4.01 12.55 -18.67
C ILE D 314 2.77 12.85 -19.51
N GLU D 315 1.80 13.60 -18.95
CA GLU D 315 0.59 13.92 -19.71
C GLU D 315 0.87 14.85 -20.89
N VAL D 316 1.68 15.89 -20.69
CA VAL D 316 1.95 16.81 -21.81
C VAL D 316 2.71 16.08 -22.91
N PHE D 317 3.69 15.26 -22.52
CA PHE D 317 4.47 14.53 -23.51
C PHE D 317 3.63 13.47 -24.22
N ASP D 318 2.77 12.76 -23.49
CA ASP D 318 1.99 11.69 -24.12
C ASP D 318 1.02 12.24 -25.16
N ALA D 319 0.42 13.41 -24.89
CA ALA D 319 -0.48 13.99 -25.87
C ALA D 319 0.25 14.37 -27.15
N GLU D 320 1.51 14.79 -27.04
CA GLU D 320 2.29 15.09 -28.24
C GLU D 320 2.68 13.80 -28.97
N GLU D 321 2.96 12.74 -28.22
CA GLU D 321 3.29 11.45 -28.82
C GLU D 321 2.13 10.90 -29.64
N LYS D 322 0.90 10.99 -29.11
CA LYS D 322 -0.27 10.48 -29.83
C LYS D 322 -0.47 11.20 -31.16
N LYS D 323 -0.15 12.50 -31.22
CA LYS D 323 -0.32 13.27 -32.45
C LYS D 323 0.67 12.86 -33.54
N LEU D 324 1.80 12.23 -33.17
CA LEU D 324 2.78 11.75 -34.15
C LEU D 324 2.42 10.31 -34.50
N THR D 325 1.39 10.20 -35.35
CA THR D 325 0.74 8.90 -35.56
C THR D 325 1.59 7.95 -36.38
N ASN D 326 2.47 8.46 -37.24
CA ASN D 326 3.30 7.61 -38.09
C ASN D 326 4.63 7.29 -37.46
N ALA D 327 4.68 7.19 -36.12
CA ALA D 327 5.89 6.85 -35.39
C ALA D 327 5.86 5.39 -34.93
N LYS D 328 7.03 4.74 -34.98
CA LYS D 328 7.15 3.37 -34.52
C LYS D 328 8.17 3.16 -33.40
N TRP D 329 9.06 4.12 -33.16
CA TRP D 329 10.11 3.97 -32.15
C TRP D 329 10.06 5.13 -31.17
N LEU D 330 10.10 4.80 -29.88
CA LEU D 330 10.37 5.78 -28.84
C LEU D 330 11.84 5.64 -28.46
N ALA D 331 12.64 6.66 -28.78
CA ALA D 331 14.04 6.72 -28.42
C ALA D 331 14.20 7.28 -27.01
N GLN D 332 15.18 6.75 -26.28
CA GLN D 332 15.47 7.16 -24.92
C GLN D 332 16.98 7.25 -24.74
N GLY D 333 17.42 8.09 -23.80
CA GLY D 333 18.83 8.28 -23.53
C GLY D 333 19.34 7.33 -22.45
N THR D 334 18.72 6.16 -22.35
CA THR D 334 19.19 5.13 -21.43
C THR D 334 20.69 4.87 -21.59
N ILE D 335 21.42 4.91 -20.47
CA ILE D 335 22.86 4.69 -20.50
C ILE D 335 23.17 3.41 -19.72
N TYR D 336 24.44 3.01 -19.76
CA TYR D 336 24.85 1.71 -19.20
C TYR D 336 24.50 1.52 -17.73
N PRO D 337 24.77 2.49 -16.81
CA PRO D 337 24.34 2.32 -15.41
C PRO D 337 22.85 1.98 -15.24
N ASP D 338 21.99 2.45 -16.13
CA ASP D 338 20.57 2.11 -16.05
C ASP D 338 20.35 0.65 -16.42
N VAL D 339 21.20 0.08 -17.26
CA VAL D 339 20.98 -1.26 -17.78
C VAL D 339 21.61 -2.34 -16.90
N ILE D 340 22.58 -1.99 -16.06
CA ILE D 340 23.19 -2.96 -15.15
C ILE D 340 22.23 -3.23 -13.98
N LEU D 368 5.02 1.21 -29.34
CA LEU D 368 6.25 1.81 -29.87
C LEU D 368 7.46 1.01 -29.43
N LYS D 369 8.39 0.77 -30.34
CA LYS D 369 9.61 0.05 -30.01
C LYS D 369 10.64 0.96 -29.34
N LEU D 370 11.45 0.39 -28.44
CA LEU D 370 12.46 1.17 -27.74
C LEU D 370 13.74 1.27 -28.56
N LEU D 371 14.21 2.49 -28.78
CA LEU D 371 15.49 2.74 -29.43
C LEU D 371 16.43 3.39 -28.40
N GLU D 372 17.45 2.65 -27.99
CA GLU D 372 18.33 3.08 -26.91
C GLU D 372 19.78 3.01 -27.35
N PRO D 373 20.22 3.96 -28.17
CA PRO D 373 21.56 3.85 -28.77
C PRO D 373 22.70 4.10 -27.78
N LEU D 374 22.42 4.57 -26.56
CA LEU D 374 23.47 4.85 -25.58
C LEU D 374 23.56 3.80 -24.48
N ARG D 375 22.98 2.61 -24.68
CA ARG D 375 22.86 1.62 -23.60
C ARG D 375 24.20 1.11 -23.09
N ASP D 376 25.27 1.29 -23.86
CA ASP D 376 26.57 0.71 -23.56
C ASP D 376 27.56 1.74 -23.03
N LEU D 377 27.11 2.98 -22.80
CA LEU D 377 28.04 4.05 -22.47
C LEU D 377 27.87 4.50 -21.03
N PHE D 378 28.97 4.88 -20.41
CA PHE D 378 28.93 5.65 -19.18
C PHE D 378 28.75 7.12 -19.52
N LYS D 379 28.43 7.89 -18.49
CA LYS D 379 28.12 9.32 -18.65
C LYS D 379 29.27 10.06 -19.31
N ASP D 380 30.48 9.87 -18.77
CA ASP D 380 31.62 10.58 -19.35
C ASP D 380 31.83 10.21 -20.81
N GLU D 381 31.59 8.94 -21.19
CA GLU D 381 31.70 8.60 -22.60
C GLU D 381 30.61 9.28 -23.42
N VAL D 382 29.38 9.36 -22.87
CA VAL D 382 28.31 10.06 -23.53
C VAL D 382 28.69 11.51 -23.78
N ARG D 383 29.36 12.13 -22.81
CA ARG D 383 29.77 13.52 -22.97
C ARG D 383 30.77 13.65 -24.12
N GLU D 384 31.80 12.80 -24.13
CA GLU D 384 32.75 12.82 -25.25
C GLU D 384 32.06 12.55 -26.58
N LEU D 385 31.07 11.66 -26.60
CA LEU D 385 30.32 11.41 -27.83
C LEU D 385 29.56 12.66 -28.26
N GLY D 386 29.00 13.39 -27.29
CA GLY D 386 28.32 14.62 -27.62
C GLY D 386 29.25 15.62 -28.31
N VAL D 387 30.48 15.77 -27.77
CA VAL D 387 31.44 16.65 -28.44
C VAL D 387 31.83 16.08 -29.81
N ALA D 388 32.13 14.77 -29.86
CA ALA D 388 32.56 14.15 -31.12
C ALA D 388 31.55 14.41 -32.24
N LEU D 389 30.25 14.43 -31.91
CA LEU D 389 29.17 14.64 -32.87
C LEU D 389 29.02 16.10 -33.28
N GLY D 390 29.68 17.03 -32.59
CA GLY D 390 29.58 18.42 -32.94
C GLY D 390 28.64 19.23 -32.08
N LEU D 391 28.13 18.66 -31.00
CA LEU D 391 27.37 19.45 -30.06
C LEU D 391 28.30 20.39 -29.30
N PRO D 392 27.82 21.58 -28.94
CA PRO D 392 28.66 22.53 -28.18
C PRO D 392 28.98 22.00 -26.79
N ARG D 393 30.26 22.11 -26.43
CA ARG D 393 30.74 21.58 -25.15
C ARG D 393 29.91 22.09 -23.97
N GLU D 394 29.49 23.36 -24.02
CA GLU D 394 28.74 23.91 -22.89
C GLU D 394 27.42 23.17 -22.65
N MET D 395 26.77 22.66 -23.70
CA MET D 395 25.52 21.94 -23.48
C MET D 395 25.74 20.48 -23.10
N VAL D 396 26.95 19.95 -23.32
CA VAL D 396 27.23 18.55 -23.09
C VAL D 396 27.91 18.33 -21.74
N TYR D 397 28.78 19.23 -21.35
CA TYR D 397 29.44 19.17 -20.04
C TYR D 397 28.70 20.08 -19.05
N ARG D 398 27.53 19.60 -18.64
CA ARG D 398 26.61 20.34 -17.78
C ARG D 398 26.36 19.49 -16.55
N HIS D 399 26.14 20.15 -15.42
CA HIS D 399 25.77 19.41 -14.22
C HIS D 399 24.42 18.72 -14.46
N PRO D 400 24.22 17.53 -13.92
CA PRO D 400 22.90 16.91 -14.06
C PRO D 400 21.83 17.81 -13.44
N PHE D 401 20.62 17.67 -13.94
CA PHE D 401 19.50 18.51 -13.54
C PHE D 401 18.34 17.57 -13.19
N PRO D 402 17.68 17.77 -12.06
CA PRO D 402 16.62 16.83 -11.65
C PRO D 402 15.41 16.94 -12.56
N GLY D 403 14.67 15.84 -12.65
CA GLY D 403 13.41 15.80 -13.36
C GLY D 403 12.46 16.93 -12.98
N PRO D 404 12.14 17.03 -11.67
CA PRO D 404 11.25 18.12 -11.22
C PRO D 404 11.89 19.50 -11.25
N GLY D 405 13.13 19.63 -11.72
CA GLY D 405 13.70 20.94 -12.00
C GLY D 405 13.76 21.86 -10.79
N LEU D 406 13.53 23.15 -11.04
CA LEU D 406 13.53 24.12 -9.95
C LEU D 406 12.42 23.83 -8.93
N GLY D 407 11.45 22.98 -9.28
CA GLY D 407 10.38 22.61 -8.37
C GLY D 407 10.86 22.05 -7.04
N VAL D 408 12.05 21.43 -7.02
CA VAL D 408 12.66 20.95 -5.78
C VAL D 408 13.76 21.89 -5.31
N ARG D 409 13.91 23.06 -5.93
CA ARG D 409 14.86 24.06 -5.49
C ARG D 409 14.20 25.35 -5.03
N ILE D 410 12.88 25.37 -5.00
CA ILE D 410 12.08 26.43 -4.44
C ILE D 410 11.35 25.79 -3.27
N LEU D 411 11.81 26.04 -2.03
CA LEU D 411 11.23 25.37 -0.88
C LEU D 411 9.80 25.84 -0.64
N GLY D 412 8.91 24.90 -0.33
CA GLY D 412 7.52 25.25 -0.16
C GLY D 412 6.84 25.51 -1.48
N GLU D 413 5.96 26.52 -1.54
CA GLU D 413 5.11 26.70 -2.70
C GLU D 413 5.91 27.23 -3.89
N VAL D 414 5.74 26.58 -5.04
CA VAL D 414 6.39 26.98 -6.27
C VAL D 414 5.51 27.96 -7.03
N LYS D 415 6.09 29.10 -7.42
CA LYS D 415 5.41 30.14 -8.19
C LYS D 415 6.38 30.70 -9.21
N LYS D 416 5.85 31.23 -10.32
CA LYS D 416 6.73 31.85 -11.31
C LYS D 416 7.57 32.96 -10.69
N GLU D 417 6.96 33.76 -9.80
CA GLU D 417 7.71 34.83 -9.14
C GLU D 417 9.00 34.30 -8.53
N TYR D 418 8.93 33.18 -7.81
CA TYR D 418 10.13 32.65 -7.17
C TYR D 418 11.07 32.01 -8.18
N ALA D 419 10.52 31.29 -9.17
CA ALA D 419 11.36 30.69 -10.20
C ALA D 419 12.16 31.74 -10.97
N ASP D 420 11.54 32.90 -11.22
CA ASP D 420 12.26 33.96 -11.94
C ASP D 420 13.41 34.52 -11.10
N LEU D 421 13.18 34.72 -9.80
CA LEU D 421 14.27 35.15 -8.92
C LEU D 421 15.37 34.12 -8.89
N LEU D 422 15.00 32.85 -8.71
CA LEU D 422 15.99 31.79 -8.54
C LEU D 422 16.83 31.62 -9.80
N ARG D 423 16.19 31.68 -10.98
CA ARG D 423 16.93 31.54 -12.23
C ARG D 423 17.98 32.62 -12.35
N GLN D 424 17.66 33.82 -11.88
CA GLN D 424 18.63 34.89 -11.94
C GLN D 424 19.79 34.63 -10.97
N ALA D 425 19.50 34.27 -9.73
CA ALA D 425 20.58 33.99 -8.79
C ALA D 425 21.38 32.76 -9.22
N ASP D 426 20.68 31.71 -9.66
CA ASP D 426 21.38 30.51 -10.11
C ASP D 426 22.33 30.84 -11.26
N ASP D 427 21.91 31.70 -12.18
CA ASP D 427 22.78 32.00 -13.31
C ASP D 427 24.01 32.79 -12.87
N ILE D 428 23.85 33.74 -11.93
CA ILE D 428 25.00 34.48 -11.44
C ILE D 428 26.01 33.53 -10.79
N PHE D 429 25.52 32.62 -9.94
CA PHE D 429 26.40 31.61 -9.33
C PHE D 429 27.17 30.83 -10.39
N ILE D 430 26.47 30.36 -11.44
CA ILE D 430 27.12 29.54 -12.48
C ILE D 430 28.13 30.35 -13.29
N GLN D 431 27.81 31.61 -13.63
CA GLN D 431 28.79 32.49 -14.28
C GLN D 431 30.10 32.51 -13.51
N GLU D 432 30.03 32.69 -12.19
CA GLU D 432 31.25 32.81 -11.40
C GLU D 432 31.99 31.47 -11.30
N LEU D 433 31.27 30.36 -11.20
CA LEU D 433 31.91 29.04 -11.21
C LEU D 433 32.61 28.78 -12.54
N ARG D 434 32.02 29.23 -13.65
CA ARG D 434 32.65 29.04 -14.96
C ARG D 434 33.86 29.93 -15.16
N ASN D 435 33.87 31.13 -14.58
CA ASN D 435 34.91 32.11 -14.88
C ASN D 435 36.04 32.16 -13.86
N THR D 436 36.01 31.35 -12.81
CA THR D 436 37.05 31.31 -11.80
C THR D 436 37.74 29.95 -11.83
N THR D 437 39.08 29.96 -11.87
CA THR D 437 39.86 28.74 -12.03
C THR D 437 40.79 28.50 -10.84
N ASP D 438 41.14 27.23 -10.64
CA ASP D 438 42.12 26.84 -9.63
C ASP D 438 43.55 27.01 -10.17
N GLU D 439 44.52 26.46 -9.42
CA GLU D 439 45.92 26.64 -9.77
C GLU D 439 46.30 25.96 -11.08
N ASN D 440 45.54 24.94 -11.48
CA ASN D 440 45.80 24.26 -12.73
C ASN D 440 45.02 24.82 -13.91
N GLY D 441 44.22 25.87 -13.72
CA GLY D 441 43.42 26.42 -14.80
C GLY D 441 42.07 25.77 -15.02
N THR D 442 41.64 24.88 -14.13
CA THR D 442 40.35 24.22 -14.19
C THR D 442 39.27 25.07 -13.52
N SER D 443 38.14 25.23 -14.19
CA SER D 443 37.07 26.05 -13.65
C SER D 443 36.40 25.37 -12.45
N TRP D 444 35.89 26.20 -11.53
CA TRP D 444 35.15 25.65 -10.39
C TRP D 444 33.82 25.07 -10.82
N TYR D 445 33.25 25.52 -11.94
CA TYR D 445 32.15 24.78 -12.56
C TYR D 445 32.57 23.35 -12.89
N ASP D 446 33.72 23.20 -13.55
CA ASP D 446 34.16 21.87 -13.93
C ASP D 446 34.64 21.04 -12.73
N LEU D 447 35.08 21.70 -11.65
CA LEU D 447 35.57 20.99 -10.47
C LEU D 447 34.45 20.39 -9.63
N THR D 448 33.24 20.92 -9.72
CA THR D 448 32.12 20.43 -8.94
C THR D 448 31.32 19.41 -9.74
N SER D 449 30.66 18.50 -9.03
CA SER D 449 29.73 17.59 -9.69
C SER D 449 28.38 18.25 -9.94
N GLN D 450 27.92 19.08 -9.00
CA GLN D 450 26.60 19.66 -9.05
C GLN D 450 26.63 21.00 -8.33
N ALA D 451 26.01 22.01 -8.94
CA ALA D 451 26.00 23.34 -8.36
C ALA D 451 24.72 24.06 -8.75
N PHE D 452 24.08 24.70 -7.77
CA PHE D 452 22.81 25.38 -8.04
C PHE D 452 22.45 26.26 -6.84
N ALA D 453 21.51 27.17 -7.07
CA ALA D 453 20.95 27.99 -6.02
C ALA D 453 19.60 27.42 -5.56
N VAL D 454 19.25 27.68 -4.31
CA VAL D 454 17.99 27.23 -3.73
C VAL D 454 17.28 28.44 -3.16
N PHE D 455 15.98 28.58 -3.46
CA PHE D 455 15.17 29.70 -3.00
C PHE D 455 14.52 29.34 -1.68
N LEU D 456 14.76 30.16 -0.65
CA LEU D 456 14.22 29.97 0.69
C LEU D 456 13.10 30.96 0.93
N PRO D 457 11.89 30.53 1.23
CA PRO D 457 10.78 31.46 1.47
C PRO D 457 10.78 32.08 2.86
N VAL D 458 11.94 32.58 3.28
CA VAL D 458 12.06 33.38 4.50
C VAL D 458 12.72 34.70 4.15
N LYS D 459 12.38 35.74 4.90
CA LYS D 459 12.84 37.09 4.64
C LYS D 459 13.85 37.53 5.69
N SER D 460 14.87 38.26 5.22
CA SER D 460 15.95 38.81 6.04
C SER D 460 15.99 40.33 5.86
N VAL D 461 16.54 41.03 6.87
CA VAL D 461 16.61 42.50 6.84
C VAL D 461 17.91 42.90 6.13
N GLY D 462 17.92 44.09 5.54
CA GLY D 462 19.11 44.58 4.85
C GLY D 462 19.18 46.09 4.90
N VAL D 463 20.29 46.62 4.38
CA VAL D 463 20.50 48.07 4.42
C VAL D 463 20.42 48.70 3.04
N ASP D 466 20.87 54.95 5.22
CA ASP D 466 20.66 54.49 3.85
C ASP D 466 19.21 54.06 3.62
N GLY D 467 18.73 53.13 4.44
CA GLY D 467 17.43 52.52 4.26
C GLY D 467 17.45 51.08 4.69
N ARG D 468 16.24 50.52 4.84
CA ARG D 468 16.07 49.18 5.39
C ARG D 468 15.28 48.31 4.42
N THR D 469 15.89 47.24 3.92
CA THR D 469 15.22 46.29 3.04
C THR D 469 14.87 45.00 3.78
N TYR D 470 13.95 44.23 3.18
CA TYR D 470 13.41 43.01 3.81
C TYR D 470 13.00 42.04 2.68
N ASP D 471 13.91 41.11 2.34
CA ASP D 471 13.76 40.31 1.12
C ASP D 471 14.10 38.85 1.38
N TYR D 472 14.01 38.03 0.34
CA TYR D 472 14.18 36.58 0.48
C TYR D 472 15.65 36.17 0.52
N VAL D 473 15.87 34.92 0.91
CA VAL D 473 17.19 34.36 1.11
C VAL D 473 17.45 33.29 0.06
N VAL D 474 18.66 33.30 -0.50
CA VAL D 474 19.11 32.29 -1.45
C VAL D 474 20.24 31.49 -0.84
N ALA D 475 20.18 30.17 -1.00
CA ALA D 475 21.25 29.27 -0.60
C ALA D 475 22.00 28.78 -1.83
N LEU D 476 23.32 28.79 -1.75
CA LEU D 476 24.15 28.20 -2.77
C LEU D 476 24.47 26.78 -2.36
N ARG D 477 24.37 25.86 -3.31
CA ARG D 477 24.66 24.46 -3.09
C ARG D 477 25.68 24.01 -4.12
N ALA D 478 26.78 23.41 -3.66
CA ALA D 478 27.79 22.86 -4.56
C ALA D 478 28.42 21.62 -3.91
N VAL D 479 28.44 20.51 -4.65
CA VAL D 479 28.94 19.26 -4.09
C VAL D 479 29.92 18.60 -5.06
N ILE D 480 30.77 17.74 -4.51
CA ILE D 480 31.66 16.89 -5.27
C ILE D 480 31.35 15.46 -4.87
N THR D 481 30.86 14.66 -5.83
CA THR D 481 30.43 13.30 -5.54
C THR D 481 31.61 12.35 -5.64
N SER D 482 31.59 11.34 -4.78
CA SER D 482 32.61 10.32 -4.74
C SER D 482 32.20 9.16 -5.65
N ASP D 483 32.98 8.08 -5.64
CA ASP D 483 32.58 6.88 -6.36
C ASP D 483 31.61 5.99 -5.59
N PHE D 484 31.11 6.44 -4.44
CA PHE D 484 30.40 5.57 -3.51
C PHE D 484 29.07 6.17 -3.08
N MET D 485 28.44 6.97 -3.94
CA MET D 485 27.14 7.59 -3.68
C MET D 485 27.15 8.46 -2.42
N THR D 486 28.31 9.03 -2.09
CA THR D 486 28.42 10.10 -1.10
C THR D 486 28.88 11.37 -1.80
N ALA D 487 28.80 12.49 -1.08
CA ALA D 487 29.18 13.77 -1.65
C ALA D 487 29.59 14.71 -0.53
N HIS D 488 30.69 15.43 -0.75
CA HIS D 488 31.10 16.48 0.16
C HIS D 488 30.83 17.83 -0.48
N TRP D 489 30.55 18.83 0.35
CA TRP D 489 30.32 20.16 -0.19
C TRP D 489 31.63 20.77 -0.66
N ALA D 490 31.56 21.54 -1.73
CA ALA D 490 32.77 22.05 -2.37
C ALA D 490 33.41 23.13 -1.51
N GLU D 491 34.72 23.04 -1.32
CA GLU D 491 35.50 24.04 -0.61
C GLU D 491 35.82 25.18 -1.57
N LEU D 492 34.75 25.84 -1.99
CA LEU D 492 34.86 26.96 -2.90
C LEU D 492 35.73 28.05 -2.27
N PRO D 493 36.56 28.72 -3.05
CA PRO D 493 37.36 29.82 -2.50
C PRO D 493 36.47 30.87 -1.86
N TYR D 494 36.93 31.40 -0.73
CA TYR D 494 36.15 32.41 -0.01
C TYR D 494 35.85 33.61 -0.90
N SER D 495 36.84 34.02 -1.71
CA SER D 495 36.64 35.16 -2.59
C SER D 495 35.56 34.89 -3.62
N LEU D 496 35.42 33.63 -4.06
CA LEU D 496 34.36 33.34 -5.02
C LEU D 496 32.98 33.39 -4.35
N LEU D 497 32.85 32.81 -3.14
CA LEU D 497 31.58 32.92 -2.42
C LEU D 497 31.24 34.38 -2.18
N GLY D 498 32.24 35.19 -1.82
CA GLY D 498 31.99 36.59 -1.53
C GLY D 498 31.51 37.37 -2.73
N ARG D 499 32.12 37.12 -3.90
CA ARG D 499 31.71 37.83 -5.11
C ARG D 499 30.31 37.42 -5.57
N VAL D 500 29.97 36.13 -5.43
CA VAL D 500 28.64 35.66 -5.78
C VAL D 500 27.58 36.25 -4.86
N SER D 501 27.87 36.27 -3.55
CA SER D 501 26.97 36.88 -2.58
C SER D 501 26.71 38.34 -2.93
N ASN D 502 27.77 39.11 -3.15
CA ASN D 502 27.62 40.51 -3.50
C ASN D 502 26.81 40.68 -4.79
N ARG D 503 27.11 39.88 -5.83
CA ARG D 503 26.40 40.07 -7.08
C ARG D 503 24.91 39.71 -6.96
N ILE D 504 24.59 38.62 -6.28
CA ILE D 504 23.18 38.22 -6.16
C ILE D 504 22.39 39.26 -5.39
N ILE D 505 22.91 39.71 -4.25
CA ILE D 505 22.17 40.67 -3.42
C ILE D 505 21.95 41.98 -4.18
N ASN D 506 22.98 42.45 -4.89
CA ASN D 506 22.94 43.73 -5.57
C ASN D 506 22.16 43.67 -6.89
N GLU D 507 22.27 42.57 -7.64
CA GLU D 507 21.69 42.50 -8.97
C GLU D 507 20.28 41.91 -9.00
N VAL D 508 19.91 41.11 -8.00
CA VAL D 508 18.63 40.40 -8.03
C VAL D 508 17.68 41.14 -7.10
N LYS D 509 16.75 41.90 -7.69
CA LYS D 509 15.71 42.59 -6.94
C LYS D 509 14.77 41.54 -6.34
N GLY D 510 14.77 41.44 -5.02
CA GLY D 510 13.98 40.46 -4.29
C GLY D 510 14.80 39.58 -3.37
N ILE D 511 16.13 39.56 -3.54
CA ILE D 511 17.03 38.81 -2.70
C ILE D 511 17.93 39.80 -1.95
N ASN D 512 18.06 39.61 -0.63
CA ASN D 512 19.04 40.41 0.09
C ASN D 512 19.89 39.55 1.03
N ARG D 513 19.93 38.23 0.85
CA ARG D 513 20.82 37.44 1.68
C ARG D 513 21.23 36.15 0.98
N VAL D 514 22.51 35.82 1.07
CA VAL D 514 23.03 34.63 0.41
C VAL D 514 23.76 33.77 1.44
N VAL D 515 23.45 32.49 1.46
CA VAL D 515 24.09 31.52 2.34
C VAL D 515 24.66 30.41 1.46
N TYR D 516 25.62 29.69 2.04
CA TYR D 516 26.26 28.56 1.38
C TYR D 516 25.98 27.29 2.19
N ASP D 517 25.46 26.27 1.52
CA ASP D 517 25.16 25.01 2.19
C ASP D 517 26.46 24.31 2.56
N VAL D 518 26.65 24.03 3.86
CA VAL D 518 27.87 23.35 4.30
C VAL D 518 27.52 22.00 4.87
N SER D 519 26.48 21.37 4.34
CA SER D 519 26.06 20.03 4.78
C SER D 519 26.48 19.00 3.73
N GLY D 520 27.24 18.00 4.18
CA GLY D 520 27.67 16.91 3.32
C GLY D 520 26.65 15.78 3.28
N LYS D 521 26.91 14.84 2.38
CA LYS D 521 26.10 13.63 2.21
C LYS D 521 26.95 12.38 2.45
N PRO D 522 26.66 11.58 3.49
CA PRO D 522 25.67 11.86 4.54
C PRO D 522 26.17 12.98 5.46
N PRO D 523 25.30 13.55 6.32
CA PRO D 523 23.92 13.17 6.68
C PRO D 523 22.80 13.85 5.89
N ALA D 524 23.14 14.77 5.01
CA ALA D 524 22.16 15.47 4.21
C ALA D 524 22.08 14.87 2.80
N THR D 525 21.08 15.32 2.05
CA THR D 525 20.98 15.03 0.63
C THR D 525 21.50 16.22 -0.17
N ILE D 526 21.74 15.99 -1.47
CA ILE D 526 22.26 17.05 -2.34
C ILE D 526 21.18 18.10 -2.58
N GLU D 527 20.01 17.66 -3.03
CA GLU D 527 18.86 18.54 -3.16
C GLU D 527 18.23 18.78 -1.80
N TRP D 528 17.57 19.93 -1.66
CA TRP D 528 16.90 20.23 -0.40
C TRP D 528 15.53 19.60 -0.29
N GLU D 529 14.91 19.23 -1.40
CA GLU D 529 13.58 18.63 -1.38
C GLU D 529 13.51 17.40 -2.28
N GLN E 11 -41.76 -13.25 -49.95
CA GLN E 11 -41.28 -12.10 -49.19
C GLN E 11 -40.25 -11.28 -49.99
N ASP E 12 -40.50 -9.99 -50.16
CA ASP E 12 -39.48 -9.08 -50.67
C ASP E 12 -38.34 -8.89 -49.67
N LYS E 13 -37.10 -8.96 -50.17
CA LYS E 13 -35.92 -8.95 -49.32
C LYS E 13 -34.91 -7.94 -49.83
N ILE E 14 -34.22 -7.28 -48.91
CA ILE E 14 -33.11 -6.39 -49.20
C ILE E 14 -31.82 -7.06 -48.72
N LEU E 15 -30.80 -7.02 -49.55
CA LEU E 15 -29.49 -7.55 -49.20
C LEU E 15 -28.62 -6.38 -48.77
N ILE E 16 -27.98 -6.51 -47.62
CA ILE E 16 -27.03 -5.52 -47.13
C ILE E 16 -25.67 -6.20 -47.08
N LEU E 17 -24.71 -5.68 -47.84
CA LEU E 17 -23.36 -6.22 -47.83
C LEU E 17 -22.48 -5.38 -46.88
N ASP E 18 -21.82 -6.05 -45.96
CA ASP E 18 -21.08 -5.42 -44.87
C ASP E 18 -19.63 -5.24 -45.31
N PHE E 19 -19.19 -3.99 -45.44
CA PHE E 19 -17.79 -3.68 -45.75
C PHE E 19 -16.97 -3.36 -44.52
N GLY E 20 -17.47 -3.65 -43.31
CA GLY E 20 -16.65 -3.57 -42.12
C GLY E 20 -16.98 -2.44 -41.17
N SER E 21 -17.90 -1.55 -41.53
CA SER E 21 -18.27 -0.45 -40.65
C SER E 21 -18.87 -0.96 -39.34
N GLN E 22 -18.63 -0.19 -38.27
CA GLN E 22 -19.12 -0.55 -36.94
C GLN E 22 -20.63 -0.35 -36.81
N VAL E 23 -21.26 0.38 -37.72
CA VAL E 23 -22.70 0.66 -37.65
C VAL E 23 -23.47 -0.06 -38.76
N THR E 24 -22.89 -1.07 -39.38
CA THR E 24 -23.60 -1.77 -40.45
C THR E 24 -24.90 -2.40 -39.95
N ARG E 25 -24.88 -2.95 -38.73
CA ARG E 25 -26.09 -3.53 -38.17
C ARG E 25 -27.24 -2.50 -38.15
N LEU E 26 -26.92 -1.21 -37.97
CA LEU E 26 -27.99 -0.22 -37.97
C LEU E 26 -28.69 -0.13 -39.31
N ILE E 27 -27.98 -0.40 -40.41
CA ILE E 27 -28.65 -0.43 -41.70
C ILE E 27 -29.75 -1.49 -41.70
N ALA E 28 -29.42 -2.69 -41.19
CA ALA E 28 -30.40 -3.76 -41.14
C ALA E 28 -31.59 -3.38 -40.25
N ARG E 29 -31.30 -2.73 -39.11
CA ARG E 29 -32.38 -2.32 -38.21
C ARG E 29 -33.33 -1.36 -38.89
N ARG E 30 -32.78 -0.39 -39.65
CA ARG E 30 -33.63 0.60 -40.29
C ARG E 30 -34.54 -0.05 -41.30
N VAL E 31 -34.01 -0.99 -42.08
CA VAL E 31 -34.81 -1.69 -43.08
C VAL E 31 -35.89 -2.55 -42.40
N ARG E 32 -35.52 -3.28 -41.34
CA ARG E 32 -36.51 -4.04 -40.59
C ARG E 32 -37.56 -3.12 -40.00
N GLU E 33 -37.15 -1.94 -39.53
CA GLU E 33 -38.09 -0.97 -38.98
C GLU E 33 -39.06 -0.42 -40.04
N ALA E 34 -38.69 -0.47 -41.32
CA ALA E 34 -39.61 -0.18 -42.41
C ALA E 34 -40.47 -1.38 -42.77
N HIS E 35 -40.34 -2.48 -42.02
CA HIS E 35 -41.17 -3.68 -42.21
C HIS E 35 -40.87 -4.40 -43.52
N VAL E 36 -39.59 -4.39 -43.89
CA VAL E 36 -39.06 -5.13 -45.02
C VAL E 36 -38.00 -6.09 -44.49
N TYR E 37 -38.08 -7.35 -44.90
CA TYR E 37 -37.08 -8.31 -44.46
C TYR E 37 -35.73 -7.97 -45.09
N CYS E 38 -34.65 -8.26 -44.35
CA CYS E 38 -33.33 -8.02 -44.90
C CYS E 38 -32.33 -8.89 -44.16
N GLU E 39 -31.18 -9.09 -44.80
CA GLU E 39 -30.11 -9.86 -44.20
C GLU E 39 -28.77 -9.13 -44.38
N LEU E 40 -27.90 -9.32 -43.40
CA LEU E 40 -26.56 -8.76 -43.38
C LEU E 40 -25.56 -9.87 -43.74
N HIS E 41 -24.78 -9.67 -44.79
CA HIS E 41 -23.77 -10.63 -45.19
C HIS E 41 -22.46 -9.92 -45.43
N SER E 42 -21.36 -10.64 -45.29
CA SER E 42 -20.08 -10.03 -45.55
C SER E 42 -19.96 -9.70 -47.04
N PHE E 43 -19.12 -8.70 -47.35
CA PHE E 43 -18.96 -8.20 -48.70
C PHE E 43 -18.59 -9.28 -49.72
N ASP E 44 -17.96 -10.36 -49.28
CA ASP E 44 -17.46 -11.37 -50.21
C ASP E 44 -18.46 -12.51 -50.43
N MET E 45 -19.73 -12.30 -50.07
CA MET E 45 -20.79 -13.24 -50.39
C MET E 45 -20.72 -13.62 -51.87
N PRO E 46 -20.59 -14.91 -52.19
CA PRO E 46 -20.41 -15.29 -53.62
C PRO E 46 -21.62 -14.86 -54.45
N LEU E 47 -21.36 -14.44 -55.68
CA LEU E 47 -22.42 -13.93 -56.55
C LEU E 47 -23.57 -14.93 -56.71
N ASP E 48 -23.28 -16.24 -56.67
CA ASP E 48 -24.32 -17.26 -56.79
C ASP E 48 -25.24 -17.24 -55.56
N GLU E 49 -24.68 -17.01 -54.38
CA GLU E 49 -25.52 -16.90 -53.19
C GLU E 49 -26.36 -15.62 -53.24
N ILE E 50 -25.81 -14.54 -53.80
CA ILE E 50 -26.58 -13.31 -53.97
C ILE E 50 -27.77 -13.56 -54.91
N LYS E 51 -27.50 -14.21 -56.05
CA LYS E 51 -28.57 -14.49 -57.00
C LYS E 51 -29.66 -15.38 -56.37
N ALA E 52 -29.27 -16.37 -55.57
CA ALA E 52 -30.26 -17.21 -54.90
C ALA E 52 -31.05 -16.42 -53.87
N PHE E 53 -30.39 -15.51 -53.15
CA PHE E 53 -31.11 -14.65 -52.22
C PHE E 53 -32.14 -13.81 -52.97
N ASN E 54 -31.82 -13.41 -54.20
CA ASN E 54 -32.75 -12.73 -55.11
C ASN E 54 -33.29 -11.45 -54.50
N PRO E 55 -32.45 -10.48 -54.17
CA PRO E 55 -32.95 -9.27 -53.50
C PRO E 55 -33.67 -8.32 -54.44
N LYS E 56 -34.61 -7.56 -53.86
CA LYS E 56 -35.18 -6.43 -54.58
C LYS E 56 -34.22 -5.24 -54.63
N GLY E 57 -33.21 -5.24 -53.79
CA GLY E 57 -32.20 -4.20 -53.81
C GLY E 57 -31.02 -4.58 -52.95
N ILE E 58 -29.90 -3.93 -53.21
CA ILE E 58 -28.66 -4.15 -52.47
C ILE E 58 -28.20 -2.84 -51.84
N ILE E 59 -27.76 -2.90 -50.58
CA ILE E 59 -27.13 -1.79 -49.89
C ILE E 59 -25.70 -2.19 -49.56
N LEU E 60 -24.74 -1.34 -49.97
CA LEU E 60 -23.33 -1.50 -49.65
C LEU E 60 -22.97 -0.57 -48.50
N SER E 61 -22.55 -1.15 -47.37
CA SER E 61 -22.30 -0.41 -46.14
C SER E 61 -21.01 0.39 -46.24
N GLY E 62 -20.76 1.17 -45.18
CA GLY E 62 -19.50 1.82 -44.99
C GLY E 62 -18.46 0.83 -44.50
N GLY E 63 -17.29 1.37 -44.19
CA GLY E 63 -16.18 0.57 -43.70
C GLY E 63 -14.95 1.41 -43.48
N PRO E 64 -13.98 0.88 -42.72
CA PRO E 64 -12.79 1.67 -42.36
C PRO E 64 -11.67 1.65 -43.39
N ASN E 65 -11.77 0.82 -44.44
CA ASN E 65 -10.68 0.66 -45.40
C ASN E 65 -10.80 1.67 -46.55
N SER E 66 -9.81 1.64 -47.43
CA SER E 66 -9.73 2.53 -48.59
C SER E 66 -9.81 1.67 -49.84
N VAL E 67 -10.72 2.01 -50.75
CA VAL E 67 -11.07 1.09 -51.83
C VAL E 67 -9.91 0.85 -52.81
N TYR E 68 -8.95 1.77 -52.90
CA TYR E 68 -7.81 1.60 -53.80
C TYR E 68 -6.74 0.67 -53.28
N GLU E 69 -6.72 0.38 -51.98
CA GLU E 69 -5.64 -0.42 -51.42
C GLU E 69 -6.16 -1.55 -50.54
N SER E 70 -7.37 -2.01 -50.77
CA SER E 70 -7.96 -3.04 -49.94
C SER E 70 -8.41 -4.20 -50.82
N ASP E 71 -8.36 -5.42 -50.26
CA ASP E 71 -9.06 -6.56 -50.86
C ASP E 71 -10.54 -6.60 -50.49
N TYR E 72 -11.02 -5.59 -49.76
CA TYR E 72 -12.43 -5.49 -49.42
C TYR E 72 -13.18 -5.10 -50.70
N GLN E 73 -13.40 -6.09 -51.54
CA GLN E 73 -14.03 -5.91 -52.84
C GLN E 73 -15.21 -6.85 -52.97
N ALA E 74 -16.41 -6.32 -53.19
CA ALA E 74 -17.53 -7.17 -53.55
C ALA E 74 -17.41 -7.60 -55.02
N ASP E 75 -18.14 -8.67 -55.35
CA ASP E 75 -18.22 -9.13 -56.74
C ASP E 75 -18.92 -8.07 -57.59
N THR E 76 -18.22 -7.52 -58.59
CA THR E 76 -18.77 -6.41 -59.36
C THR E 76 -19.97 -6.81 -60.22
N GLY E 77 -20.28 -8.10 -60.32
CA GLY E 77 -21.50 -8.56 -60.98
C GLY E 77 -22.79 -8.10 -60.33
N ILE E 78 -22.74 -7.56 -59.10
CA ILE E 78 -23.94 -7.03 -58.47
C ILE E 78 -24.52 -5.87 -59.26
N PHE E 79 -23.70 -5.21 -60.07
CA PHE E 79 -24.15 -4.10 -60.92
C PHE E 79 -24.78 -4.60 -62.20
N ASP E 80 -24.85 -5.91 -62.42
CA ASP E 80 -25.48 -6.49 -63.58
C ASP E 80 -26.77 -7.22 -63.23
N LEU E 81 -27.25 -7.08 -61.99
CA LEU E 81 -28.44 -7.78 -61.54
C LEU E 81 -29.73 -7.11 -61.98
N GLY E 82 -29.66 -5.87 -62.50
CA GLY E 82 -30.89 -5.19 -62.88
C GLY E 82 -31.70 -4.70 -61.70
N ILE E 83 -31.08 -4.57 -60.53
CA ILE E 83 -31.77 -4.13 -59.32
C ILE E 83 -31.08 -2.88 -58.80
N PRO E 84 -31.79 -2.06 -58.02
CA PRO E 84 -31.16 -0.88 -57.45
C PRO E 84 -30.09 -1.24 -56.43
N VAL E 85 -29.08 -0.38 -56.35
CA VAL E 85 -27.98 -0.53 -55.40
C VAL E 85 -27.74 0.82 -54.74
N LEU E 86 -27.64 0.84 -53.42
CA LEU E 86 -27.28 2.04 -52.65
C LEU E 86 -25.96 1.77 -51.94
N GLY E 87 -24.99 2.66 -52.13
CA GLY E 87 -23.70 2.55 -51.48
C GLY E 87 -23.56 3.65 -50.44
N ILE E 88 -23.14 3.27 -49.23
CA ILE E 88 -22.99 4.20 -48.12
C ILE E 88 -21.51 4.30 -47.81
N CYS E 89 -20.98 5.53 -47.91
CA CYS E 89 -19.57 5.87 -47.68
C CYS E 89 -18.65 4.96 -48.48
N TYR E 90 -17.94 4.04 -47.83
CA TYR E 90 -17.11 3.09 -48.57
C TYR E 90 -17.87 2.46 -49.73
N GLY E 91 -19.16 2.13 -49.51
CA GLY E 91 -19.96 1.58 -50.59
C GLY E 91 -20.09 2.53 -51.76
N MET E 92 -20.23 3.83 -51.48
CA MET E 92 -20.27 4.80 -52.56
C MET E 92 -18.93 4.86 -53.28
N GLN E 93 -17.83 4.80 -52.51
CA GLN E 93 -16.50 4.84 -53.12
C GLN E 93 -16.23 3.60 -53.95
N PHE E 94 -16.64 2.42 -53.45
CA PHE E 94 -16.54 1.19 -54.21
C PHE E 94 -17.32 1.30 -55.51
N MET E 95 -18.53 1.85 -55.44
CA MET E 95 -19.35 2.06 -56.62
C MET E 95 -18.64 2.95 -57.65
N ALA E 96 -18.06 4.07 -57.20
CA ALA E 96 -17.39 4.98 -58.12
C ALA E 96 -16.13 4.35 -58.67
N HIS E 97 -15.40 3.61 -57.84
CA HIS E 97 -14.13 3.02 -58.25
C HIS E 97 -14.30 2.01 -59.39
N HIS E 98 -15.38 1.24 -59.36
CA HIS E 98 -15.54 0.16 -60.32
C HIS E 98 -16.41 0.53 -61.52
N LEU E 99 -17.08 1.68 -61.51
CA LEU E 99 -17.95 2.07 -62.61
C LEU E 99 -17.40 3.27 -63.38
N GLY E 100 -16.07 3.44 -63.36
CA GLY E 100 -15.39 4.42 -64.20
C GLY E 100 -15.12 5.77 -63.58
N GLY E 101 -15.33 5.93 -62.28
CA GLY E 101 -15.09 7.17 -61.57
C GLY E 101 -13.73 7.20 -60.90
N GLU E 102 -13.58 8.12 -59.96
CA GLU E 102 -12.32 8.28 -59.25
C GLU E 102 -12.60 8.60 -57.79
N VAL E 103 -11.72 8.12 -56.92
CA VAL E 103 -11.83 8.37 -55.49
C VAL E 103 -10.57 9.12 -55.04
N GLN E 104 -10.76 10.17 -54.27
CA GLN E 104 -9.64 10.95 -53.74
C GLN E 104 -9.36 10.53 -52.30
N PRO E 105 -8.12 10.21 -51.96
CA PRO E 105 -7.84 9.66 -50.63
C PRO E 105 -8.07 10.66 -49.50
N GLY E 106 -8.51 10.13 -48.36
CA GLY E 106 -8.68 10.89 -47.14
C GLY E 106 -8.56 10.00 -45.91
N ASN E 107 -8.95 10.50 -44.75
CA ASN E 107 -8.84 9.75 -43.49
C ASN E 107 -10.20 9.13 -43.15
N GLN E 108 -10.34 7.82 -43.40
CA GLN E 108 -11.61 7.13 -43.21
C GLN E 108 -12.10 7.10 -41.76
N ARG E 109 -11.30 7.58 -40.80
CA ARG E 109 -11.72 7.62 -39.41
C ARG E 109 -12.46 8.90 -39.04
N GLU E 110 -12.50 9.89 -39.93
CA GLU E 110 -13.02 11.22 -39.62
C GLU E 110 -14.50 11.33 -39.97
N PHE E 111 -15.29 11.76 -38.99
CA PHE E 111 -16.72 11.97 -39.16
C PHE E 111 -17.13 13.24 -38.43
N GLY E 112 -18.25 13.80 -38.85
CA GLY E 112 -18.79 14.98 -38.21
C GLY E 112 -20.01 15.47 -38.97
N TYR E 113 -20.65 16.47 -38.38
CA TYR E 113 -21.86 17.03 -38.97
C TYR E 113 -21.53 17.87 -40.19
N ALA E 114 -22.43 17.84 -41.17
CA ALA E 114 -22.33 18.69 -42.35
C ALA E 114 -23.73 18.94 -42.90
N GLN E 115 -23.86 20.03 -43.65
CA GLN E 115 -25.09 20.35 -44.34
C GLN E 115 -24.95 20.04 -45.84
N VAL E 116 -25.81 19.17 -46.33
CA VAL E 116 -25.83 18.78 -47.74
C VAL E 116 -26.95 19.52 -48.47
N LYS E 117 -26.63 20.08 -49.62
CA LYS E 117 -27.65 20.59 -50.53
C LYS E 117 -27.91 19.60 -51.67
N THR E 118 -29.18 19.39 -51.98
CA THR E 118 -29.59 18.42 -52.97
C THR E 118 -30.25 19.13 -54.16
N ILE E 119 -30.34 18.39 -55.26
CA ILE E 119 -31.22 18.73 -56.36
C ILE E 119 -32.27 17.62 -56.44
N ASP E 120 -33.28 17.84 -57.28
CA ASP E 120 -34.38 16.88 -57.35
C ASP E 120 -33.95 15.57 -58.00
N SER E 121 -34.28 14.46 -57.35
CA SER E 121 -34.09 13.12 -57.90
C SER E 121 -35.01 12.17 -57.16
N GLY E 122 -35.01 10.90 -57.58
CA GLY E 122 -35.86 9.91 -56.94
C GLY E 122 -35.54 9.70 -55.48
N LEU E 123 -34.26 9.79 -55.13
CA LEU E 123 -33.84 9.59 -53.75
C LEU E 123 -34.08 10.83 -52.90
N THR E 124 -34.02 12.03 -53.49
CA THR E 124 -34.01 13.26 -52.69
C THR E 124 -35.34 14.01 -52.69
N ARG E 125 -36.27 13.70 -53.59
CA ARG E 125 -37.48 14.49 -53.73
C ARG E 125 -38.30 14.48 -52.44
N GLY E 126 -38.67 15.66 -51.96
CA GLY E 126 -39.55 15.79 -50.83
C GLY E 126 -38.95 15.45 -49.47
N ILE E 127 -37.65 15.23 -49.40
CA ILE E 127 -36.96 14.92 -48.15
C ILE E 127 -36.07 16.11 -47.81
N GLN E 128 -36.21 16.62 -46.60
CA GLN E 128 -35.55 17.87 -46.23
C GLN E 128 -35.52 17.99 -44.72
N ASP E 129 -34.63 18.87 -44.25
CA ASP E 129 -34.70 19.30 -42.87
C ASP E 129 -35.36 20.67 -42.78
N ASP E 130 -34.63 21.73 -42.43
CA ASP E 130 -35.26 23.00 -42.10
C ASP E 130 -35.60 23.85 -43.32
N ALA E 131 -35.05 23.53 -44.49
CA ALA E 131 -35.36 24.17 -45.76
C ALA E 131 -35.40 23.11 -46.86
N PRO E 132 -36.17 23.33 -47.92
CA PRO E 132 -36.20 22.36 -49.02
C PRO E 132 -34.80 22.09 -49.58
N ASN E 133 -34.58 20.83 -49.98
CA ASN E 133 -33.34 20.39 -50.62
C ASN E 133 -32.12 20.61 -49.74
N THR E 134 -32.28 20.47 -48.42
CA THR E 134 -31.20 20.62 -47.45
C THR E 134 -31.26 19.47 -46.46
N LEU E 135 -30.14 18.79 -46.24
CA LEU E 135 -30.06 17.69 -45.29
C LEU E 135 -28.95 17.95 -44.30
N ASP E 136 -29.24 17.75 -43.01
CA ASP E 136 -28.22 17.78 -41.96
C ASP E 136 -27.80 16.34 -41.67
N VAL E 137 -26.55 16.00 -41.95
CA VAL E 137 -26.14 14.61 -41.97
C VAL E 137 -24.93 14.36 -41.07
N TRP E 138 -24.70 13.08 -40.77
CA TRP E 138 -23.49 12.62 -40.10
C TRP E 138 -22.52 12.22 -41.20
N MET E 139 -21.56 13.08 -41.49
CA MET E 139 -20.79 13.06 -42.72
C MET E 139 -19.46 12.36 -42.52
N SER E 140 -19.07 11.54 -43.50
CA SER E 140 -17.74 10.97 -43.58
C SER E 140 -16.80 11.95 -44.28
N HIS E 141 -15.73 12.35 -43.59
CA HIS E 141 -14.74 13.27 -44.15
C HIS E 141 -13.49 12.56 -44.64
N GLY E 142 -13.62 11.33 -45.12
CA GLY E 142 -12.45 10.57 -45.52
C GLY E 142 -12.18 10.55 -47.00
N ASP E 143 -12.06 9.35 -47.55
CA ASP E 143 -12.06 9.17 -48.99
C ASP E 143 -13.35 9.72 -49.56
N LYS E 144 -13.27 10.34 -50.73
CA LYS E 144 -14.48 10.85 -51.36
C LYS E 144 -14.37 10.69 -52.87
N VAL E 145 -15.53 10.67 -53.51
CA VAL E 145 -15.60 10.59 -54.96
C VAL E 145 -15.15 11.91 -55.56
N SER E 146 -14.12 11.87 -56.40
CA SER E 146 -13.60 13.08 -57.02
C SER E 146 -14.03 13.26 -58.46
N LYS E 147 -14.44 12.18 -59.13
CA LYS E 147 -14.90 12.24 -60.51
C LYS E 147 -16.07 11.27 -60.64
N LEU E 148 -17.16 11.75 -61.21
CA LEU E 148 -18.35 10.93 -61.36
C LEU E 148 -18.04 9.67 -62.19
N PRO E 149 -18.55 8.51 -61.79
CA PRO E 149 -18.49 7.34 -62.66
C PRO E 149 -19.49 7.51 -63.80
N ASP E 150 -19.40 6.60 -64.77
CA ASP E 150 -20.16 6.74 -66.01
C ASP E 150 -21.66 6.66 -65.78
N GLY E 151 -22.39 7.58 -66.39
CA GLY E 151 -23.83 7.66 -66.30
C GLY E 151 -24.35 8.26 -65.01
N PHE E 152 -23.48 8.71 -64.12
CA PHE E 152 -23.89 9.23 -62.82
C PHE E 152 -24.07 10.74 -62.87
N ALA E 153 -24.83 11.25 -61.92
CA ALA E 153 -24.99 12.68 -61.72
C ALA E 153 -24.82 12.99 -60.24
N VAL E 154 -24.35 14.21 -59.96
CA VAL E 154 -24.35 14.72 -58.58
C VAL E 154 -25.78 15.09 -58.20
N ILE E 155 -26.24 14.57 -57.08
CA ILE E 155 -27.54 14.97 -56.54
C ILE E 155 -27.44 15.59 -55.16
N GLY E 156 -26.26 15.62 -54.55
CA GLY E 156 -26.00 16.22 -53.26
C GLY E 156 -24.55 16.67 -53.15
N ASP E 157 -24.30 17.80 -52.49
CA ASP E 157 -22.97 18.37 -52.36
C ASP E 157 -22.87 19.14 -51.06
N THR E 158 -21.64 19.29 -50.56
CA THR E 158 -21.30 20.18 -49.46
C THR E 158 -20.08 20.95 -49.91
N PRO E 159 -19.73 22.04 -49.21
CA PRO E 159 -18.50 22.77 -49.61
C PRO E 159 -17.25 21.90 -49.62
N SER E 160 -17.07 21.06 -48.61
CA SER E 160 -15.85 20.27 -48.54
C SER E 160 -15.96 18.97 -49.34
N CYS E 161 -17.15 18.64 -49.83
CA CYS E 161 -17.35 17.39 -50.55
C CYS E 161 -18.26 17.64 -51.74
N PRO E 162 -17.70 18.04 -52.88
CA PRO E 162 -18.54 18.37 -54.05
C PRO E 162 -19.42 17.21 -54.53
N ILE E 163 -19.03 15.95 -54.33
CA ILE E 163 -19.89 14.85 -54.74
C ILE E 163 -20.29 14.06 -53.50
N ALA E 164 -21.25 14.60 -52.74
CA ALA E 164 -21.72 13.99 -51.51
C ALA E 164 -22.84 12.98 -51.74
N MET E 165 -23.57 13.12 -52.85
CA MET E 165 -24.58 12.16 -53.25
C MET E 165 -24.57 12.10 -54.78
N MET E 166 -24.69 10.87 -55.31
CA MET E 166 -24.69 10.65 -56.75
C MET E 166 -25.69 9.57 -57.11
N GLU E 167 -26.22 9.69 -58.32
CA GLU E 167 -27.27 8.82 -58.84
C GLU E 167 -26.90 8.48 -60.28
N ASN E 168 -27.07 7.20 -60.64
CA ASN E 168 -27.16 6.75 -62.02
C ASN E 168 -28.63 6.45 -62.24
N THR E 169 -29.33 7.37 -62.90
CA THR E 169 -30.77 7.24 -63.05
C THR E 169 -31.16 6.02 -63.88
N GLU E 170 -30.36 5.70 -64.90
CA GLU E 170 -30.67 4.56 -65.77
C GLU E 170 -30.67 3.24 -65.00
N LYS E 171 -29.66 3.03 -64.15
CA LYS E 171 -29.46 1.77 -63.45
C LYS E 171 -30.03 1.78 -62.04
N GLN E 172 -30.51 2.93 -61.56
CA GLN E 172 -30.94 3.09 -60.16
C GLN E 172 -29.83 2.72 -59.19
N PHE E 173 -28.61 3.20 -59.48
CA PHE E 173 -27.49 3.14 -58.56
C PHE E 173 -27.41 4.47 -57.82
N TYR E 174 -27.27 4.40 -56.49
CA TYR E 174 -27.18 5.58 -55.65
C TYR E 174 -26.00 5.46 -54.70
N GLY E 175 -25.30 6.57 -54.52
CA GLY E 175 -24.21 6.64 -53.56
C GLY E 175 -24.33 7.88 -52.69
N ILE E 176 -24.11 7.69 -51.40
CA ILE E 176 -24.13 8.78 -50.45
C ILE E 176 -22.90 8.67 -49.57
N GLN E 177 -22.30 9.83 -49.25
CA GLN E 177 -21.05 9.96 -48.51
C GLN E 177 -21.28 10.12 -47.00
N PHE E 178 -22.51 9.97 -46.53
CA PHE E 178 -22.82 10.08 -45.12
C PHE E 178 -23.57 8.83 -44.68
N HIS E 179 -23.70 8.64 -43.37
CA HIS E 179 -24.36 7.44 -42.85
C HIS E 179 -25.83 7.74 -42.60
N PRO E 180 -26.76 7.25 -43.42
CA PRO E 180 -28.18 7.44 -43.13
C PRO E 180 -28.71 6.54 -42.02
N GLU E 181 -27.95 5.52 -41.60
CA GLU E 181 -28.44 4.59 -40.60
C GLU E 181 -28.21 5.07 -39.17
N VAL E 182 -27.44 6.14 -38.95
CA VAL E 182 -27.28 6.68 -37.59
C VAL E 182 -28.23 7.86 -37.44
N THR E 183 -28.87 7.94 -36.27
CA THR E 183 -29.91 8.94 -36.02
C THR E 183 -29.40 10.37 -36.04
N HIS E 184 -28.09 10.58 -35.97
CA HIS E 184 -27.55 11.93 -36.12
C HIS E 184 -27.81 12.53 -37.51
N THR E 185 -28.07 11.68 -38.52
CA THR E 185 -28.59 12.13 -39.80
C THR E 185 -30.11 12.16 -39.71
N LYS E 186 -30.67 13.36 -39.54
CA LYS E 186 -32.09 13.46 -39.21
C LYS E 186 -32.98 12.76 -40.23
N GLN E 187 -32.69 12.94 -41.53
CA GLN E 187 -33.50 12.32 -42.58
C GLN E 187 -32.94 10.98 -43.06
N GLY E 188 -31.99 10.40 -42.32
CA GLY E 188 -31.39 9.16 -42.79
C GLY E 188 -32.41 8.04 -42.92
N ARG E 189 -33.32 7.94 -41.95
CA ARG E 189 -34.39 6.96 -42.06
C ARG E 189 -35.28 7.25 -43.26
N ALA E 190 -35.65 8.52 -43.48
CA ALA E 190 -36.48 8.84 -44.65
C ALA E 190 -35.80 8.42 -45.94
N LEU E 191 -34.48 8.60 -46.02
CA LEU E 191 -33.73 8.21 -47.22
C LEU E 191 -33.68 6.69 -47.38
N LEU E 192 -33.39 5.97 -46.30
CA LEU E 192 -33.34 4.51 -46.40
C LEU E 192 -34.70 3.95 -46.79
N ASN E 193 -35.79 4.49 -46.20
CA ASN E 193 -37.13 4.06 -46.59
C ASN E 193 -37.40 4.39 -48.04
N ARG E 194 -36.99 5.58 -48.49
CA ARG E 194 -37.23 5.94 -49.88
C ARG E 194 -36.57 4.94 -50.82
N PHE E 195 -35.34 4.53 -50.49
CA PHE E 195 -34.64 3.54 -51.32
C PHE E 195 -35.33 2.18 -51.26
N VAL E 196 -35.67 1.71 -50.06
CA VAL E 196 -36.18 0.35 -49.88
C VAL E 196 -37.62 0.24 -50.39
N LEU E 197 -38.48 1.17 -50.00
CA LEU E 197 -39.91 1.06 -50.29
C LEU E 197 -40.27 1.59 -51.68
N ASP E 198 -39.61 2.64 -52.16
CA ASP E 198 -40.06 3.30 -53.38
C ASP E 198 -39.18 3.02 -54.57
N ILE E 199 -37.87 3.17 -54.41
CA ILE E 199 -36.96 2.89 -55.53
C ILE E 199 -36.88 1.39 -55.78
N CYS E 200 -36.66 0.59 -54.73
CA CYS E 200 -36.67 -0.85 -54.89
C CYS E 200 -38.08 -1.43 -54.95
N GLY E 201 -39.07 -0.74 -54.40
CA GLY E 201 -40.42 -1.28 -54.39
C GLY E 201 -40.61 -2.50 -53.52
N ALA E 202 -39.84 -2.64 -52.45
CA ALA E 202 -40.01 -3.77 -51.55
C ALA E 202 -41.33 -3.64 -50.79
N GLN E 203 -42.13 -4.69 -50.80
CA GLN E 203 -43.43 -4.63 -50.13
C GLN E 203 -43.24 -4.71 -48.63
N PRO E 204 -43.74 -3.75 -47.84
CA PRO E 204 -43.48 -3.77 -46.39
C PRO E 204 -44.33 -4.80 -45.64
N GLY E 205 -44.14 -6.08 -45.97
CA GLY E 205 -44.91 -7.15 -45.39
C GLY E 205 -44.27 -7.85 -44.21
N TRP E 206 -43.08 -7.45 -43.78
CA TRP E 206 -42.37 -8.09 -42.67
C TRP E 206 -42.94 -7.57 -41.35
N THR E 207 -43.93 -8.28 -40.83
CA THR E 207 -44.57 -7.98 -39.56
C THR E 207 -44.61 -9.24 -38.72
N MET E 208 -44.66 -9.05 -37.41
CA MET E 208 -44.62 -10.19 -36.50
C MET E 208 -45.90 -11.04 -36.52
N PRO E 209 -47.10 -10.47 -36.69
CA PRO E 209 -48.26 -11.32 -36.99
C PRO E 209 -48.08 -12.16 -38.27
N ASN E 210 -47.41 -11.64 -39.30
CA ASN E 210 -47.18 -12.42 -40.52
C ASN E 210 -46.15 -13.54 -40.34
N TYR E 211 -45.32 -13.46 -39.31
CA TYR E 211 -44.19 -14.35 -39.10
C TYR E 211 -44.57 -15.59 -38.33
N ILE E 212 -45.63 -15.53 -37.54
CA ILE E 212 -46.00 -16.62 -36.63
C ILE E 212 -46.22 -17.93 -37.39
N GLU E 213 -47.02 -17.91 -38.48
CA GLU E 213 -47.37 -19.17 -39.16
C GLU E 213 -46.18 -19.85 -39.84
N GLU E 214 -45.32 -19.08 -40.50
CA GLU E 214 -44.12 -19.70 -41.09
C GLU E 214 -43.18 -20.22 -40.00
N ALA E 215 -43.01 -19.45 -38.92
CA ALA E 215 -42.10 -19.87 -37.84
C ALA E 215 -42.64 -21.09 -37.13
N VAL E 216 -43.96 -21.14 -36.90
CA VAL E 216 -44.58 -22.34 -36.36
C VAL E 216 -44.40 -23.53 -37.30
N ALA E 217 -44.60 -23.32 -38.60
CA ALA E 217 -44.44 -24.41 -39.55
C ALA E 217 -42.99 -24.89 -39.61
N LYS E 218 -42.03 -23.95 -39.55
CA LYS E 218 -40.63 -24.37 -39.59
C LYS E 218 -40.25 -25.18 -38.36
N ILE E 219 -40.78 -24.82 -37.18
CA ILE E 219 -40.47 -25.60 -35.98
C ILE E 219 -41.04 -27.01 -36.09
N ARG E 220 -42.27 -27.16 -36.57
CA ARG E 220 -42.86 -28.49 -36.71
C ARG E 220 -42.06 -29.36 -37.67
N GLU E 221 -41.62 -28.79 -38.80
CA GLU E 221 -40.84 -29.55 -39.76
C GLU E 221 -39.51 -29.99 -39.17
N GLN E 222 -38.94 -29.16 -38.29
CA GLN E 222 -37.63 -29.39 -37.70
C GLN E 222 -37.66 -30.42 -36.57
N VAL E 223 -38.72 -30.42 -35.76
CA VAL E 223 -38.76 -31.20 -34.52
C VAL E 223 -39.66 -32.42 -34.67
N GLY E 224 -40.77 -32.29 -35.38
CA GLY E 224 -41.69 -33.40 -35.51
C GLY E 224 -42.27 -33.77 -34.17
N SER E 225 -42.02 -35.00 -33.74
CA SER E 225 -42.50 -35.51 -32.48
C SER E 225 -41.43 -35.51 -31.39
N ASP E 226 -40.22 -35.03 -31.69
CA ASP E 226 -39.15 -35.00 -30.69
C ASP E 226 -39.52 -34.10 -29.52
N GLU E 227 -38.82 -34.30 -28.41
CA GLU E 227 -39.04 -33.46 -27.24
C GLU E 227 -37.97 -32.39 -27.15
N VAL E 228 -38.36 -31.23 -26.65
CA VAL E 228 -37.50 -30.06 -26.59
C VAL E 228 -37.51 -29.55 -25.16
N ILE E 229 -36.34 -29.21 -24.64
CA ILE E 229 -36.23 -28.52 -23.35
C ILE E 229 -35.67 -27.12 -23.59
N LEU E 230 -36.12 -26.18 -22.76
CA LEU E 230 -35.75 -24.79 -22.93
C LEU E 230 -35.58 -24.15 -21.56
N GLY E 231 -34.47 -23.45 -21.36
CA GLY E 231 -34.26 -22.72 -20.13
C GLY E 231 -34.94 -21.37 -20.17
N LEU E 232 -35.78 -21.11 -19.17
CA LEU E 232 -36.40 -19.79 -19.00
C LEU E 232 -35.58 -18.95 -18.02
N SER E 233 -34.90 -17.93 -18.53
CA SER E 233 -34.16 -17.00 -17.67
C SER E 233 -35.05 -15.96 -17.03
N GLY E 234 -36.24 -15.73 -17.59
CA GLY E 234 -37.06 -14.59 -17.28
C GLY E 234 -36.95 -13.50 -18.31
N GLY E 235 -35.87 -13.47 -19.08
CA GLY E 235 -35.70 -12.48 -20.12
C GLY E 235 -36.64 -12.70 -21.28
N VAL E 236 -36.75 -11.68 -22.12
CA VAL E 236 -37.78 -11.68 -23.15
C VAL E 236 -37.51 -12.78 -24.18
N ASP E 237 -36.24 -12.94 -24.54
CA ASP E 237 -35.88 -13.84 -25.62
C ASP E 237 -36.33 -15.28 -25.33
N SER E 238 -35.99 -15.81 -24.15
CA SER E 238 -36.39 -17.18 -23.84
C SER E 238 -37.90 -17.30 -23.66
N SER E 239 -38.53 -16.27 -23.08
CA SER E 239 -39.98 -16.26 -22.92
C SER E 239 -40.68 -16.32 -24.26
N VAL E 240 -40.24 -15.50 -25.21
CA VAL E 240 -40.86 -15.50 -26.53
C VAL E 240 -40.57 -16.82 -27.25
N ALA E 241 -39.33 -17.30 -27.17
CA ALA E 241 -39.04 -18.62 -27.72
C ALA E 241 -39.97 -19.68 -27.14
N ALA E 242 -40.20 -19.63 -25.82
CA ALA E 242 -41.08 -20.61 -25.19
C ALA E 242 -42.49 -20.52 -25.74
N ALA E 243 -43.05 -19.31 -25.78
CA ALA E 243 -44.42 -19.18 -26.25
C ALA E 243 -44.56 -19.71 -27.67
N LEU E 244 -43.60 -19.40 -28.53
CA LEU E 244 -43.66 -19.81 -29.93
C LEU E 244 -43.49 -21.32 -30.05
N ILE E 245 -42.48 -21.89 -29.40
CA ILE E 245 -42.24 -23.32 -29.53
C ILE E 245 -43.40 -24.11 -28.94
N HIS E 246 -43.97 -23.62 -27.83
CA HIS E 246 -45.13 -24.29 -27.25
C HIS E 246 -46.30 -24.28 -28.23
N ARG E 247 -46.47 -23.19 -28.97
CA ARG E 247 -47.49 -23.10 -30.00
C ARG E 247 -47.23 -24.09 -31.13
N ALA E 248 -45.97 -24.42 -31.39
CA ALA E 248 -45.66 -25.35 -32.45
C ALA E 248 -45.85 -26.80 -32.01
N ILE E 249 -45.36 -27.18 -30.83
CA ILE E 249 -45.24 -28.59 -30.48
C ILE E 249 -45.85 -28.96 -29.13
N GLY E 250 -46.50 -28.02 -28.45
CA GLY E 250 -47.29 -28.38 -27.27
C GLY E 250 -46.52 -29.13 -26.19
N ASP E 251 -47.05 -30.29 -25.77
CA ASP E 251 -46.48 -31.06 -24.67
C ASP E 251 -45.08 -31.62 -24.96
N GLN E 252 -44.58 -31.48 -26.19
CA GLN E 252 -43.20 -31.88 -26.47
C GLN E 252 -42.16 -30.94 -25.86
N LEU E 253 -42.58 -29.77 -25.38
CA LEU E 253 -41.68 -28.80 -24.77
C LEU E 253 -41.74 -28.91 -23.25
N THR E 254 -40.58 -28.97 -22.63
CA THR E 254 -40.46 -28.80 -21.18
C THR E 254 -39.51 -27.63 -20.92
N CYS E 255 -39.94 -26.68 -20.09
CA CYS E 255 -39.10 -25.57 -19.72
C CYS E 255 -38.54 -25.77 -18.31
N VAL E 256 -37.35 -25.20 -18.09
CA VAL E 256 -36.67 -25.22 -16.80
C VAL E 256 -36.42 -23.78 -16.38
N PHE E 257 -36.98 -23.41 -15.23
CA PHE E 257 -36.79 -22.09 -14.65
C PHE E 257 -36.00 -22.27 -13.35
N VAL E 258 -34.86 -21.59 -13.24
CA VAL E 258 -34.03 -21.65 -12.04
C VAL E 258 -34.09 -20.31 -11.33
N ASP E 259 -34.57 -20.33 -10.09
CA ASP E 259 -34.51 -19.16 -9.22
C ASP E 259 -33.27 -19.30 -8.33
N HIS E 260 -32.24 -18.49 -8.63
CA HIS E 260 -31.00 -18.50 -7.87
C HIS E 260 -31.01 -17.52 -6.69
N GLY E 261 -32.17 -16.95 -6.34
CA GLY E 261 -32.27 -15.97 -5.28
C GLY E 261 -31.79 -14.58 -5.64
N LEU E 262 -31.38 -14.34 -6.88
CA LEU E 262 -30.84 -13.07 -7.31
C LEU E 262 -31.70 -12.44 -8.40
N LEU E 263 -32.98 -12.75 -8.40
CA LEU E 263 -33.97 -12.22 -9.32
C LEU E 263 -34.71 -11.06 -8.66
N ARG E 264 -35.36 -10.23 -9.49
CA ARG E 264 -36.18 -9.14 -9.00
C ARG E 264 -37.40 -9.69 -8.25
N LEU E 265 -38.04 -8.80 -7.50
CA LEU E 265 -39.19 -9.18 -6.67
C LEU E 265 -40.23 -9.96 -7.47
N ASN E 266 -40.60 -11.14 -6.95
CA ASN E 266 -41.68 -11.96 -7.48
C ASN E 266 -41.44 -12.41 -8.92
N GLU E 267 -40.18 -12.45 -9.37
CA GLU E 267 -39.90 -12.87 -10.73
C GLU E 267 -40.39 -14.29 -10.97
N GLY E 268 -40.09 -15.20 -10.04
CA GLY E 268 -40.52 -16.58 -10.21
C GLY E 268 -42.02 -16.73 -10.36
N LYS E 269 -42.80 -16.04 -9.51
CA LYS E 269 -44.25 -16.14 -9.61
C LYS E 269 -44.75 -15.65 -10.96
N MET E 270 -44.23 -14.50 -11.45
CA MET E 270 -44.72 -13.95 -12.70
C MET E 270 -44.38 -14.86 -13.88
N VAL E 271 -43.22 -15.52 -13.82
CA VAL E 271 -42.85 -16.47 -14.88
C VAL E 271 -43.75 -17.70 -14.83
N MET E 272 -43.90 -18.29 -13.63
CA MET E 272 -44.76 -19.47 -13.50
C MET E 272 -46.20 -19.14 -13.86
N ASP E 273 -46.68 -17.98 -13.44
CA ASP E 273 -48.06 -17.60 -13.74
C ASP E 273 -48.27 -17.44 -15.24
N MET E 274 -47.35 -16.78 -15.93
CA MET E 274 -47.53 -16.55 -17.35
C MET E 274 -47.36 -17.82 -18.18
N PHE E 275 -46.53 -18.76 -17.73
CA PHE E 275 -46.28 -19.98 -18.52
C PHE E 275 -47.03 -21.20 -17.97
N ALA E 276 -46.82 -21.57 -16.71
CA ALA E 276 -47.42 -22.80 -16.22
C ALA E 276 -48.94 -22.68 -16.08
N ARG E 277 -49.42 -21.59 -15.51
CA ARG E 277 -50.85 -21.43 -15.22
C ARG E 277 -51.64 -20.91 -16.42
N ASN E 278 -51.19 -19.82 -17.03
CA ASN E 278 -51.96 -19.19 -18.10
C ASN E 278 -51.91 -20.00 -19.39
N LEU E 279 -50.75 -20.57 -19.73
CA LEU E 279 -50.55 -21.27 -20.99
C LEU E 279 -50.49 -22.79 -20.88
N GLY E 280 -50.33 -23.34 -19.68
CA GLY E 280 -50.22 -24.78 -19.53
C GLY E 280 -48.92 -25.39 -20.03
N VAL E 281 -47.86 -24.59 -20.19
CA VAL E 281 -46.55 -25.14 -20.51
C VAL E 281 -46.04 -25.91 -19.30
N LYS E 282 -45.43 -27.07 -19.54
CA LYS E 282 -44.79 -27.82 -18.47
C LYS E 282 -43.49 -27.11 -18.08
N VAL E 283 -43.40 -26.64 -16.83
CA VAL E 283 -42.26 -25.87 -16.34
C VAL E 283 -41.75 -26.51 -15.06
N ILE E 284 -40.49 -26.95 -15.08
CA ILE E 284 -39.80 -27.42 -13.87
C ILE E 284 -39.20 -26.22 -13.14
N HIS E 285 -39.66 -25.99 -11.91
CA HIS E 285 -39.26 -24.86 -11.10
C HIS E 285 -38.22 -25.32 -10.08
N VAL E 286 -37.02 -24.76 -10.15
CA VAL E 286 -35.95 -25.09 -9.19
C VAL E 286 -35.68 -23.88 -8.29
N ASP E 287 -35.82 -24.08 -6.99
CA ASP E 287 -35.51 -23.05 -5.99
C ASP E 287 -34.12 -23.34 -5.45
N ALA E 288 -33.13 -22.61 -5.96
CA ALA E 288 -31.73 -22.81 -5.60
C ALA E 288 -31.16 -21.62 -4.84
N GLU E 289 -32.02 -20.78 -4.25
CA GLU E 289 -31.57 -19.58 -3.54
C GLU E 289 -30.54 -19.90 -2.47
N GLY E 290 -30.89 -20.80 -1.55
CA GLY E 290 -30.00 -21.11 -0.44
C GLY E 290 -28.67 -21.66 -0.93
N GLN E 291 -28.70 -22.46 -1.98
CA GLN E 291 -27.48 -23.03 -2.54
C GLN E 291 -26.58 -21.94 -3.12
N PHE E 292 -27.17 -20.97 -3.85
CA PHE E 292 -26.36 -19.88 -4.39
C PHE E 292 -25.82 -18.99 -3.28
N MET E 293 -26.64 -18.71 -2.26
CA MET E 293 -26.17 -17.85 -1.17
C MET E 293 -24.96 -18.45 -0.45
N ALA E 294 -24.99 -19.76 -0.19
CA ALA E 294 -23.88 -20.40 0.54
C ALA E 294 -22.59 -20.38 -0.28
N LYS E 295 -22.69 -20.57 -1.59
CA LYS E 295 -21.52 -20.54 -2.45
C LYS E 295 -20.94 -19.14 -2.58
N LEU E 296 -21.76 -18.11 -2.37
CA LEU E 296 -21.34 -16.72 -2.42
C LEU E 296 -20.88 -16.16 -1.08
N ALA E 297 -21.06 -16.92 0.01
CA ALA E 297 -20.75 -16.43 1.34
C ALA E 297 -19.32 -15.93 1.44
N GLY E 298 -19.15 -14.73 1.97
CA GLY E 298 -17.83 -14.16 2.15
C GLY E 298 -17.14 -13.71 0.88
N VAL E 299 -17.83 -13.68 -0.26
CA VAL E 299 -17.20 -13.36 -1.53
C VAL E 299 -17.50 -11.90 -1.87
N THR E 300 -16.43 -11.09 -1.98
CA THR E 300 -16.55 -9.68 -2.29
C THR E 300 -16.02 -9.31 -3.66
N ASP E 301 -15.03 -10.04 -4.18
CA ASP E 301 -14.48 -9.71 -5.49
C ASP E 301 -15.57 -9.89 -6.54
N PRO E 302 -15.94 -8.83 -7.26
CA PRO E 302 -17.04 -8.95 -8.22
C PRO E 302 -16.79 -9.96 -9.33
N GLU E 303 -15.52 -10.14 -9.73
CA GLU E 303 -15.21 -11.09 -10.78
C GLU E 303 -15.45 -12.52 -10.31
N LYS E 304 -15.05 -12.83 -9.08
CA LYS E 304 -15.33 -14.15 -8.52
C LYS E 304 -16.83 -14.37 -8.36
N LYS E 305 -17.56 -13.33 -7.92
CA LYS E 305 -19.02 -13.44 -7.78
C LYS E 305 -19.68 -13.82 -9.10
N ARG E 306 -19.27 -13.18 -10.20
CA ARG E 306 -19.84 -13.48 -11.51
C ARG E 306 -19.50 -14.91 -11.92
N LYS E 307 -18.26 -15.35 -11.67
CA LYS E 307 -17.85 -16.71 -12.02
C LYS E 307 -18.60 -17.75 -11.19
N ILE E 308 -18.75 -17.49 -9.89
CA ILE E 308 -19.45 -18.44 -9.03
C ILE E 308 -20.90 -18.59 -9.47
N ILE E 309 -21.57 -17.47 -9.75
CA ILE E 309 -23.00 -17.53 -10.11
C ILE E 309 -23.20 -18.23 -11.44
N GLY E 310 -22.40 -17.86 -12.44
CA GLY E 310 -22.55 -18.46 -13.77
C GLY E 310 -22.25 -19.96 -13.78
N ALA E 311 -21.17 -20.36 -13.09
CA ALA E 311 -20.79 -21.77 -13.03
C ALA E 311 -21.80 -22.59 -12.24
N GLU E 312 -22.30 -22.05 -11.12
CA GLU E 312 -23.29 -22.79 -10.33
C GLU E 312 -24.60 -22.93 -11.09
N PHE E 313 -24.96 -21.92 -11.86
CA PHE E 313 -26.18 -21.98 -12.65
C PHE E 313 -26.09 -23.09 -13.68
N ILE E 314 -24.95 -23.20 -14.35
CA ILE E 314 -24.73 -24.25 -15.33
C ILE E 314 -24.90 -25.62 -14.67
N GLU E 315 -24.44 -25.75 -13.43
CA GLU E 315 -24.56 -27.03 -12.73
C GLU E 315 -26.03 -27.38 -12.45
N VAL E 316 -26.80 -26.41 -11.98
CA VAL E 316 -28.19 -26.67 -11.64
C VAL E 316 -29.01 -26.96 -12.89
N PHE E 317 -28.78 -26.21 -13.96
CA PHE E 317 -29.53 -26.44 -15.19
C PHE E 317 -29.15 -27.77 -15.83
N ASP E 318 -27.84 -28.09 -15.86
CA ASP E 318 -27.41 -29.34 -16.48
C ASP E 318 -27.99 -30.55 -15.76
N ALA E 319 -28.08 -30.49 -14.43
CA ALA E 319 -28.63 -31.63 -13.70
C ALA E 319 -30.11 -31.84 -14.04
N GLU E 320 -30.85 -30.77 -14.31
CA GLU E 320 -32.24 -30.94 -14.73
C GLU E 320 -32.32 -31.46 -16.16
N GLU E 321 -31.40 -31.02 -17.03
CA GLU E 321 -31.36 -31.52 -18.41
C GLU E 321 -31.09 -33.03 -18.45
N LYS E 322 -30.15 -33.50 -17.62
CA LYS E 322 -29.86 -34.93 -17.59
C LYS E 322 -31.07 -35.75 -17.21
N LYS E 323 -31.94 -35.21 -16.34
CA LYS E 323 -33.13 -35.94 -15.93
C LYS E 323 -34.16 -36.07 -17.05
N LEU E 324 -34.14 -35.17 -18.04
CA LEU E 324 -35.07 -35.25 -19.17
C LEU E 324 -34.42 -36.09 -20.26
N THR E 325 -34.43 -37.41 -20.04
CA THR E 325 -33.64 -38.31 -20.87
C THR E 325 -34.25 -38.50 -22.24
N ASN E 326 -35.58 -38.33 -22.38
CA ASN E 326 -36.23 -38.50 -23.68
C ASN E 326 -36.37 -37.17 -24.44
N ALA E 327 -35.46 -36.22 -24.22
CA ALA E 327 -35.42 -34.97 -24.97
C ALA E 327 -34.31 -35.02 -26.00
N LYS E 328 -34.57 -34.47 -27.18
CA LYS E 328 -33.60 -34.45 -28.27
C LYS E 328 -33.16 -33.06 -28.71
N TRP E 329 -33.86 -31.99 -28.33
CA TRP E 329 -33.51 -30.64 -28.74
C TRP E 329 -33.29 -29.73 -27.53
N LEU E 330 -32.22 -28.94 -27.58
CA LEU E 330 -32.03 -27.81 -26.67
C LEU E 330 -32.39 -26.53 -27.41
N ALA E 331 -33.49 -25.90 -26.98
CA ALA E 331 -33.91 -24.64 -27.55
C ALA E 331 -33.18 -23.49 -26.88
N GLN E 332 -32.92 -22.44 -27.65
CA GLN E 332 -32.26 -21.23 -27.16
C GLN E 332 -32.90 -20.00 -27.76
N GLY E 333 -32.79 -18.89 -27.04
CA GLY E 333 -33.36 -17.63 -27.46
C GLY E 333 -32.43 -16.74 -28.28
N THR E 334 -31.52 -17.37 -29.01
CA THR E 334 -30.63 -16.67 -29.93
C THR E 334 -31.39 -15.75 -30.88
N ILE E 335 -30.91 -14.51 -31.00
CA ILE E 335 -31.51 -13.54 -31.90
C ILE E 335 -30.46 -13.13 -32.94
N TYR E 336 -30.90 -12.35 -33.93
CA TYR E 336 -30.02 -12.03 -35.07
C TYR E 336 -28.68 -11.40 -34.70
N PRO E 337 -28.59 -10.44 -33.78
CA PRO E 337 -27.26 -9.91 -33.42
C PRO E 337 -26.26 -10.99 -32.99
N ASP E 338 -26.72 -12.10 -32.39
CA ASP E 338 -25.79 -13.16 -31.99
C ASP E 338 -25.26 -13.94 -33.20
N VAL E 339 -26.01 -13.98 -34.30
CA VAL E 339 -25.62 -14.73 -35.48
C VAL E 339 -24.76 -13.90 -36.44
N ILE E 340 -24.76 -12.57 -36.33
CA ILE E 340 -23.92 -11.73 -37.16
C ILE E 340 -22.47 -11.77 -36.66
N LEU E 368 -27.28 -32.90 -27.74
CA LEU E 368 -28.55 -32.25 -28.08
C LEU E 368 -28.45 -31.32 -29.29
N LYS E 369 -29.47 -31.37 -30.13
CA LYS E 369 -29.55 -30.48 -31.27
C LYS E 369 -30.11 -29.10 -30.85
N LEU E 370 -29.63 -28.06 -31.51
CA LEU E 370 -30.08 -26.70 -31.23
C LEU E 370 -31.32 -26.32 -32.03
N LEU E 371 -32.33 -25.81 -31.34
CA LEU E 371 -33.52 -25.23 -31.96
C LEU E 371 -33.53 -23.75 -31.61
N GLU E 372 -33.31 -22.88 -32.59
CA GLU E 372 -33.16 -21.44 -32.38
C GLU E 372 -34.11 -20.69 -33.30
N PRO E 373 -35.40 -20.61 -32.96
CA PRO E 373 -36.38 -20.05 -33.90
C PRO E 373 -36.32 -18.54 -34.03
N LEU E 374 -35.62 -17.82 -33.15
CA LEU E 374 -35.58 -16.36 -33.20
C LEU E 374 -34.31 -15.80 -33.83
N ARG E 375 -33.50 -16.63 -34.48
CA ARG E 375 -32.19 -16.21 -34.96
C ARG E 375 -32.25 -15.17 -36.08
N ASP E 376 -33.43 -14.89 -36.64
CA ASP E 376 -33.58 -13.91 -37.70
C ASP E 376 -34.12 -12.57 -37.22
N LEU E 377 -34.39 -12.41 -35.93
CA LEU E 377 -35.08 -11.25 -35.41
C LEU E 377 -34.14 -10.41 -34.55
N PHE E 378 -34.35 -9.09 -34.62
CA PHE E 378 -33.80 -8.14 -33.65
C PHE E 378 -34.72 -8.09 -32.43
N LYS E 379 -34.20 -7.51 -31.34
CA LYS E 379 -34.92 -7.55 -30.06
C LYS E 379 -36.29 -6.89 -30.15
N ASP E 380 -36.39 -5.77 -30.86
CA ASP E 380 -37.68 -5.08 -31.03
C ASP E 380 -38.71 -5.99 -31.68
N GLU E 381 -38.29 -6.81 -32.63
CA GLU E 381 -39.21 -7.73 -33.28
C GLU E 381 -39.65 -8.82 -32.33
N VAL E 382 -38.72 -9.31 -31.50
CA VAL E 382 -39.03 -10.31 -30.49
C VAL E 382 -40.08 -9.77 -29.52
N ARG E 383 -39.98 -8.50 -29.15
CA ARG E 383 -40.97 -7.93 -28.24
C ARG E 383 -42.34 -7.91 -28.90
N GLU E 384 -42.42 -7.43 -30.14
CA GLU E 384 -43.69 -7.46 -30.87
C GLU E 384 -44.19 -8.90 -31.03
N LEU E 385 -43.30 -9.83 -31.35
CA LEU E 385 -43.73 -11.23 -31.51
C LEU E 385 -44.29 -11.81 -30.21
N GLY E 386 -43.69 -11.47 -29.07
CA GLY E 386 -44.26 -11.93 -27.81
C GLY E 386 -45.65 -11.40 -27.57
N VAL E 387 -45.87 -10.09 -27.83
CA VAL E 387 -47.20 -9.50 -27.74
C VAL E 387 -48.14 -10.13 -28.76
N ALA E 388 -47.67 -10.27 -30.01
CA ALA E 388 -48.49 -10.92 -31.04
C ALA E 388 -48.97 -12.29 -30.59
N LEU E 389 -48.11 -13.04 -29.90
CA LEU E 389 -48.43 -14.38 -29.43
C LEU E 389 -49.35 -14.39 -28.23
N GLY E 390 -49.56 -13.25 -27.58
CA GLY E 390 -50.45 -13.18 -26.44
C GLY E 390 -49.76 -13.13 -25.08
N LEU E 391 -48.45 -12.96 -25.05
CA LEU E 391 -47.76 -12.77 -23.77
C LEU E 391 -48.11 -11.39 -23.19
N PRO E 392 -48.17 -11.27 -21.86
CA PRO E 392 -48.46 -9.96 -21.26
C PRO E 392 -47.35 -8.96 -21.55
N ARG E 393 -47.75 -7.75 -21.96
CA ARG E 393 -46.79 -6.72 -22.34
C ARG E 393 -45.77 -6.47 -21.23
N GLU E 394 -46.22 -6.47 -19.96
CA GLU E 394 -45.29 -6.14 -18.88
C GLU E 394 -44.12 -7.11 -18.84
N MET E 395 -44.33 -8.37 -19.22
CA MET E 395 -43.24 -9.34 -19.24
C MET E 395 -42.42 -9.29 -20.52
N VAL E 396 -42.92 -8.68 -21.59
CA VAL E 396 -42.25 -8.71 -22.87
C VAL E 396 -41.44 -7.43 -23.13
N TYR E 397 -41.98 -6.28 -22.73
CA TYR E 397 -41.30 -4.98 -22.81
C TYR E 397 -40.71 -4.71 -21.43
N ARG E 398 -39.60 -5.36 -21.17
CA ARG E 398 -38.94 -5.36 -19.88
C ARG E 398 -37.50 -4.94 -20.08
N HIS E 399 -36.94 -4.21 -19.10
CA HIS E 399 -35.53 -3.89 -19.18
C HIS E 399 -34.72 -5.18 -19.14
N PRO E 400 -33.62 -5.27 -19.87
CA PRO E 400 -32.77 -6.47 -19.77
C PRO E 400 -32.28 -6.65 -18.34
N PHE E 401 -32.03 -7.90 -17.99
CA PHE E 401 -31.62 -8.22 -16.64
C PHE E 401 -30.33 -9.02 -16.75
N PRO E 402 -29.29 -8.66 -15.98
CA PRO E 402 -28.00 -9.34 -16.15
C PRO E 402 -28.07 -10.80 -15.70
N GLY E 403 -27.21 -11.62 -16.31
CA GLY E 403 -27.07 -13.01 -15.94
C GLY E 403 -26.91 -13.22 -14.45
N PRO E 404 -25.89 -12.60 -13.84
CA PRO E 404 -25.73 -12.75 -12.39
C PRO E 404 -26.75 -11.99 -11.57
N GLY E 405 -27.70 -11.30 -12.22
CA GLY E 405 -28.82 -10.72 -11.50
C GLY E 405 -28.38 -9.74 -10.43
N LEU E 406 -29.08 -9.77 -9.29
CA LEU E 406 -28.72 -8.88 -8.18
C LEU E 406 -27.32 -9.13 -7.66
N GLY E 407 -26.71 -10.26 -8.05
CA GLY E 407 -25.35 -10.54 -7.61
C GLY E 407 -24.36 -9.44 -7.91
N VAL E 408 -24.60 -8.68 -8.99
CA VAL E 408 -23.74 -7.55 -9.33
C VAL E 408 -24.36 -6.20 -8.95
N ARG E 409 -25.49 -6.21 -8.24
CA ARG E 409 -26.10 -4.99 -7.76
C ARG E 409 -26.10 -4.91 -6.24
N ILE E 410 -25.50 -5.89 -5.58
CA ILE E 410 -25.26 -5.90 -4.14
C ILE E 410 -23.74 -5.81 -4.00
N LEU E 411 -23.22 -4.63 -3.67
CA LEU E 411 -21.77 -4.43 -3.68
C LEU E 411 -21.10 -5.22 -2.57
N GLY E 412 -20.00 -5.88 -2.91
CA GLY E 412 -19.36 -6.73 -1.93
C GLY E 412 -20.17 -8.00 -1.72
N GLU E 413 -20.23 -8.45 -0.46
CA GLU E 413 -20.77 -9.77 -0.13
C GLU E 413 -22.29 -9.84 -0.33
N VAL E 414 -22.73 -10.88 -1.04
CA VAL E 414 -24.15 -11.11 -1.31
C VAL E 414 -24.73 -11.98 -0.21
N LYS E 415 -25.85 -11.54 0.36
CA LYS E 415 -26.62 -12.27 1.36
C LYS E 415 -28.09 -12.05 1.07
N LYS E 416 -28.92 -13.02 1.44
CA LYS E 416 -30.37 -12.87 1.25
C LYS E 416 -30.88 -11.62 1.95
N GLU E 417 -30.33 -11.31 3.13
CA GLU E 417 -30.75 -10.10 3.85
C GLU E 417 -30.67 -8.88 2.94
N TYR E 418 -29.55 -8.73 2.24
CA TYR E 418 -29.35 -7.57 1.36
C TYR E 418 -30.21 -7.66 0.11
N ALA E 419 -30.32 -8.86 -0.48
CA ALA E 419 -31.15 -9.03 -1.67
C ALA E 419 -32.60 -8.70 -1.37
N ASP E 420 -33.07 -9.05 -0.16
CA ASP E 420 -34.45 -8.74 0.21
C ASP E 420 -34.66 -7.25 0.38
N LEU E 421 -33.70 -6.55 0.97
CA LEU E 421 -33.79 -5.10 1.00
C LEU E 421 -33.81 -4.55 -0.42
N LEU E 422 -32.88 -5.03 -1.25
CA LEU E 422 -32.74 -4.47 -2.58
C LEU E 422 -33.99 -4.71 -3.42
N ARG E 423 -34.57 -5.90 -3.33
CA ARG E 423 -35.75 -6.19 -4.13
C ARG E 423 -36.87 -5.21 -3.82
N GLN E 424 -37.01 -4.82 -2.56
CA GLN E 424 -38.04 -3.85 -2.20
C GLN E 424 -37.73 -2.44 -2.72
N ALA E 425 -36.50 -1.97 -2.51
CA ALA E 425 -36.15 -0.65 -3.02
C ALA E 425 -36.22 -0.60 -4.53
N ASP E 426 -35.72 -1.66 -5.20
CA ASP E 426 -35.80 -1.74 -6.65
C ASP E 426 -37.25 -1.70 -7.13
N ASP E 427 -38.14 -2.44 -6.48
CA ASP E 427 -39.53 -2.48 -6.94
C ASP E 427 -40.22 -1.13 -6.78
N ILE E 428 -39.94 -0.42 -5.68
CA ILE E 428 -40.49 0.91 -5.51
C ILE E 428 -40.02 1.82 -6.63
N PHE E 429 -38.73 1.75 -6.96
CA PHE E 429 -38.18 2.56 -8.06
C PHE E 429 -38.93 2.32 -9.35
N ILE E 430 -39.13 1.03 -9.70
CA ILE E 430 -39.77 0.67 -10.96
C ILE E 430 -41.25 1.08 -10.97
N GLN E 431 -41.96 0.86 -9.86
CA GLN E 431 -43.35 1.32 -9.76
C GLN E 431 -43.45 2.78 -10.16
N GLU E 432 -42.59 3.63 -9.58
CA GLU E 432 -42.70 5.06 -9.86
C GLU E 432 -42.33 5.37 -11.29
N LEU E 433 -41.36 4.65 -11.85
CA LEU E 433 -41.03 4.81 -13.27
C LEU E 433 -42.21 4.42 -14.15
N ARG E 434 -42.95 3.37 -13.77
CA ARG E 434 -44.11 2.96 -14.56
C ARG E 434 -45.30 3.90 -14.39
N ASN E 435 -45.44 4.54 -13.23
CA ASN E 435 -46.62 5.36 -12.95
C ASN E 435 -46.41 6.83 -13.23
N THR E 436 -45.23 7.23 -13.67
CA THR E 436 -44.93 8.62 -13.99
C THR E 436 -44.70 8.76 -15.48
N THR E 437 -45.40 9.71 -16.11
CA THR E 437 -45.34 9.87 -17.55
C THR E 437 -44.80 11.25 -17.90
N ASP E 438 -44.25 11.36 -19.10
CA ASP E 438 -43.84 12.64 -19.64
C ASP E 438 -45.05 13.33 -20.30
N GLU E 439 -44.78 14.45 -20.97
CA GLU E 439 -45.85 15.27 -21.54
C GLU E 439 -46.58 14.55 -22.67
N ASN E 440 -45.95 13.56 -23.30
CA ASN E 440 -46.58 12.74 -24.34
C ASN E 440 -47.30 11.52 -23.76
N GLY E 441 -47.28 11.33 -22.44
CA GLY E 441 -47.89 10.16 -21.86
C GLY E 441 -47.03 8.92 -21.83
N THR E 442 -45.75 9.04 -22.19
CA THR E 442 -44.83 7.91 -22.15
C THR E 442 -44.27 7.75 -20.75
N SER E 443 -44.28 6.53 -20.22
CA SER E 443 -43.77 6.30 -18.88
C SER E 443 -42.25 6.44 -18.84
N TRP E 444 -41.71 6.84 -17.68
CA TRP E 444 -40.26 6.92 -17.55
C TRP E 444 -39.61 5.55 -17.54
N TYR E 445 -40.36 4.50 -17.15
CA TYR E 445 -39.84 3.16 -17.39
C TYR E 445 -39.57 2.96 -18.87
N ASP E 446 -40.52 3.33 -19.74
CA ASP E 446 -40.34 3.10 -21.18
C ASP E 446 -39.28 4.03 -21.77
N LEU E 447 -39.11 5.21 -21.19
CA LEU E 447 -38.13 6.16 -21.74
C LEU E 447 -36.69 5.76 -21.44
N THR E 448 -36.44 5.00 -20.39
CA THR E 448 -35.10 4.60 -20.03
C THR E 448 -34.82 3.22 -20.60
N SER E 449 -33.54 2.95 -20.91
CA SER E 449 -33.14 1.63 -21.39
C SER E 449 -33.03 0.63 -20.24
N GLN E 450 -32.55 1.09 -19.09
CA GLN E 450 -32.27 0.23 -17.95
C GLN E 450 -32.41 1.07 -16.69
N ALA E 451 -33.05 0.50 -15.67
CA ALA E 451 -33.28 1.17 -14.39
C ALA E 451 -33.31 0.13 -13.28
N PHE E 452 -32.60 0.40 -12.20
CA PHE E 452 -32.53 -0.56 -11.11
C PHE E 452 -31.93 0.14 -9.90
N ALA E 453 -32.09 -0.51 -8.75
CA ALA E 453 -31.48 -0.08 -7.51
C ALA E 453 -30.21 -0.89 -7.27
N VAL E 454 -29.28 -0.28 -6.54
CA VAL E 454 -28.01 -0.90 -6.17
C VAL E 454 -27.89 -0.80 -4.65
N PHE E 455 -27.50 -1.90 -4.01
CA PHE E 455 -27.35 -1.93 -2.56
C PHE E 455 -25.91 -1.59 -2.18
N LEU E 456 -25.74 -0.56 -1.38
CA LEU E 456 -24.41 -0.17 -0.93
C LEU E 456 -24.20 -0.62 0.50
N PRO E 457 -23.16 -1.43 0.81
CA PRO E 457 -22.93 -1.87 2.20
C PRO E 457 -22.22 -0.84 3.08
N VAL E 458 -22.66 0.41 3.00
CA VAL E 458 -22.22 1.47 3.89
C VAL E 458 -23.44 2.07 4.57
N LYS E 459 -23.23 2.58 5.77
CA LYS E 459 -24.31 3.08 6.60
C LYS E 459 -24.28 4.60 6.74
N SER E 460 -25.46 5.20 6.76
CA SER E 460 -25.61 6.63 6.99
C SER E 460 -26.55 6.84 8.18
N VAL E 461 -26.43 8.03 8.82
CA VAL E 461 -27.22 8.34 10.00
C VAL E 461 -28.57 8.89 9.55
N GLY E 462 -29.57 8.73 10.40
CA GLY E 462 -30.92 9.21 10.14
C GLY E 462 -31.60 9.46 11.47
N VAL E 463 -32.83 9.96 11.41
CA VAL E 463 -33.59 10.29 12.61
C VAL E 463 -34.80 9.36 12.73
N MET E 464 -35.16 9.05 13.98
CA MET E 464 -36.25 8.14 14.30
C MET E 464 -37.58 8.54 13.66
N ARG E 468 -32.44 8.42 16.25
CA ARG E 468 -31.15 8.23 15.58
C ARG E 468 -31.07 6.85 14.91
N THR E 469 -31.36 6.79 13.62
CA THR E 469 -31.20 5.54 12.89
C THR E 469 -29.85 5.51 12.18
N TYR E 470 -29.45 4.29 11.77
CA TYR E 470 -28.15 4.05 11.16
C TYR E 470 -28.31 2.84 10.24
N ASP E 471 -28.56 3.08 8.95
CA ASP E 471 -28.99 2.03 8.03
C ASP E 471 -28.18 2.11 6.75
N TYR E 472 -28.47 1.21 5.82
CA TYR E 472 -27.71 1.09 4.58
C TYR E 472 -28.16 2.11 3.54
N VAL E 473 -27.39 2.22 2.47
CA VAL E 473 -27.61 3.21 1.42
C VAL E 473 -27.99 2.49 0.11
N VAL E 474 -28.96 3.05 -0.61
CA VAL E 474 -29.39 2.58 -1.93
C VAL E 474 -29.03 3.62 -2.98
N ALA E 475 -28.47 3.17 -4.09
CA ALA E 475 -28.24 4.00 -5.27
C ALA E 475 -29.26 3.65 -6.35
N LEU E 476 -29.86 4.68 -6.95
CA LEU E 476 -30.75 4.49 -8.08
C LEU E 476 -29.92 4.64 -9.35
N ARG E 477 -30.11 3.71 -10.29
CA ARG E 477 -29.38 3.77 -11.55
C ARG E 477 -30.38 3.73 -12.70
N ALA E 478 -30.29 4.71 -13.60
CA ALA E 478 -31.16 4.74 -14.76
C ALA E 478 -30.39 5.35 -15.92
N VAL E 479 -30.35 4.65 -17.04
CA VAL E 479 -29.58 5.10 -18.19
C VAL E 479 -30.42 4.99 -19.45
N ILE E 480 -30.00 5.75 -20.46
CA ILE E 480 -30.54 5.69 -21.81
C ILE E 480 -29.35 5.36 -22.68
N THR E 481 -29.38 4.18 -23.31
CA THR E 481 -28.25 3.75 -24.13
C THR E 481 -28.44 4.16 -25.58
N SER E 482 -27.32 4.49 -26.22
CA SER E 482 -27.30 4.89 -27.61
C SER E 482 -27.10 3.69 -28.53
N ASP E 483 -26.99 3.96 -29.83
CA ASP E 483 -26.67 2.93 -30.83
C ASP E 483 -25.18 2.61 -30.90
N PHE E 484 -24.37 3.18 -30.01
CA PHE E 484 -22.91 3.12 -30.15
C PHE E 484 -22.24 2.66 -28.87
N MET E 485 -22.93 1.81 -28.10
CA MET E 485 -22.38 1.22 -26.88
C MET E 485 -21.98 2.29 -25.87
N THR E 486 -22.64 3.44 -25.90
CA THR E 486 -22.57 4.46 -24.85
C THR E 486 -23.93 4.59 -24.19
N ALA E 487 -23.97 5.32 -23.08
CA ALA E 487 -25.18 5.49 -22.30
C ALA E 487 -25.07 6.78 -21.49
N HIS E 488 -26.14 7.57 -21.48
CA HIS E 488 -26.16 8.72 -20.59
C HIS E 488 -27.14 8.44 -19.46
N TRP E 489 -26.88 9.02 -18.29
CA TRP E 489 -27.80 8.83 -17.18
C TRP E 489 -29.06 9.66 -17.41
N ALA E 490 -30.20 9.12 -16.97
CA ALA E 490 -31.50 9.70 -17.31
C ALA E 490 -31.77 10.97 -16.50
N GLU E 491 -32.25 12.01 -17.18
CA GLU E 491 -32.67 13.24 -16.52
C GLU E 491 -34.08 13.03 -15.96
N LEU E 492 -34.16 12.13 -14.99
CA LEU E 492 -35.43 11.85 -14.34
C LEU E 492 -35.97 13.13 -13.69
N PRO E 493 -37.28 13.36 -13.75
CA PRO E 493 -37.84 14.56 -13.10
C PRO E 493 -37.49 14.56 -11.62
N TYR E 494 -37.17 15.76 -11.09
CA TYR E 494 -36.79 15.88 -9.69
C TYR E 494 -37.87 15.34 -8.76
N SER E 495 -39.14 15.62 -9.07
CA SER E 495 -40.21 15.12 -8.21
C SER E 495 -40.24 13.60 -8.18
N LEU E 496 -39.91 12.94 -9.28
CA LEU E 496 -39.86 11.48 -9.30
C LEU E 496 -38.75 10.95 -8.38
N LEU E 497 -37.55 11.54 -8.44
CA LEU E 497 -36.48 11.15 -7.54
C LEU E 497 -36.87 11.38 -6.08
N GLY E 498 -37.48 12.54 -5.79
CA GLY E 498 -37.87 12.84 -4.42
C GLY E 498 -38.91 11.87 -3.89
N ARG E 499 -39.90 11.52 -4.73
CA ARG E 499 -40.92 10.59 -4.29
C ARG E 499 -40.35 9.18 -4.12
N VAL E 500 -39.44 8.76 -5.02
CA VAL E 500 -38.80 7.45 -4.87
C VAL E 500 -37.97 7.42 -3.61
N SER E 501 -37.22 8.49 -3.37
CA SER E 501 -36.40 8.60 -2.17
C SER E 501 -37.25 8.50 -0.90
N ASN E 502 -38.29 9.33 -0.81
CA ASN E 502 -39.16 9.27 0.35
C ASN E 502 -39.74 7.88 0.57
N ARG E 503 -40.23 7.23 -0.50
CA ARG E 503 -40.87 5.93 -0.33
C ARG E 503 -39.88 4.87 0.13
N ILE E 504 -38.68 4.84 -0.44
CA ILE E 504 -37.71 3.82 -0.05
C ILE E 504 -37.31 3.99 1.41
N ILE E 505 -36.97 5.23 1.79
CA ILE E 505 -36.52 5.48 3.15
C ILE E 505 -37.62 5.13 4.15
N ASN E 506 -38.86 5.51 3.85
CA ASN E 506 -39.94 5.31 4.82
C ASN E 506 -40.41 3.86 4.84
N GLU E 507 -40.49 3.21 3.66
CA GLU E 507 -41.14 1.91 3.57
C GLU E 507 -40.19 0.74 3.74
N VAL E 508 -38.90 0.91 3.52
CA VAL E 508 -37.95 -0.19 3.56
C VAL E 508 -37.21 -0.14 4.89
N LYS E 509 -37.57 -1.05 5.80
CA LYS E 509 -36.86 -1.17 7.08
C LYS E 509 -35.43 -1.65 6.82
N GLY E 510 -34.45 -0.79 7.08
CA GLY E 510 -33.07 -1.12 6.82
C GLY E 510 -32.36 -0.18 5.86
N ILE E 511 -33.09 0.68 5.14
CA ILE E 511 -32.52 1.72 4.27
C ILE E 511 -32.95 3.09 4.82
N ASN E 512 -32.00 4.03 4.93
CA ASN E 512 -32.35 5.38 5.32
C ASN E 512 -31.68 6.45 4.46
N ARG E 513 -31.16 6.10 3.28
CA ARG E 513 -30.54 7.08 2.40
C ARG E 513 -30.60 6.60 0.95
N VAL E 514 -30.98 7.50 0.04
CA VAL E 514 -31.10 7.14 -1.37
C VAL E 514 -30.31 8.15 -2.20
N VAL E 515 -29.45 7.65 -3.08
CA VAL E 515 -28.70 8.51 -3.98
C VAL E 515 -29.03 8.12 -5.41
N TYR E 516 -28.76 9.03 -6.34
CA TYR E 516 -28.99 8.80 -7.75
C TYR E 516 -27.63 8.83 -8.45
N ASP E 517 -27.35 7.79 -9.24
CA ASP E 517 -26.10 7.69 -9.99
C ASP E 517 -26.12 8.71 -11.14
N VAL E 518 -25.18 9.64 -11.13
CA VAL E 518 -25.11 10.68 -12.18
C VAL E 518 -23.84 10.50 -13.00
N SER E 519 -23.44 9.24 -13.18
CA SER E 519 -22.26 8.87 -13.98
C SER E 519 -22.71 8.29 -15.31
N GLY E 520 -22.20 8.86 -16.40
CA GLY E 520 -22.46 8.35 -17.72
C GLY E 520 -21.45 7.31 -18.18
N LYS E 521 -21.76 6.70 -19.32
CA LYS E 521 -20.89 5.74 -19.98
C LYS E 521 -20.51 6.27 -21.36
N PRO E 522 -19.23 6.59 -21.63
CA PRO E 522 -18.09 6.62 -20.70
C PRO E 522 -18.27 7.79 -19.74
N PRO E 523 -17.50 7.87 -18.63
CA PRO E 523 -16.34 7.06 -18.21
C PRO E 523 -16.70 5.89 -17.30
N ALA E 524 -17.96 5.80 -16.89
CA ALA E 524 -18.40 4.73 -16.01
C ALA E 524 -19.08 3.63 -16.82
N THR E 525 -19.38 2.52 -16.15
CA THR E 525 -20.20 1.46 -16.74
C THR E 525 -21.64 1.59 -16.21
N ILE E 526 -22.55 0.85 -16.85
CA ILE E 526 -23.94 0.89 -16.45
C ILE E 526 -24.12 0.20 -15.11
N GLU E 527 -23.67 -1.05 -15.02
CA GLU E 527 -23.64 -1.78 -13.75
C GLU E 527 -22.47 -1.31 -12.91
N TRP E 528 -22.62 -1.46 -11.59
CA TRP E 528 -21.56 -1.07 -10.66
C TRP E 528 -20.48 -2.13 -10.48
N GLU E 529 -20.76 -3.38 -10.82
CA GLU E 529 -19.80 -4.48 -10.67
C GLU E 529 -19.78 -5.38 -11.91
N MET F 9 -10.30 -88.05 -21.13
CA MET F 9 -9.31 -87.96 -22.20
C MET F 9 -9.12 -86.51 -22.62
N THR F 10 -10.22 -85.76 -22.58
CA THR F 10 -10.23 -84.35 -22.94
C THR F 10 -11.01 -83.60 -21.88
N GLN F 11 -10.63 -82.34 -21.65
CA GLN F 11 -11.24 -81.54 -20.60
C GLN F 11 -12.76 -81.45 -20.75
N ASP F 12 -13.47 -81.60 -19.63
CA ASP F 12 -14.83 -81.10 -19.56
C ASP F 12 -14.79 -79.58 -19.68
N LYS F 13 -15.66 -79.02 -20.51
CA LYS F 13 -15.60 -77.60 -20.84
C LYS F 13 -16.95 -76.95 -20.62
N ILE F 14 -16.93 -75.72 -20.13
CA ILE F 14 -18.13 -74.89 -20.04
C ILE F 14 -18.04 -73.81 -21.10
N LEU F 15 -19.13 -73.59 -21.81
CA LEU F 15 -19.21 -72.55 -22.83
C LEU F 15 -19.93 -71.33 -22.26
N ILE F 16 -19.32 -70.16 -22.38
CA ILE F 16 -19.95 -68.91 -21.94
C ILE F 16 -20.23 -68.06 -23.19
N LEU F 17 -21.49 -67.79 -23.44
CA LEU F 17 -21.90 -66.94 -24.54
C LEU F 17 -22.06 -65.53 -24.00
N ASP F 18 -21.41 -64.58 -24.65
CA ASP F 18 -21.31 -63.21 -24.17
C ASP F 18 -22.41 -62.38 -24.83
N PHE F 19 -23.32 -61.85 -24.03
CA PHE F 19 -24.36 -60.95 -24.52
C PHE F 19 -24.01 -59.48 -24.35
N GLY F 20 -22.76 -59.15 -24.03
CA GLY F 20 -22.31 -57.76 -24.06
C GLY F 20 -22.07 -57.13 -22.70
N SER F 21 -22.38 -57.82 -21.61
CA SER F 21 -22.16 -57.27 -20.29
C SER F 21 -20.68 -56.96 -20.08
N GLN F 22 -20.41 -55.92 -19.29
CA GLN F 22 -19.04 -55.52 -18.99
C GLN F 22 -18.35 -56.48 -18.01
N VAL F 23 -19.09 -57.33 -17.33
CA VAL F 23 -18.48 -58.26 -16.38
C VAL F 23 -18.55 -59.69 -16.88
N THR F 24 -18.79 -59.90 -18.17
CA THR F 24 -18.87 -61.25 -18.71
C THR F 24 -17.56 -62.01 -18.51
N ARG F 25 -16.42 -61.31 -18.65
CA ARG F 25 -15.14 -61.97 -18.39
C ARG F 25 -15.06 -62.56 -16.98
N LEU F 26 -15.72 -61.93 -16.00
CA LEU F 26 -15.66 -62.44 -14.63
C LEU F 26 -16.29 -63.83 -14.52
N ILE F 27 -17.31 -64.11 -15.34
CA ILE F 27 -17.89 -65.45 -15.37
C ILE F 27 -16.80 -66.48 -15.72
N ALA F 28 -16.02 -66.20 -16.75
CA ALA F 28 -14.95 -67.10 -17.15
C ALA F 28 -13.93 -67.26 -16.03
N ARG F 29 -13.56 -66.15 -15.36
CA ARG F 29 -12.61 -66.23 -14.26
C ARG F 29 -13.12 -67.14 -13.14
N ARG F 30 -14.41 -67.06 -12.80
CA ARG F 30 -14.95 -67.89 -11.71
C ARG F 30 -14.89 -69.38 -12.07
N VAL F 31 -15.31 -69.73 -13.29
CA VAL F 31 -15.32 -71.14 -13.71
C VAL F 31 -13.90 -71.69 -13.74
N ARG F 32 -12.95 -70.89 -14.26
CA ARG F 32 -11.54 -71.30 -14.19
C ARG F 32 -11.09 -71.47 -12.75
N GLU F 33 -11.54 -70.58 -11.86
CA GLU F 33 -11.22 -70.71 -10.44
C GLU F 33 -11.85 -71.96 -9.81
N ALA F 34 -12.90 -72.51 -10.38
CA ALA F 34 -13.36 -73.83 -9.94
C ALA F 34 -12.58 -74.97 -10.63
N HIS F 35 -11.55 -74.61 -11.41
CA HIS F 35 -10.64 -75.57 -12.06
C HIS F 35 -11.35 -76.37 -13.16
N VAL F 36 -12.23 -75.69 -13.91
CA VAL F 36 -12.92 -76.22 -15.07
C VAL F 36 -12.56 -75.37 -16.27
N TYR F 37 -12.18 -76.01 -17.37
CA TYR F 37 -11.88 -75.22 -18.57
C TYR F 37 -13.13 -74.56 -19.11
N CYS F 38 -12.96 -73.38 -19.69
CA CYS F 38 -14.09 -72.69 -20.29
C CYS F 38 -13.57 -71.70 -21.30
N GLU F 39 -14.45 -71.30 -22.22
CA GLU F 39 -14.12 -70.28 -23.19
C GLU F 39 -15.26 -69.27 -23.28
N LEU F 40 -14.87 -68.03 -23.53
CA LEU F 40 -15.80 -66.93 -23.75
C LEU F 40 -15.97 -66.79 -25.25
N HIS F 41 -17.20 -66.89 -25.74
CA HIS F 41 -17.49 -66.68 -27.15
C HIS F 41 -18.69 -65.75 -27.28
N SER F 42 -18.75 -65.04 -28.40
CA SER F 42 -19.86 -64.12 -28.62
C SER F 42 -21.18 -64.87 -28.76
N PHE F 43 -22.28 -64.18 -28.47
CA PHE F 43 -23.60 -64.80 -28.46
C PHE F 43 -23.96 -65.43 -29.82
N ASP F 44 -23.40 -64.93 -30.92
CA ASP F 44 -23.79 -65.44 -32.23
C ASP F 44 -22.90 -66.57 -32.71
N MET F 45 -22.14 -67.19 -31.80
CA MET F 45 -21.39 -68.39 -32.13
C MET F 45 -22.29 -69.38 -32.84
N PRO F 46 -21.95 -69.81 -34.06
CA PRO F 46 -22.86 -70.68 -34.81
C PRO F 46 -23.10 -72.00 -34.08
N LEU F 47 -24.34 -72.49 -34.20
CA LEU F 47 -24.77 -73.69 -33.48
C LEU F 47 -23.88 -74.88 -33.80
N ASP F 48 -23.40 -74.98 -35.04
CA ASP F 48 -22.55 -76.13 -35.35
C ASP F 48 -21.23 -76.06 -34.60
N GLU F 49 -20.71 -74.85 -34.37
CA GLU F 49 -19.48 -74.71 -33.58
C GLU F 49 -19.74 -74.99 -32.11
N ILE F 50 -20.91 -74.59 -31.61
CA ILE F 50 -21.29 -74.91 -30.23
C ILE F 50 -21.29 -76.41 -30.02
N LYS F 51 -21.84 -77.16 -30.97
CA LYS F 51 -21.86 -78.62 -30.87
C LYS F 51 -20.45 -79.20 -30.90
N ALA F 52 -19.59 -78.69 -31.78
CA ALA F 52 -18.21 -79.20 -31.87
C ALA F 52 -17.43 -78.91 -30.60
N PHE F 53 -17.70 -77.77 -29.95
CA PHE F 53 -17.10 -77.48 -28.67
C PHE F 53 -17.50 -78.51 -27.61
N ASN F 54 -18.71 -79.09 -27.74
CA ASN F 54 -19.23 -80.16 -26.89
C ASN F 54 -19.22 -79.77 -25.40
N PRO F 55 -19.88 -78.68 -25.01
CA PRO F 55 -19.79 -78.23 -23.61
C PRO F 55 -20.60 -79.10 -22.66
N LYS F 56 -20.15 -79.16 -21.41
CA LYS F 56 -20.93 -79.81 -20.36
C LYS F 56 -22.08 -78.92 -19.89
N GLY F 57 -21.97 -77.62 -20.13
CA GLY F 57 -23.02 -76.69 -19.81
C GLY F 57 -22.74 -75.37 -20.50
N ILE F 58 -23.79 -74.57 -20.64
CA ILE F 58 -23.71 -73.26 -21.27
C ILE F 58 -24.17 -72.22 -20.26
N ILE F 59 -23.44 -71.11 -20.18
CA ILE F 59 -23.82 -69.95 -19.38
C ILE F 59 -24.05 -68.79 -20.32
N LEU F 60 -25.23 -68.17 -20.23
CA LEU F 60 -25.60 -67.00 -21.00
C LEU F 60 -25.39 -65.75 -20.14
N SER F 61 -24.51 -64.86 -20.57
CA SER F 61 -24.16 -63.72 -19.74
C SER F 61 -25.28 -62.67 -19.75
N GLY F 62 -25.11 -61.64 -18.92
CA GLY F 62 -25.94 -60.45 -18.99
C GLY F 62 -25.53 -59.56 -20.15
N GLY F 63 -26.18 -58.41 -20.25
CA GLY F 63 -25.90 -57.47 -21.31
C GLY F 63 -26.82 -56.26 -21.24
N PRO F 64 -26.46 -55.19 -21.95
CA PRO F 64 -27.19 -53.92 -21.81
C PRO F 64 -28.45 -53.79 -22.67
N ASN F 65 -28.69 -54.71 -23.60
CA ASN F 65 -29.82 -54.58 -24.52
C ASN F 65 -31.07 -55.25 -23.95
N SER F 66 -32.18 -55.13 -24.69
CA SER F 66 -33.46 -55.70 -24.29
C SER F 66 -33.85 -56.75 -25.31
N VAL F 67 -34.16 -57.96 -24.82
CA VAL F 67 -34.27 -59.11 -25.70
C VAL F 67 -35.42 -58.98 -26.69
N TYR F 68 -36.43 -58.17 -26.35
CA TYR F 68 -37.58 -57.97 -27.22
C TYR F 68 -37.33 -56.92 -28.32
N GLU F 69 -36.30 -56.09 -28.17
CA GLU F 69 -36.00 -55.04 -29.15
C GLU F 69 -34.49 -55.03 -29.46
N SER F 70 -33.97 -56.17 -29.91
CA SER F 70 -32.53 -56.28 -30.14
C SER F 70 -32.24 -57.46 -31.07
N ASP F 71 -31.15 -57.32 -31.84
CA ASP F 71 -30.58 -58.42 -32.60
C ASP F 71 -29.69 -59.34 -31.77
N TYR F 72 -29.55 -59.10 -30.46
CA TYR F 72 -28.71 -59.95 -29.59
C TYR F 72 -29.42 -61.26 -29.29
N GLN F 73 -29.37 -62.18 -30.25
CA GLN F 73 -30.06 -63.46 -30.13
C GLN F 73 -29.08 -64.59 -30.42
N ALA F 74 -28.87 -65.48 -29.44
CA ALA F 74 -28.15 -66.71 -29.73
C ALA F 74 -29.09 -67.68 -30.46
N ASP F 75 -28.48 -68.68 -31.10
CA ASP F 75 -29.26 -69.72 -31.76
C ASP F 75 -30.08 -70.48 -30.72
N THR F 76 -31.42 -70.44 -30.86
CA THR F 76 -32.29 -71.05 -29.86
C THR F 76 -32.15 -72.57 -29.80
N GLY F 77 -31.41 -73.17 -30.72
CA GLY F 77 -31.04 -74.57 -30.68
C GLY F 77 -30.21 -74.98 -29.48
N ILE F 78 -29.63 -74.03 -28.74
CA ILE F 78 -28.89 -74.40 -27.52
C ILE F 78 -29.81 -75.07 -26.51
N PHE F 79 -31.11 -74.79 -26.58
CA PHE F 79 -32.07 -75.38 -25.65
C PHE F 79 -32.48 -76.79 -26.05
N ASP F 80 -31.95 -77.29 -27.18
CA ASP F 80 -32.19 -78.65 -27.64
C ASP F 80 -30.94 -79.53 -27.53
N LEU F 81 -29.88 -79.05 -26.86
CA LEU F 81 -28.65 -79.84 -26.80
C LEU F 81 -28.65 -80.91 -25.72
N GLY F 82 -29.61 -80.88 -24.80
CA GLY F 82 -29.64 -81.83 -23.70
C GLY F 82 -28.64 -81.57 -22.59
N ILE F 83 -28.10 -80.36 -22.48
CA ILE F 83 -27.16 -80.03 -21.42
C ILE F 83 -27.73 -78.87 -20.62
N PRO F 84 -27.30 -78.69 -19.37
CA PRO F 84 -27.80 -77.57 -18.58
C PRO F 84 -27.41 -76.21 -19.15
N VAL F 85 -28.27 -75.23 -18.91
CA VAL F 85 -28.02 -73.85 -19.32
C VAL F 85 -28.34 -72.92 -18.16
N LEU F 86 -27.45 -71.98 -17.89
CA LEU F 86 -27.66 -70.96 -16.89
C LEU F 86 -27.70 -69.60 -17.57
N GLY F 87 -28.77 -68.84 -17.34
CA GLY F 87 -28.91 -67.50 -17.90
C GLY F 87 -28.81 -66.46 -16.80
N ILE F 88 -27.96 -65.47 -17.03
CA ILE F 88 -27.70 -64.41 -16.05
C ILE F 88 -28.25 -63.12 -16.64
N CYS F 89 -29.24 -62.55 -15.94
CA CYS F 89 -29.89 -61.30 -16.32
C CYS F 89 -30.40 -61.35 -17.76
N TYR F 90 -29.76 -60.62 -18.68
CA TYR F 90 -30.18 -60.70 -20.08
C TYR F 90 -30.33 -62.14 -20.52
N GLY F 91 -29.40 -63.01 -20.12
CA GLY F 91 -29.51 -64.42 -20.45
C GLY F 91 -30.77 -65.06 -19.89
N MET F 92 -31.14 -64.70 -18.67
CA MET F 92 -32.39 -65.21 -18.11
C MET F 92 -33.58 -64.69 -18.89
N GLN F 93 -33.57 -63.40 -19.24
CA GLN F 93 -34.67 -62.84 -20.00
C GLN F 93 -34.73 -63.47 -21.39
N PHE F 94 -33.57 -63.66 -22.02
CA PHE F 94 -33.52 -64.34 -23.30
C PHE F 94 -34.12 -65.74 -23.20
N MET F 95 -33.78 -66.45 -22.13
CA MET F 95 -34.34 -67.78 -21.91
C MET F 95 -35.87 -67.73 -21.83
N ALA F 96 -36.40 -66.77 -21.08
CA ALA F 96 -37.86 -66.68 -20.92
C ALA F 96 -38.52 -66.26 -22.22
N HIS F 97 -37.88 -65.37 -22.99
CA HIS F 97 -38.49 -64.84 -24.21
C HIS F 97 -38.71 -65.94 -25.25
N HIS F 98 -37.79 -66.90 -25.31
CA HIS F 98 -37.83 -67.93 -26.33
C HIS F 98 -38.43 -69.26 -25.91
N LEU F 99 -38.76 -69.43 -24.62
CA LEU F 99 -39.33 -70.69 -24.15
C LEU F 99 -40.77 -70.52 -23.63
N GLY F 100 -41.48 -69.50 -24.11
CA GLY F 100 -42.89 -69.33 -23.82
C GLY F 100 -43.25 -68.41 -22.66
N GLY F 101 -42.30 -67.67 -22.12
CA GLY F 101 -42.54 -66.73 -21.05
C GLY F 101 -42.73 -65.31 -21.56
N GLU F 102 -42.59 -64.35 -20.64
CA GLU F 102 -42.75 -62.94 -20.98
C GLU F 102 -41.74 -62.11 -20.20
N VAL F 103 -41.29 -61.03 -20.83
CA VAL F 103 -40.34 -60.10 -20.23
C VAL F 103 -41.00 -58.73 -20.13
N GLN F 104 -40.89 -58.11 -18.95
CA GLN F 104 -41.42 -56.79 -18.61
C GLN F 104 -40.33 -55.73 -18.73
N PRO F 105 -40.56 -54.68 -19.52
CA PRO F 105 -39.48 -53.72 -19.81
C PRO F 105 -39.07 -52.88 -18.60
N GLY F 106 -37.77 -52.59 -18.55
CA GLY F 106 -37.19 -51.71 -17.55
C GLY F 106 -35.91 -51.05 -18.03
N ASN F 107 -35.16 -50.44 -17.11
CA ASN F 107 -33.90 -49.75 -17.42
C ASN F 107 -32.73 -50.70 -17.16
N GLN F 108 -32.19 -51.30 -18.23
CA GLN F 108 -31.13 -52.30 -18.09
C GLN F 108 -29.85 -51.73 -17.48
N ARG F 109 -29.76 -50.41 -17.28
CA ARG F 109 -28.59 -49.78 -16.67
C ARG F 109 -28.65 -49.73 -15.15
N GLU F 110 -29.78 -50.07 -14.54
CA GLU F 110 -29.97 -49.93 -13.10
C GLU F 110 -29.59 -51.23 -12.37
N PHE F 111 -28.72 -51.10 -11.37
CA PHE F 111 -28.28 -52.22 -10.53
C PHE F 111 -28.22 -51.79 -9.08
N GLY F 112 -28.25 -52.77 -8.18
CA GLY F 112 -28.13 -52.48 -6.76
C GLY F 112 -28.27 -53.74 -5.93
N TYR F 113 -28.03 -53.57 -4.63
CA TYR F 113 -28.10 -54.69 -3.68
C TYR F 113 -29.56 -55.07 -3.44
N ALA F 114 -29.80 -56.37 -3.28
CA ALA F 114 -31.12 -56.85 -2.92
C ALA F 114 -30.98 -58.18 -2.21
N GLN F 115 -31.99 -58.51 -1.42
CA GLN F 115 -32.05 -59.79 -0.72
C GLN F 115 -33.06 -60.70 -1.42
N VAL F 116 -32.58 -61.85 -1.89
CA VAL F 116 -33.39 -62.84 -2.58
C VAL F 116 -33.73 -63.97 -1.61
N LYS F 117 -35.00 -64.34 -1.55
CA LYS F 117 -35.46 -65.51 -0.80
C LYS F 117 -35.67 -66.68 -1.76
N THR F 118 -35.19 -67.86 -1.39
CA THR F 118 -35.23 -69.00 -2.28
C THR F 118 -36.09 -70.10 -1.69
N ILE F 119 -36.48 -71.04 -2.56
CA ILE F 119 -36.99 -72.33 -2.13
C ILE F 119 -35.97 -73.39 -2.55
N ASP F 120 -36.20 -74.61 -2.09
CA ASP F 120 -35.26 -75.68 -2.38
C ASP F 120 -35.29 -76.04 -3.86
N SER F 121 -34.10 -76.09 -4.44
CA SER F 121 -33.91 -76.55 -5.81
C SER F 121 -32.49 -77.04 -5.92
N GLY F 122 -32.17 -77.63 -7.08
CA GLY F 122 -30.81 -78.13 -7.28
C GLY F 122 -29.79 -77.00 -7.20
N LEU F 123 -30.17 -75.83 -7.69
CA LEU F 123 -29.25 -74.70 -7.70
C LEU F 123 -29.14 -74.04 -6.32
N THR F 124 -30.21 -74.04 -5.52
CA THR F 124 -30.27 -73.22 -4.31
C THR F 124 -30.00 -74.01 -3.04
N ARG F 125 -30.03 -75.33 -3.12
CA ARG F 125 -29.88 -76.20 -1.95
C ARG F 125 -28.61 -75.91 -1.19
N GLY F 126 -28.74 -75.66 0.11
CA GLY F 126 -27.57 -75.49 0.97
C GLY F 126 -26.76 -74.23 0.74
N ILE F 127 -27.25 -73.28 -0.05
CA ILE F 127 -26.51 -72.05 -0.30
C ILE F 127 -27.29 -70.91 0.34
N GLN F 128 -26.61 -70.11 1.16
CA GLN F 128 -27.30 -69.10 1.96
C GLN F 128 -26.30 -68.05 2.41
N ASP F 129 -26.83 -66.91 2.82
CA ASP F 129 -26.02 -65.93 3.54
C ASP F 129 -26.34 -66.05 5.03
N ASP F 130 -26.96 -65.03 5.63
CA ASP F 130 -27.05 -65.00 7.08
C ASP F 130 -28.21 -65.84 7.63
N ALA F 131 -29.14 -66.25 6.79
CA ALA F 131 -30.28 -67.07 7.17
C ALA F 131 -30.52 -68.09 6.07
N PRO F 132 -31.15 -69.22 6.40
CA PRO F 132 -31.47 -70.23 5.37
C PRO F 132 -32.30 -69.63 4.25
N ASN F 133 -32.03 -70.09 3.02
CA ASN F 133 -32.84 -69.74 1.85
C ASN F 133 -32.91 -68.23 1.64
N THR F 134 -31.82 -67.55 1.94
CA THR F 134 -31.68 -66.11 1.76
C THR F 134 -30.33 -65.83 1.12
N LEU F 135 -30.31 -65.04 0.04
CA LEU F 135 -29.09 -64.63 -0.61
C LEU F 135 -29.03 -63.11 -0.70
N ASP F 136 -27.88 -62.52 -0.38
CA ASP F 136 -27.65 -61.10 -0.60
C ASP F 136 -26.92 -60.93 -1.93
N VAL F 137 -27.56 -60.27 -2.90
CA VAL F 137 -27.06 -60.32 -4.27
C VAL F 137 -26.89 -58.92 -4.86
N TRP F 138 -26.13 -58.85 -5.95
CA TRP F 138 -26.02 -57.66 -6.78
C TRP F 138 -27.05 -57.79 -7.89
N MET F 139 -28.18 -57.10 -7.73
CA MET F 139 -29.40 -57.37 -8.47
C MET F 139 -29.52 -56.43 -9.67
N SER F 140 -30.01 -56.97 -10.78
CA SER F 140 -30.39 -56.15 -11.93
C SER F 140 -31.84 -55.68 -11.77
N HIS F 141 -32.04 -54.36 -11.77
CA HIS F 141 -33.36 -53.74 -11.64
C HIS F 141 -33.93 -53.30 -12.99
N GLY F 142 -33.60 -54.01 -14.06
CA GLY F 142 -34.06 -53.56 -15.38
C GLY F 142 -35.22 -54.36 -15.92
N ASP F 143 -35.05 -54.87 -17.14
CA ASP F 143 -35.99 -55.83 -17.68
C ASP F 143 -36.04 -57.04 -16.74
N LYS F 144 -37.22 -57.61 -16.57
CA LYS F 144 -37.36 -58.77 -15.71
C LYS F 144 -38.39 -59.73 -16.28
N VAL F 145 -38.26 -61.00 -15.88
CA VAL F 145 -39.21 -62.02 -16.30
C VAL F 145 -40.53 -61.78 -15.59
N SER F 146 -41.59 -61.58 -16.36
CA SER F 146 -42.91 -61.31 -15.83
C SER F 146 -43.84 -62.50 -15.86
N LYS F 147 -43.54 -63.51 -16.67
CA LYS F 147 -44.33 -64.74 -16.77
C LYS F 147 -43.40 -65.92 -17.02
N LEU F 148 -43.53 -66.97 -16.22
CA LEU F 148 -42.66 -68.13 -16.35
C LEU F 148 -42.78 -68.76 -17.74
N PRO F 149 -41.68 -69.15 -18.36
CA PRO F 149 -41.77 -69.97 -19.57
C PRO F 149 -42.18 -71.40 -19.21
N ASP F 150 -42.43 -72.18 -20.27
CA ASP F 150 -43.03 -73.50 -20.11
C ASP F 150 -42.13 -74.42 -19.30
N GLY F 151 -42.72 -75.11 -18.32
CA GLY F 151 -41.98 -76.05 -17.49
C GLY F 151 -41.09 -75.42 -16.44
N PHE F 152 -41.12 -74.10 -16.30
CA PHE F 152 -40.24 -73.46 -15.34
C PHE F 152 -40.97 -73.27 -14.02
N ALA F 153 -40.20 -73.10 -12.96
CA ALA F 153 -40.76 -72.76 -11.66
C ALA F 153 -39.98 -71.60 -11.06
N VAL F 154 -40.66 -70.81 -10.23
CA VAL F 154 -39.95 -69.79 -9.45
C VAL F 154 -39.16 -70.49 -8.35
N ILE F 155 -37.86 -70.20 -8.28
CA ILE F 155 -37.07 -70.67 -7.14
C ILE F 155 -36.46 -69.54 -6.32
N GLY F 156 -36.58 -68.28 -6.76
CA GLY F 156 -36.09 -67.14 -6.00
C GLY F 156 -36.87 -65.89 -6.31
N ASP F 157 -37.05 -65.04 -5.29
CA ASP F 157 -37.86 -63.84 -5.43
C ASP F 157 -37.37 -62.75 -4.50
N THR F 158 -37.72 -61.52 -4.84
CA THR F 158 -37.62 -60.34 -3.98
C THR F 158 -38.95 -59.61 -4.03
N PRO F 159 -39.18 -58.67 -3.11
CA PRO F 159 -40.44 -57.90 -3.18
C PRO F 159 -40.64 -57.17 -4.51
N SER F 160 -39.60 -56.56 -5.07
CA SER F 160 -39.79 -55.83 -6.32
C SER F 160 -39.61 -56.70 -7.57
N CYS F 161 -39.15 -57.95 -7.42
CA CYS F 161 -38.87 -58.83 -8.55
C CYS F 161 -39.42 -60.23 -8.27
N PRO F 162 -40.69 -60.47 -8.62
CA PRO F 162 -41.32 -61.76 -8.29
C PRO F 162 -40.64 -62.98 -8.91
N ILE F 163 -40.00 -62.84 -10.07
CA ILE F 163 -39.30 -63.98 -10.67
C ILE F 163 -37.83 -63.65 -10.77
N ALA F 164 -37.12 -63.76 -9.65
CA ALA F 164 -35.70 -63.44 -9.60
C ALA F 164 -34.82 -64.64 -9.91
N MET F 165 -35.32 -65.84 -9.72
CA MET F 165 -34.63 -67.07 -10.07
C MET F 165 -35.67 -68.06 -10.54
N MET F 166 -35.35 -68.77 -11.63
CA MET F 166 -36.31 -69.73 -12.19
C MET F 166 -35.56 -70.98 -12.65
N GLU F 167 -36.28 -72.10 -12.63
CA GLU F 167 -35.71 -73.38 -12.98
C GLU F 167 -36.68 -74.18 -13.82
N ASN F 168 -36.15 -74.81 -14.87
CA ASN F 168 -36.85 -75.91 -15.53
C ASN F 168 -36.12 -77.17 -15.07
N THR F 169 -36.71 -77.85 -14.10
CA THR F 169 -36.04 -79.00 -13.49
C THR F 169 -35.84 -80.12 -14.50
N GLU F 170 -36.81 -80.31 -15.41
CA GLU F 170 -36.69 -81.37 -16.42
C GLU F 170 -35.49 -81.13 -17.31
N LYS F 171 -35.28 -79.89 -17.75
CA LYS F 171 -34.23 -79.58 -18.70
C LYS F 171 -32.95 -79.07 -18.06
N GLN F 172 -32.95 -78.86 -16.76
CA GLN F 172 -31.82 -78.25 -16.05
C GLN F 172 -31.47 -76.88 -16.64
N PHE F 173 -32.51 -76.08 -16.90
CA PHE F 173 -32.33 -74.68 -17.28
C PHE F 173 -32.53 -73.80 -16.06
N TYR F 174 -31.61 -72.86 -15.85
CA TYR F 174 -31.70 -71.94 -14.72
C TYR F 174 -31.49 -70.52 -15.21
N GLY F 175 -32.27 -69.59 -14.66
CA GLY F 175 -32.09 -68.18 -14.94
C GLY F 175 -32.13 -67.40 -13.65
N ILE F 176 -31.20 -66.46 -13.47
CA ILE F 176 -31.14 -65.63 -12.28
C ILE F 176 -31.02 -64.18 -12.71
N GLN F 177 -31.69 -63.31 -11.96
CA GLN F 177 -31.83 -61.90 -12.28
C GLN F 177 -30.71 -61.05 -11.67
N PHE F 178 -29.70 -61.66 -11.07
CA PHE F 178 -28.56 -60.96 -10.51
C PHE F 178 -27.28 -61.56 -11.07
N HIS F 179 -26.16 -60.87 -10.83
CA HIS F 179 -24.86 -61.30 -11.33
C HIS F 179 -24.11 -62.09 -10.27
N PRO F 180 -24.01 -63.42 -10.37
CA PRO F 180 -23.21 -64.17 -9.40
C PRO F 180 -21.71 -64.03 -9.61
N GLU F 181 -21.28 -63.51 -10.74
CA GLU F 181 -19.85 -63.48 -11.03
C GLU F 181 -19.14 -62.29 -10.38
N VAL F 182 -19.87 -61.34 -9.76
CA VAL F 182 -19.24 -60.25 -9.01
C VAL F 182 -19.29 -60.57 -7.52
N THR F 183 -18.19 -60.29 -6.81
CA THR F 183 -18.10 -60.65 -5.40
C THR F 183 -19.10 -59.92 -4.53
N HIS F 184 -19.78 -58.88 -5.05
CA HIS F 184 -20.85 -58.23 -4.30
C HIS F 184 -22.02 -59.18 -4.05
N THR F 185 -22.17 -60.22 -4.86
CA THR F 185 -23.05 -61.36 -4.57
C THR F 185 -22.24 -62.36 -3.75
N LYS F 186 -22.49 -62.38 -2.44
CA LYS F 186 -21.62 -63.13 -1.53
C LYS F 186 -21.57 -64.61 -1.90
N GLN F 187 -22.72 -65.20 -2.23
CA GLN F 187 -22.82 -66.59 -2.61
C GLN F 187 -22.72 -66.80 -4.11
N GLY F 188 -22.24 -65.80 -4.84
CA GLY F 188 -22.22 -65.92 -6.29
C GLY F 188 -21.29 -67.02 -6.75
N ARG F 189 -20.10 -67.10 -6.13
CA ARG F 189 -19.18 -68.16 -6.49
C ARG F 189 -19.80 -69.53 -6.18
N ALA F 190 -20.45 -69.65 -5.02
CA ALA F 190 -21.09 -70.91 -4.65
C ALA F 190 -22.16 -71.32 -5.66
N LEU F 191 -22.92 -70.35 -6.19
CA LEU F 191 -23.95 -70.64 -7.18
C LEU F 191 -23.33 -71.09 -8.50
N LEU F 192 -22.31 -70.35 -8.96
CA LEU F 192 -21.61 -70.74 -10.18
C LEU F 192 -20.93 -72.09 -10.04
N ASN F 193 -20.26 -72.34 -8.91
CA ASN F 193 -19.68 -73.67 -8.69
C ASN F 193 -20.75 -74.74 -8.71
N ARG F 194 -21.88 -74.48 -8.05
CA ARG F 194 -22.96 -75.47 -8.01
C ARG F 194 -23.44 -75.81 -9.42
N PHE F 195 -23.54 -74.80 -10.28
CA PHE F 195 -23.97 -75.04 -11.64
C PHE F 195 -22.92 -75.85 -12.40
N VAL F 196 -21.65 -75.47 -12.28
CA VAL F 196 -20.58 -76.04 -13.09
C VAL F 196 -20.21 -77.44 -12.60
N LEU F 197 -20.00 -77.60 -11.29
CA LEU F 197 -19.47 -78.85 -10.76
C LEU F 197 -20.55 -79.92 -10.53
N ASP F 198 -21.75 -79.51 -10.12
CA ASP F 198 -22.75 -80.46 -9.67
C ASP F 198 -23.88 -80.65 -10.67
N ILE F 199 -24.47 -79.56 -11.14
CA ILE F 199 -25.55 -79.67 -12.11
C ILE F 199 -25.00 -80.10 -13.46
N CYS F 200 -23.92 -79.47 -13.92
CA CYS F 200 -23.28 -79.90 -15.17
C CYS F 200 -22.38 -81.11 -14.98
N GLY F 201 -21.89 -81.36 -13.76
CA GLY F 201 -21.00 -82.48 -13.54
C GLY F 201 -19.67 -82.37 -14.25
N ALA F 202 -19.18 -81.16 -14.51
CA ALA F 202 -17.88 -80.99 -15.15
C ALA F 202 -16.75 -81.36 -14.18
N GLN F 203 -15.85 -82.24 -14.62
CA GLN F 203 -14.76 -82.70 -13.76
C GLN F 203 -13.69 -81.62 -13.60
N PRO F 204 -13.35 -81.21 -12.37
CA PRO F 204 -12.36 -80.11 -12.19
C PRO F 204 -10.92 -80.54 -12.41
N GLY F 205 -10.61 -80.90 -13.66
CA GLY F 205 -9.29 -81.35 -14.06
C GLY F 205 -8.39 -80.27 -14.63
N TRP F 206 -8.87 -79.04 -14.73
CA TRP F 206 -8.10 -77.94 -15.30
C TRP F 206 -7.19 -77.37 -14.21
N THR F 207 -5.96 -77.90 -14.16
CA THR F 207 -4.90 -77.49 -13.25
C THR F 207 -3.65 -77.23 -14.08
N MET F 208 -2.74 -76.42 -13.55
CA MET F 208 -1.55 -76.13 -14.34
C MET F 208 -0.59 -77.31 -14.44
N PRO F 209 -0.44 -78.16 -13.41
CA PRO F 209 0.30 -79.40 -13.63
C PRO F 209 -0.28 -80.27 -14.75
N ASN F 210 -1.61 -80.32 -14.87
CA ASN F 210 -2.25 -81.10 -15.93
C ASN F 210 -2.04 -80.49 -17.30
N TYR F 211 -1.67 -79.21 -17.35
CA TYR F 211 -1.64 -78.43 -18.57
C TYR F 211 -0.30 -78.51 -19.31
N ILE F 212 0.78 -78.73 -18.55
CA ILE F 212 2.14 -78.60 -19.07
C ILE F 212 2.42 -79.56 -20.22
N GLU F 213 2.11 -80.84 -20.05
CA GLU F 213 2.53 -81.82 -21.06
C GLU F 213 1.83 -81.57 -22.39
N GLU F 214 0.54 -81.22 -22.35
CA GLU F 214 -0.18 -80.85 -23.56
C GLU F 214 0.38 -79.56 -24.16
N ALA F 215 0.69 -78.59 -23.31
CA ALA F 215 1.24 -77.32 -23.80
C ALA F 215 2.64 -77.53 -24.36
N VAL F 216 3.46 -78.35 -23.70
CA VAL F 216 4.78 -78.66 -24.21
C VAL F 216 4.68 -79.35 -25.56
N ALA F 217 3.78 -80.31 -25.69
CA ALA F 217 3.64 -81.07 -26.93
C ALA F 217 3.17 -80.18 -28.08
N LYS F 218 2.25 -79.26 -27.82
CA LYS F 218 1.78 -78.40 -28.89
C LYS F 218 2.90 -77.51 -29.43
N ILE F 219 3.78 -77.02 -28.55
CA ILE F 219 4.90 -76.19 -29.01
C ILE F 219 5.85 -77.00 -29.87
N ARG F 220 6.19 -78.22 -29.45
CA ARG F 220 7.10 -79.05 -30.23
C ARG F 220 6.56 -79.32 -31.61
N GLU F 221 5.26 -79.61 -31.72
CA GLU F 221 4.64 -79.87 -33.01
C GLU F 221 4.61 -78.61 -33.87
N GLN F 222 4.46 -77.45 -33.25
CA GLN F 222 4.39 -76.19 -33.99
C GLN F 222 5.76 -75.75 -34.49
N VAL F 223 6.80 -76.01 -33.72
CA VAL F 223 8.13 -75.47 -33.99
C VAL F 223 9.05 -76.51 -34.63
N GLY F 224 8.93 -77.76 -34.21
CA GLY F 224 9.82 -78.79 -34.73
C GLY F 224 11.25 -78.46 -34.35
N SER F 225 12.09 -78.30 -35.36
CA SER F 225 13.49 -77.97 -35.14
C SER F 225 13.81 -76.49 -35.33
N ASP F 226 12.81 -75.65 -35.59
CA ASP F 226 13.05 -74.22 -35.80
C ASP F 226 13.58 -73.56 -34.53
N GLU F 227 14.22 -72.41 -34.71
CA GLU F 227 14.73 -71.63 -33.60
C GLU F 227 13.78 -70.48 -33.29
N VAL F 228 13.69 -70.14 -32.01
CA VAL F 228 12.71 -69.18 -31.50
C VAL F 228 13.45 -68.12 -30.68
N ILE F 229 13.08 -66.87 -30.87
CA ILE F 229 13.57 -65.79 -30.02
C ILE F 229 12.42 -65.20 -29.22
N LEU F 230 12.74 -64.78 -28.01
CA LEU F 230 11.75 -64.28 -27.07
C LEU F 230 12.32 -63.11 -26.30
N GLY F 231 11.55 -62.03 -26.22
CA GLY F 231 11.92 -60.91 -25.38
C GLY F 231 11.51 -61.12 -23.94
N LEU F 232 12.47 -61.03 -23.03
CA LEU F 232 12.17 -61.05 -21.60
C LEU F 232 12.05 -59.60 -21.14
N SER F 233 10.83 -59.15 -20.91
CA SER F 233 10.64 -57.81 -20.37
C SER F 233 10.92 -57.76 -18.88
N GLY F 234 10.94 -58.91 -18.21
CA GLY F 234 10.93 -59.02 -16.77
C GLY F 234 9.57 -59.36 -16.19
N GLY F 235 8.49 -59.09 -16.94
CA GLY F 235 7.17 -59.44 -16.45
C GLY F 235 6.95 -60.94 -16.45
N VAL F 236 5.93 -61.34 -15.70
CA VAL F 236 5.74 -62.76 -15.43
C VAL F 236 5.36 -63.50 -16.70
N ASP F 237 4.56 -62.87 -17.56
CA ASP F 237 4.04 -63.57 -18.74
C ASP F 237 5.18 -64.05 -19.64
N SER F 238 6.10 -63.15 -19.99
CA SER F 238 7.18 -63.57 -20.87
C SER F 238 8.11 -64.54 -20.16
N SER F 239 8.29 -64.36 -18.85
CA SER F 239 9.10 -65.30 -18.10
C SER F 239 8.51 -66.71 -18.12
N VAL F 240 7.20 -66.83 -17.96
CA VAL F 240 6.56 -68.14 -17.97
C VAL F 240 6.60 -68.73 -19.38
N ALA F 241 6.32 -67.92 -20.41
CA ALA F 241 6.50 -68.37 -21.79
C ALA F 241 7.92 -68.87 -22.03
N ALA F 242 8.92 -68.18 -21.51
CA ALA F 242 10.30 -68.63 -21.67
C ALA F 242 10.51 -69.98 -21.03
N ALA F 243 10.06 -70.14 -19.77
CA ALA F 243 10.23 -71.40 -19.09
C ALA F 243 9.49 -72.53 -19.81
N LEU F 244 8.30 -72.23 -20.33
CA LEU F 244 7.49 -73.24 -21.01
C LEU F 244 8.12 -73.66 -22.33
N ILE F 245 8.53 -72.67 -23.13
CA ILE F 245 9.09 -72.96 -24.44
C ILE F 245 10.44 -73.65 -24.31
N HIS F 246 11.25 -73.25 -23.31
CA HIS F 246 12.52 -73.94 -23.09
C HIS F 246 12.31 -75.41 -22.70
N ARG F 247 11.30 -75.71 -21.87
CA ARG F 247 11.02 -77.09 -21.52
C ARG F 247 10.68 -77.92 -22.75
N ALA F 248 10.10 -77.29 -23.77
CA ALA F 248 9.70 -77.97 -24.98
C ALA F 248 10.87 -78.18 -25.94
N ILE F 249 11.66 -77.12 -26.18
CA ILE F 249 12.61 -77.10 -27.28
C ILE F 249 14.03 -76.73 -26.87
N GLY F 250 14.29 -76.51 -25.57
CA GLY F 250 15.66 -76.35 -25.10
C GLY F 250 16.47 -75.29 -25.83
N ASP F 251 17.65 -75.67 -26.29
CA ASP F 251 18.59 -74.75 -26.94
C ASP F 251 18.09 -74.17 -28.25
N GLN F 252 16.91 -74.59 -28.71
CA GLN F 252 16.31 -73.91 -29.86
C GLN F 252 15.78 -72.52 -29.53
N LEU F 253 15.65 -72.18 -28.25
CA LEU F 253 15.19 -70.87 -27.81
C LEU F 253 16.36 -69.99 -27.40
N THR F 254 16.34 -68.73 -27.85
CA THR F 254 17.24 -67.70 -27.36
C THR F 254 16.42 -66.54 -26.81
N CYS F 255 16.73 -66.13 -25.59
CA CYS F 255 16.03 -65.01 -24.97
C CYS F 255 16.87 -63.74 -25.04
N VAL F 256 16.18 -62.61 -25.07
CA VAL F 256 16.80 -61.29 -25.09
C VAL F 256 16.33 -60.54 -23.86
N PHE F 257 17.26 -60.10 -23.02
CA PHE F 257 16.96 -59.27 -21.86
C PHE F 257 17.63 -57.92 -22.04
N VAL F 258 16.86 -56.85 -21.97
CA VAL F 258 17.37 -55.49 -22.10
C VAL F 258 17.26 -54.81 -20.75
N ASP F 259 18.40 -54.41 -20.16
CA ASP F 259 18.37 -53.56 -18.96
C ASP F 259 18.53 -52.12 -19.43
N HIS F 260 17.44 -51.37 -19.41
CA HIS F 260 17.43 -49.97 -19.83
C HIS F 260 17.70 -49.00 -18.69
N GLY F 261 18.16 -49.50 -17.54
CA GLY F 261 18.44 -48.66 -16.40
C GLY F 261 17.23 -48.22 -15.60
N LEU F 262 16.02 -48.65 -15.97
CA LEU F 262 14.82 -48.22 -15.28
C LEU F 262 14.12 -49.40 -14.61
N LEU F 263 14.87 -50.41 -14.25
CA LEU F 263 14.35 -51.57 -13.55
C LEU F 263 14.59 -51.40 -12.05
N ARG F 264 13.87 -52.19 -11.27
CA ARG F 264 14.04 -52.22 -9.82
C ARG F 264 15.39 -52.86 -9.44
N LEU F 265 15.72 -52.78 -8.16
CA LEU F 265 17.04 -53.18 -7.70
C LEU F 265 17.34 -54.65 -8.07
N ASN F 266 18.50 -54.86 -8.70
CA ASN F 266 19.04 -56.20 -8.99
C ASN F 266 18.15 -57.00 -9.94
N GLU F 267 17.29 -56.36 -10.74
CA GLU F 267 16.39 -57.11 -11.62
CA GLU F 267 16.40 -57.14 -11.59
C GLU F 267 17.17 -57.93 -12.64
N GLY F 268 18.21 -57.33 -13.24
CA GLY F 268 19.00 -58.03 -14.23
C GLY F 268 19.68 -59.26 -13.66
N LYS F 269 20.27 -59.14 -12.47
CA LYS F 269 20.91 -60.29 -11.86
C LYS F 269 19.91 -61.41 -11.57
N MET F 270 18.72 -61.06 -11.06
CA MET F 270 17.72 -62.07 -10.72
C MET F 270 17.17 -62.75 -11.97
N VAL F 271 17.00 -62.00 -13.07
CA VAL F 271 16.54 -62.60 -14.31
C VAL F 271 17.61 -63.52 -14.89
N MET F 272 18.85 -63.04 -14.95
CA MET F 272 19.95 -63.88 -15.44
C MET F 272 20.14 -65.10 -14.55
N ASP F 273 20.03 -64.94 -13.23
CA ASP F 273 20.20 -66.08 -12.36
C ASP F 273 19.12 -67.12 -12.62
N MET F 274 17.87 -66.67 -12.76
CA MET F 274 16.76 -67.61 -12.91
C MET F 274 16.80 -68.33 -14.24
N PHE F 275 17.28 -67.67 -15.30
CA PHE F 275 17.23 -68.27 -16.63
C PHE F 275 18.57 -68.83 -17.08
N ALA F 276 19.61 -67.98 -17.13
CA ALA F 276 20.87 -68.38 -17.75
C ALA F 276 21.61 -69.42 -16.91
N ARG F 277 21.69 -69.22 -15.59
CA ARG F 277 22.45 -70.15 -14.75
C ARG F 277 21.60 -71.31 -14.23
N ASN F 278 20.41 -71.05 -13.68
CA ASN F 278 19.64 -72.13 -13.08
C ASN F 278 19.03 -73.06 -14.13
N LEU F 279 18.57 -72.50 -15.25
CA LEU F 279 17.89 -73.28 -16.26
C LEU F 279 18.76 -73.54 -17.48
N GLY F 280 19.86 -72.84 -17.64
CA GLY F 280 20.68 -73.00 -18.82
C GLY F 280 20.05 -72.47 -20.09
N VAL F 281 19.05 -71.59 -19.97
CA VAL F 281 18.52 -70.91 -21.13
C VAL F 281 19.57 -69.95 -21.69
N LYS F 282 19.67 -69.89 -23.01
CA LYS F 282 20.54 -68.91 -23.67
C LYS F 282 19.90 -67.54 -23.56
N VAL F 283 20.56 -66.60 -22.89
CA VAL F 283 20.02 -65.28 -22.67
C VAL F 283 21.04 -64.25 -23.15
N ILE F 284 20.66 -63.44 -24.12
CA ILE F 284 21.46 -62.31 -24.56
C ILE F 284 21.13 -61.13 -23.65
N HIS F 285 22.12 -60.66 -22.91
CA HIS F 285 21.96 -59.58 -21.94
C HIS F 285 22.48 -58.28 -22.54
N VAL F 286 21.60 -57.29 -22.68
CA VAL F 286 22.02 -55.99 -23.19
C VAL F 286 21.92 -54.99 -22.05
N ASP F 287 23.05 -54.35 -21.73
CA ASP F 287 23.10 -53.30 -20.72
C ASP F 287 23.06 -51.97 -21.46
N ALA F 288 21.89 -51.33 -21.46
CA ALA F 288 21.66 -50.08 -22.17
C ALA F 288 21.38 -48.91 -21.23
N GLU F 289 21.76 -49.03 -19.95
CA GLU F 289 21.49 -47.98 -18.97
C GLU F 289 22.00 -46.62 -19.44
N GLY F 290 23.31 -46.53 -19.73
CA GLY F 290 23.88 -45.25 -20.12
C GLY F 290 23.21 -44.66 -21.35
N GLN F 291 22.86 -45.52 -22.31
CA GLN F 291 22.23 -45.08 -23.53
C GLN F 291 20.84 -44.49 -23.28
N PHE F 292 20.03 -45.14 -22.42
CA PHE F 292 18.70 -44.62 -22.09
C PHE F 292 18.79 -43.34 -21.27
N MET F 293 19.73 -43.25 -20.33
CA MET F 293 19.87 -42.03 -19.54
C MET F 293 20.21 -40.84 -20.43
N ALA F 294 21.09 -41.04 -21.41
CA ALA F 294 21.44 -39.93 -22.31
C ALA F 294 20.25 -39.51 -23.17
N LYS F 295 19.44 -40.46 -23.62
CA LYS F 295 18.28 -40.12 -24.43
C LYS F 295 17.20 -39.41 -23.62
N LEU F 296 17.15 -39.63 -22.31
CA LEU F 296 16.14 -39.04 -21.43
C LEU F 296 16.56 -37.72 -20.81
N ALA F 297 17.83 -37.34 -20.95
CA ALA F 297 18.36 -36.14 -20.33
C ALA F 297 17.55 -34.89 -20.71
N GLY F 298 17.22 -34.10 -19.70
CA GLY F 298 16.52 -32.84 -19.93
C GLY F 298 15.07 -32.96 -20.33
N VAL F 299 14.50 -34.16 -20.37
CA VAL F 299 13.11 -34.38 -20.77
C VAL F 299 12.27 -34.51 -19.51
N THR F 300 11.29 -33.62 -19.33
CA THR F 300 10.44 -33.60 -18.15
C THR F 300 9.01 -34.01 -18.43
N ASP F 301 8.54 -33.79 -19.65
CA ASP F 301 7.20 -34.20 -20.04
C ASP F 301 7.07 -35.72 -19.94
N PRO F 302 6.17 -36.26 -19.13
CA PRO F 302 6.06 -37.73 -19.04
C PRO F 302 5.62 -38.38 -20.34
N GLU F 303 4.79 -37.72 -21.16
CA GLU F 303 4.41 -38.35 -22.41
C GLU F 303 5.60 -38.49 -23.34
N LYS F 304 6.46 -37.47 -23.39
CA LYS F 304 7.68 -37.60 -24.18
C LYS F 304 8.61 -38.64 -23.57
N LYS F 305 8.68 -38.70 -22.25
CA LYS F 305 9.48 -39.72 -21.58
C LYS F 305 9.02 -41.12 -22.00
N ARG F 306 7.71 -41.34 -21.99
CA ARG F 306 7.17 -42.64 -22.38
C ARG F 306 7.47 -42.96 -23.85
N LYS F 307 7.34 -41.97 -24.72
CA LYS F 307 7.62 -42.19 -26.13
C LYS F 307 9.09 -42.52 -26.35
N ILE F 308 9.99 -41.77 -25.71
CA ILE F 308 11.42 -42.02 -25.87
C ILE F 308 11.78 -43.43 -25.40
N ILE F 309 11.30 -43.81 -24.22
CA ILE F 309 11.70 -45.09 -23.65
C ILE F 309 11.20 -46.23 -24.53
N GLY F 310 9.93 -46.16 -24.97
CA GLY F 310 9.38 -47.26 -25.75
C GLY F 310 10.10 -47.44 -27.09
N ALA F 311 10.35 -46.35 -27.79
CA ALA F 311 11.01 -46.44 -29.09
C ALA F 311 12.44 -46.94 -28.94
N GLU F 312 13.15 -46.48 -27.93
CA GLU F 312 14.53 -46.92 -27.77
C GLU F 312 14.58 -48.39 -27.40
N PHE F 313 13.62 -48.85 -26.60
CA PHE F 313 13.59 -50.26 -26.24
C PHE F 313 13.36 -51.13 -27.47
N ILE F 314 12.42 -50.72 -28.33
CA ILE F 314 12.18 -51.44 -29.57
C ILE F 314 13.43 -51.45 -30.43
N GLU F 315 14.16 -50.34 -30.50
CA GLU F 315 15.34 -50.29 -31.35
C GLU F 315 16.45 -51.17 -30.80
N VAL F 316 16.63 -51.20 -29.47
CA VAL F 316 17.65 -52.09 -28.89
C VAL F 316 17.29 -53.55 -29.14
N PHE F 317 16.00 -53.90 -28.98
CA PHE F 317 15.57 -55.28 -29.19
C PHE F 317 15.66 -55.70 -30.66
N ASP F 318 15.24 -54.81 -31.58
CA ASP F 318 15.27 -55.14 -33.01
C ASP F 318 16.69 -55.40 -33.49
N ALA F 319 17.68 -54.68 -32.95
CA ALA F 319 19.06 -54.94 -33.34
C ALA F 319 19.52 -56.32 -32.88
N GLU F 320 19.04 -56.80 -31.72
CA GLU F 320 19.40 -58.15 -31.31
C GLU F 320 18.67 -59.21 -32.13
N GLU F 321 17.39 -58.94 -32.47
CA GLU F 321 16.63 -59.85 -33.32
C GLU F 321 17.29 -60.03 -34.67
N LYS F 322 17.75 -58.93 -35.27
CA LYS F 322 18.38 -58.99 -36.58
C LYS F 322 19.62 -59.88 -36.56
N LYS F 323 20.36 -59.88 -35.45
CA LYS F 323 21.56 -60.71 -35.34
C LYS F 323 21.23 -62.21 -35.31
N LEU F 324 20.02 -62.60 -34.90
CA LEU F 324 19.64 -64.01 -34.85
C LEU F 324 18.95 -64.39 -36.15
N THR F 325 19.77 -64.60 -37.20
CA THR F 325 19.27 -64.77 -38.56
C THR F 325 18.59 -66.11 -38.76
N ASN F 326 18.92 -67.12 -37.96
CA ASN F 326 18.32 -68.44 -38.06
C ASN F 326 17.09 -68.59 -37.17
N ALA F 327 16.34 -67.51 -36.95
CA ALA F 327 15.12 -67.55 -36.17
C ALA F 327 13.92 -67.54 -37.11
N LYS F 328 12.92 -68.34 -36.77
CA LYS F 328 11.66 -68.33 -37.51
C LYS F 328 10.48 -67.96 -36.65
N TRP F 329 10.60 -68.00 -35.32
CA TRP F 329 9.51 -67.71 -34.42
C TRP F 329 9.89 -66.60 -33.44
N LEU F 330 9.01 -65.60 -33.30
CA LEU F 330 9.04 -64.64 -32.20
C LEU F 330 8.00 -65.09 -31.17
N ALA F 331 8.46 -65.49 -29.99
CA ALA F 331 7.57 -65.86 -28.92
C ALA F 331 7.12 -64.63 -28.14
N GLN F 332 5.85 -64.63 -27.73
CA GLN F 332 5.26 -63.54 -26.97
C GLN F 332 4.39 -64.11 -25.85
N GLY F 333 4.22 -63.32 -24.79
CA GLY F 333 3.43 -63.76 -23.65
C GLY F 333 1.96 -63.40 -23.68
N THR F 334 1.38 -63.31 -24.87
CA THR F 334 -0.04 -63.06 -25.04
C THR F 334 -0.87 -64.00 -24.16
N ILE F 335 -1.81 -63.42 -23.40
CA ILE F 335 -2.68 -64.17 -22.52
C ILE F 335 -4.12 -64.00 -22.98
N TYR F 336 -5.02 -64.78 -22.35
CA TYR F 336 -6.43 -64.84 -22.77
C TYR F 336 -7.11 -63.47 -22.78
N PRO F 337 -6.98 -62.62 -21.75
CA PRO F 337 -7.57 -61.27 -21.85
C PRO F 337 -7.16 -60.52 -23.10
N ASP F 338 -5.95 -60.79 -23.61
CA ASP F 338 -5.55 -60.11 -24.84
C ASP F 338 -6.33 -60.65 -26.03
N VAL F 339 -6.79 -61.89 -25.95
CA VAL F 339 -7.44 -62.55 -27.08
C VAL F 339 -8.94 -62.27 -27.15
N ILE F 340 -9.57 -61.95 -26.02
CA ILE F 340 -11.01 -61.68 -26.03
C ILE F 340 -11.32 -60.31 -26.64
N LYS F 367 8.00 -61.34 -41.11
CA LYS F 367 9.05 -62.35 -41.26
C LYS F 367 8.91 -63.46 -40.21
N LEU F 368 8.85 -63.10 -38.94
CA LEU F 368 8.81 -64.11 -37.87
C LEU F 368 7.37 -64.50 -37.53
N LYS F 369 7.13 -65.79 -37.36
CA LYS F 369 5.82 -66.29 -36.96
C LYS F 369 5.61 -66.15 -35.46
N LEU F 370 4.35 -65.94 -35.05
CA LEU F 370 4.01 -65.77 -33.65
C LEU F 370 3.82 -67.11 -32.94
N LEU F 371 4.54 -67.28 -31.84
CA LEU F 371 4.39 -68.42 -30.93
C LEU F 371 3.87 -67.87 -29.62
N GLU F 372 2.61 -68.21 -29.28
CA GLU F 372 1.91 -67.65 -28.13
C GLU F 372 1.29 -68.76 -27.29
N PRO F 373 2.09 -69.48 -26.51
CA PRO F 373 1.55 -70.66 -25.79
C PRO F 373 0.66 -70.33 -24.59
N LEU F 374 0.59 -69.07 -24.16
CA LEU F 374 -0.23 -68.76 -22.99
C LEU F 374 -1.56 -68.11 -23.35
N ARG F 375 -1.95 -68.14 -24.63
CA ARG F 375 -3.13 -67.36 -25.02
C ARG F 375 -4.44 -67.89 -24.44
N ASP F 376 -4.45 -69.08 -23.83
CA ASP F 376 -5.66 -69.59 -23.19
C ASP F 376 -5.66 -69.41 -21.65
N LEU F 377 -4.68 -68.71 -21.09
CA LEU F 377 -4.57 -68.61 -19.64
C LEU F 377 -4.89 -67.20 -19.14
N PHE F 378 -5.54 -67.14 -17.99
CA PHE F 378 -5.59 -65.89 -17.24
C PHE F 378 -4.29 -65.72 -16.45
N LYS F 379 -4.06 -64.50 -15.95
CA LYS F 379 -2.78 -64.23 -15.29
C LYS F 379 -2.55 -65.12 -14.07
N ASP F 380 -3.58 -65.28 -13.23
CA ASP F 380 -3.42 -66.14 -12.06
CA ASP F 380 -3.44 -66.15 -12.06
C ASP F 380 -2.98 -67.55 -12.47
N GLU F 381 -3.50 -68.06 -13.58
CA GLU F 381 -3.07 -69.37 -14.04
C GLU F 381 -1.64 -69.33 -14.54
N VAL F 382 -1.25 -68.26 -15.23
CA VAL F 382 0.13 -68.11 -15.68
C VAL F 382 1.08 -68.17 -14.48
N ARG F 383 0.69 -67.52 -13.38
CA ARG F 383 1.56 -67.53 -12.20
C ARG F 383 1.74 -68.95 -11.67
N GLU F 384 0.64 -69.70 -11.55
CA GLU F 384 0.71 -71.09 -11.11
C GLU F 384 1.57 -71.94 -12.06
N LEU F 385 1.41 -71.70 -13.37
CA LEU F 385 2.20 -72.43 -14.35
C LEU F 385 3.69 -72.15 -14.19
N GLY F 386 4.05 -70.91 -13.89
CA GLY F 386 5.45 -70.59 -13.67
C GLY F 386 6.02 -71.36 -12.49
N VAL F 387 5.26 -71.42 -11.39
CA VAL F 387 5.68 -72.22 -10.23
C VAL F 387 5.76 -73.69 -10.62
N ALA F 388 4.71 -74.18 -11.29
CA ALA F 388 4.68 -75.59 -11.72
C ALA F 388 5.91 -75.92 -12.53
N LEU F 389 6.36 -74.99 -13.39
CA LEU F 389 7.52 -75.21 -14.25
C LEU F 389 8.84 -75.12 -13.52
N GLY F 390 8.86 -74.61 -12.29
CA GLY F 390 10.07 -74.51 -11.50
C GLY F 390 10.67 -73.13 -11.38
N LEU F 391 9.98 -72.09 -11.85
CA LEU F 391 10.46 -70.74 -11.64
C LEU F 391 10.33 -70.34 -10.17
N PRO F 392 11.21 -69.46 -9.69
CA PRO F 392 11.10 -69.00 -8.29
C PRO F 392 9.82 -68.21 -8.05
N ARG F 393 9.13 -68.54 -6.96
CA ARG F 393 7.87 -67.86 -6.64
C ARG F 393 8.06 -66.35 -6.55
N GLU F 394 9.19 -65.90 -5.97
CA GLU F 394 9.41 -64.47 -5.84
C GLU F 394 9.41 -63.78 -7.21
N MET F 395 9.91 -64.47 -8.24
CA MET F 395 9.92 -63.90 -9.58
C MET F 395 8.62 -64.11 -10.33
N VAL F 396 7.74 -64.99 -9.86
CA VAL F 396 6.51 -65.29 -10.56
C VAL F 396 5.33 -64.56 -9.95
N TYR F 397 5.26 -64.46 -8.62
CA TYR F 397 4.20 -63.73 -7.95
C TYR F 397 4.72 -62.34 -7.61
N ARG F 398 4.80 -61.51 -8.64
CA ARG F 398 5.33 -60.17 -8.56
C ARG F 398 4.29 -59.17 -9.03
N HIS F 399 4.32 -58.01 -8.42
CA HIS F 399 3.46 -56.93 -8.86
C HIS F 399 3.81 -56.58 -10.31
N PRO F 400 2.82 -56.23 -11.12
CA PRO F 400 3.13 -55.75 -12.48
C PRO F 400 4.01 -54.51 -12.43
N PHE F 401 4.83 -54.35 -13.46
CA PHE F 401 5.80 -53.30 -13.54
C PHE F 401 5.60 -52.60 -14.88
N PRO F 402 5.51 -51.28 -14.92
CA PRO F 402 5.16 -50.61 -16.17
C PRO F 402 6.23 -50.81 -17.23
N GLY F 403 5.80 -50.71 -18.48
CA GLY F 403 6.72 -50.73 -19.60
C GLY F 403 7.90 -49.80 -19.42
N PRO F 404 7.65 -48.50 -19.23
CA PRO F 404 8.76 -47.56 -19.04
C PRO F 404 9.44 -47.64 -17.67
N GLY F 405 9.04 -48.57 -16.80
CA GLY F 405 9.75 -48.77 -15.55
C GLY F 405 9.77 -47.54 -14.66
N LEU F 406 10.90 -47.33 -13.97
CA LEU F 406 11.06 -46.18 -13.09
C LEU F 406 10.97 -44.85 -13.84
N GLY F 407 11.01 -44.89 -15.17
CA GLY F 407 10.86 -43.68 -15.96
C GLY F 407 9.56 -42.92 -15.67
N VAL F 408 8.51 -43.62 -15.28
CA VAL F 408 7.27 -42.93 -14.91
C VAL F 408 7.10 -42.84 -13.41
N ARG F 409 8.12 -43.22 -12.65
CA ARG F 409 8.14 -43.09 -11.19
C ARG F 409 9.19 -42.11 -10.71
N ILE F 410 9.89 -41.44 -11.63
CA ILE F 410 10.80 -40.36 -11.30
C ILE F 410 10.19 -39.13 -11.95
N LEU F 411 9.54 -38.28 -11.16
CA LEU F 411 8.83 -37.14 -11.74
C LEU F 411 9.82 -36.16 -12.32
N GLY F 412 9.52 -35.63 -13.51
CA GLY F 412 10.46 -34.75 -14.18
C GLY F 412 11.64 -35.48 -14.81
N GLU F 413 12.83 -34.87 -14.78
CA GLU F 413 13.96 -35.41 -15.51
C GLU F 413 14.48 -36.71 -14.89
N VAL F 414 14.69 -37.73 -15.72
CA VAL F 414 15.21 -39.01 -15.24
C VAL F 414 16.73 -39.01 -15.35
N LYS F 415 17.39 -39.37 -14.26
CA LYS F 415 18.84 -39.47 -14.19
C LYS F 415 19.19 -40.69 -13.37
N LYS F 416 20.37 -41.27 -13.65
CA LYS F 416 20.83 -42.43 -12.88
C LYS F 416 20.93 -42.09 -11.39
N GLU F 417 21.36 -40.87 -11.06
CA GLU F 417 21.41 -40.43 -9.66
C GLU F 417 20.08 -40.66 -8.96
N TYR F 418 18.97 -40.24 -9.59
CA TYR F 418 17.66 -40.41 -8.96
C TYR F 418 17.22 -41.87 -8.99
N ALA F 419 17.44 -42.55 -10.11
CA ALA F 419 17.06 -43.95 -10.22
C ALA F 419 17.76 -44.79 -9.16
N ASP F 420 19.02 -44.46 -8.85
CA ASP F 420 19.73 -45.19 -7.81
C ASP F 420 19.12 -44.94 -6.44
N LEU F 421 18.74 -43.69 -6.16
CA LEU F 421 18.01 -43.39 -4.93
C LEU F 421 16.68 -44.12 -4.88
N LEU F 422 15.90 -44.06 -5.96
CA LEU F 422 14.58 -44.64 -5.96
C LEU F 422 14.65 -46.16 -5.79
N ARG F 423 15.61 -46.81 -6.45
CA ARG F 423 15.73 -48.26 -6.32
C ARG F 423 16.01 -48.67 -4.87
N GLN F 424 16.80 -47.88 -4.17
CA GLN F 424 17.08 -48.19 -2.78
C GLN F 424 15.83 -48.01 -1.92
N ALA F 425 15.15 -46.86 -2.04
CA ALA F 425 13.94 -46.63 -1.24
C ALA F 425 12.85 -47.62 -1.59
N ASP F 426 12.69 -47.92 -2.88
CA ASP F 426 11.68 -48.89 -3.31
C ASP F 426 11.92 -50.24 -2.67
N ASP F 427 13.18 -50.69 -2.67
CA ASP F 427 13.53 -52.00 -2.14
C ASP F 427 13.30 -52.07 -0.64
N ILE F 428 13.60 -50.99 0.08
CA ILE F 428 13.32 -50.96 1.52
C ILE F 428 11.83 -51.14 1.76
N PHE F 429 11.01 -50.38 1.01
CA PHE F 429 9.56 -50.50 1.07
C PHE F 429 9.11 -51.93 0.81
N ILE F 430 9.61 -52.56 -0.27
CA ILE F 430 9.17 -53.91 -0.62
C ILE F 430 9.55 -54.90 0.47
N GLN F 431 10.79 -54.80 0.99
CA GLN F 431 11.22 -55.66 2.10
C GLN F 431 10.19 -55.64 3.22
N GLU F 432 9.77 -54.44 3.64
CA GLU F 432 8.89 -54.32 4.78
C GLU F 432 7.49 -54.85 4.47
N LEU F 433 7.02 -54.64 3.23
CA LEU F 433 5.76 -55.25 2.82
C LEU F 433 5.85 -56.77 2.81
N ARG F 434 7.01 -57.32 2.41
CA ARG F 434 7.14 -58.78 2.37
C ARG F 434 7.29 -59.37 3.78
N ASN F 435 7.87 -58.60 4.72
CA ASN F 435 8.21 -59.14 6.03
C ASN F 435 7.13 -58.90 7.08
N THR F 436 6.05 -58.20 6.74
CA THR F 436 4.99 -57.88 7.69
C THR F 436 3.70 -58.53 7.24
N THR F 437 3.06 -59.25 8.14
CA THR F 437 1.89 -60.04 7.81
C THR F 437 0.70 -59.58 8.64
N ASP F 438 -0.48 -59.82 8.11
CA ASP F 438 -1.74 -59.57 8.81
C ASP F 438 -2.03 -60.73 9.76
N GLU F 439 -3.22 -60.72 10.36
CA GLU F 439 -3.53 -61.71 11.39
C GLU F 439 -3.61 -63.14 10.85
N ASN F 440 -3.85 -63.32 9.54
CA ASN F 440 -3.89 -64.66 8.95
C ASN F 440 -2.53 -65.13 8.46
N GLY F 441 -1.48 -64.34 8.66
CA GLY F 441 -0.14 -64.65 8.18
C GLY F 441 0.16 -64.22 6.76
N THR F 442 -0.74 -63.50 6.11
CA THR F 442 -0.53 -63.06 4.74
C THR F 442 0.24 -61.75 4.72
N SER F 443 1.29 -61.69 3.91
CA SER F 443 2.13 -60.49 3.86
C SER F 443 1.39 -59.33 3.16
N TRP F 444 1.77 -58.10 3.55
CA TRP F 444 1.22 -56.93 2.91
C TRP F 444 1.68 -56.79 1.46
N TYR F 445 2.81 -57.39 1.11
CA TYR F 445 3.15 -57.53 -0.30
C TYR F 445 2.08 -58.33 -1.04
N ASP F 446 1.68 -59.46 -0.47
CA ASP F 446 0.67 -60.29 -1.12
C ASP F 446 -0.72 -59.67 -1.04
N LEU F 447 -1.00 -58.86 -0.02
CA LEU F 447 -2.32 -58.26 0.11
C LEU F 447 -2.56 -57.14 -0.90
N THR F 448 -1.51 -56.52 -1.43
CA THR F 448 -1.67 -55.43 -2.37
C THR F 448 -1.55 -55.90 -3.82
N SER F 449 -2.25 -55.17 -4.71
CA SER F 449 -2.10 -55.40 -6.13
C SER F 449 -0.83 -54.76 -6.67
N GLN F 450 -0.47 -53.60 -6.16
CA GLN F 450 0.68 -52.86 -6.69
C GLN F 450 1.25 -51.99 -5.59
N ALA F 451 2.58 -52.00 -5.47
CA ALA F 451 3.29 -51.23 -4.46
C ALA F 451 4.67 -50.83 -4.97
N PHE F 452 5.01 -49.57 -4.78
CA PHE F 452 6.27 -49.02 -5.28
C PHE F 452 6.50 -47.65 -4.66
N ALA F 453 7.74 -47.17 -4.77
CA ALA F 453 8.08 -45.83 -4.35
C ALA F 453 8.14 -44.91 -5.58
N VAL F 454 7.94 -43.62 -5.34
CA VAL F 454 7.98 -42.59 -6.36
C VAL F 454 8.97 -41.52 -5.92
N PHE F 455 9.83 -41.09 -6.83
CA PHE F 455 10.83 -40.05 -6.54
C PHE F 455 10.25 -38.68 -6.91
N LEU F 456 10.23 -37.78 -5.95
CA LEU F 456 9.73 -36.41 -6.15
C LEU F 456 10.91 -35.45 -6.18
N PRO F 457 11.12 -34.71 -7.24
CA PRO F 457 12.25 -33.78 -7.31
C PRO F 457 11.98 -32.45 -6.61
N VAL F 458 11.49 -32.53 -5.38
CA VAL F 458 11.37 -31.35 -4.54
C VAL F 458 12.18 -31.58 -3.29
N LYS F 459 12.75 -30.51 -2.76
CA LYS F 459 13.66 -30.63 -1.63
C LYS F 459 12.96 -30.11 -0.38
N SER F 460 13.11 -30.85 0.71
CA SER F 460 12.56 -30.48 2.01
C SER F 460 13.70 -30.45 3.04
N VAL F 461 13.47 -29.70 4.14
CA VAL F 461 14.49 -29.51 5.18
C VAL F 461 14.41 -30.69 6.17
N GLY F 462 15.54 -30.97 6.83
CA GLY F 462 15.62 -32.04 7.80
C GLY F 462 16.76 -31.83 8.78
N VAL F 463 16.85 -32.74 9.75
CA VAL F 463 17.93 -32.70 10.74
C VAL F 463 18.87 -33.89 10.55
N THR F 469 19.66 -30.47 7.07
CA THR F 469 19.83 -31.02 5.73
C THR F 469 18.68 -30.60 4.80
N TYR F 470 18.87 -30.79 3.48
CA TYR F 470 17.92 -30.32 2.48
C TYR F 470 17.98 -31.28 1.29
N ASP F 471 17.08 -32.27 1.25
CA ASP F 471 17.15 -33.40 0.32
C ASP F 471 15.80 -33.69 -0.30
N TYR F 472 15.76 -34.74 -1.12
CA TYR F 472 14.60 -35.09 -1.94
C TYR F 472 13.54 -35.86 -1.13
N VAL F 473 12.37 -36.00 -1.76
CA VAL F 473 11.18 -36.58 -1.15
C VAL F 473 10.80 -37.87 -1.87
N VAL F 474 10.44 -38.90 -1.11
CA VAL F 474 9.96 -40.16 -1.64
C VAL F 474 8.49 -40.31 -1.26
N ALA F 475 7.66 -40.71 -2.23
CA ALA F 475 6.27 -41.07 -2.02
C ALA F 475 6.07 -42.57 -2.15
N LEU F 476 5.39 -43.17 -1.17
CA LEU F 476 5.00 -44.57 -1.20
C LEU F 476 3.60 -44.71 -1.80
N ARG F 477 3.44 -45.66 -2.71
CA ARG F 477 2.17 -45.92 -3.37
C ARG F 477 1.83 -47.41 -3.24
N ALA F 478 0.64 -47.70 -2.71
CA ALA F 478 0.20 -49.08 -2.57
C ALA F 478 -1.30 -49.12 -2.79
N VAL F 479 -1.74 -49.98 -3.71
CA VAL F 479 -3.16 -50.01 -4.05
C VAL F 479 -3.65 -51.45 -4.10
N ILE F 480 -4.96 -51.59 -3.98
CA ILE F 480 -5.66 -52.85 -4.16
C ILE F 480 -6.69 -52.61 -5.26
N THR F 481 -6.55 -53.31 -6.37
CA THR F 481 -7.45 -53.13 -7.50
C THR F 481 -8.66 -54.06 -7.40
N SER F 482 -9.78 -53.57 -7.91
CA SER F 482 -11.03 -54.30 -7.92
C SER F 482 -11.17 -55.07 -9.23
N ASP F 483 -12.33 -55.69 -9.43
CA ASP F 483 -12.65 -56.36 -10.69
C ASP F 483 -13.16 -55.39 -11.76
N PHE F 484 -13.15 -54.07 -11.48
CA PHE F 484 -13.84 -53.09 -12.30
C PHE F 484 -12.93 -51.92 -12.65
N MET F 485 -11.62 -52.17 -12.70
CA MET F 485 -10.62 -51.17 -13.08
C MET F 485 -10.65 -49.95 -12.16
N THR F 486 -11.03 -50.14 -10.90
CA THR F 486 -10.85 -49.13 -9.87
C THR F 486 -9.82 -49.64 -8.87
N ALA F 487 -9.40 -48.76 -7.98
CA ALA F 487 -8.40 -49.17 -7.00
C ALA F 487 -8.52 -48.28 -5.79
N HIS F 488 -8.46 -48.87 -4.60
CA HIS F 488 -8.37 -48.08 -3.38
C HIS F 488 -6.95 -48.16 -2.84
N TRP F 489 -6.51 -47.11 -2.16
CA TRP F 489 -5.18 -47.15 -1.60
C TRP F 489 -5.17 -48.04 -0.38
N ALA F 490 -4.06 -48.73 -0.18
CA ALA F 490 -4.01 -49.77 0.84
C ALA F 490 -3.94 -49.16 2.25
N GLU F 491 -4.76 -49.68 3.16
CA GLU F 491 -4.72 -49.22 4.54
C GLU F 491 -3.58 -49.94 5.25
N LEU F 492 -2.37 -49.62 4.80
CA LEU F 492 -1.17 -50.19 5.40
C LEU F 492 -1.13 -49.88 6.90
N PRO F 493 -0.68 -50.83 7.73
CA PRO F 493 -0.57 -50.56 9.17
C PRO F 493 0.32 -49.35 9.44
N TYR F 494 -0.11 -48.53 10.41
CA TYR F 494 0.67 -47.34 10.77
C TYR F 494 2.10 -47.68 11.16
N SER F 495 2.27 -48.76 11.93
CA SER F 495 3.62 -49.15 12.33
C SER F 495 4.49 -49.51 11.13
N LEU F 496 3.88 -49.99 10.04
CA LEU F 496 4.68 -50.34 8.87
C LEU F 496 5.09 -49.08 8.09
N LEU F 497 4.15 -48.18 7.83
CA LEU F 497 4.50 -46.90 7.23
C LEU F 497 5.58 -46.21 8.04
N GLY F 498 5.45 -46.24 9.37
CA GLY F 498 6.42 -45.57 10.23
C GLY F 498 7.81 -46.18 10.09
N ARG F 499 7.87 -47.52 10.04
CA ARG F 499 9.18 -48.17 9.92
C ARG F 499 9.79 -47.94 8.56
N VAL F 500 8.98 -47.99 7.49
CA VAL F 500 9.52 -47.74 6.16
C VAL F 500 10.03 -46.30 6.06
N SER F 501 9.24 -45.36 6.58
CA SER F 501 9.66 -43.96 6.61
C SER F 501 11.01 -43.79 7.31
N ASN F 502 11.12 -44.30 8.54
CA ASN F 502 12.39 -44.23 9.26
C ASN F 502 13.54 -44.88 8.49
N ARG F 503 13.30 -46.05 7.92
CA ARG F 503 14.39 -46.76 7.25
C ARG F 503 14.85 -46.01 6.01
N ILE F 504 13.91 -45.48 5.22
CA ILE F 504 14.30 -44.78 3.99
C ILE F 504 15.10 -43.53 4.32
N ILE F 505 14.61 -42.71 5.26
CA ILE F 505 15.31 -41.47 5.60
C ILE F 505 16.69 -41.77 6.18
N ASN F 506 16.78 -42.80 7.01
CA ASN F 506 18.07 -43.05 7.65
C ASN F 506 19.04 -43.75 6.71
N GLU F 507 18.57 -44.69 5.88
CA GLU F 507 19.49 -45.51 5.10
C GLU F 507 19.80 -44.96 3.72
N VAL F 508 18.95 -44.13 3.15
CA VAL F 508 19.11 -43.67 1.77
C VAL F 508 19.70 -42.26 1.83
N LYS F 509 21.00 -42.15 1.59
CA LYS F 509 21.65 -40.84 1.50
C LYS F 509 21.12 -40.09 0.30
N GLY F 510 20.38 -39.00 0.54
CA GLY F 510 19.78 -38.23 -0.54
C GLY F 510 18.28 -38.01 -0.43
N ILE F 511 17.62 -38.80 0.43
CA ILE F 511 16.20 -38.64 0.74
C ILE F 511 16.07 -38.30 2.22
N ASN F 512 15.27 -37.28 2.54
CA ASN F 512 15.02 -37.00 3.95
C ASN F 512 13.54 -36.83 4.28
N ARG F 513 12.62 -37.29 3.41
CA ARG F 513 11.20 -37.15 3.71
C ARG F 513 10.42 -38.22 2.94
N VAL F 514 9.46 -38.84 3.61
CA VAL F 514 8.65 -39.92 3.03
C VAL F 514 7.17 -39.57 3.22
N VAL F 515 6.41 -39.65 2.13
CA VAL F 515 4.97 -39.42 2.19
C VAL F 515 4.30 -40.69 1.67
N TYR F 516 3.03 -40.82 2.01
CA TYR F 516 2.23 -41.95 1.53
C TYR F 516 1.09 -41.42 0.70
N ASP F 517 0.92 -41.98 -0.50
CA ASP F 517 -0.15 -41.59 -1.41
C ASP F 517 -1.50 -42.08 -0.87
N VAL F 518 -2.42 -41.16 -0.60
CA VAL F 518 -3.74 -41.54 -0.11
C VAL F 518 -4.79 -41.16 -1.14
N SER F 519 -4.44 -41.22 -2.41
CA SER F 519 -5.36 -40.92 -3.49
C SER F 519 -5.81 -42.23 -4.14
N GLY F 520 -7.12 -42.44 -4.17
CA GLY F 520 -7.69 -43.60 -4.83
C GLY F 520 -7.99 -43.35 -6.30
N LYS F 521 -8.35 -44.45 -6.97
CA LYS F 521 -8.76 -44.47 -8.36
C LYS F 521 -10.18 -44.99 -8.45
N PRO F 522 -11.16 -44.19 -8.91
CA PRO F 522 -11.04 -42.76 -9.23
C PRO F 522 -10.93 -41.96 -7.93
N PRO F 523 -10.53 -40.67 -7.98
CA PRO F 523 -10.31 -39.78 -9.13
C PRO F 523 -8.85 -39.71 -9.61
N ALA F 524 -7.94 -40.38 -8.92
CA ALA F 524 -6.52 -40.37 -9.30
C ALA F 524 -6.19 -41.63 -10.09
N THR F 525 -4.99 -41.65 -10.65
CA THR F 525 -4.48 -42.85 -11.31
C THR F 525 -3.52 -43.58 -10.38
N ILE F 526 -3.19 -44.83 -10.73
CA ILE F 526 -2.30 -45.63 -9.89
C ILE F 526 -0.86 -45.10 -9.99
N GLU F 527 -0.32 -45.01 -11.22
CA GLU F 527 0.98 -44.39 -11.44
C GLU F 527 0.84 -42.88 -11.38
N TRP F 528 1.95 -42.19 -11.06
CA TRP F 528 1.93 -40.73 -11.01
C TRP F 528 2.12 -40.05 -12.37
N GLU F 529 2.65 -40.76 -13.36
CA GLU F 529 2.88 -40.21 -14.71
C GLU F 529 2.42 -41.25 -15.73
#